data_8ZY1
#
_entry.id   8ZY1
#
_cell.length_a   1.00
_cell.length_b   1.00
_cell.length_c   1.00
_cell.angle_alpha   90.00
_cell.angle_beta   90.00
_cell.angle_gamma   90.00
#
_symmetry.space_group_name_H-M   'P 1'
#
loop_
_entity.id
_entity.type
_entity.pdbx_description
1 polymer 'Spike glycoprotein'
2 branched 2-acetamido-2-deoxy-beta-D-glucopyranose-(1-4)-2-acetamido-2-deoxy-beta-D-glucopyranose
3 branched alpha-D-mannopyranose-(1-3)-beta-D-mannopyranose-(1-4)-2-acetamido-2-deoxy-beta-D-glucopyranose-(1-4)-2-acetamido-2-deoxy-beta-D-glucopyranose
4 non-polymer 2-acetamido-2-deoxy-beta-D-glucopyranose
5 non-polymer 'LINOLEIC ACID'
#
_entity_poly.entity_id   1
_entity_poly.type   'polypeptide(L)'
_entity_poly.pdbx_seq_one_letter_code
;MKFLAFLCLLGFANAQDGKCGTLSNKSPSKLTQTPSSRRGFYYFDDIFRSSIRVLTTGHFLPFNTNLTWYLTLKSNGKQR
IYYDNPNINFGDGVYFGLTEKSNVFRGWIFGSTLDNTTQSAVLFNNGTHIVIDVCNFNFCADPMFAVNSGQPYKTWIYTS
AANCTYHRAHAFNISTNMNPGKFKHFREHLFKNVDGFLYVYHNYEPIDLNSGFPSGFSVLKPILKLPFGLNITYVKAIMT
LFSSTQSNFDADASAYFVGHLKPLTMLVDFDENGTIIDAIDCSQDPLSELKCTTKSFTVEKGIYQTSNFRVTPTTEVVRF
PNITQLCPFNEVFNITSFPSVYAWERMRITNCVADYSVLYNSSASFSTFQCYGVSPTKLNDLCFSSVYADYFVVKGDDVR
QIAPAQTGVIADYNYKLPDDFTGCVIAWNTNSLDSSNEFFYRRFRHGKIKPYGRDLSNVLFNPSGGTCSAEGLNCYKPLA
SYGFTQSSGIGFQPYRVVVLSFELLNAPATVCGPKQSTELVKNKCVNFNFNGLTGTGVLTNSTKKFQPFQQFGRDVSDFT
DSVRDPKTLEILDIAPCSYGGVSVITPGTNASSSVAVLYQDVNCTDVPTMLHADQISHDWRVYAFRNDGNIFQTQAGCLI
GAAYDNSSYECDIPIGAGICAKYTNVSSTLVRSGGHSILAYTMSLGDNQDIVYSNNTIAIPMNFSISVTTEVLPVSMTKT
SVDCNMYICGDSTECSNLLLQYGSFCTQLNRALAGIAVEQDRNTRDVFAQTKAMYKTPSLKDFGGFNFSQILPDPAKPSS
RSFIEDLLYNKVTLADPGFMKQYGDCLGGVNARDLICAQKFNGLTVLPPLLTDEMIAAYTAALISGTATAGFTFGAGAAL
QIPFAMQMAYRFNGIGVTQNVLYENQKQIANQFNKAISQIQDSLSTTTTALGKLQDVINQNAIALNTLVKQLSSNFGAIS
SVLNDILSRLDKVEAEVQIDRLITGRLQSLQTYVTQQLIRAAEIRASANLAATKMSECVLGQSKRVDFCGKGYHLMSFPQ
AAPHGVVFLHVTYVPSQEQNFTTAPAICHEGKAHFPREGVFVTNGTHWFITQRNFYSPQPITTDNTFVSGNCDVVIGIVN
NTVYDPLQPELDSFKEELDKYFKNHTSQNVSLDGLNNINASVVDIKKEIEHLNEIAKSLNESLIDLQELGKYEQGSGYIP
EAPRDGQAYVRKDGEWVLLSTFLLEVLFQGPGHHHHHHHHSAWSHPQFEKGGGSGGGGSGGSAWSHPQFEKSA
;
_entity_poly.pdbx_strand_id   A,B,C
#
# COMPACT_ATOMS: atom_id res chain seq x y z
N LYS A 19 -25.32 37.44 59.90
CA LYS A 19 -24.34 36.69 60.68
C LYS A 19 -22.91 37.03 60.26
N CYS A 20 -22.67 37.02 58.95
CA CYS A 20 -21.34 37.28 58.43
C CYS A 20 -20.97 38.75 58.59
N GLY A 21 -19.67 38.98 58.81
CA GLY A 21 -19.16 40.33 58.87
C GLY A 21 -18.93 40.91 57.50
N THR A 22 -18.64 42.22 57.47
CA THR A 22 -18.42 42.92 56.21
C THR A 22 -17.52 44.12 56.45
N LEU A 23 -16.97 44.63 55.36
CA LEU A 23 -16.11 45.80 55.38
C LEU A 23 -16.86 47.01 54.80
N SER A 24 -16.37 48.20 55.15
CA SER A 24 -17.02 49.43 54.70
C SER A 24 -16.70 49.72 53.23
N ASN A 25 -15.43 49.88 52.91
CA ASN A 25 -15.02 50.17 51.54
C ASN A 25 -13.61 49.65 51.33
N LYS A 26 -13.27 49.46 50.05
CA LYS A 26 -11.94 48.99 49.66
C LYS A 26 -11.50 49.73 48.41
N SER A 27 -10.18 49.77 48.22
CA SER A 27 -9.62 50.45 47.06
C SER A 27 -9.92 49.65 45.78
N PRO A 28 -10.06 50.34 44.64
CA PRO A 28 -10.26 49.63 43.38
C PRO A 28 -9.03 48.80 43.01
N SER A 29 -9.29 47.67 42.36
CA SER A 29 -8.25 46.69 42.09
C SER A 29 -7.48 47.05 40.83
N LYS A 30 -6.15 46.88 40.89
CA LYS A 30 -5.30 47.03 39.73
C LYS A 30 -5.19 45.69 39.01
N LEU A 31 -5.22 45.74 37.68
CA LEU A 31 -5.18 44.54 36.85
C LEU A 31 -3.85 44.38 36.13
N THR A 32 -2.76 44.65 36.86
CA THR A 32 -1.42 44.46 36.31
C THR A 32 -1.18 42.99 36.01
N GLN A 33 -0.43 42.73 34.94
CA GLN A 33 -0.21 41.38 34.44
C GLN A 33 1.27 41.08 34.37
N THR A 34 1.62 39.82 34.59
CA THR A 34 3.00 39.34 34.54
C THR A 34 3.04 38.04 33.76
N PRO A 35 4.11 37.79 33.01
CA PRO A 35 4.21 36.54 32.25
C PRO A 35 4.39 35.34 33.15
N SER A 36 3.94 34.18 32.65
CA SER A 36 4.07 32.90 33.34
C SER A 36 5.15 32.09 32.63
N SER A 37 6.37 32.14 33.18
CA SER A 37 7.52 31.52 32.54
C SER A 37 7.48 30.01 32.75
N ARG A 38 6.78 29.33 31.83
CA ARG A 38 6.75 27.86 31.73
C ARG A 38 6.22 27.22 33.02
N ARG A 39 5.00 27.61 33.38
CA ARG A 39 4.35 27.12 34.59
C ARG A 39 2.98 26.57 34.25
N GLY A 40 2.55 25.56 35.01
CA GLY A 40 1.21 25.04 34.87
C GLY A 40 1.07 23.79 34.02
N PHE A 41 1.93 22.80 34.25
CA PHE A 41 1.82 21.51 33.58
C PHE A 41 1.39 20.46 34.60
N TYR A 42 0.76 19.40 34.11
CA TYR A 42 0.18 18.40 34.99
C TYR A 42 0.24 17.02 34.32
N TYR A 43 0.18 15.99 35.17
CA TYR A 43 0.07 14.62 34.67
C TYR A 43 -1.34 14.41 34.12
N PHE A 44 -1.42 13.81 32.93
CA PHE A 44 -2.69 13.66 32.22
C PHE A 44 -3.13 12.21 32.08
N ASP A 45 -2.44 11.27 32.71
CA ASP A 45 -2.77 9.86 32.55
C ASP A 45 -2.30 9.10 33.78
N ASP A 46 -2.82 7.88 33.91
CA ASP A 46 -2.49 6.99 35.01
C ASP A 46 -1.64 5.81 34.52
N ILE A 47 -0.72 6.09 33.60
CA ILE A 47 0.11 5.06 32.99
C ILE A 47 1.57 5.46 33.11
N PHE A 48 2.39 4.49 33.53
CA PHE A 48 3.83 4.70 33.68
C PHE A 48 4.50 4.66 32.31
N ARG A 49 5.19 5.75 31.96
CA ARG A 49 5.95 5.85 30.73
C ARG A 49 7.38 6.23 31.07
N SER A 50 8.35 5.54 30.45
CA SER A 50 9.74 5.69 30.84
C SER A 50 10.61 5.97 29.62
N SER A 51 11.37 7.07 29.69
CA SER A 51 12.41 7.45 28.71
C SER A 51 11.86 7.49 27.29
N ILE A 52 10.70 8.12 27.12
CA ILE A 52 10.05 8.20 25.82
C ILE A 52 9.51 9.62 25.63
N ARG A 53 9.78 10.20 24.46
CA ARG A 53 9.24 11.50 24.10
C ARG A 53 7.87 11.30 23.44
N VAL A 54 6.82 11.82 24.07
CA VAL A 54 5.46 11.62 23.59
C VAL A 54 4.88 12.97 23.18
N LEU A 55 3.80 12.90 22.41
CA LEU A 55 3.06 14.06 21.96
C LEU A 55 1.61 13.93 22.42
N THR A 56 1.07 14.98 23.02
CA THR A 56 -0.27 14.94 23.57
C THR A 56 -0.98 16.26 23.30
N THR A 57 -2.30 16.21 23.36
CA THR A 57 -3.14 17.39 23.15
C THR A 57 -4.18 17.47 24.24
N GLY A 58 -4.66 18.69 24.49
CA GLY A 58 -5.63 18.92 25.54
C GLY A 58 -5.67 20.40 25.90
N HIS A 59 -6.23 20.68 27.08
CA HIS A 59 -6.34 22.03 27.59
C HIS A 59 -5.17 22.30 28.53
N PHE A 60 -4.30 23.22 28.14
CA PHE A 60 -3.10 23.53 28.90
C PHE A 60 -2.93 25.04 29.03
N LEU A 61 -2.21 25.44 30.07
CA LEU A 61 -1.86 26.85 30.22
C LEU A 61 -0.71 27.19 29.28
N PRO A 62 -0.86 28.15 28.39
CA PRO A 62 0.20 28.45 27.42
C PRO A 62 1.44 29.05 28.06
N PHE A 63 2.59 28.78 27.44
CA PHE A 63 3.86 29.27 27.96
C PHE A 63 3.98 30.77 27.71
N ASN A 64 4.54 31.46 28.71
CA ASN A 64 4.84 32.91 28.64
C ASN A 64 3.59 33.75 28.35
N THR A 65 2.46 33.34 28.92
CA THR A 65 1.23 34.10 28.82
C THR A 65 1.01 34.94 30.08
N ASN A 66 0.15 35.93 29.96
CA ASN A 66 -0.10 36.83 31.07
C ASN A 66 -1.18 36.27 31.99
N LEU A 67 -1.04 36.59 33.28
CA LEU A 67 -2.05 36.27 34.27
C LEU A 67 -2.22 37.49 35.18
N THR A 68 -3.46 37.71 35.62
CA THR A 68 -3.77 38.91 36.39
C THR A 68 -3.20 38.81 37.80
N TRP A 69 -2.70 39.93 38.30
CA TRP A 69 -2.11 40.02 39.63
C TRP A 69 -3.16 40.58 40.59
N TYR A 70 -3.67 39.72 41.46
CA TYR A 70 -4.57 40.12 42.53
C TYR A 70 -3.84 40.00 43.86
N LEU A 71 -3.83 41.08 44.64
CA LEU A 71 -3.16 41.09 45.93
C LEU A 71 -4.14 41.52 47.01
N THR A 72 -3.99 40.93 48.19
CA THR A 72 -4.82 41.28 49.34
C THR A 72 -4.26 42.55 49.97
N LEU A 73 -5.05 43.61 49.95
CA LEU A 73 -4.57 44.91 50.45
C LEU A 73 -4.77 44.99 51.95
N LYS A 74 -3.71 45.39 52.66
CA LYS A 74 -3.76 45.56 54.11
C LYS A 74 -4.07 47.00 54.49
N SER A 75 -5.16 47.50 53.93
CA SER A 75 -5.61 48.86 54.17
C SER A 75 -7.10 49.00 53.88
N ASP A 84 -9.07 41.35 47.49
CA ASP A 84 -10.06 41.32 46.41
C ASP A 84 -10.52 39.91 46.12
N ASN A 85 -11.78 39.77 45.74
CA ASN A 85 -12.36 38.49 45.33
C ASN A 85 -13.38 38.71 44.23
N PRO A 86 -12.93 38.97 43.00
CA PRO A 86 -13.87 39.16 41.90
C PRO A 86 -14.38 37.82 41.37
N ASN A 87 -15.42 37.91 40.55
CA ASN A 87 -16.01 36.72 39.93
C ASN A 87 -15.26 36.45 38.63
N ILE A 88 -14.21 35.64 38.73
CA ILE A 88 -13.39 35.30 37.57
C ILE A 88 -14.12 34.26 36.74
N ASN A 89 -14.10 34.43 35.42
CA ASN A 89 -14.73 33.49 34.51
C ASN A 89 -13.98 32.15 34.53
N PHE A 90 -14.73 31.06 34.44
CA PHE A 90 -14.16 29.72 34.49
C PHE A 90 -13.64 29.28 33.13
N GLY A 91 -14.47 29.42 32.09
CA GLY A 91 -14.07 29.00 30.75
C GLY A 91 -13.93 27.50 30.62
N ASP A 92 -12.73 27.05 30.25
CA ASP A 92 -12.43 25.63 30.13
C ASP A 92 -11.26 25.23 31.01
N GLY A 93 -11.08 25.92 32.13
CA GLY A 93 -10.01 25.63 33.07
C GLY A 93 -9.40 26.91 33.62
N VAL A 94 -9.04 26.88 34.90
CA VAL A 94 -8.48 28.03 35.59
C VAL A 94 -7.28 27.58 36.39
N TYR A 95 -6.14 28.27 36.23
CA TYR A 95 -4.94 28.01 37.00
C TYR A 95 -4.84 29.02 38.14
N PHE A 96 -4.44 28.54 39.31
CA PHE A 96 -4.31 29.38 40.50
C PHE A 96 -2.91 29.21 41.08
N GLY A 97 -2.20 30.33 41.25
CA GLY A 97 -0.90 30.30 41.88
C GLY A 97 -0.85 31.16 43.12
N LEU A 98 -0.36 30.63 44.23
CA LEU A 98 -0.45 31.29 45.53
C LEU A 98 0.94 31.52 46.10
N THR A 99 1.23 32.76 46.48
CA THR A 99 2.43 33.12 47.23
C THR A 99 2.00 33.60 48.60
N GLU A 100 2.22 32.78 49.62
CA GLU A 100 1.71 33.05 50.95
C GLU A 100 2.75 32.71 51.99
N LYS A 101 2.58 33.27 53.19
CA LYS A 101 3.44 32.97 54.32
C LYS A 101 2.69 32.72 55.62
N SER A 102 1.39 33.05 55.71
CA SER A 102 0.66 32.88 56.95
C SER A 102 -0.73 32.28 56.73
N ASN A 103 -0.91 31.52 55.64
CA ASN A 103 -2.17 30.83 55.31
C ASN A 103 -3.35 31.79 55.23
N VAL A 104 -3.15 32.91 54.52
CA VAL A 104 -4.23 33.87 54.33
C VAL A 104 -5.27 33.31 53.37
N PHE A 105 -4.84 32.70 52.27
CA PHE A 105 -5.74 32.19 51.26
C PHE A 105 -6.13 30.75 51.59
N ARG A 106 -7.43 30.51 51.80
CA ARG A 106 -7.94 29.16 51.98
C ARG A 106 -9.38 29.14 51.50
N GLY A 107 -9.59 28.69 50.27
CA GLY A 107 -10.95 28.47 49.79
C GLY A 107 -11.31 29.00 48.43
N TRP A 108 -12.33 28.38 47.81
CA TRP A 108 -12.90 28.84 46.56
C TRP A 108 -14.40 28.60 46.59
N ILE A 109 -15.11 29.34 45.75
CA ILE A 109 -16.56 29.21 45.60
C ILE A 109 -16.87 29.01 44.12
N PHE A 110 -17.63 27.95 43.82
CA PHE A 110 -17.97 27.58 42.45
C PHE A 110 -19.47 27.70 42.25
N GLY A 111 -19.88 28.22 41.10
CA GLY A 111 -21.28 28.36 40.81
C GLY A 111 -21.50 29.18 39.55
N SER A 112 -22.76 29.51 39.30
CA SER A 112 -23.14 30.32 38.16
C SER A 112 -23.80 31.63 38.56
N THR A 113 -24.77 31.60 39.46
CA THR A 113 -25.42 32.81 39.93
C THR A 113 -25.01 33.22 41.33
N LEU A 114 -24.50 32.27 42.13
CA LEU A 114 -23.96 32.52 43.47
C LEU A 114 -24.98 33.15 44.41
N ASP A 115 -26.20 32.62 44.39
CA ASP A 115 -27.23 32.98 45.36
C ASP A 115 -28.08 31.73 45.62
N ASN A 116 -29.24 31.93 46.25
CA ASN A 116 -30.04 30.80 46.72
C ASN A 116 -31.07 30.34 45.69
N THR A 117 -30.89 30.68 44.42
CA THR A 117 -31.71 30.14 43.35
C THR A 117 -31.01 29.04 42.56
N THR A 118 -29.74 28.77 42.85
CA THR A 118 -28.95 27.81 42.09
C THR A 118 -27.91 27.23 43.05
N GLN A 119 -27.66 25.92 42.93
CA GLN A 119 -26.69 25.25 43.79
C GLN A 119 -25.29 25.80 43.58
N SER A 120 -24.49 25.80 44.64
CA SER A 120 -23.12 26.26 44.59
C SER A 120 -22.25 25.30 45.38
N ALA A 121 -20.99 25.20 44.97
CA ALA A 121 -20.01 24.32 45.62
C ALA A 121 -18.94 25.18 46.30
N VAL A 122 -18.67 24.87 47.56
CA VAL A 122 -17.64 25.57 48.32
C VAL A 122 -16.70 24.54 48.93
N LEU A 123 -15.41 24.89 48.98
CA LEU A 123 -14.41 24.07 49.64
C LEU A 123 -13.32 24.98 50.16
N PHE A 124 -12.79 24.66 51.34
CA PHE A 124 -11.80 25.51 51.99
C PHE A 124 -10.99 24.68 52.97
N ASN A 125 -10.08 25.35 53.67
CA ASN A 125 -9.35 24.77 54.80
C ASN A 125 -9.84 25.46 56.06
N ASN A 126 -10.37 24.67 57.00
CA ASN A 126 -10.88 25.22 58.24
C ASN A 126 -9.82 25.35 59.32
N GLY A 127 -8.60 24.91 59.05
CA GLY A 127 -7.56 24.90 60.06
C GLY A 127 -7.36 23.50 60.61
N THR A 128 -8.46 22.78 60.81
CA THR A 128 -8.42 21.39 61.26
C THR A 128 -9.06 20.42 60.28
N HIS A 129 -9.78 20.91 59.27
CA HIS A 129 -10.50 20.04 58.35
C HIS A 129 -10.50 20.64 56.96
N ILE A 130 -10.69 19.77 55.96
CA ILE A 130 -10.93 20.18 54.59
C ILE A 130 -12.38 19.84 54.28
N VAL A 131 -13.22 20.87 54.21
CA VAL A 131 -14.67 20.70 54.17
C VAL A 131 -15.17 21.09 52.78
N ILE A 132 -15.90 20.18 52.14
CA ILE A 132 -16.50 20.41 50.82
C ILE A 132 -18.01 20.26 50.96
N ASP A 133 -18.74 21.26 50.49
CA ASP A 133 -20.20 21.26 50.52
C ASP A 133 -20.76 21.72 49.19
N VAL A 134 -21.89 21.13 48.79
CA VAL A 134 -22.64 21.56 47.62
C VAL A 134 -24.07 21.74 48.09
N CYS A 135 -24.43 22.97 48.47
CA CYS A 135 -25.72 23.25 49.08
C CYS A 135 -26.34 24.42 48.32
N ASN A 136 -27.57 24.79 48.69
CA ASN A 136 -28.17 26.02 48.17
C ASN A 136 -27.76 27.14 49.11
N PHE A 137 -26.63 27.76 48.81
CA PHE A 137 -26.01 28.73 49.69
C PHE A 137 -26.62 30.12 49.49
N ASN A 138 -26.37 30.99 50.47
CA ASN A 138 -26.87 32.35 50.53
C ASN A 138 -25.74 33.32 50.82
N PHE A 139 -24.69 33.25 49.98
CA PHE A 139 -23.46 34.00 50.19
C PHE A 139 -23.72 35.50 50.31
N CYS A 140 -23.06 36.13 51.29
CA CYS A 140 -23.17 37.56 51.49
C CYS A 140 -22.08 38.28 50.70
N ALA A 141 -21.85 39.56 51.02
CA ALA A 141 -21.03 40.42 50.18
C ALA A 141 -19.57 39.98 50.15
N ASP A 142 -19.01 39.60 51.29
CA ASP A 142 -17.59 39.24 51.38
C ASP A 142 -17.42 38.01 52.25
N PRO A 143 -17.22 36.83 51.66
CA PRO A 143 -16.90 35.65 52.46
C PRO A 143 -15.45 35.69 52.93
N MET A 144 -15.23 35.47 54.22
CA MET A 144 -13.89 35.58 54.78
C MET A 144 -13.80 34.76 56.05
N PHE A 145 -12.57 34.52 56.48
CA PHE A 145 -12.27 33.87 57.76
C PHE A 145 -11.69 34.90 58.72
N ALA A 146 -12.18 34.89 59.95
CA ALA A 146 -11.72 35.80 61.00
C ALA A 146 -11.06 34.98 62.11
N VAL A 147 -9.79 35.27 62.36
CA VAL A 147 -9.00 34.56 63.36
C VAL A 147 -8.56 35.54 64.43
N ASN A 148 -8.86 35.22 65.68
CA ASN A 148 -8.53 36.06 66.82
C ASN A 148 -7.46 35.40 67.67
N SER A 149 -6.40 36.16 67.97
CA SER A 149 -5.28 35.73 68.83
C SER A 149 -4.59 34.47 68.30
N GLY A 150 -4.50 34.34 66.98
CA GLY A 150 -3.80 33.24 66.36
C GLY A 150 -4.57 31.95 66.25
N GLN A 151 -5.82 31.91 66.73
CA GLN A 151 -6.63 30.70 66.65
C GLN A 151 -7.97 31.02 65.99
N PRO A 152 -8.48 30.12 65.15
CA PRO A 152 -9.77 30.38 64.49
C PRO A 152 -10.92 30.28 65.49
N TYR A 153 -11.79 31.29 65.48
CA TYR A 153 -12.87 31.34 66.44
C TYR A 153 -14.24 31.50 65.77
N LYS A 154 -14.28 32.18 64.62
CA LYS A 154 -15.53 32.36 63.90
C LYS A 154 -15.24 32.41 62.41
N THR A 155 -16.10 31.74 61.63
CA THR A 155 -16.02 31.73 60.18
C THR A 155 -17.28 32.35 59.60
N TRP A 156 -17.10 33.19 58.58
CA TRP A 156 -18.20 33.92 57.94
C TRP A 156 -18.15 33.65 56.44
N ILE A 157 -18.78 32.56 56.02
CA ILE A 157 -18.77 32.14 54.63
C ILE A 157 -20.16 32.28 54.00
N TYR A 158 -21.19 31.75 54.66
CA TYR A 158 -22.56 31.87 54.18
C TYR A 158 -23.47 32.16 55.36
N THR A 159 -24.64 32.72 55.05
CA THR A 159 -25.64 33.01 56.08
C THR A 159 -26.57 31.82 56.30
N SER A 160 -27.13 31.27 55.24
CA SER A 160 -28.02 30.13 55.33
C SER A 160 -27.75 29.15 54.20
N ALA A 161 -28.01 27.87 54.45
CA ALA A 161 -27.84 26.83 53.46
C ALA A 161 -28.96 25.81 53.60
N ALA A 162 -29.41 25.26 52.46
CA ALA A 162 -30.50 24.29 52.45
C ALA A 162 -30.33 23.38 51.24
N ASN A 163 -31.03 22.23 51.28
CA ASN A 163 -31.14 21.28 50.16
C ASN A 163 -29.78 20.82 49.66
N CYS A 164 -28.92 20.47 50.60
CA CYS A 164 -27.51 20.23 50.32
C CYS A 164 -27.29 18.77 49.92
N THR A 165 -26.58 18.55 48.81
CA THR A 165 -26.50 17.22 48.20
C THR A 165 -25.15 16.53 48.35
N TYR A 166 -24.09 17.25 48.69
CA TYR A 166 -22.77 16.65 48.83
C TYR A 166 -22.09 17.19 50.09
N HIS A 167 -21.34 16.32 50.76
CA HIS A 167 -20.62 16.71 51.95
C HIS A 167 -19.52 15.68 52.24
N ARG A 168 -18.31 16.17 52.47
CA ARG A 168 -17.22 15.35 52.98
C ARG A 168 -16.26 16.23 53.75
N ALA A 169 -15.50 15.62 54.65
CA ALA A 169 -14.61 16.38 55.51
C ALA A 169 -13.38 15.54 55.84
N HIS A 170 -12.21 16.10 55.59
CA HIS A 170 -10.94 15.47 55.94
C HIS A 170 -10.51 15.95 57.32
N ALA A 171 -9.27 15.64 57.71
CA ALA A 171 -8.70 16.07 58.98
C ALA A 171 -7.33 16.67 58.69
N PHE A 172 -7.24 18.00 58.71
CA PHE A 172 -5.98 18.69 58.42
C PHE A 172 -5.61 19.65 59.54
N PHE A 183 7.50 35.99 52.07
CA PHE A 183 6.94 34.84 51.38
C PHE A 183 7.87 33.63 51.50
N LYS A 184 7.28 32.46 51.74
CA LYS A 184 8.05 31.23 51.88
C LYS A 184 7.50 30.04 51.13
N HIS A 185 6.22 30.04 50.75
CA HIS A 185 5.59 28.90 50.11
C HIS A 185 4.97 29.31 48.79
N PHE A 186 4.94 28.37 47.85
CA PHE A 186 4.28 28.54 46.56
C PHE A 186 3.30 27.41 46.36
N ARG A 187 2.02 27.73 46.20
CA ARG A 187 0.97 26.76 46.00
C ARG A 187 0.34 26.94 44.63
N GLU A 188 0.22 25.85 43.88
CA GLU A 188 -0.37 25.87 42.55
C GLU A 188 -1.61 24.99 42.54
N HIS A 189 -2.69 25.50 41.95
CA HIS A 189 -3.96 24.78 41.90
C HIS A 189 -4.54 24.93 40.51
N LEU A 190 -4.85 23.80 39.86
CA LEU A 190 -5.51 23.78 38.56
C LEU A 190 -6.88 23.15 38.70
N PHE A 191 -7.86 23.74 38.03
CA PHE A 191 -9.24 23.27 38.08
C PHE A 191 -9.75 22.99 36.68
N LYS A 192 -10.42 21.86 36.51
CA LYS A 192 -11.04 21.49 35.25
C LYS A 192 -12.41 20.88 35.54
N ASN A 193 -13.32 21.04 34.59
CA ASN A 193 -14.71 20.59 34.77
C ASN A 193 -15.17 19.91 33.48
N VAL A 194 -14.99 18.59 33.40
CA VAL A 194 -15.46 17.81 32.26
C VAL A 194 -16.34 16.66 32.76
N ASP A 195 -17.42 16.38 32.04
CA ASP A 195 -18.26 15.19 32.20
C ASP A 195 -18.81 15.03 33.62
N GLY A 196 -19.23 16.14 34.22
CA GLY A 196 -19.79 16.09 35.56
C GLY A 196 -18.80 15.82 36.67
N PHE A 197 -17.52 16.11 36.44
CA PHE A 197 -16.49 15.96 37.45
C PHE A 197 -15.70 17.26 37.57
N LEU A 198 -15.17 17.52 38.75
CA LEU A 198 -14.28 18.65 38.99
C LEU A 198 -12.91 18.10 39.37
N TYR A 199 -11.91 18.36 38.53
CA TYR A 199 -10.56 17.87 38.75
C TYR A 199 -9.73 18.95 39.45
N VAL A 200 -8.97 18.53 40.45
CA VAL A 200 -8.10 19.42 41.21
C VAL A 200 -6.68 18.88 41.12
N TYR A 201 -5.74 19.74 40.76
CA TYR A 201 -4.33 19.41 40.69
C TYR A 201 -3.56 20.33 41.63
N HIS A 202 -2.53 19.80 42.29
CA HIS A 202 -1.83 20.54 43.32
C HIS A 202 -0.33 20.27 43.26
N ASN A 203 0.46 21.31 43.43
CA ASN A 203 1.91 21.22 43.52
C ASN A 203 2.41 22.28 44.48
N TYR A 204 3.40 21.94 45.31
CA TYR A 204 3.96 22.84 46.30
C TYR A 204 5.48 22.81 46.24
N GLU A 205 6.09 23.99 46.30
CA GLU A 205 7.53 24.12 46.41
C GLU A 205 7.85 25.36 47.23
N PRO A 206 8.98 25.39 47.93
CA PRO A 206 9.36 26.60 48.65
C PRO A 206 10.10 27.58 47.74
N ILE A 207 9.89 28.87 48.00
CA ILE A 207 10.48 29.92 47.17
C ILE A 207 11.32 30.85 48.02
N ASP A 208 11.88 31.89 47.40
CA ASP A 208 12.73 32.84 48.09
C ASP A 208 11.90 33.84 48.88
N LEU A 209 12.57 34.86 49.41
CA LEU A 209 11.94 35.78 50.36
C LEU A 209 10.87 36.64 49.68
N ASN A 210 11.21 37.25 48.55
CA ASN A 210 10.28 38.17 47.90
C ASN A 210 10.48 38.09 46.39
N SER A 211 9.52 37.50 45.70
CA SER A 211 9.49 37.46 44.25
C SER A 211 8.06 37.66 43.78
N GLY A 212 7.92 38.22 42.58
CA GLY A 212 6.61 38.39 42.00
C GLY A 212 5.99 37.07 41.60
N PHE A 213 6.54 36.43 40.58
CA PHE A 213 6.12 35.10 40.16
C PHE A 213 7.37 34.23 40.08
N PRO A 214 7.45 33.13 40.81
CA PRO A 214 8.67 32.31 40.79
C PRO A 214 8.88 31.60 39.47
N SER A 215 9.95 31.97 38.77
CA SER A 215 10.27 31.37 37.48
C SER A 215 10.79 29.94 37.67
N GLY A 216 10.50 29.10 36.69
CA GLY A 216 10.95 27.72 36.74
C GLY A 216 10.06 26.84 35.87
N PHE A 217 9.94 25.58 36.29
CA PHE A 217 9.09 24.62 35.60
C PHE A 217 8.65 23.57 36.60
N SER A 218 7.34 23.43 36.80
CA SER A 218 6.80 22.49 37.77
C SER A 218 5.68 21.69 37.13
N VAL A 219 5.49 20.46 37.63
CA VAL A 219 4.44 19.57 37.16
C VAL A 219 3.45 19.35 38.30
N LEU A 220 2.17 19.52 38.01
CA LEU A 220 1.13 19.45 39.03
C LEU A 220 0.57 18.04 39.13
N LYS A 221 0.35 17.58 40.36
CA LYS A 221 -0.18 16.25 40.59
C LYS A 221 -1.64 16.31 41.04
N PRO A 222 -2.47 15.37 40.59
CA PRO A 222 -3.88 15.38 40.99
C PRO A 222 -4.08 14.92 42.43
N ILE A 223 -5.15 15.42 43.04
CA ILE A 223 -5.54 15.04 44.39
C ILE A 223 -6.99 14.57 44.45
N LEU A 224 -7.91 15.37 43.91
CA LEU A 224 -9.34 15.13 44.06
C LEU A 224 -10.00 14.97 42.70
N LYS A 225 -11.12 14.26 42.70
CA LYS A 225 -12.00 14.10 41.53
C LYS A 225 -13.43 14.11 42.08
N LEU A 226 -14.04 15.30 42.11
CA LEU A 226 -15.28 15.51 42.83
C LEU A 226 -16.48 15.30 41.91
N PRO A 227 -17.40 14.38 42.27
CA PRO A 227 -18.52 14.00 41.39
C PRO A 227 -19.81 14.80 41.62
N PHE A 228 -19.85 16.03 41.12
CA PHE A 228 -21.10 16.76 41.06
C PHE A 228 -21.31 17.35 39.67
N GLY A 229 -22.54 17.24 39.18
CA GLY A 229 -22.92 17.86 37.93
C GLY A 229 -23.56 19.22 38.19
N LEU A 230 -22.81 20.28 37.98
CA LEU A 230 -23.23 21.61 38.38
C LEU A 230 -22.74 22.62 37.35
N ASN A 231 -23.59 23.58 37.02
CA ASN A 231 -23.23 24.63 36.07
C ASN A 231 -22.23 25.57 36.74
N ILE A 232 -20.96 25.45 36.34
CA ILE A 232 -19.89 26.26 36.91
C ILE A 232 -19.41 27.21 35.83
N THR A 233 -19.63 28.52 36.04
CA THR A 233 -19.16 29.54 35.13
C THR A 233 -18.33 30.62 35.81
N TYR A 234 -18.34 30.71 37.13
CA TYR A 234 -17.58 31.71 37.86
C TYR A 234 -16.88 31.06 39.04
N VAL A 235 -15.79 31.69 39.47
CA VAL A 235 -15.08 31.29 40.67
C VAL A 235 -14.86 32.52 41.54
N LYS A 236 -14.68 32.28 42.83
CA LYS A 236 -14.45 33.35 43.79
C LYS A 236 -13.37 32.91 44.77
N ALA A 237 -12.80 33.89 45.47
CA ALA A 237 -11.71 33.67 46.39
C ALA A 237 -12.16 33.92 47.83
N ILE A 238 -11.68 33.08 48.74
CA ILE A 238 -11.97 33.21 50.17
C ILE A 238 -10.69 33.68 50.86
N MET A 239 -10.77 34.81 51.54
CA MET A 239 -9.63 35.44 52.18
C MET A 239 -9.73 35.30 53.70
N THR A 240 -8.69 35.78 54.38
CA THR A 240 -8.65 35.80 55.84
C THR A 240 -8.33 37.21 56.29
N LEU A 241 -9.16 37.77 57.17
CA LEU A 241 -8.97 39.11 57.71
C LEU A 241 -8.55 38.98 59.16
N PHE A 242 -7.37 39.52 59.48
CA PHE A 242 -6.81 39.44 60.83
C PHE A 242 -7.31 40.65 61.62
N SER A 243 -8.39 40.45 62.36
CA SER A 243 -9.01 41.52 63.14
C SER A 243 -8.46 41.57 64.57
N SER A 244 -7.47 40.75 64.90
CA SER A 244 -6.89 40.76 66.24
C SER A 244 -5.53 41.45 66.23
N ASP A 252 -0.86 38.83 57.25
CA ASP A 252 -0.30 39.95 56.50
C ASP A 252 -0.92 40.04 55.11
N ALA A 253 -0.18 40.60 54.16
CA ALA A 253 -0.64 40.80 52.80
C ALA A 253 -0.08 39.70 51.89
N SER A 254 -0.95 39.09 51.09
CA SER A 254 -0.58 38.04 50.17
C SER A 254 -1.22 38.32 48.81
N ALA A 255 -0.76 37.58 47.80
CA ALA A 255 -1.24 37.76 46.44
C ALA A 255 -1.44 36.42 45.76
N TYR A 256 -2.33 36.40 44.77
CA TYR A 256 -2.56 35.19 43.98
C TYR A 256 -2.69 35.56 42.51
N PHE A 257 -2.35 34.59 41.65
CA PHE A 257 -2.32 34.78 40.21
C PHE A 257 -3.27 33.78 39.55
N VAL A 258 -4.02 34.24 38.55
CA VAL A 258 -5.05 33.44 37.91
C VAL A 258 -4.86 33.48 36.40
N GLY A 259 -4.73 32.30 35.79
CA GLY A 259 -4.60 32.19 34.36
C GLY A 259 -5.64 31.25 33.79
N HIS A 260 -5.84 31.34 32.48
CA HIS A 260 -6.88 30.60 31.77
C HIS A 260 -6.26 29.58 30.82
N LEU A 261 -6.88 28.42 30.73
CA LEU A 261 -6.39 27.33 29.90
C LEU A 261 -6.87 27.48 28.46
N LYS A 262 -6.06 26.99 27.53
CA LYS A 262 -6.33 27.02 26.10
C LYS A 262 -6.07 25.63 25.53
N PRO A 263 -6.74 25.28 24.42
CA PRO A 263 -6.44 24.01 23.74
C PRO A 263 -5.14 24.12 22.95
N LEU A 264 -4.15 23.28 23.31
CA LEU A 264 -2.84 23.33 22.69
C LEU A 264 -2.32 21.92 22.45
N THR A 265 -1.18 21.84 21.77
CA THR A 265 -0.48 20.59 21.51
C THR A 265 0.86 20.62 22.25
N MET A 266 1.12 19.57 23.04
CA MET A 266 2.29 19.54 23.91
C MET A 266 3.23 18.43 23.51
N LEU A 267 4.52 18.65 23.77
CA LEU A 267 5.56 17.63 23.62
C LEU A 267 6.20 17.39 24.97
N VAL A 268 6.11 16.16 25.47
CA VAL A 268 6.53 15.81 26.82
C VAL A 268 7.63 14.76 26.72
N ASP A 269 8.53 14.77 27.70
CA ASP A 269 9.56 13.74 27.81
C ASP A 269 9.63 13.23 29.24
N PHE A 270 9.95 11.96 29.43
CA PHE A 270 9.97 11.37 30.78
C PHE A 270 11.35 10.85 30.99
N ASP A 271 11.82 10.73 32.23
CA ASP A 271 13.16 10.10 32.46
C ASP A 271 13.00 8.60 32.79
N GLU A 272 14.01 7.91 33.36
CA GLU A 272 13.87 6.48 33.61
C GLU A 272 13.03 6.14 34.83
N ASN A 273 12.50 7.15 35.55
CA ASN A 273 11.59 6.91 36.66
C ASN A 273 10.18 7.40 36.32
N GLY A 274 9.96 7.83 35.09
CA GLY A 274 8.68 8.37 34.68
C GLY A 274 8.41 9.80 35.12
N THR A 275 9.39 10.48 35.70
CA THR A 275 9.18 11.86 36.13
C THR A 275 9.26 12.80 34.93
N ILE A 276 8.26 13.67 34.79
CA ILE A 276 8.27 14.67 33.73
C ILE A 276 9.34 15.71 34.04
N ILE A 277 10.26 15.90 33.10
CA ILE A 277 11.39 16.78 33.31
C ILE A 277 11.39 18.00 32.40
N ASP A 278 10.72 17.96 31.24
CA ASP A 278 10.70 19.09 30.33
C ASP A 278 9.42 19.04 29.51
N ALA A 279 9.08 20.17 28.93
CA ALA A 279 7.88 20.27 28.09
C ALA A 279 8.05 21.45 27.13
N ILE A 280 7.72 21.22 25.87
CA ILE A 280 7.77 22.27 24.84
C ILE A 280 6.39 22.39 24.23
N ASP A 281 5.84 23.60 24.26
CA ASP A 281 4.59 23.89 23.57
C ASP A 281 4.88 24.42 22.17
N CYS A 282 4.00 24.09 21.23
CA CYS A 282 4.15 24.59 19.88
C CYS A 282 3.48 25.96 19.78
N SER A 283 3.51 26.56 18.59
CA SER A 283 2.78 27.78 18.24
C SER A 283 3.21 29.02 19.02
N GLN A 284 4.31 28.95 19.77
CA GLN A 284 4.75 30.14 20.50
C GLN A 284 5.90 30.85 19.78
N ASP A 285 6.76 30.09 19.10
CA ASP A 285 7.85 30.65 18.30
C ASP A 285 8.31 29.58 17.32
N PRO A 286 8.99 29.96 16.22
CA PRO A 286 9.37 28.97 15.21
C PRO A 286 10.30 27.86 15.69
N LEU A 287 11.13 28.11 16.70
CA LEU A 287 12.04 27.07 17.18
C LEU A 287 11.27 25.94 17.88
N SER A 288 10.28 26.28 18.70
CA SER A 288 9.48 25.24 19.36
C SER A 288 8.59 24.53 18.34
N GLU A 289 8.16 25.24 17.29
CA GLU A 289 7.44 24.60 16.21
C GLU A 289 8.32 23.58 15.49
N LEU A 290 9.60 23.94 15.28
CA LEU A 290 10.57 22.99 14.71
C LEU A 290 10.77 21.79 15.62
N LYS A 291 10.86 22.01 16.93
CA LYS A 291 11.02 20.90 17.87
C LYS A 291 9.78 20.02 17.92
N CYS A 292 8.59 20.61 17.80
CA CYS A 292 7.36 19.83 17.73
C CYS A 292 7.33 18.98 16.45
N THR A 293 7.79 19.55 15.34
CA THR A 293 7.82 18.81 14.07
C THR A 293 8.83 17.68 14.12
N THR A 294 10.01 17.92 14.69
CA THR A 294 11.11 16.95 14.66
C THR A 294 11.06 15.95 15.80
N LYS A 295 10.13 16.11 16.75
CA LYS A 295 9.92 15.18 17.87
C LYS A 295 11.18 15.01 18.72
N SER A 296 11.92 16.09 18.91
CA SER A 296 13.13 16.06 19.72
C SER A 296 13.36 17.44 20.33
N PHE A 297 14.14 17.47 21.40
CA PHE A 297 14.43 18.69 22.13
C PHE A 297 15.70 19.39 21.66
N THR A 298 16.51 18.74 20.83
CA THR A 298 17.71 19.34 20.25
C THR A 298 17.73 19.02 18.77
N VAL A 299 17.99 20.03 17.95
CA VAL A 299 18.01 19.90 16.50
C VAL A 299 19.40 20.27 15.98
N GLU A 300 19.81 19.59 14.92
CA GLU A 300 21.12 19.83 14.33
C GLU A 300 21.08 21.04 13.40
N LYS A 301 22.27 21.46 12.96
CA LYS A 301 22.40 22.59 12.05
C LYS A 301 21.81 22.24 10.68
N GLY A 302 21.07 23.19 10.11
CA GLY A 302 20.48 23.00 8.80
C GLY A 302 19.24 23.84 8.64
N ILE A 303 18.46 23.49 7.62
CA ILE A 303 17.21 24.17 7.28
C ILE A 303 16.13 23.11 7.09
N TYR A 304 14.96 23.34 7.66
CA TYR A 304 13.90 22.34 7.71
C TYR A 304 12.57 22.96 7.28
N GLN A 305 11.67 22.09 6.81
CA GLN A 305 10.28 22.47 6.58
C GLN A 305 9.50 22.21 7.86
N THR A 306 8.72 23.20 8.30
CA THR A 306 8.26 23.24 9.69
C THR A 306 6.75 23.40 9.78
N SER A 307 6.02 22.95 8.74
CA SER A 307 4.56 22.80 8.74
C SER A 307 3.79 24.04 9.17
N ASN A 308 2.76 23.84 10.01
CA ASN A 308 1.95 24.95 10.52
C ASN A 308 1.36 24.53 11.86
N PHE A 309 1.48 25.39 12.87
CA PHE A 309 0.94 25.12 14.19
C PHE A 309 0.21 26.30 14.82
N ARG A 310 0.12 27.44 14.14
CA ARG A 310 -0.39 28.67 14.71
C ARG A 310 -1.76 29.04 14.15
N VAL A 311 -2.62 28.04 13.94
CA VAL A 311 -3.92 28.26 13.32
C VAL A 311 -4.89 28.85 14.34
N THR A 312 -5.76 29.76 13.85
CA THR A 312 -6.78 30.42 14.64
C THR A 312 -7.83 31.05 13.72
N PRO A 313 -9.13 30.82 13.99
CA PRO A 313 -10.17 31.60 13.30
C PRO A 313 -10.47 32.89 14.05
N THR A 314 -11.32 33.76 13.50
CA THR A 314 -11.59 35.05 14.12
C THR A 314 -13.00 35.14 14.69
N THR A 315 -14.03 34.95 13.88
CA THR A 315 -15.41 35.11 14.30
C THR A 315 -16.27 34.04 13.62
N GLU A 316 -17.58 34.13 13.82
CA GLU A 316 -18.54 33.21 13.25
C GLU A 316 -19.50 33.95 12.34
N VAL A 317 -19.90 33.28 11.25
CA VAL A 317 -20.84 33.83 10.27
C VAL A 317 -21.94 32.80 10.05
N VAL A 318 -23.19 33.21 10.25
CA VAL A 318 -24.35 32.35 10.01
C VAL A 318 -25.27 33.05 9.02
N ARG A 319 -25.62 32.35 7.95
CA ARG A 319 -26.54 32.86 6.94
C ARG A 319 -27.62 31.82 6.69
N PHE A 320 -28.85 32.14 7.07
CA PHE A 320 -30.00 31.26 6.92
C PHE A 320 -31.11 32.00 6.19
N PRO A 321 -31.97 31.28 5.46
CA PRO A 321 -33.06 31.95 4.73
C PRO A 321 -34.06 32.60 5.67
N ASN A 322 -34.73 33.64 5.15
CA ASN A 322 -35.66 34.46 5.94
C ASN A 322 -37.03 33.78 5.95
N ILE A 323 -37.20 32.86 6.90
CA ILE A 323 -38.46 32.18 7.12
C ILE A 323 -38.97 32.53 8.51
N THR A 324 -40.22 32.95 8.60
CA THR A 324 -40.83 33.29 9.88
C THR A 324 -42.01 32.42 10.26
N GLN A 325 -42.59 31.67 9.32
CA GLN A 325 -43.76 30.87 9.60
C GLN A 325 -43.39 29.61 10.39
N LEU A 326 -44.10 29.37 11.48
CA LEU A 326 -43.92 28.14 12.24
C LEU A 326 -44.49 26.95 11.47
N CYS A 327 -43.79 25.83 11.52
CA CYS A 327 -44.20 24.68 10.74
C CYS A 327 -45.44 24.02 11.36
N PRO A 328 -46.36 23.52 10.53
CA PRO A 328 -47.56 22.88 11.07
C PRO A 328 -47.31 21.54 11.75
N PHE A 329 -46.88 21.59 13.01
CA PHE A 329 -46.82 20.41 13.86
C PHE A 329 -48.17 20.10 14.51
N ASN A 330 -49.20 20.87 14.18
CA ASN A 330 -50.55 20.66 14.67
C ASN A 330 -51.49 20.11 13.60
N GLU A 331 -51.22 20.34 12.32
CA GLU A 331 -52.04 19.82 11.26
C GLU A 331 -51.68 18.39 10.88
N VAL A 332 -50.65 17.81 11.48
CA VAL A 332 -50.28 16.42 11.26
C VAL A 332 -50.54 15.57 12.50
N PHE A 333 -50.27 16.11 13.68
CA PHE A 333 -50.43 15.35 14.92
C PHE A 333 -51.75 15.64 15.64
N ASN A 334 -52.54 16.59 15.17
CA ASN A 334 -53.85 16.88 15.77
C ASN A 334 -54.90 17.07 14.66
N ILE A 335 -54.91 16.15 13.70
CA ILE A 335 -55.82 16.25 12.56
C ILE A 335 -57.09 15.41 12.76
N THR A 336 -57.12 14.55 13.77
CA THR A 336 -58.17 13.58 14.15
C THR A 336 -58.83 12.88 12.96
N SER A 337 -58.05 12.61 11.91
CA SER A 337 -58.53 11.84 10.77
C SER A 337 -57.32 11.23 10.07
N PHE A 338 -57.06 9.96 10.34
CA PHE A 338 -55.95 9.25 9.71
C PHE A 338 -56.48 8.14 8.82
N PRO A 339 -55.94 8.00 7.61
CA PRO A 339 -56.44 6.98 6.67
C PRO A 339 -55.89 5.60 7.01
N SER A 340 -56.38 4.62 6.27
CA SER A 340 -55.88 3.26 6.39
C SER A 340 -54.48 3.15 5.79
N VAL A 341 -53.80 2.04 6.11
CA VAL A 341 -52.43 1.86 5.65
C VAL A 341 -52.38 1.62 4.14
N TYR A 342 -53.42 1.00 3.57
CA TYR A 342 -53.43 0.78 2.13
C TYR A 342 -53.78 2.03 1.34
N ALA A 343 -54.35 3.04 2.00
CA ALA A 343 -54.71 4.28 1.35
C ALA A 343 -54.00 5.45 2.02
N TRP A 344 -52.70 5.31 2.25
CA TRP A 344 -51.93 6.34 2.96
C TRP A 344 -51.86 7.62 2.13
N GLU A 345 -51.72 8.75 2.82
CA GLU A 345 -51.78 10.07 2.21
C GLU A 345 -50.45 10.79 2.42
N ARG A 346 -50.15 11.71 1.51
CA ARG A 346 -48.87 12.40 1.49
C ARG A 346 -49.10 13.90 1.65
N MET A 347 -48.20 14.55 2.39
CA MET A 347 -48.27 15.98 2.65
C MET A 347 -46.91 16.60 2.38
N ARG A 348 -46.90 17.76 1.72
CA ARG A 348 -45.67 18.45 1.35
C ARG A 348 -45.39 19.57 2.34
N ILE A 349 -44.14 19.65 2.79
CA ILE A 349 -43.71 20.62 3.80
C ILE A 349 -42.76 21.61 3.14
N THR A 350 -43.18 22.87 3.05
CA THR A 350 -42.37 23.93 2.46
C THR A 350 -42.46 25.19 3.32
N ASN A 351 -41.39 26.00 3.23
CA ASN A 351 -41.33 27.34 3.82
C ASN A 351 -41.56 27.31 5.34
N CYS A 352 -40.87 26.40 6.02
CA CYS A 352 -41.04 26.19 7.45
C CYS A 352 -39.81 26.64 8.23
N VAL A 353 -40.02 26.75 9.55
CA VAL A 353 -38.95 26.71 10.54
C VAL A 353 -39.26 25.53 11.45
N ALA A 354 -38.39 24.52 11.42
CA ALA A 354 -38.67 23.23 12.04
C ALA A 354 -37.98 23.18 13.41
N ASP A 355 -38.74 23.51 14.45
CA ASP A 355 -38.30 23.32 15.83
C ASP A 355 -39.30 22.39 16.52
N TYR A 356 -38.84 21.22 16.93
CA TYR A 356 -39.71 20.23 17.55
C TYR A 356 -39.93 20.48 19.03
N SER A 357 -39.31 21.52 19.60
CA SER A 357 -39.55 21.86 21.00
C SER A 357 -40.98 22.34 21.24
N VAL A 358 -41.66 22.83 20.21
CA VAL A 358 -43.06 23.21 20.35
C VAL A 358 -43.96 21.99 20.58
N LEU A 359 -43.47 20.79 20.28
CA LEU A 359 -44.20 19.58 20.64
C LEU A 359 -44.06 19.25 22.13
N TYR A 360 -43.09 19.84 22.81
CA TYR A 360 -42.97 19.64 24.25
C TYR A 360 -44.08 20.35 25.01
N ASN A 361 -44.65 21.39 24.42
CA ASN A 361 -45.76 22.14 25.00
C ASN A 361 -47.09 21.41 24.88
N SER A 362 -47.19 20.44 23.98
CA SER A 362 -48.43 19.70 23.77
C SER A 362 -48.45 18.46 24.66
N SER A 363 -49.41 17.59 24.41
CA SER A 363 -49.56 16.37 25.22
C SER A 363 -49.43 15.13 24.35
N ALA A 364 -48.43 15.11 23.47
CA ALA A 364 -48.19 13.98 22.57
C ALA A 364 -46.91 13.27 23.01
N SER A 365 -47.03 11.98 23.25
CA SER A 365 -45.90 11.13 23.64
C SER A 365 -45.71 10.05 22.58
N PHE A 366 -44.48 9.92 22.10
CA PHE A 366 -44.16 9.02 20.99
C PHE A 366 -43.49 7.76 21.54
N SER A 367 -44.08 6.60 21.25
CA SER A 367 -43.49 5.34 21.66
C SER A 367 -42.30 4.97 20.80
N THR A 368 -42.34 5.32 19.51
CA THR A 368 -41.25 5.03 18.58
C THR A 368 -40.85 6.32 17.89
N PHE A 369 -39.55 6.63 17.93
CA PHE A 369 -39.01 7.77 17.18
C PHE A 369 -37.60 7.39 16.76
N GLN A 370 -37.46 6.91 15.52
CA GLN A 370 -36.19 6.40 15.01
C GLN A 370 -35.85 7.12 13.71
N CYS A 371 -34.64 7.66 13.62
CA CYS A 371 -34.18 8.39 12.45
C CYS A 371 -33.11 7.61 11.73
N TYR A 372 -33.10 7.72 10.40
CA TYR A 372 -32.18 6.98 9.54
C TYR A 372 -31.39 7.97 8.69
N GLY A 373 -30.07 7.80 8.67
CA GLY A 373 -29.20 8.62 7.85
C GLY A 373 -28.81 9.96 8.45
N VAL A 374 -29.32 10.29 9.63
CA VAL A 374 -29.00 11.56 10.28
C VAL A 374 -29.15 11.37 11.79
N SER A 375 -28.27 12.01 12.54
CA SER A 375 -28.34 11.92 14.00
C SER A 375 -29.50 12.76 14.52
N PRO A 376 -30.23 12.27 15.52
CA PRO A 376 -31.34 13.06 16.09
C PRO A 376 -30.87 14.33 16.80
N THR A 377 -29.61 14.39 17.23
CA THR A 377 -29.09 15.58 17.90
C THR A 377 -28.72 16.68 16.93
N LYS A 378 -28.64 16.39 15.63
CA LYS A 378 -28.25 17.38 14.63
C LYS A 378 -29.44 17.91 13.84
N LEU A 379 -30.67 17.59 14.25
CA LEU A 379 -31.85 18.03 13.53
C LEU A 379 -32.18 19.51 13.76
N ASN A 380 -31.55 20.14 14.75
CA ASN A 380 -31.77 21.55 15.04
C ASN A 380 -30.81 22.46 14.30
N ASP A 381 -29.93 21.91 13.46
CA ASP A 381 -28.84 22.66 12.86
C ASP A 381 -28.84 22.64 11.34
N LEU A 382 -29.74 21.90 10.71
CA LEU A 382 -29.69 21.65 9.28
C LEU A 382 -30.82 22.35 8.54
N CYS A 383 -30.68 22.41 7.22
CA CYS A 383 -31.74 22.82 6.32
C CYS A 383 -32.05 21.68 5.36
N PHE A 384 -33.35 21.43 5.14
CA PHE A 384 -33.81 20.35 4.28
C PHE A 384 -34.46 20.94 3.03
N SER A 385 -34.26 20.25 1.91
CA SER A 385 -34.70 20.77 0.62
C SER A 385 -36.16 20.43 0.33
N SER A 386 -36.49 19.14 0.26
CA SER A 386 -37.84 18.69 -0.03
C SER A 386 -38.26 17.71 1.07
N VAL A 387 -39.30 18.09 1.81
CA VAL A 387 -39.77 17.30 2.96
C VAL A 387 -41.18 16.82 2.65
N TYR A 388 -41.41 15.52 2.82
CA TYR A 388 -42.71 14.91 2.64
C TYR A 388 -43.08 14.11 3.88
N ALA A 389 -44.38 14.05 4.17
CA ALA A 389 -44.89 13.33 5.32
C ALA A 389 -45.99 12.37 4.87
N ASP A 390 -45.87 11.11 5.26
CA ASP A 390 -46.87 10.09 4.99
C ASP A 390 -47.43 9.57 6.31
N TYR A 391 -48.76 9.49 6.41
CA TYR A 391 -49.41 9.14 7.66
C TYR A 391 -50.52 8.13 7.40
N PHE A 392 -50.67 7.18 8.32
CA PHE A 392 -51.64 6.09 8.22
C PHE A 392 -51.81 5.46 9.60
N VAL A 393 -52.51 4.34 9.67
CA VAL A 393 -52.80 3.63 10.91
C VAL A 393 -52.49 2.16 10.73
N VAL A 394 -51.74 1.58 11.69
CA VAL A 394 -51.37 0.16 11.62
C VAL A 394 -51.89 -0.59 12.85
N LYS A 395 -51.57 -1.88 12.92
CA LYS A 395 -52.13 -2.74 13.96
C LYS A 395 -51.50 -2.51 15.32
N GLY A 396 -50.22 -2.16 15.36
CA GLY A 396 -49.52 -2.04 16.63
C GLY A 396 -48.37 -3.01 16.74
N ASP A 397 -48.60 -4.24 16.30
CA ASP A 397 -47.52 -5.19 16.06
C ASP A 397 -46.89 -5.02 14.68
N ASP A 398 -47.50 -4.20 13.83
CA ASP A 398 -46.98 -3.92 12.50
C ASP A 398 -46.13 -2.66 12.45
N VAL A 399 -45.89 -2.02 13.59
CA VAL A 399 -45.06 -0.82 13.62
C VAL A 399 -43.61 -1.16 13.29
N ARG A 400 -43.14 -2.34 13.70
CA ARG A 400 -41.77 -2.76 13.40
C ARG A 400 -41.55 -2.99 11.91
N GLN A 401 -42.61 -3.18 11.13
CA GLN A 401 -42.47 -3.38 9.69
C GLN A 401 -42.24 -2.07 8.93
N ILE A 402 -42.43 -0.92 9.58
CA ILE A 402 -42.19 0.38 8.92
C ILE A 402 -40.72 0.70 9.16
N ALA A 403 -39.87 0.11 8.32
CA ALA A 403 -38.43 0.29 8.39
C ALA A 403 -37.83 -0.17 7.08
N PRO A 404 -36.64 0.32 6.71
CA PRO A 404 -35.97 -0.21 5.52
C PRO A 404 -35.62 -1.69 5.68
N ALA A 405 -35.73 -2.42 4.56
CA ALA A 405 -35.42 -3.85 4.47
C ALA A 405 -36.23 -4.67 5.47
N GLN A 406 -37.55 -4.66 5.27
CA GLN A 406 -38.48 -5.37 6.14
C GLN A 406 -39.36 -6.30 5.32
N THR A 407 -39.93 -7.30 6.00
CA THR A 407 -40.87 -8.23 5.39
C THR A 407 -42.09 -8.36 6.30
N GLY A 408 -43.17 -8.84 5.71
CA GLY A 408 -44.44 -8.97 6.39
C GLY A 408 -45.57 -8.65 5.45
N VAL A 409 -46.76 -8.43 6.01
CA VAL A 409 -47.92 -8.12 5.19
C VAL A 409 -48.08 -6.63 4.93
N ILE A 410 -47.44 -5.77 5.72
CA ILE A 410 -47.50 -4.33 5.49
C ILE A 410 -46.38 -3.88 4.58
N ALA A 411 -45.17 -4.42 4.77
CA ALA A 411 -44.03 -4.02 3.96
C ALA A 411 -44.10 -4.56 2.54
N ASP A 412 -44.91 -5.59 2.29
CA ASP A 412 -44.99 -6.20 0.96
C ASP A 412 -46.17 -5.70 0.14
N TYR A 413 -47.32 -5.47 0.76
CA TYR A 413 -48.53 -5.16 0.01
C TYR A 413 -49.09 -3.76 0.26
N ASN A 414 -48.72 -3.11 1.36
CA ASN A 414 -49.37 -1.85 1.74
C ASN A 414 -48.43 -0.66 1.67
N TYR A 415 -47.29 -0.68 2.36
CA TYR A 415 -46.40 0.47 2.40
C TYR A 415 -44.96 -0.02 2.46
N LYS A 416 -44.13 0.48 1.56
CA LYS A 416 -42.75 0.05 1.45
C LYS A 416 -41.82 1.26 1.45
N LEU A 417 -40.70 1.14 2.16
CA LEU A 417 -39.64 2.13 2.17
C LEU A 417 -38.41 1.58 1.44
N PRO A 418 -37.66 2.44 0.74
CA PRO A 418 -36.44 1.97 0.07
C PRO A 418 -35.35 1.64 1.08
N ASP A 419 -34.38 0.83 0.62
CA ASP A 419 -33.26 0.44 1.48
C ASP A 419 -32.39 1.64 1.82
N ASP A 420 -32.17 2.53 0.85
CA ASP A 420 -31.41 3.76 1.09
C ASP A 420 -32.39 4.89 1.46
N PHE A 421 -32.93 4.77 2.67
CA PHE A 421 -33.93 5.69 3.16
C PHE A 421 -33.30 6.68 4.13
N THR A 422 -33.61 7.96 3.95
CA THR A 422 -33.16 9.02 4.84
C THR A 422 -34.39 9.72 5.42
N GLY A 423 -34.50 9.71 6.74
CA GLY A 423 -35.64 10.32 7.39
C GLY A 423 -35.88 9.72 8.75
N CYS A 424 -37.06 10.00 9.30
CA CYS A 424 -37.44 9.55 10.63
C CYS A 424 -38.84 8.94 10.61
N VAL A 425 -39.07 7.98 11.51
CA VAL A 425 -40.35 7.30 11.66
C VAL A 425 -40.86 7.56 13.07
N ILE A 426 -42.08 8.08 13.17
CA ILE A 426 -42.70 8.44 14.44
C ILE A 426 -44.00 7.68 14.59
N ALA A 427 -44.23 7.10 15.76
CA ALA A 427 -45.45 6.34 16.03
C ALA A 427 -45.88 6.54 17.47
N TRP A 428 -47.19 6.46 17.70
CA TRP A 428 -47.75 6.56 19.04
C TRP A 428 -49.11 5.86 19.07
N ASN A 429 -49.54 5.51 20.28
CA ASN A 429 -50.75 4.72 20.48
C ASN A 429 -51.97 5.62 20.62
N THR A 430 -53.02 5.30 19.87
CA THR A 430 -54.27 6.06 19.87
C THR A 430 -55.46 5.14 20.11
N ASN A 431 -55.37 4.31 21.15
CA ASN A 431 -56.45 3.38 21.47
C ASN A 431 -57.70 4.11 21.94
N SER A 432 -57.56 5.31 22.50
CA SER A 432 -58.70 6.05 23.01
C SER A 432 -59.42 6.86 21.94
N LEU A 433 -58.93 6.87 20.70
CA LEU A 433 -59.53 7.68 19.64
C LEU A 433 -59.89 6.89 18.39
N ASP A 434 -59.23 5.77 18.10
CA ASP A 434 -59.41 5.06 16.84
C ASP A 434 -59.89 3.62 17.02
N SER A 435 -60.40 3.27 18.19
CA SER A 435 -60.77 1.88 18.47
C SER A 435 -62.21 1.55 18.08
N SER A 436 -62.95 2.50 17.51
CA SER A 436 -64.31 2.24 17.08
C SER A 436 -64.50 2.40 15.57
N ASN A 437 -63.67 3.17 14.90
CA ASN A 437 -63.78 3.34 13.46
C ASN A 437 -63.23 2.11 12.74
N GLU A 438 -63.54 2.02 11.45
CA GLU A 438 -63.15 0.89 10.62
C GLU A 438 -61.89 1.25 9.84
N PHE A 439 -60.90 0.36 9.89
CA PHE A 439 -59.66 0.50 9.14
C PHE A 439 -59.35 -0.82 8.44
N PHE A 440 -58.75 -0.72 7.26
CA PHE A 440 -58.51 -1.87 6.40
C PHE A 440 -57.05 -1.95 6.01
N TYR A 441 -56.67 -3.12 5.50
CA TYR A 441 -55.34 -3.33 4.93
C TYR A 441 -55.43 -4.41 3.87
N ARG A 442 -54.55 -4.32 2.87
CA ARG A 442 -54.54 -5.31 1.80
C ARG A 442 -53.91 -6.61 2.31
N ARG A 443 -54.62 -7.72 2.09
CA ARG A 443 -54.16 -9.03 2.54
C ARG A 443 -53.68 -9.93 1.41
N PHE A 444 -54.29 -9.85 0.23
CA PHE A 444 -53.97 -10.72 -0.89
C PHE A 444 -53.51 -9.89 -2.08
N ARG A 445 -52.41 -10.30 -2.69
CA ARG A 445 -51.88 -9.64 -3.87
C ARG A 445 -51.06 -10.64 -4.65
N HIS A 446 -50.86 -10.36 -5.94
CA HIS A 446 -50.10 -11.26 -6.80
C HIS A 446 -48.61 -10.93 -6.75
N GLY A 447 -48.24 -9.71 -7.10
CA GLY A 447 -46.86 -9.27 -7.01
C GLY A 447 -46.55 -8.62 -5.68
N LYS A 448 -45.40 -7.96 -5.64
CA LYS A 448 -44.96 -7.20 -4.48
C LYS A 448 -44.94 -5.72 -4.82
N ILE A 449 -45.29 -4.89 -3.84
CA ILE A 449 -45.42 -3.45 -4.10
C ILE A 449 -44.03 -2.82 -4.27
N LYS A 450 -44.01 -1.71 -5.00
CA LYS A 450 -42.80 -0.93 -5.18
C LYS A 450 -42.56 -0.05 -3.96
N PRO A 451 -41.32 0.39 -3.73
CA PRO A 451 -41.08 1.40 -2.71
C PRO A 451 -41.79 2.70 -3.05
N TYR A 452 -42.40 3.30 -2.02
CA TYR A 452 -43.24 4.51 -2.14
C TYR A 452 -44.38 4.32 -3.13
N GLY A 453 -44.95 3.12 -3.17
CA GLY A 453 -46.06 2.83 -4.07
C GLY A 453 -47.37 2.64 -3.33
N ARG A 454 -48.47 2.92 -4.02
CA ARG A 454 -49.79 2.87 -3.42
C ARG A 454 -50.74 2.10 -4.34
N ASP A 455 -51.53 1.20 -3.76
CA ASP A 455 -52.50 0.40 -4.49
C ASP A 455 -53.88 0.64 -3.91
N LEU A 456 -54.85 0.95 -4.79
CA LEU A 456 -56.20 1.25 -4.35
C LEU A 456 -57.27 0.40 -5.03
N SER A 457 -56.89 -0.58 -5.83
CA SER A 457 -57.86 -1.41 -6.52
C SER A 457 -58.60 -2.33 -5.55
N ASN A 458 -59.83 -2.68 -5.92
CA ASN A 458 -60.69 -3.50 -5.09
C ASN A 458 -61.32 -4.62 -5.92
N VAL A 459 -60.50 -5.29 -6.72
CA VAL A 459 -60.96 -6.38 -7.55
C VAL A 459 -60.86 -7.69 -6.78
N LEU A 460 -61.67 -8.68 -7.18
CA LEU A 460 -61.67 -9.96 -6.50
C LEU A 460 -60.38 -10.72 -6.80
N PHE A 461 -59.98 -11.58 -5.86
CA PHE A 461 -58.67 -12.23 -5.88
C PHE A 461 -58.83 -13.71 -6.19
N ASN A 462 -58.12 -14.18 -7.22
CA ASN A 462 -58.01 -15.60 -7.53
C ASN A 462 -56.60 -16.06 -7.20
N PRO A 463 -56.43 -17.00 -6.26
CA PRO A 463 -55.06 -17.40 -5.86
C PRO A 463 -54.26 -18.09 -6.95
N SER A 464 -54.91 -18.61 -7.99
CA SER A 464 -54.19 -19.24 -9.10
C SER A 464 -54.99 -18.97 -10.37
N GLY A 465 -54.61 -17.92 -11.10
CA GLY A 465 -55.30 -17.58 -12.33
C GLY A 465 -55.50 -16.10 -12.52
N GLY A 466 -56.57 -15.72 -13.21
CA GLY A 466 -56.88 -14.33 -13.47
C GLY A 466 -57.87 -13.75 -12.49
N THR A 467 -59.11 -13.58 -12.94
CA THR A 467 -60.18 -13.02 -12.12
C THR A 467 -61.30 -14.04 -11.98
N CYS A 468 -61.91 -14.08 -10.80
CA CYS A 468 -62.99 -15.03 -10.53
C CYS A 468 -64.36 -14.43 -10.81
N SER A 469 -64.54 -13.14 -10.48
CA SER A 469 -65.75 -12.35 -10.74
C SER A 469 -67.00 -12.91 -10.06
N ALA A 470 -66.83 -13.76 -9.05
CA ALA A 470 -67.95 -14.31 -8.30
C ALA A 470 -67.41 -14.81 -6.97
N GLU A 471 -67.85 -14.18 -5.88
CA GLU A 471 -67.32 -14.51 -4.56
C GLU A 471 -67.75 -15.91 -4.13
N GLY A 472 -66.81 -16.67 -3.57
CA GLY A 472 -67.06 -18.04 -3.18
C GLY A 472 -65.79 -18.85 -3.06
N LEU A 473 -65.77 -20.03 -3.69
CA LEU A 473 -64.59 -20.88 -3.63
C LEU A 473 -63.48 -20.32 -4.50
N ASN A 474 -62.28 -20.23 -3.93
CA ASN A 474 -61.08 -19.68 -4.59
C ASN A 474 -61.32 -18.27 -5.12
N CYS A 475 -62.04 -17.46 -4.33
CA CYS A 475 -62.33 -16.07 -4.70
C CYS A 475 -62.62 -15.31 -3.42
N TYR A 476 -61.72 -14.38 -3.06
CA TYR A 476 -61.84 -13.63 -1.83
C TYR A 476 -61.65 -12.15 -2.09
N LYS A 477 -62.21 -11.33 -1.21
CA LYS A 477 -61.93 -9.91 -1.24
C LYS A 477 -60.50 -9.66 -0.77
N PRO A 478 -59.75 -8.77 -1.43
CA PRO A 478 -58.34 -8.59 -1.08
C PRO A 478 -58.12 -7.73 0.16
N LEU A 479 -59.15 -7.09 0.69
CA LEU A 479 -59.02 -6.17 1.82
C LEU A 479 -59.58 -6.83 3.07
N ALA A 480 -58.74 -6.92 4.10
CA ALA A 480 -59.15 -7.41 5.41
C ALA A 480 -59.33 -6.25 6.37
N SER A 481 -60.13 -6.48 7.41
CA SER A 481 -60.50 -5.43 8.34
C SER A 481 -59.75 -5.61 9.66
N TYR A 482 -59.15 -4.52 10.14
CA TYR A 482 -58.56 -4.52 11.48
C TYR A 482 -59.67 -4.60 12.51
N GLY A 483 -59.63 -5.63 13.34
CA GLY A 483 -60.64 -5.75 14.39
C GLY A 483 -60.21 -5.02 15.65
N PHE A 484 -60.69 -3.80 15.82
CA PHE A 484 -60.35 -2.97 16.97
C PHE A 484 -61.50 -3.05 17.97
N THR A 485 -61.25 -3.73 19.09
CA THR A 485 -62.22 -3.86 20.16
C THR A 485 -61.61 -3.36 21.47
N GLN A 486 -62.45 -3.27 22.50
CA GLN A 486 -61.97 -2.82 23.80
C GLN A 486 -61.17 -3.90 24.50
N SER A 487 -61.60 -5.16 24.38
CA SER A 487 -60.94 -6.27 25.07
C SER A 487 -59.84 -6.88 24.17
N SER A 488 -58.83 -6.07 23.89
CA SER A 488 -57.71 -6.50 23.07
C SER A 488 -56.41 -6.07 23.75
N GLY A 489 -55.34 -6.80 23.43
CA GLY A 489 -54.03 -6.50 23.99
C GLY A 489 -53.39 -5.29 23.35
N ILE A 490 -52.18 -4.98 23.85
CA ILE A 490 -51.45 -3.82 23.35
C ILE A 490 -50.93 -4.04 21.94
N GLY A 491 -50.84 -5.29 21.49
CA GLY A 491 -50.42 -5.59 20.14
C GLY A 491 -51.53 -5.53 19.11
N PHE A 492 -52.76 -5.22 19.51
CA PHE A 492 -53.89 -5.15 18.60
C PHE A 492 -54.59 -3.80 18.63
N GLN A 493 -54.06 -2.83 19.39
CA GLN A 493 -54.62 -1.49 19.53
C GLN A 493 -54.04 -0.56 18.47
N PRO A 494 -54.84 0.36 17.92
CA PRO A 494 -54.38 1.16 16.78
C PRO A 494 -53.25 2.12 17.13
N TYR A 495 -52.37 2.33 16.15
CA TYR A 495 -51.24 3.23 16.26
C TYR A 495 -51.22 4.15 15.06
N ARG A 496 -50.84 5.41 15.29
CA ARG A 496 -50.69 6.39 14.21
C ARG A 496 -49.21 6.56 13.88
N VAL A 497 -48.88 6.37 12.61
CA VAL A 497 -47.49 6.36 12.15
C VAL A 497 -47.29 7.52 11.19
N VAL A 498 -46.26 8.32 11.43
CA VAL A 498 -45.88 9.42 10.56
C VAL A 498 -44.45 9.18 10.08
N VAL A 499 -44.25 9.20 8.76
CA VAL A 499 -42.95 8.97 8.15
C VAL A 499 -42.52 10.24 7.43
N LEU A 500 -41.39 10.80 7.83
CA LEU A 500 -40.84 12.01 7.24
C LEU A 500 -39.65 11.64 6.36
N SER A 501 -39.61 12.19 5.15
CA SER A 501 -38.52 11.97 4.22
C SER A 501 -37.99 13.32 3.75
N PHE A 502 -36.67 13.49 3.82
CA PHE A 502 -36.05 14.74 3.38
C PHE A 502 -34.73 14.43 2.66
N GLU A 503 -34.21 15.45 2.00
CA GLU A 503 -32.92 15.39 1.31
C GLU A 503 -32.01 16.46 1.88
N LEU A 504 -30.72 16.15 1.98
CA LEU A 504 -29.77 17.01 2.69
C LEU A 504 -28.62 17.42 1.79
N LEU A 505 -28.34 18.73 1.77
CA LEU A 505 -27.08 19.30 1.30
C LEU A 505 -26.79 19.02 -0.18
N ASN A 506 -27.84 18.92 -1.01
CA ASN A 506 -27.61 18.76 -2.44
C ASN A 506 -28.62 19.54 -3.28
N ALA A 507 -29.37 20.46 -2.68
CA ALA A 507 -30.42 21.19 -3.38
C ALA A 507 -30.71 22.46 -2.60
N PRO A 508 -31.33 23.47 -3.23
CA PRO A 508 -31.83 24.62 -2.46
C PRO A 508 -32.87 24.17 -1.45
N ALA A 509 -32.82 24.80 -0.28
CA ALA A 509 -33.59 24.35 0.88
C ALA A 509 -34.58 25.42 1.31
N THR A 510 -35.71 24.97 1.86
CA THR A 510 -36.76 25.85 2.34
C THR A 510 -37.21 25.55 3.77
N VAL A 511 -36.78 24.44 4.37
CA VAL A 511 -37.15 24.07 5.72
C VAL A 511 -35.88 23.97 6.55
N CYS A 512 -35.73 24.85 7.53
CA CYS A 512 -34.58 24.86 8.42
C CYS A 512 -35.01 24.84 9.89
N GLY A 513 -34.03 24.75 10.77
CA GLY A 513 -34.26 24.77 12.20
C GLY A 513 -34.09 26.15 12.78
N PRO A 514 -34.22 26.27 14.10
CA PRO A 514 -34.14 27.58 14.76
C PRO A 514 -32.71 28.05 15.04
N LYS A 515 -32.07 28.59 14.01
CA LYS A 515 -30.73 29.16 14.11
C LYS A 515 -30.81 30.66 13.82
N GLN A 516 -30.23 31.46 14.71
CA GLN A 516 -30.21 32.90 14.53
C GLN A 516 -29.07 33.30 13.59
N SER A 517 -29.37 34.21 12.67
CA SER A 517 -28.41 34.58 11.64
C SER A 517 -27.37 35.56 12.21
N THR A 518 -26.38 35.88 11.37
CA THR A 518 -25.27 36.72 11.75
C THR A 518 -24.87 37.54 10.53
N GLU A 519 -24.57 38.83 10.76
CA GLU A 519 -24.06 39.69 9.69
C GLU A 519 -22.74 39.15 9.17
N LEU A 520 -22.63 39.05 7.84
CA LEU A 520 -21.49 38.41 7.22
C LEU A 520 -20.34 39.40 7.01
N VAL A 521 -19.12 38.86 7.02
CA VAL A 521 -17.92 39.63 6.77
C VAL A 521 -17.13 38.93 5.67
N LYS A 522 -16.31 39.71 4.96
CA LYS A 522 -15.55 39.22 3.83
C LYS A 522 -14.06 39.44 4.04
N ASN A 523 -13.26 38.76 3.21
CA ASN A 523 -11.80 38.86 3.16
C ASN A 523 -11.13 38.43 4.45
N LYS A 524 -11.83 37.66 5.29
CA LYS A 524 -11.26 37.02 6.47
C LYS A 524 -11.75 35.58 6.51
N CYS A 525 -10.91 34.69 7.01
CA CYS A 525 -11.29 33.28 7.11
C CYS A 525 -12.01 33.04 8.44
N VAL A 526 -13.29 32.68 8.34
CA VAL A 526 -14.14 32.43 9.50
C VAL A 526 -14.85 31.10 9.27
N ASN A 527 -15.25 30.46 10.36
CA ASN A 527 -16.05 29.25 10.27
C ASN A 527 -17.50 29.64 10.02
N PHE A 528 -17.98 29.36 8.81
CA PHE A 528 -19.27 29.87 8.36
C PHE A 528 -20.35 28.79 8.49
N ASN A 529 -21.57 29.15 8.10
CA ASN A 529 -22.69 28.22 8.09
C ASN A 529 -23.71 28.74 7.07
N PHE A 530 -23.84 28.03 5.95
CA PHE A 530 -24.75 28.42 4.88
C PHE A 530 -25.74 27.27 4.68
N ASN A 531 -26.88 27.37 5.36
CA ASN A 531 -27.95 26.37 5.33
C ASN A 531 -27.44 24.98 5.71
N GLY A 532 -26.60 24.92 6.73
CA GLY A 532 -26.05 23.66 7.20
C GLY A 532 -24.71 23.28 6.61
N LEU A 533 -24.12 24.13 5.77
CA LEU A 533 -22.82 23.87 5.16
C LEU A 533 -21.76 24.60 5.98
N THR A 534 -21.08 23.87 6.86
CA THR A 534 -20.08 24.45 7.74
C THR A 534 -18.72 24.47 7.03
N GLY A 535 -17.68 24.86 7.76
CA GLY A 535 -16.35 24.94 7.20
C GLY A 535 -15.72 26.30 7.40
N THR A 536 -14.40 26.38 7.27
CA THR A 536 -13.66 27.63 7.48
C THR A 536 -13.01 28.05 6.16
N GLY A 537 -13.15 29.33 5.83
CA GLY A 537 -12.55 29.83 4.60
C GLY A 537 -12.81 31.31 4.45
N VAL A 538 -12.14 31.90 3.46
CA VAL A 538 -12.22 33.32 3.17
C VAL A 538 -13.38 33.55 2.21
N LEU A 539 -14.26 34.47 2.57
CA LEU A 539 -15.42 34.81 1.74
C LEU A 539 -15.07 36.00 0.84
N THR A 540 -15.32 35.84 -0.45
CA THR A 540 -15.02 36.89 -1.43
C THR A 540 -16.02 36.81 -2.56
N ASN A 541 -16.08 37.90 -3.34
CA ASN A 541 -17.01 37.96 -4.46
C ASN A 541 -16.54 37.04 -5.59
N SER A 542 -17.49 36.64 -6.43
CA SER A 542 -17.23 35.76 -7.55
C SER A 542 -17.93 36.32 -8.79
N THR A 543 -17.72 35.65 -9.92
CA THR A 543 -18.34 36.04 -11.18
C THR A 543 -19.26 34.99 -11.76
N LYS A 544 -19.30 33.78 -11.18
CA LYS A 544 -20.16 32.73 -11.71
C LYS A 544 -21.62 32.99 -11.37
N LYS A 545 -22.50 32.40 -12.18
CA LYS A 545 -23.94 32.48 -11.96
C LYS A 545 -24.57 31.24 -12.56
N PHE A 546 -25.36 30.52 -11.77
CA PHE A 546 -25.92 29.26 -12.23
C PHE A 546 -27.45 29.32 -12.22
N GLN A 547 -28.06 28.16 -12.49
CA GLN A 547 -29.48 28.05 -12.71
C GLN A 547 -30.27 28.28 -11.41
N PRO A 548 -31.55 28.62 -11.51
CA PRO A 548 -32.36 28.79 -10.29
C PRO A 548 -32.51 27.52 -9.46
N PHE A 549 -32.33 26.34 -10.03
CA PHE A 549 -32.41 25.11 -9.26
C PHE A 549 -31.07 24.68 -8.67
N GLN A 550 -29.98 25.41 -8.93
CA GLN A 550 -28.67 25.06 -8.43
C GLN A 550 -28.29 25.97 -7.26
N GLN A 551 -27.68 25.37 -6.24
CA GLN A 551 -27.31 26.05 -5.01
C GLN A 551 -25.81 26.02 -4.73
N PHE A 552 -25.16 24.88 -4.92
CA PHE A 552 -23.77 24.69 -4.55
C PHE A 552 -22.90 24.46 -5.78
N GLY A 553 -21.64 24.83 -5.65
CA GLY A 553 -20.64 24.58 -6.70
C GLY A 553 -19.47 23.81 -6.12
N ARG A 554 -18.99 22.82 -6.87
CA ARG A 554 -17.94 21.93 -6.40
C ARG A 554 -16.72 22.02 -7.30
N ASP A 555 -15.57 21.67 -6.73
CA ASP A 555 -14.29 21.71 -7.45
C ASP A 555 -13.99 20.34 -8.04
N VAL A 556 -12.77 20.17 -8.56
CA VAL A 556 -12.38 18.90 -9.17
C VAL A 556 -12.19 17.82 -8.11
N SER A 557 -11.82 18.21 -6.90
CA SER A 557 -11.60 17.26 -5.80
C SER A 557 -12.83 17.14 -4.90
N ASP A 558 -14.02 17.40 -5.46
CA ASP A 558 -15.29 17.42 -4.71
C ASP A 558 -15.23 18.37 -3.52
N PHE A 559 -14.63 19.53 -3.74
CA PHE A 559 -14.48 20.57 -2.72
C PHE A 559 -15.46 21.69 -3.01
N THR A 560 -16.21 22.11 -1.99
CA THR A 560 -17.18 23.18 -2.16
C THR A 560 -16.47 24.52 -2.25
N ASP A 561 -16.48 25.13 -3.44
CA ASP A 561 -15.81 26.40 -3.66
C ASP A 561 -16.77 27.51 -4.09
N SER A 562 -18.03 27.20 -4.39
CA SER A 562 -19.01 28.20 -4.78
C SER A 562 -20.29 27.98 -3.99
N VAL A 563 -20.94 29.09 -3.62
CA VAL A 563 -22.16 29.04 -2.83
C VAL A 563 -22.98 30.27 -3.15
N ARG A 564 -24.31 30.12 -3.10
CA ARG A 564 -25.23 31.24 -3.25
C ARG A 564 -25.73 31.64 -1.88
N ASP A 565 -25.57 32.92 -1.53
CA ASP A 565 -25.99 33.41 -0.22
C ASP A 565 -27.50 33.35 -0.11
N PRO A 566 -28.05 32.84 0.99
CA PRO A 566 -29.50 32.61 1.07
C PRO A 566 -30.31 33.87 1.30
N LYS A 567 -29.76 34.84 2.04
CA LYS A 567 -30.51 36.07 2.32
C LYS A 567 -30.54 36.98 1.10
N THR A 568 -29.38 37.43 0.64
CA THR A 568 -29.26 38.20 -0.60
C THR A 568 -28.75 37.27 -1.69
N LEU A 569 -29.50 37.15 -2.77
CA LEU A 569 -29.16 36.19 -3.82
C LEU A 569 -27.93 36.61 -4.59
N GLU A 570 -26.77 36.14 -4.16
CA GLU A 570 -25.50 36.45 -4.82
C GLU A 570 -24.57 35.26 -4.63
N ILE A 571 -23.57 35.17 -5.51
CA ILE A 571 -22.65 34.04 -5.54
C ILE A 571 -21.31 34.48 -4.97
N LEU A 572 -20.74 33.64 -4.10
CA LEU A 572 -19.47 33.90 -3.44
C LEU A 572 -18.53 32.73 -3.67
N ASP A 573 -17.24 32.98 -3.43
CA ASP A 573 -16.19 31.99 -3.61
C ASP A 573 -15.62 31.57 -2.26
N ILE A 574 -15.28 30.30 -2.13
CA ILE A 574 -14.76 29.71 -0.90
C ILE A 574 -13.28 29.41 -1.10
N ALA A 575 -12.45 29.85 -0.16
CA ALA A 575 -11.02 29.58 -0.21
C ALA A 575 -10.42 29.64 1.18
N PRO A 576 -9.54 28.71 1.54
CA PRO A 576 -8.93 28.72 2.87
C PRO A 576 -7.85 29.80 2.98
N CYS A 577 -7.46 30.09 4.22
CA CYS A 577 -6.40 31.04 4.50
C CYS A 577 -5.11 30.36 4.96
N SER A 578 -4.98 29.05 4.74
CA SER A 578 -3.75 28.33 5.02
C SER A 578 -2.99 28.17 3.70
N TYR A 579 -1.85 28.84 3.60
CA TYR A 579 -1.16 28.95 2.32
C TYR A 579 0.31 29.27 2.56
N GLY A 580 1.13 28.95 1.58
CA GLY A 580 2.54 29.31 1.61
C GLY A 580 3.40 28.26 2.28
N GLY A 581 4.69 28.32 1.98
CA GLY A 581 5.69 27.44 2.56
C GLY A 581 6.55 28.20 3.55
N VAL A 582 6.84 27.57 4.69
CA VAL A 582 7.60 28.19 5.77
C VAL A 582 8.78 27.28 6.10
N SER A 583 9.98 27.85 6.09
CA SER A 583 11.20 27.13 6.42
C SER A 583 11.95 27.88 7.52
N VAL A 584 12.59 27.12 8.42
CA VAL A 584 13.29 27.66 9.57
C VAL A 584 14.75 27.26 9.49
N ILE A 585 15.64 28.23 9.57
CA ILE A 585 17.08 28.01 9.54
C ILE A 585 17.63 28.17 10.94
N THR A 586 18.34 27.15 11.43
CA THR A 586 18.93 27.20 12.75
C THR A 586 20.39 26.79 12.68
N PRO A 587 21.25 27.43 13.48
CA PRO A 587 22.67 27.03 13.52
C PRO A 587 22.99 25.90 14.49
N GLY A 588 21.98 25.30 15.12
CA GLY A 588 22.22 24.27 16.11
C GLY A 588 21.63 24.65 17.45
N THR A 589 21.17 23.65 18.22
CA THR A 589 20.53 23.93 19.49
C THR A 589 21.55 24.32 20.56
N ASN A 590 22.69 23.64 20.60
CA ASN A 590 23.72 23.96 21.58
C ASN A 590 24.57 25.16 21.18
N ALA A 591 24.51 25.57 19.91
CA ALA A 591 25.26 26.74 19.48
C ALA A 591 24.55 28.03 19.88
N SER A 592 23.28 28.15 19.54
CA SER A 592 22.49 29.34 19.87
C SER A 592 21.02 28.93 19.92
N SER A 593 20.15 29.93 20.09
CA SER A 593 18.71 29.70 20.10
C SER A 593 17.97 30.65 19.16
N SER A 594 18.68 31.33 18.26
CA SER A 594 18.07 32.23 17.30
C SER A 594 17.87 31.53 15.96
N VAL A 595 16.82 31.93 15.25
CA VAL A 595 16.44 31.31 13.99
C VAL A 595 16.11 32.38 12.97
N ALA A 596 16.10 31.98 11.71
CA ALA A 596 15.61 32.81 10.60
C ALA A 596 14.53 32.04 9.87
N VAL A 597 13.47 32.76 9.47
CA VAL A 597 12.31 32.16 8.84
C VAL A 597 12.27 32.60 7.39
N LEU A 598 12.11 31.65 6.48
CA LEU A 598 12.02 31.90 5.05
C LEU A 598 10.62 31.54 4.57
N TYR A 599 9.94 32.50 3.97
CA TYR A 599 8.60 32.31 3.42
C TYR A 599 8.71 32.16 1.91
N GLN A 600 8.20 31.04 1.38
CA GLN A 600 8.58 30.60 0.05
C GLN A 600 8.01 31.49 -1.05
N ASP A 601 6.73 31.81 -0.99
CA ASP A 601 6.04 32.47 -2.10
C ASP A 601 5.24 33.66 -1.61
N VAL A 602 5.85 34.50 -0.79
CA VAL A 602 5.26 35.78 -0.43
C VAL A 602 6.17 36.90 -0.93
N ASN A 603 5.58 38.04 -1.24
CA ASN A 603 6.33 39.25 -1.49
C ASN A 603 6.68 39.86 -0.14
N CYS A 604 7.91 40.33 -0.01
CA CYS A 604 8.42 40.64 1.32
C CYS A 604 8.17 42.10 1.67
N THR A 605 6.91 42.50 1.52
CA THR A 605 6.43 43.82 1.92
C THR A 605 5.12 43.68 2.70
N ASP A 606 4.39 42.61 2.42
CA ASP A 606 3.07 42.35 3.00
C ASP A 606 3.01 40.96 3.61
N VAL A 607 4.04 40.63 4.41
CA VAL A 607 4.02 39.37 5.15
C VAL A 607 2.85 39.26 6.13
N PRO A 608 2.54 40.25 6.98
CA PRO A 608 1.42 40.08 7.92
C PRO A 608 0.04 39.97 7.27
N THR A 609 -0.08 40.22 5.96
CA THR A 609 -1.32 39.89 5.27
C THR A 609 -1.58 38.39 5.29
N MET A 610 -0.52 37.59 5.14
CA MET A 610 -0.61 36.14 5.29
C MET A 610 -0.09 35.64 6.63
N LEU A 611 0.38 36.55 7.49
CA LEU A 611 0.97 36.24 8.78
C LEU A 611 0.42 37.17 9.85
N HIS A 612 -0.91 37.23 9.96
CA HIS A 612 -1.63 38.15 10.82
C HIS A 612 -1.17 38.10 12.27
N ALA A 613 -0.59 39.21 12.75
CA ALA A 613 0.04 39.25 14.06
C ALA A 613 -0.96 39.47 15.19
N ASP A 614 -2.23 39.76 14.88
CA ASP A 614 -3.21 39.95 15.93
C ASP A 614 -3.75 38.64 16.49
N GLN A 615 -3.55 37.53 15.78
CA GLN A 615 -4.05 36.24 16.21
C GLN A 615 -2.96 35.29 16.72
N ILE A 616 -1.69 35.67 16.60
CA ILE A 616 -0.58 34.82 17.02
C ILE A 616 0.16 35.52 18.15
N SER A 617 1.13 34.81 18.72
CA SER A 617 1.89 35.32 19.84
C SER A 617 2.84 36.43 19.41
N HIS A 618 3.34 37.17 20.40
CA HIS A 618 4.25 38.29 20.11
C HIS A 618 5.62 37.81 19.66
N ASP A 619 6.03 36.62 20.08
CA ASP A 619 7.29 36.06 19.59
C ASP A 619 7.21 35.76 18.11
N TRP A 620 6.03 35.40 17.61
CA TRP A 620 5.84 35.24 16.17
C TRP A 620 5.73 36.58 15.45
N ARG A 621 5.17 37.60 16.12
CA ARG A 621 5.12 38.92 15.51
C ARG A 621 6.49 39.60 15.47
N VAL A 622 7.44 39.12 16.30
CA VAL A 622 8.82 39.55 16.17
C VAL A 622 9.38 39.13 14.81
N TYR A 623 9.11 37.89 14.40
CA TYR A 623 9.54 37.40 13.10
C TYR A 623 8.58 37.76 11.97
N ALA A 624 7.43 38.37 12.29
CA ALA A 624 6.53 38.82 11.22
C ALA A 624 7.11 40.03 10.50
N PHE A 625 7.69 40.98 11.24
CA PHE A 625 8.34 42.14 10.65
C PHE A 625 9.52 42.52 11.53
N ARG A 626 10.62 42.91 10.89
CA ARG A 626 11.85 43.27 11.60
C ARG A 626 12.01 44.77 11.62
N ASN A 627 12.33 45.31 12.80
CA ASN A 627 12.47 46.75 12.95
C ASN A 627 13.70 47.27 12.22
N ASP A 628 14.85 46.63 12.41
CA ASP A 628 16.09 47.07 11.80
C ASP A 628 16.29 46.37 10.45
N GLY A 629 17.48 46.53 9.88
CA GLY A 629 17.77 46.00 8.55
C GLY A 629 18.12 44.54 8.51
N ASN A 630 17.25 43.68 9.03
CA ASN A 630 17.41 42.24 8.95
C ASN A 630 16.26 41.60 8.19
N ILE A 631 15.60 42.37 7.33
CA ILE A 631 14.51 41.89 6.50
C ILE A 631 14.79 42.27 5.05
N PHE A 632 14.79 41.29 4.17
CA PHE A 632 15.07 41.54 2.76
C PHE A 632 14.50 40.38 1.95
N GLN A 633 14.38 40.61 0.64
CA GLN A 633 13.77 39.66 -0.29
C GLN A 633 14.85 38.96 -1.10
N THR A 634 14.87 37.63 -1.01
CA THR A 634 15.73 36.80 -1.84
C THR A 634 14.93 36.33 -3.05
N GLN A 635 15.61 35.58 -3.93
CA GLN A 635 14.93 35.02 -5.08
C GLN A 635 14.07 33.82 -4.71
N ALA A 636 14.33 33.19 -3.56
CA ALA A 636 13.51 32.08 -3.07
C ALA A 636 12.40 32.53 -2.14
N GLY A 637 12.31 33.80 -1.82
CA GLY A 637 11.28 34.31 -0.94
C GLY A 637 11.82 35.44 -0.09
N CYS A 638 11.13 35.71 1.02
CA CYS A 638 11.54 36.73 1.97
C CYS A 638 12.22 36.07 3.15
N LEU A 639 13.46 36.47 3.42
CA LEU A 639 14.23 35.94 4.53
C LEU A 639 14.22 36.96 5.66
N ILE A 640 13.73 36.56 6.83
CA ILE A 640 13.55 37.45 7.97
C ILE A 640 14.44 36.96 9.11
N GLY A 641 15.26 37.86 9.65
CA GLY A 641 16.13 37.54 10.76
C GLY A 641 17.56 37.27 10.40
N ALA A 642 17.96 37.47 9.15
CA ALA A 642 19.34 37.25 8.71
C ALA A 642 19.83 38.49 7.97
N ALA A 643 21.01 38.96 8.35
CA ALA A 643 21.63 40.09 7.67
C ALA A 643 22.23 39.63 6.34
N TYR A 644 22.30 40.57 5.40
CA TYR A 644 22.83 40.30 4.07
C TYR A 644 24.27 40.77 3.97
N ASP A 645 25.07 40.01 3.20
CA ASP A 645 26.48 40.32 2.99
C ASP A 645 26.76 40.36 1.49
N ASN A 646 27.82 41.09 1.14
CA ASN A 646 28.21 41.23 -0.26
C ASN A 646 29.34 40.31 -0.66
N SER A 647 30.15 39.85 0.29
CA SER A 647 31.23 38.91 -0.03
C SER A 647 30.65 37.53 -0.32
N SER A 648 31.40 36.74 -1.08
CA SER A 648 30.97 35.42 -1.51
C SER A 648 31.90 34.37 -0.93
N TYR A 649 31.33 33.34 -0.32
CA TYR A 649 32.10 32.23 0.23
C TYR A 649 31.52 30.89 -0.24
N GLU A 650 32.05 29.80 0.28
CA GLU A 650 31.48 28.49 0.01
C GLU A 650 30.16 28.31 0.76
N CYS A 651 29.31 27.44 0.23
CA CYS A 651 27.99 27.24 0.81
C CYS A 651 28.08 26.42 2.09
N ASP A 652 27.53 26.95 3.17
CA ASP A 652 27.44 26.23 4.44
C ASP A 652 26.05 25.64 4.66
N ILE A 653 25.02 26.47 4.62
CA ILE A 653 23.63 26.02 4.76
C ILE A 653 22.88 26.42 3.48
N PRO A 654 22.48 25.46 2.64
CA PRO A 654 21.82 25.81 1.37
C PRO A 654 20.40 26.30 1.61
N ILE A 655 20.10 27.49 1.11
CA ILE A 655 18.76 28.07 1.21
C ILE A 655 17.99 27.90 -0.09
N GLY A 656 18.59 28.29 -1.20
CA GLY A 656 17.95 28.16 -2.51
C GLY A 656 18.26 29.37 -3.38
N ALA A 657 18.26 29.15 -4.70
CA ALA A 657 18.51 30.17 -5.72
C ALA A 657 19.86 30.86 -5.52
N GLY A 658 20.87 30.08 -5.15
CA GLY A 658 22.21 30.60 -4.99
C GLY A 658 22.50 31.29 -3.67
N ILE A 659 21.57 31.28 -2.73
CA ILE A 659 21.73 31.92 -1.43
C ILE A 659 22.10 30.86 -0.42
N CYS A 660 23.12 31.14 0.40
CA CYS A 660 23.53 30.26 1.48
C CYS A 660 23.59 31.07 2.77
N ALA A 661 23.84 30.37 3.88
CA ALA A 661 23.88 31.02 5.18
C ALA A 661 24.88 30.32 6.09
N LYS A 662 25.37 31.06 7.09
CA LYS A 662 26.33 30.53 8.03
C LYS A 662 26.24 31.31 9.33
N TYR A 663 26.81 30.73 10.38
CA TYR A 663 26.82 31.33 11.72
C TYR A 663 28.23 31.80 12.03
N THR A 664 28.39 33.10 12.28
CA THR A 664 29.69 33.68 12.51
C THR A 664 29.54 34.95 13.35
N ASN A 665 30.68 35.53 13.72
CA ASN A 665 30.72 36.73 14.54
C ASN A 665 30.91 37.96 13.67
N VAL A 666 30.16 39.02 13.98
CA VAL A 666 30.24 40.27 13.23
C VAL A 666 30.56 41.42 14.18
N GLY A 675 27.47 40.83 18.28
CA GLY A 675 27.98 39.50 18.59
C GLY A 675 27.73 38.51 17.48
N HIS A 676 27.54 37.25 17.86
CA HIS A 676 27.29 36.20 16.88
C HIS A 676 25.89 36.34 16.29
N SER A 677 25.81 36.23 14.96
CA SER A 677 24.55 36.28 14.25
C SER A 677 24.73 35.56 12.92
N ILE A 678 23.62 35.17 12.33
CA ILE A 678 23.68 34.46 11.05
C ILE A 678 23.60 35.49 9.93
N LEU A 679 24.21 35.14 8.80
CA LEU A 679 24.31 36.04 7.65
C LEU A 679 23.88 35.31 6.39
N ALA A 680 23.39 36.06 5.42
CA ALA A 680 23.01 35.54 4.12
C ALA A 680 23.94 36.10 3.05
N TYR A 681 24.32 35.25 2.10
CA TYR A 681 25.27 35.64 1.08
C TYR A 681 25.04 34.81 -0.18
N THR A 682 25.59 35.29 -1.29
CA THR A 682 25.58 34.54 -2.54
C THR A 682 26.81 33.64 -2.60
N MET A 683 26.60 32.37 -2.93
CA MET A 683 27.69 31.41 -2.93
C MET A 683 28.64 31.66 -4.10
N SER A 684 29.91 31.39 -3.87
CA SER A 684 30.95 31.57 -4.88
C SER A 684 31.16 30.26 -5.64
N LEU A 685 31.15 30.35 -6.97
CA LEU A 685 31.31 29.16 -7.79
C LEU A 685 32.75 28.65 -7.80
N GLY A 686 33.72 29.54 -7.69
CA GLY A 686 35.10 29.11 -7.71
C GLY A 686 36.03 30.31 -7.68
N ASP A 687 37.31 30.04 -7.91
CA ASP A 687 38.34 31.06 -7.91
C ASP A 687 38.71 31.44 -9.34
N ASN A 688 38.80 32.74 -9.60
CA ASN A 688 39.14 33.22 -10.93
C ASN A 688 40.61 32.98 -11.23
N GLN A 689 40.92 32.78 -12.50
CA GLN A 689 42.29 32.54 -12.95
C GLN A 689 42.75 33.55 -14.00
N ASP A 690 41.87 33.93 -14.93
CA ASP A 690 42.13 34.91 -15.99
C ASP A 690 43.32 34.48 -16.87
N ILE A 691 43.12 33.35 -17.55
CA ILE A 691 44.12 32.86 -18.48
C ILE A 691 44.03 33.65 -19.80
N VAL A 692 45.13 33.64 -20.55
CA VAL A 692 45.24 34.41 -21.79
C VAL A 692 45.65 33.48 -22.92
N TYR A 693 45.37 33.92 -24.15
CA TYR A 693 45.73 33.21 -25.36
C TYR A 693 46.82 34.00 -26.09
N SER A 694 47.92 33.32 -26.42
CA SER A 694 49.06 33.97 -27.03
C SER A 694 49.42 33.45 -28.41
N ASN A 695 48.97 32.25 -28.79
CA ASN A 695 49.08 31.64 -30.12
C ASN A 695 50.51 31.33 -30.55
N ASN A 696 51.50 31.63 -29.70
CA ASN A 696 52.89 31.39 -30.04
C ASN A 696 53.70 30.73 -28.93
N THR A 697 53.24 30.77 -27.68
CA THR A 697 54.02 30.25 -26.56
C THR A 697 53.49 28.88 -26.13
N ILE A 698 54.06 28.35 -25.05
CA ILE A 698 53.87 26.98 -24.62
C ILE A 698 54.06 26.95 -23.10
N ALA A 699 53.71 25.84 -22.47
CA ALA A 699 53.95 25.65 -21.04
C ALA A 699 54.33 24.19 -20.80
N ILE A 700 55.59 23.93 -20.50
CA ILE A 700 56.09 22.59 -20.21
C ILE A 700 56.51 22.55 -18.75
N PRO A 701 56.00 21.61 -17.96
CA PRO A 701 56.47 21.46 -16.58
C PRO A 701 57.90 20.93 -16.55
N MET A 702 58.65 21.36 -15.53
CA MET A 702 60.01 20.88 -15.33
C MET A 702 60.17 20.08 -14.04
N ASN A 703 59.07 19.74 -13.37
CA ASN A 703 59.12 18.92 -12.17
C ASN A 703 57.78 18.20 -12.02
N PHE A 704 57.68 17.37 -11.00
CA PHE A 704 56.50 16.55 -10.78
C PHE A 704 56.44 16.12 -9.33
N SER A 705 55.29 15.57 -8.94
CA SER A 705 55.09 15.08 -7.58
C SER A 705 54.15 13.88 -7.62
N ILE A 706 54.24 13.06 -6.58
CA ILE A 706 53.43 11.86 -6.44
C ILE A 706 52.34 12.13 -5.42
N SER A 707 51.09 11.88 -5.81
CA SER A 707 49.93 12.16 -4.97
C SER A 707 49.14 10.88 -4.73
N VAL A 708 48.71 10.68 -3.50
CA VAL A 708 47.88 9.54 -3.12
C VAL A 708 46.57 10.08 -2.55
N THR A 709 45.46 9.71 -3.17
CA THR A 709 44.13 10.14 -2.76
C THR A 709 43.30 8.92 -2.34
N THR A 710 42.07 9.18 -1.92
CA THR A 710 41.19 8.14 -1.39
C THR A 710 39.85 8.19 -2.12
N GLU A 711 39.14 7.04 -2.08
CA GLU A 711 37.81 6.94 -2.63
C GLU A 711 37.07 5.84 -1.90
N VAL A 712 35.87 6.16 -1.40
CA VAL A 712 35.08 5.25 -0.58
C VAL A 712 33.82 4.87 -1.33
N LEU A 713 33.55 3.57 -1.42
CA LEU A 713 32.39 3.06 -2.13
C LEU A 713 31.66 2.04 -1.26
N PRO A 714 30.35 2.20 -1.06
CA PRO A 714 29.57 1.16 -0.38
C PRO A 714 29.50 -0.11 -1.23
N VAL A 715 29.39 -1.25 -0.54
CA VAL A 715 29.39 -2.54 -1.23
C VAL A 715 28.13 -3.33 -0.87
N SER A 716 27.87 -3.50 0.43
CA SER A 716 26.77 -4.34 0.88
C SER A 716 26.03 -3.67 2.01
N MET A 717 24.76 -4.03 2.16
CA MET A 717 23.91 -3.56 3.25
C MET A 717 23.59 -4.71 4.20
N THR A 718 22.91 -4.40 5.29
CA THR A 718 22.57 -5.38 6.29
C THR A 718 21.44 -6.29 5.79
N LYS A 719 21.52 -7.56 6.18
CA LYS A 719 20.54 -8.56 5.80
C LYS A 719 19.52 -8.73 6.92
N THR A 720 18.24 -8.62 6.56
CA THR A 720 17.15 -8.67 7.53
C THR A 720 16.13 -9.71 7.09
N SER A 721 15.57 -10.41 8.08
CA SER A 721 14.48 -11.34 7.85
C SER A 721 13.44 -11.15 8.94
N VAL A 722 12.18 -11.00 8.52
CA VAL A 722 11.06 -10.84 9.43
C VAL A 722 10.01 -11.89 9.12
N ASP A 723 9.58 -12.62 10.14
CA ASP A 723 8.45 -13.53 10.00
C ASP A 723 7.15 -12.75 10.10
N CYS A 724 6.15 -13.17 9.31
CA CYS A 724 4.85 -12.51 9.33
C CYS A 724 4.20 -12.63 10.71
N ASN A 725 4.17 -13.83 11.26
CA ASN A 725 3.75 -13.98 12.65
C ASN A 725 4.80 -13.39 13.58
N MET A 726 4.40 -13.16 14.83
CA MET A 726 5.16 -12.57 15.93
C MET A 726 5.33 -11.06 15.73
N TYR A 727 4.94 -10.54 14.57
CA TYR A 727 4.86 -9.10 14.35
C TYR A 727 3.42 -8.59 14.30
N ILE A 728 2.58 -9.19 13.44
CA ILE A 728 1.18 -8.79 13.38
C ILE A 728 0.49 -9.15 14.68
N CYS A 729 0.89 -10.26 15.29
CA CYS A 729 0.25 -10.82 16.46
C CYS A 729 1.35 -11.47 17.30
N GLY A 730 0.96 -12.36 18.21
CA GLY A 730 1.93 -13.12 18.95
C GLY A 730 1.45 -13.52 20.33
N ASP A 731 1.64 -14.81 20.66
CA ASP A 731 1.04 -15.44 21.85
C ASP A 731 -0.46 -15.20 21.90
N SER A 732 -1.10 -15.29 20.74
CA SER A 732 -2.53 -15.04 20.60
C SER A 732 -3.04 -15.94 19.49
N THR A 733 -3.59 -17.10 19.86
CA THR A 733 -4.03 -18.06 18.86
C THR A 733 -5.33 -17.65 18.19
N GLU A 734 -6.09 -16.72 18.78
CA GLU A 734 -7.30 -16.23 18.15
C GLU A 734 -7.04 -15.43 16.89
N CYS A 735 -5.84 -14.86 16.76
CA CYS A 735 -5.47 -14.12 15.56
C CYS A 735 -4.79 -15.00 14.52
N SER A 736 -3.99 -15.99 14.95
CA SER A 736 -3.23 -16.80 14.02
C SER A 736 -4.13 -17.64 13.11
N ASN A 737 -5.35 -17.94 13.55
CA ASN A 737 -6.32 -18.56 12.67
C ASN A 737 -6.98 -17.56 11.72
N LEU A 738 -6.92 -16.27 12.05
CA LEU A 738 -7.45 -15.22 11.18
C LEU A 738 -6.42 -14.71 10.17
N LEU A 739 -5.13 -14.88 10.46
CA LEU A 739 -4.06 -14.49 9.55
C LEU A 739 -3.85 -15.49 8.42
N LEU A 740 -4.44 -16.69 8.53
CA LEU A 740 -4.18 -17.75 7.57
C LEU A 740 -4.64 -17.39 6.17
N GLN A 741 -5.79 -16.72 6.06
CA GLN A 741 -6.28 -16.27 4.76
C GLN A 741 -5.40 -15.16 4.17
N TYR A 742 -4.58 -14.52 4.98
CA TYR A 742 -3.60 -13.55 4.51
C TYR A 742 -2.22 -14.17 4.34
N GLY A 743 -2.11 -15.50 4.51
CA GLY A 743 -0.80 -16.14 4.59
C GLY A 743 0.03 -15.99 3.32
N SER A 744 -0.63 -16.01 2.16
CA SER A 744 0.06 -15.79 0.89
C SER A 744 0.70 -14.40 0.87
N PHE A 745 -0.02 -13.39 1.38
CA PHE A 745 0.53 -12.04 1.50
C PHE A 745 1.79 -12.02 2.36
N CYS A 746 1.91 -12.96 3.29
CA CYS A 746 3.13 -13.06 4.09
C CYS A 746 4.28 -13.63 3.27
N THR A 747 4.00 -14.68 2.47
CA THR A 747 5.07 -15.39 1.77
C THR A 747 5.73 -14.50 0.72
N GLN A 748 4.91 -13.72 0.01
CA GLN A 748 5.42 -12.76 -0.96
C GLN A 748 6.35 -11.74 -0.32
N LEU A 749 6.15 -11.46 0.97
CA LEU A 749 7.10 -10.61 1.68
C LEU A 749 8.44 -11.31 1.84
N ASN A 750 8.42 -12.56 2.34
CA ASN A 750 9.65 -13.22 2.76
C ASN A 750 10.56 -13.52 1.58
N ARG A 751 10.00 -14.06 0.50
CA ARG A 751 10.75 -14.32 -0.72
C ARG A 751 11.27 -13.05 -1.37
N ALA A 752 10.75 -11.87 -1.00
CA ALA A 752 11.41 -10.64 -1.39
C ALA A 752 12.70 -10.42 -0.62
N LEU A 753 12.62 -10.51 0.72
CA LEU A 753 13.75 -10.15 1.57
C LEU A 753 14.91 -11.12 1.40
N ALA A 754 14.62 -12.41 1.29
CA ALA A 754 15.66 -13.40 1.00
C ALA A 754 16.32 -13.12 -0.34
N GLY A 755 15.54 -12.61 -1.30
CA GLY A 755 16.12 -12.21 -2.57
C GLY A 755 17.13 -11.09 -2.43
N ILE A 756 16.94 -10.21 -1.44
CA ILE A 756 17.96 -9.24 -1.11
C ILE A 756 19.15 -9.92 -0.45
N ALA A 757 18.88 -10.87 0.46
CA ALA A 757 19.89 -11.37 1.38
C ALA A 757 21.00 -12.15 0.68
N VAL A 758 20.66 -12.92 -0.36
CA VAL A 758 21.70 -13.60 -1.11
C VAL A 758 22.51 -12.61 -1.95
N GLU A 759 21.88 -11.53 -2.41
CA GLU A 759 22.55 -10.60 -3.32
C GLU A 759 23.69 -9.86 -2.62
N GLN A 760 23.48 -9.51 -1.34
CA GLN A 760 24.55 -8.89 -0.56
C GLN A 760 25.72 -9.84 -0.33
N ASP A 761 25.46 -11.15 -0.38
CA ASP A 761 26.56 -12.10 -0.32
C ASP A 761 27.29 -12.19 -1.66
N ARG A 762 26.59 -11.91 -2.76
CA ARG A 762 27.21 -11.95 -4.08
C ARG A 762 28.07 -10.73 -4.33
N ASN A 763 27.62 -9.56 -3.87
CA ASN A 763 28.27 -8.28 -4.18
C ASN A 763 29.71 -8.26 -3.70
N THR A 764 29.93 -8.64 -2.44
CA THR A 764 31.28 -8.76 -1.90
C THR A 764 32.10 -9.75 -2.70
N ARG A 765 31.49 -10.86 -3.10
CA ARG A 765 32.17 -11.86 -3.93
C ARG A 765 32.55 -11.29 -5.29
N ASP A 766 31.82 -10.30 -5.77
CA ASP A 766 32.18 -9.66 -7.03
C ASP A 766 33.25 -8.59 -6.88
N VAL A 767 33.59 -8.20 -5.66
CA VAL A 767 34.55 -7.11 -5.43
C VAL A 767 35.90 -7.64 -4.98
N PHE A 768 35.91 -8.48 -3.94
CA PHE A 768 37.17 -8.91 -3.32
C PHE A 768 37.69 -10.24 -3.83
N ALA A 769 36.82 -11.09 -4.39
CA ALA A 769 37.26 -12.39 -4.92
C ALA A 769 37.67 -12.24 -6.38
N GLN A 770 38.81 -11.57 -6.57
CA GLN A 770 39.38 -11.35 -7.90
C GLN A 770 40.61 -12.20 -8.17
N THR A 771 41.41 -12.51 -7.15
CA THR A 771 42.61 -13.32 -7.34
C THR A 771 42.25 -14.79 -7.40
N LYS A 772 42.88 -15.51 -8.33
CA LYS A 772 42.70 -16.95 -8.44
C LYS A 772 43.54 -17.72 -7.45
N ALA A 773 44.53 -17.09 -6.82
CA ALA A 773 45.40 -17.74 -5.87
C ALA A 773 45.61 -16.82 -4.67
N MET A 774 45.88 -17.43 -3.52
CA MET A 774 46.14 -16.70 -2.27
C MET A 774 47.64 -16.51 -2.15
N TYR A 775 48.12 -15.37 -2.62
CA TYR A 775 49.56 -15.09 -2.61
C TYR A 775 50.02 -14.79 -1.19
N LYS A 776 51.12 -15.42 -0.79
CA LYS A 776 51.65 -15.21 0.55
C LYS A 776 52.27 -13.82 0.68
N THR A 777 52.10 -13.23 1.86
CA THR A 777 52.67 -11.92 2.13
C THR A 777 54.19 -12.04 2.23
N PRO A 778 54.95 -11.26 1.47
CA PRO A 778 56.41 -11.34 1.56
C PRO A 778 56.93 -10.85 2.90
N SER A 779 58.03 -11.45 3.35
CA SER A 779 58.60 -11.09 4.64
C SER A 779 59.25 -9.71 4.60
N LEU A 780 59.80 -9.32 3.46
CA LEU A 780 60.40 -7.99 3.31
C LEU A 780 59.34 -7.02 2.84
N LYS A 781 59.11 -5.96 3.62
CA LYS A 781 58.09 -4.97 3.30
C LYS A 781 58.62 -3.79 2.50
N ASP A 782 59.91 -3.79 2.14
CA ASP A 782 60.52 -2.71 1.39
C ASP A 782 60.89 -3.20 0.01
N PHE A 783 60.42 -2.50 -1.02
CA PHE A 783 60.67 -2.86 -2.41
C PHE A 783 61.28 -1.66 -3.12
N GLY A 784 62.62 -1.59 -3.14
CA GLY A 784 63.32 -0.51 -3.82
C GLY A 784 63.11 0.84 -3.19
N GLY A 785 63.03 0.90 -1.86
CA GLY A 785 62.82 2.15 -1.15
C GLY A 785 61.37 2.50 -0.90
N PHE A 786 60.42 1.76 -1.47
CA PHE A 786 59.00 2.00 -1.25
C PHE A 786 58.57 1.21 -0.02
N ASN A 787 57.99 1.91 0.96
CA ASN A 787 57.59 1.32 2.23
C ASN A 787 56.16 0.83 2.12
N PHE A 788 55.97 -0.48 2.13
CA PHE A 788 54.67 -1.10 2.01
C PHE A 788 54.13 -1.63 3.34
N SER A 789 54.77 -1.28 4.46
CA SER A 789 54.43 -1.88 5.74
C SER A 789 53.12 -1.36 6.31
N GLN A 790 52.65 -0.19 5.87
CA GLN A 790 51.43 0.38 6.42
C GLN A 790 50.16 -0.15 5.77
N ILE A 791 50.28 -0.95 4.71
CA ILE A 791 49.13 -1.49 4.00
C ILE A 791 49.14 -3.02 3.97
N LEU A 792 50.03 -3.65 4.72
CA LEU A 792 50.15 -5.10 4.74
C LEU A 792 50.16 -5.60 6.19
N PRO A 793 49.69 -6.82 6.42
CA PRO A 793 49.78 -7.42 7.75
C PRO A 793 51.24 -7.69 8.14
N ASP A 794 51.49 -7.66 9.44
CA ASP A 794 52.81 -7.82 10.00
C ASP A 794 52.95 -9.16 10.71
N PRO A 795 54.19 -9.67 10.86
CA PRO A 795 54.39 -10.84 11.71
C PRO A 795 54.10 -10.54 13.17
N ALA A 796 53.92 -11.61 13.94
CA ALA A 796 53.37 -11.56 15.31
C ALA A 796 52.03 -10.82 15.29
N LYS A 797 51.09 -11.46 14.60
CA LYS A 797 49.83 -10.83 14.20
C LYS A 797 48.95 -10.50 15.39
N PRO A 798 48.59 -9.23 15.61
CA PRO A 798 47.58 -8.94 16.64
C PRO A 798 46.17 -9.25 16.18
N SER A 799 45.83 -8.91 14.94
CA SER A 799 44.49 -9.18 14.39
C SER A 799 44.53 -9.65 12.95
N SER A 800 45.72 -9.91 12.39
CA SER A 800 45.91 -10.31 11.00
C SER A 800 45.30 -9.31 10.03
N ARG A 801 45.48 -8.01 10.32
CA ARG A 801 44.85 -6.95 9.57
C ARG A 801 45.80 -5.77 9.50
N SER A 802 45.77 -5.06 8.37
CA SER A 802 46.70 -3.96 8.13
C SER A 802 46.42 -2.79 9.08
N PHE A 803 47.41 -1.90 9.19
CA PHE A 803 47.32 -0.80 10.13
C PHE A 803 46.31 0.25 9.68
N ILE A 804 46.33 0.61 8.40
CA ILE A 804 45.35 1.55 7.87
C ILE A 804 43.96 0.91 7.88
N GLU A 805 43.89 -0.41 7.61
CA GLU A 805 42.62 -1.12 7.65
C GLU A 805 42.01 -1.10 9.05
N ASP A 806 42.84 -1.09 10.09
CA ASP A 806 42.34 -0.90 11.44
C ASP A 806 41.86 0.53 11.69
N LEU A 807 42.36 1.49 10.91
CA LEU A 807 41.92 2.87 11.06
C LEU A 807 40.61 3.14 10.32
N LEU A 808 40.31 2.37 9.27
CA LEU A 808 38.99 2.47 8.65
C LEU A 808 37.91 1.95 9.59
N TYR A 809 38.21 0.91 10.35
CA TYR A 809 37.39 0.54 11.48
C TYR A 809 37.66 1.48 12.65
N ASN A 810 36.81 1.38 13.68
CA ASN A 810 36.81 2.23 14.88
C ASN A 810 36.53 3.70 14.58
N LYS A 811 36.16 4.02 13.34
CA LYS A 811 35.67 5.34 12.97
C LYS A 811 34.18 5.35 12.69
N VAL A 812 33.67 4.29 12.08
CA VAL A 812 32.24 4.04 12.00
C VAL A 812 31.97 2.77 12.82
N THR A 813 30.77 2.72 13.40
CA THR A 813 30.42 1.66 14.33
C THR A 813 29.17 0.93 13.86
N LEU A 814 29.20 -0.40 13.94
CA LEU A 814 28.05 -1.20 13.59
C LEU A 814 26.96 -1.06 14.65
N ALA A 815 25.73 -1.42 14.27
CA ALA A 815 24.62 -1.34 15.20
C ALA A 815 24.66 -2.45 16.24
N ASP A 816 25.24 -3.60 15.89
CA ASP A 816 25.28 -4.75 16.78
C ASP A 816 26.72 -5.24 16.93
N PRO A 817 27.30 -5.20 18.13
CA PRO A 817 28.63 -5.81 18.32
C PRO A 817 28.53 -7.33 18.34
N GLY A 818 28.46 -7.94 17.17
CA GLY A 818 28.18 -9.35 17.05
C GLY A 818 26.70 -9.64 16.92
N PHE A 819 26.38 -10.89 16.60
CA PHE A 819 25.02 -11.32 16.35
C PHE A 819 24.50 -12.28 17.42
N MET A 820 25.18 -12.38 18.56
CA MET A 820 24.76 -13.27 19.64
C MET A 820 24.11 -12.43 20.74
N LYS A 821 22.82 -12.65 20.97
CA LYS A 821 22.08 -11.98 22.03
C LYS A 821 21.17 -13.03 22.67
N GLN A 822 21.60 -13.56 23.82
CA GLN A 822 20.87 -14.64 24.47
C GLN A 822 19.58 -14.13 25.09
N TYR A 823 18.69 -15.07 25.39
CA TYR A 823 17.40 -14.72 25.99
C TYR A 823 17.58 -14.21 27.42
N GLY A 824 18.54 -14.76 28.16
CA GLY A 824 18.83 -14.26 29.49
C GLY A 824 19.45 -12.88 29.48
N ASP A 825 20.12 -12.52 28.39
CA ASP A 825 20.68 -11.18 28.27
C ASP A 825 19.58 -10.12 28.13
N CYS A 826 18.52 -10.44 27.39
CA CYS A 826 17.43 -9.49 27.19
C CYS A 826 16.55 -9.38 28.43
N LEU A 827 16.44 -10.46 29.22
CA LEU A 827 15.55 -10.50 30.38
C LEU A 827 16.32 -10.31 31.70
N GLY A 828 17.64 -10.10 31.62
CA GLY A 828 18.46 -10.04 32.82
C GLY A 828 18.27 -8.79 33.67
N GLY A 829 17.49 -7.81 33.20
CA GLY A 829 17.22 -6.61 33.94
C GLY A 829 18.19 -5.48 33.72
N VAL A 830 19.37 -5.76 33.16
CA VAL A 830 20.33 -4.71 32.87
C VAL A 830 20.19 -4.21 31.43
N ASN A 831 19.69 -5.06 30.52
CA ASN A 831 19.43 -4.68 29.14
C ASN A 831 17.96 -4.40 28.89
N ALA A 832 17.28 -3.82 29.88
CA ALA A 832 15.88 -3.45 29.72
C ALA A 832 15.74 -2.31 28.72
N ARG A 833 14.59 -2.30 28.01
CA ARG A 833 14.19 -1.29 27.02
C ARG A 833 15.25 -1.07 25.92
N ASP A 834 16.13 -2.04 25.71
CA ASP A 834 17.14 -1.94 24.67
C ASP A 834 16.50 -2.04 23.29
N LEU A 835 17.16 -1.42 22.30
CA LEU A 835 16.59 -1.38 20.96
C LEU A 835 16.64 -2.74 20.28
N ILE A 836 17.75 -3.46 20.44
CA ILE A 836 17.90 -4.76 19.77
C ILE A 836 16.97 -5.79 20.39
N CYS A 837 16.86 -5.80 21.73
CA CYS A 837 15.96 -6.73 22.39
C CYS A 837 14.50 -6.43 22.08
N ALA A 838 14.14 -5.15 21.94
CA ALA A 838 12.77 -4.80 21.54
C ALA A 838 12.51 -5.16 20.08
N GLN A 839 13.52 -5.06 19.21
CA GLN A 839 13.34 -5.47 17.82
C GLN A 839 13.17 -6.98 17.73
N LYS A 840 13.92 -7.75 18.52
CA LYS A 840 13.87 -9.20 18.42
C LYS A 840 12.60 -9.79 19.01
N PHE A 841 11.92 -9.07 19.91
CA PHE A 841 10.67 -9.56 20.48
C PHE A 841 9.51 -9.51 19.49
N ASN A 842 9.64 -8.77 18.39
CA ASN A 842 8.62 -8.70 17.36
C ASN A 842 9.06 -9.39 16.07
N GLY A 843 10.03 -10.30 16.14
CA GLY A 843 10.47 -11.06 15.00
C GLY A 843 11.20 -10.26 13.94
N LEU A 844 12.15 -9.42 14.36
CA LEU A 844 12.98 -8.63 13.44
C LEU A 844 14.44 -8.97 13.73
N THR A 845 14.95 -9.98 13.03
CA THR A 845 16.31 -10.47 13.23
C THR A 845 17.23 -10.00 12.12
N VAL A 846 18.53 -10.00 12.42
CA VAL A 846 19.57 -9.59 11.47
C VAL A 846 20.49 -10.78 11.24
N LEU A 847 20.65 -11.17 9.98
CA LEU A 847 21.45 -12.33 9.58
C LEU A 847 22.90 -11.92 9.36
N PRO A 848 23.85 -12.76 9.74
CA PRO A 848 25.27 -12.40 9.58
C PRO A 848 25.74 -12.61 8.14
N PRO A 849 26.73 -11.84 7.70
CA PRO A 849 27.28 -12.06 6.35
C PRO A 849 28.05 -13.38 6.27
N LEU A 850 28.20 -13.87 5.03
CA LEU A 850 28.78 -15.18 4.82
C LEU A 850 30.27 -15.20 5.15
N LEU A 851 31.03 -14.24 4.65
CA LEU A 851 32.46 -14.16 4.91
C LEU A 851 32.74 -12.99 5.85
N THR A 852 33.53 -13.26 6.90
CA THR A 852 33.75 -12.29 7.95
C THR A 852 34.82 -11.28 7.53
N ASP A 853 35.21 -10.41 8.46
CA ASP A 853 36.16 -9.35 8.14
C ASP A 853 37.57 -9.89 7.92
N GLU A 854 37.91 -11.01 8.59
CA GLU A 854 39.23 -11.61 8.42
C GLU A 854 39.44 -12.11 7.01
N MET A 855 38.40 -12.68 6.39
CA MET A 855 38.51 -13.18 5.03
C MET A 855 38.65 -12.04 4.02
N ILE A 856 37.94 -10.93 4.24
CA ILE A 856 38.09 -9.77 3.38
C ILE A 856 39.48 -9.15 3.52
N ALA A 857 39.99 -9.09 4.75
CA ALA A 857 41.35 -8.61 4.97
C ALA A 857 42.38 -9.51 4.30
N ALA A 858 42.17 -10.83 4.36
CA ALA A 858 43.07 -11.76 3.68
C ALA A 858 43.00 -11.58 2.17
N TYR A 859 41.82 -11.33 1.63
CA TYR A 859 41.66 -11.08 0.20
C TYR A 859 42.44 -9.83 -0.21
N THR A 860 42.31 -8.74 0.55
CA THR A 860 43.01 -7.50 0.22
C THR A 860 44.52 -7.67 0.37
N ALA A 861 44.97 -8.39 1.40
CA ALA A 861 46.40 -8.64 1.58
C ALA A 861 46.96 -9.48 0.45
N ALA A 862 46.21 -10.49 -0.01
CA ALA A 862 46.66 -11.29 -1.15
C ALA A 862 46.71 -10.47 -2.42
N LEU A 863 45.74 -9.57 -2.61
CA LEU A 863 45.75 -8.69 -3.78
C LEU A 863 46.97 -7.78 -3.79
N ILE A 864 47.28 -7.16 -2.65
CA ILE A 864 48.43 -6.25 -2.58
C ILE A 864 49.73 -7.02 -2.71
N SER A 865 49.82 -8.21 -2.12
CA SER A 865 51.02 -9.02 -2.23
C SER A 865 51.25 -9.50 -3.66
N GLY A 866 50.18 -9.84 -4.37
CA GLY A 866 50.32 -10.19 -5.78
C GLY A 866 50.72 -9.01 -6.63
N THR A 867 50.17 -7.83 -6.34
CA THR A 867 50.51 -6.63 -7.11
C THR A 867 51.96 -6.23 -6.90
N ALA A 868 52.44 -6.25 -5.66
CA ALA A 868 53.76 -5.72 -5.34
C ALA A 868 54.91 -6.58 -5.86
N THR A 869 54.66 -7.87 -6.11
CA THR A 869 55.74 -8.78 -6.50
C THR A 869 55.65 -9.25 -7.94
N ALA A 870 54.45 -9.44 -8.49
CA ALA A 870 54.29 -9.98 -9.83
C ALA A 870 53.67 -8.98 -10.79
N GLY A 871 53.66 -7.70 -10.44
CA GLY A 871 53.06 -6.70 -11.29
C GLY A 871 51.55 -6.87 -11.37
N PHE A 872 50.98 -6.43 -12.49
CA PHE A 872 49.56 -6.64 -12.77
C PHE A 872 49.33 -7.80 -13.73
N THR A 873 50.34 -8.64 -13.95
CA THR A 873 50.22 -9.72 -14.92
C THR A 873 49.34 -10.85 -14.43
N PHE A 874 49.10 -10.96 -13.12
CA PHE A 874 48.25 -12.02 -12.59
C PHE A 874 46.77 -11.73 -12.78
N GLY A 875 46.40 -10.52 -13.21
CA GLY A 875 45.02 -10.24 -13.56
C GLY A 875 44.59 -10.86 -14.88
N ALA A 876 45.55 -11.18 -15.75
CA ALA A 876 45.29 -11.84 -17.03
C ALA A 876 46.25 -13.02 -17.15
N GLY A 877 45.83 -14.17 -16.63
CA GLY A 877 46.64 -15.37 -16.70
C GLY A 877 47.51 -15.61 -15.49
N ALA A 878 48.65 -16.27 -15.70
CA ALA A 878 49.57 -16.57 -14.63
C ALA A 878 50.34 -15.32 -14.20
N ALA A 879 51.03 -15.43 -13.06
CA ALA A 879 51.76 -14.31 -12.49
C ALA A 879 53.20 -14.34 -12.96
N LEU A 880 53.66 -13.25 -13.58
CA LEU A 880 55.02 -13.12 -14.03
C LEU A 880 55.79 -12.24 -13.04
N GLN A 881 56.86 -12.79 -12.47
CA GLN A 881 57.64 -12.04 -11.49
C GLN A 881 58.44 -10.94 -12.17
N ILE A 882 58.62 -9.83 -11.45
CA ILE A 882 59.32 -8.66 -11.95
C ILE A 882 59.76 -7.82 -10.75
N PRO A 883 60.97 -7.26 -10.76
CA PRO A 883 61.36 -6.34 -9.69
C PRO A 883 60.52 -5.07 -9.69
N PHE A 884 60.33 -4.51 -8.49
CA PHE A 884 59.42 -3.37 -8.33
C PHE A 884 59.96 -2.11 -8.98
N ALA A 885 61.28 -1.93 -8.99
CA ALA A 885 61.87 -0.77 -9.66
C ALA A 885 61.63 -0.82 -11.17
N MET A 886 61.77 -2.00 -11.76
CA MET A 886 61.52 -2.14 -13.20
C MET A 886 60.03 -2.13 -13.50
N GLN A 887 59.20 -2.53 -12.54
CA GLN A 887 57.76 -2.49 -12.73
C GLN A 887 57.23 -1.06 -12.77
N MET A 888 57.84 -0.16 -11.99
CA MET A 888 57.42 1.24 -11.98
C MET A 888 57.86 1.98 -13.23
N ALA A 889 58.95 1.56 -13.87
CA ALA A 889 59.36 2.17 -15.12
C ALA A 889 58.43 1.81 -16.27
N TYR A 890 57.87 0.60 -16.24
CA TYR A 890 56.82 0.24 -17.19
C TYR A 890 55.60 1.14 -17.02
N ARG A 891 55.22 1.42 -15.78
CA ARG A 891 54.08 2.29 -15.53
C ARG A 891 54.39 3.75 -15.80
N PHE A 892 55.67 4.14 -15.79
CA PHE A 892 56.05 5.47 -16.26
C PHE A 892 56.00 5.55 -17.77
N ASN A 893 56.37 4.47 -18.47
CA ASN A 893 56.29 4.43 -19.92
C ASN A 893 54.86 4.44 -20.42
N GLY A 894 53.90 4.01 -19.61
CA GLY A 894 52.51 3.96 -20.02
C GLY A 894 51.75 5.27 -19.93
N ILE A 895 52.39 6.32 -19.42
CA ILE A 895 51.76 7.63 -19.31
C ILE A 895 52.40 8.67 -20.21
N GLY A 896 53.44 8.32 -20.95
CA GLY A 896 54.10 9.23 -21.85
C GLY A 896 55.43 9.79 -21.39
N VAL A 897 56.04 9.23 -20.35
CA VAL A 897 57.32 9.68 -19.82
C VAL A 897 58.33 8.54 -20.00
N THR A 898 59.54 8.90 -20.45
CA THR A 898 60.58 7.91 -20.64
C THR A 898 61.01 7.31 -19.31
N GLN A 899 61.47 6.06 -19.36
CA GLN A 899 61.76 5.30 -18.15
C GLN A 899 63.10 5.67 -17.52
N ASN A 900 63.90 6.52 -18.16
CA ASN A 900 65.12 7.00 -17.52
C ASN A 900 64.85 8.04 -16.45
N VAL A 901 63.65 8.64 -16.46
CA VAL A 901 63.28 9.63 -15.44
C VAL A 901 63.14 8.96 -14.08
N LEU A 902 62.59 7.75 -14.04
CA LEU A 902 62.42 7.05 -12.77
C LEU A 902 63.76 6.58 -12.21
N TYR A 903 64.62 6.01 -13.07
CA TYR A 903 65.88 5.44 -12.60
C TYR A 903 66.83 6.51 -12.09
N GLU A 904 66.76 7.72 -12.62
CA GLU A 904 67.61 8.81 -12.16
C GLU A 904 67.02 9.59 -11.00
N ASN A 905 65.75 9.34 -10.64
CA ASN A 905 65.09 10.03 -9.54
C ASN A 905 64.37 9.06 -8.62
N GLN A 906 64.94 7.87 -8.42
CA GLN A 906 64.23 6.81 -7.70
C GLN A 906 64.04 7.15 -6.23
N LYS A 907 65.06 7.72 -5.59
CA LYS A 907 64.96 8.05 -4.17
C LYS A 907 63.92 9.14 -3.91
N GLN A 908 63.82 10.12 -4.82
CA GLN A 908 62.81 11.16 -4.68
C GLN A 908 61.40 10.58 -4.81
N ILE A 909 61.21 9.65 -5.75
CA ILE A 909 59.91 8.99 -5.89
C ILE A 909 59.56 8.19 -4.65
N ALA A 910 60.54 7.45 -4.10
CA ALA A 910 60.29 6.68 -2.89
C ALA A 910 59.94 7.57 -1.70
N ASN A 911 60.66 8.69 -1.54
CA ASN A 911 60.38 9.59 -0.43
C ASN A 911 59.03 10.28 -0.58
N GLN A 912 58.68 10.66 -1.81
CA GLN A 912 57.37 11.27 -2.05
C GLN A 912 56.24 10.28 -1.79
N PHE A 913 56.42 9.02 -2.19
CA PHE A 913 55.40 8.00 -1.95
C PHE A 913 55.24 7.74 -0.45
N ASN A 914 56.35 7.65 0.28
CA ASN A 914 56.27 7.41 1.72
C ASN A 914 55.62 8.59 2.44
N LYS A 915 55.97 9.82 2.06
CA LYS A 915 55.36 11.00 2.68
C LYS A 915 53.87 11.08 2.36
N ALA A 916 53.48 10.74 1.13
CA ALA A 916 52.06 10.75 0.78
C ALA A 916 51.28 9.69 1.55
N ILE A 917 51.88 8.50 1.74
CA ILE A 917 51.23 7.45 2.52
C ILE A 917 51.06 7.87 3.97
N SER A 918 52.10 8.50 4.55
CA SER A 918 52.02 8.96 5.93
C SER A 918 50.99 10.08 6.09
N GLN A 919 50.91 10.98 5.10
CA GLN A 919 49.91 12.05 5.14
C GLN A 919 48.50 11.49 5.03
N ILE A 920 48.31 10.48 4.17
CA ILE A 920 47.01 9.82 4.04
C ILE A 920 46.62 9.15 5.36
N GLN A 921 47.59 8.50 6.01
CA GLN A 921 47.33 7.86 7.30
C GLN A 921 46.93 8.88 8.37
N ASP A 922 47.64 10.01 8.43
CA ASP A 922 47.33 11.05 9.42
C ASP A 922 45.96 11.67 9.15
N SER A 923 45.66 11.95 7.87
CA SER A 923 44.37 12.52 7.51
C SER A 923 43.22 11.56 7.82
N LEU A 924 43.41 10.27 7.56
CA LEU A 924 42.38 9.30 7.89
C LEU A 924 42.24 9.13 9.41
N SER A 925 43.32 9.29 10.16
CA SER A 925 43.25 9.20 11.61
C SER A 925 42.64 10.45 12.23
N THR A 926 42.63 11.58 11.53
CA THR A 926 42.10 12.80 12.14
C THR A 926 41.02 13.38 11.23
N THR A 927 40.08 12.53 10.81
CA THR A 927 38.90 12.96 10.06
C THR A 927 37.85 11.85 10.16
N THR A 928 36.64 12.20 10.61
CA THR A 928 35.54 11.25 10.72
C THR A 928 34.48 11.43 9.63
N THR A 929 34.52 12.51 8.86
CA THR A 929 33.49 12.81 7.88
C THR A 929 33.80 12.27 6.49
N ALA A 930 34.95 11.63 6.30
CA ALA A 930 35.31 11.09 4.99
C ALA A 930 34.64 9.75 4.70
N LEU A 931 34.09 9.10 5.72
CA LEU A 931 33.46 7.78 5.59
C LEU A 931 31.95 7.89 5.77
N GLY A 932 31.34 8.94 5.20
CA GLY A 932 29.93 9.22 5.45
C GLY A 932 28.97 8.26 4.80
N LYS A 933 29.38 7.57 3.73
CA LYS A 933 28.47 6.69 3.01
C LYS A 933 28.17 5.43 3.80
N LEU A 934 29.20 4.81 4.38
CA LEU A 934 29.01 3.58 5.15
C LEU A 934 28.25 3.85 6.44
N GLN A 935 28.58 4.95 7.12
CA GLN A 935 27.83 5.35 8.30
C GLN A 935 26.39 5.71 7.92
N ASP A 936 26.19 6.29 6.74
CA ASP A 936 24.85 6.63 6.28
C ASP A 936 24.00 5.38 6.07
N VAL A 937 24.56 4.34 5.43
CA VAL A 937 23.76 3.14 5.21
C VAL A 937 23.53 2.38 6.51
N ILE A 938 24.49 2.42 7.45
CA ILE A 938 24.27 1.81 8.76
C ILE A 938 23.16 2.53 9.51
N ASN A 939 23.17 3.87 9.48
CA ASN A 939 22.15 4.66 10.15
C ASN A 939 20.78 4.44 9.53
N GLN A 940 20.72 4.33 8.20
CA GLN A 940 19.44 4.06 7.53
C GLN A 940 18.90 2.68 7.90
N ASN A 941 19.77 1.67 7.93
CA ASN A 941 19.33 0.33 8.30
C ASN A 941 18.86 0.27 9.76
N ALA A 942 19.46 1.07 10.63
CA ALA A 942 18.97 1.12 12.02
C ALA A 942 17.64 1.88 12.11
N ILE A 943 17.53 2.99 11.37
CA ILE A 943 16.37 3.86 11.48
C ILE A 943 15.12 3.19 10.94
N ALA A 944 15.25 2.41 9.85
CA ALA A 944 14.10 1.72 9.28
C ALA A 944 13.56 0.67 10.26
N LEU A 945 14.44 -0.09 10.91
CA LEU A 945 14.01 -1.09 11.86
C LEU A 945 13.42 -0.45 13.12
N ASN A 946 13.96 0.69 13.55
CA ASN A 946 13.39 1.38 14.70
C ASN A 946 12.02 1.98 14.36
N THR A 947 11.83 2.42 13.12
CA THR A 947 10.52 2.94 12.71
C THR A 947 9.50 1.82 12.56
N LEU A 948 9.93 0.62 12.17
CA LEU A 948 8.99 -0.49 12.03
C LEU A 948 8.40 -0.90 13.38
N VAL A 949 9.19 -0.90 14.44
CA VAL A 949 8.69 -1.33 15.74
C VAL A 949 7.89 -0.24 16.45
N LYS A 950 8.02 1.02 16.02
CA LYS A 950 7.26 2.10 16.62
C LYS A 950 5.85 2.22 16.04
N GLN A 951 5.57 1.54 14.93
CA GLN A 951 4.29 1.63 14.27
C GLN A 951 3.27 0.63 14.80
N LEU A 952 3.62 -0.14 15.83
CA LEU A 952 2.70 -1.10 16.44
C LEU A 952 1.74 -0.46 17.42
N SER A 953 1.88 0.85 17.70
CA SER A 953 1.04 1.54 18.66
C SER A 953 -0.16 2.22 18.03
N SER A 954 -0.35 2.08 16.72
CA SER A 954 -1.49 2.68 16.04
C SER A 954 -2.71 1.78 16.14
N ASN A 955 -3.89 2.41 16.23
CA ASN A 955 -5.13 1.67 16.37
C ASN A 955 -5.73 1.24 15.04
N PHE A 956 -5.48 2.00 13.98
CA PHE A 956 -6.03 1.75 12.64
C PHE A 956 -7.56 1.70 12.66
N GLY A 957 -8.17 2.56 13.45
CA GLY A 957 -9.62 2.61 13.54
C GLY A 957 -10.25 1.61 14.47
N ALA A 958 -9.48 0.93 15.29
CA ALA A 958 -10.00 -0.07 16.22
C ALA A 958 -10.13 0.53 17.62
N ILE A 959 -10.53 -0.31 18.57
CA ILE A 959 -10.68 0.13 19.95
C ILE A 959 -9.33 0.39 20.59
N SER A 960 -8.37 -0.51 20.38
CA SER A 960 -7.05 -0.37 20.97
C SER A 960 -6.03 -1.07 20.08
N SER A 961 -4.77 -0.73 20.30
CA SER A 961 -3.66 -1.35 19.58
C SER A 961 -3.18 -2.63 20.23
N VAL A 962 -3.79 -3.05 21.33
CA VAL A 962 -3.46 -4.29 22.03
C VAL A 962 -4.57 -5.29 21.77
N LEU A 963 -4.20 -6.53 21.49
CA LEU A 963 -5.20 -7.56 21.20
C LEU A 963 -5.81 -8.17 22.44
N ASN A 964 -5.25 -7.92 23.63
CA ASN A 964 -5.74 -8.59 24.83
C ASN A 964 -7.05 -7.97 25.31
N ASP A 965 -7.10 -6.64 25.41
CA ASP A 965 -8.31 -6.00 25.92
C ASP A 965 -9.45 -6.03 24.91
N ILE A 966 -9.13 -6.11 23.61
CA ILE A 966 -10.17 -6.25 22.59
C ILE A 966 -10.91 -7.57 22.77
N LEU A 967 -10.15 -8.64 22.99
CA LEU A 967 -10.79 -9.94 23.24
C LEU A 967 -11.38 -10.02 24.64
N SER A 968 -10.85 -9.25 25.59
CA SER A 968 -11.36 -9.28 26.95
C SER A 968 -12.58 -8.40 27.16
N ARG A 969 -12.92 -7.53 26.21
CA ARG A 969 -14.07 -6.64 26.35
C ARG A 969 -15.19 -6.91 25.36
N LEU A 970 -14.94 -7.59 24.25
CA LEU A 970 -15.93 -7.79 23.21
C LEU A 970 -16.16 -9.26 22.94
N ASP A 971 -17.28 -9.55 22.27
CA ASP A 971 -17.59 -10.90 21.83
C ASP A 971 -16.81 -11.21 20.56
N LYS A 972 -17.09 -12.36 19.94
CA LYS A 972 -16.28 -12.83 18.82
C LYS A 972 -16.51 -11.99 17.56
N VAL A 973 -17.76 -11.57 17.32
CA VAL A 973 -18.14 -11.00 16.02
C VAL A 973 -17.47 -9.65 15.81
N GLU A 974 -17.52 -8.77 16.81
CA GLU A 974 -16.91 -7.45 16.66
C GLU A 974 -15.39 -7.49 16.79
N ALA A 975 -14.88 -8.36 17.67
CA ALA A 975 -13.44 -8.51 17.83
C ALA A 975 -12.78 -9.02 16.56
N GLU A 976 -13.50 -9.84 15.77
CA GLU A 976 -12.96 -10.27 14.48
C GLU A 976 -12.77 -9.08 13.55
N VAL A 977 -13.71 -8.14 13.55
CA VAL A 977 -13.61 -6.96 12.70
C VAL A 977 -12.42 -6.08 13.14
N GLN A 978 -12.30 -5.85 14.44
CA GLN A 978 -11.21 -5.02 14.96
C GLN A 978 -9.84 -5.67 14.69
N ILE A 979 -9.76 -6.99 14.88
CA ILE A 979 -8.51 -7.71 14.65
C ILE A 979 -8.15 -7.69 13.17
N ASP A 980 -9.15 -7.80 12.28
CA ASP A 980 -8.89 -7.73 10.85
C ASP A 980 -8.38 -6.34 10.44
N ARG A 981 -8.94 -5.28 11.04
CA ARG A 981 -8.44 -3.94 10.78
C ARG A 981 -6.98 -3.80 11.18
N LEU A 982 -6.64 -4.29 12.38
CA LEU A 982 -5.24 -4.22 12.84
C LEU A 982 -4.31 -5.06 11.97
N ILE A 983 -4.80 -6.22 11.50
CA ILE A 983 -4.01 -7.10 10.65
C ILE A 983 -3.68 -6.42 9.32
N THR A 984 -4.69 -5.77 8.72
CA THR A 984 -4.46 -5.06 7.46
C THR A 984 -3.48 -3.90 7.65
N GLY A 985 -3.63 -3.15 8.75
CA GLY A 985 -2.71 -2.05 9.01
C GLY A 985 -1.27 -2.49 9.18
N ARG A 986 -1.05 -3.56 9.96
CA ARG A 986 0.32 -4.02 10.16
C ARG A 986 0.88 -4.69 8.90
N LEU A 987 0.01 -5.28 8.06
CA LEU A 987 0.47 -5.84 6.79
C LEU A 987 0.98 -4.76 5.85
N GLN A 988 0.25 -3.64 5.73
CA GLN A 988 0.75 -2.57 4.86
C GLN A 988 1.97 -1.89 5.48
N SER A 989 2.07 -1.87 6.82
CA SER A 989 3.26 -1.36 7.48
C SER A 989 4.49 -2.20 7.13
N LEU A 990 4.33 -3.52 7.05
CA LEU A 990 5.44 -4.37 6.63
C LEU A 990 5.77 -4.18 5.15
N GLN A 991 4.74 -4.02 4.32
CA GLN A 991 4.95 -3.91 2.87
C GLN A 991 5.73 -2.66 2.51
N THR A 992 5.47 -1.55 3.19
CA THR A 992 6.22 -0.31 2.92
C THR A 992 7.71 -0.49 3.20
N TYR A 993 8.05 -1.14 4.32
CA TYR A 993 9.43 -1.40 4.67
C TYR A 993 10.10 -2.31 3.63
N VAL A 994 9.39 -3.34 3.16
CA VAL A 994 9.97 -4.24 2.17
C VAL A 994 10.25 -3.52 0.86
N THR A 995 9.32 -2.65 0.43
CA THR A 995 9.54 -1.88 -0.81
C THR A 995 10.74 -0.94 -0.70
N GLN A 996 10.86 -0.24 0.43
CA GLN A 996 12.01 0.66 0.61
C GLN A 996 13.33 -0.12 0.66
N GLN A 997 13.31 -1.31 1.28
CA GLN A 997 14.49 -2.16 1.30
C GLN A 997 14.88 -2.60 -0.10
N LEU A 998 13.90 -2.92 -0.96
CA LEU A 998 14.19 -3.31 -2.33
C LEU A 998 14.85 -2.18 -3.12
N ILE A 999 14.33 -0.95 -2.95
CA ILE A 999 14.90 0.19 -3.67
C ILE A 999 16.34 0.45 -3.21
N ARG A 1000 16.57 0.41 -1.89
CA ARG A 1000 17.92 0.63 -1.36
C ARG A 1000 18.87 -0.48 -1.80
N ALA A 1001 18.37 -1.71 -1.90
CA ALA A 1001 19.20 -2.82 -2.38
C ALA A 1001 19.59 -2.63 -3.84
N ALA A 1002 18.68 -2.10 -4.67
CA ALA A 1002 19.03 -1.82 -6.05
C ALA A 1002 20.13 -0.76 -6.16
N GLU A 1003 20.02 0.30 -5.35
CA GLU A 1003 21.06 1.33 -5.35
C GLU A 1003 22.41 0.77 -4.88
N ILE A 1004 22.38 -0.07 -3.84
CA ILE A 1004 23.60 -0.68 -3.32
C ILE A 1004 24.21 -1.62 -4.36
N ARG A 1005 23.38 -2.31 -5.13
CA ARG A 1005 23.87 -3.19 -6.19
C ARG A 1005 24.58 -2.39 -7.28
N ALA A 1006 24.03 -1.22 -7.66
CA ALA A 1006 24.70 -0.36 -8.63
C ALA A 1006 26.06 0.11 -8.11
N SER A 1007 26.11 0.52 -6.84
CA SER A 1007 27.38 0.96 -6.25
C SER A 1007 28.40 -0.19 -6.20
N ALA A 1008 27.94 -1.40 -5.89
CA ALA A 1008 28.83 -2.55 -5.84
C ALA A 1008 29.36 -2.90 -7.23
N ASN A 1009 28.52 -2.75 -8.27
CA ASN A 1009 28.99 -2.97 -9.63
C ASN A 1009 30.08 -1.97 -10.01
N LEU A 1010 29.89 -0.70 -9.64
CA LEU A 1010 30.92 0.31 -9.91
C LEU A 1010 32.21 -0.01 -9.16
N ALA A 1011 32.11 -0.44 -7.90
CA ALA A 1011 33.29 -0.79 -7.12
C ALA A 1011 34.01 -2.00 -7.73
N ALA A 1012 33.25 -2.99 -8.22
CA ALA A 1012 33.84 -4.18 -8.82
C ALA A 1012 34.60 -3.85 -10.10
N THR A 1013 34.00 -3.03 -10.98
CA THR A 1013 34.71 -2.70 -12.22
C THR A 1013 35.89 -1.77 -11.94
N LYS A 1014 35.81 -0.91 -10.92
CA LYS A 1014 36.95 -0.08 -10.55
C LYS A 1014 38.11 -0.92 -10.02
N MET A 1015 37.80 -1.91 -9.18
CA MET A 1015 38.84 -2.81 -8.67
C MET A 1015 39.46 -3.63 -9.80
N SER A 1016 38.64 -4.09 -10.74
CA SER A 1016 39.16 -4.86 -11.86
C SER A 1016 40.05 -4.02 -12.78
N GLU A 1017 39.67 -2.75 -13.00
CA GLU A 1017 40.35 -1.92 -13.98
C GLU A 1017 41.54 -1.14 -13.43
N CYS A 1018 41.59 -0.88 -12.13
CA CYS A 1018 42.63 -0.01 -11.59
C CYS A 1018 43.61 -0.71 -10.65
N VAL A 1019 43.24 -1.82 -10.03
CA VAL A 1019 44.17 -2.56 -9.19
C VAL A 1019 44.92 -3.62 -10.00
N LEU A 1020 44.23 -4.31 -10.90
CA LEU A 1020 44.82 -5.34 -11.73
C LEU A 1020 45.34 -4.81 -13.06
N GLY A 1021 45.35 -3.49 -13.24
CA GLY A 1021 45.84 -2.91 -14.47
C GLY A 1021 46.10 -1.43 -14.29
N GLN A 1022 46.41 -0.78 -15.41
CA GLN A 1022 46.61 0.66 -15.46
C GLN A 1022 45.58 1.27 -16.38
N SER A 1023 44.75 2.17 -15.85
CA SER A 1023 43.66 2.73 -16.61
C SER A 1023 44.12 3.96 -17.40
N LYS A 1024 43.50 4.16 -18.56
CA LYS A 1024 43.77 5.31 -19.41
C LYS A 1024 42.62 6.30 -19.46
N ARG A 1025 41.44 5.94 -18.95
CA ARG A 1025 40.34 6.88 -18.86
C ARG A 1025 40.64 7.92 -17.79
N VAL A 1026 40.47 9.20 -18.13
CA VAL A 1026 40.86 10.27 -17.22
C VAL A 1026 39.80 10.43 -16.14
N ASP A 1027 40.25 10.85 -14.95
CA ASP A 1027 39.44 11.08 -13.75
C ASP A 1027 38.67 9.84 -13.29
N PHE A 1028 39.08 8.66 -13.74
CA PHE A 1028 38.43 7.42 -13.30
C PHE A 1028 39.03 6.86 -12.03
N CYS A 1029 40.34 6.99 -11.87
CA CYS A 1029 41.04 6.54 -10.66
C CYS A 1029 42.07 7.61 -10.30
N GLY A 1030 41.67 8.54 -9.45
CA GLY A 1030 42.54 9.62 -9.02
C GLY A 1030 42.24 10.93 -9.75
N LYS A 1031 43.25 11.78 -9.80
CA LYS A 1031 43.15 13.07 -10.45
C LYS A 1031 44.11 13.22 -11.62
N GLY A 1032 45.38 12.87 -11.44
CA GLY A 1032 46.36 13.00 -12.51
C GLY A 1032 46.46 11.77 -13.37
N TYR A 1033 47.69 11.39 -13.71
CA TYR A 1033 47.94 10.21 -14.53
C TYR A 1033 48.10 9.00 -13.61
N HIS A 1034 47.26 7.99 -13.82
CA HIS A 1034 47.22 6.84 -12.93
C HIS A 1034 48.46 5.98 -13.08
N LEU A 1035 48.99 5.52 -11.95
CA LEU A 1035 50.10 4.57 -11.92
C LEU A 1035 49.69 3.23 -11.33
N MET A 1036 49.19 3.23 -10.10
CA MET A 1036 48.76 1.99 -9.44
C MET A 1036 47.79 2.35 -8.33
N SER A 1037 47.07 1.34 -7.85
CA SER A 1037 46.12 1.51 -6.77
C SER A 1037 46.20 0.34 -5.80
N PHE A 1038 45.82 0.58 -4.55
CA PHE A 1038 45.81 -0.43 -3.52
C PHE A 1038 44.46 -0.41 -2.81
N PRO A 1039 43.78 -1.54 -2.68
CA PRO A 1039 42.50 -1.57 -1.96
C PRO A 1039 42.67 -1.86 -0.48
N GLN A 1040 41.78 -1.25 0.31
CA GLN A 1040 41.73 -1.47 1.75
C GLN A 1040 40.31 -1.81 2.16
N ALA A 1041 40.19 -2.75 3.09
CA ALA A 1041 38.88 -3.23 3.52
C ALA A 1041 38.27 -2.26 4.53
N ALA A 1042 37.01 -1.91 4.31
CA ALA A 1042 36.22 -1.07 5.18
C ALA A 1042 34.91 -1.80 5.49
N PRO A 1043 34.28 -1.51 6.63
CA PRO A 1043 33.00 -2.16 6.94
C PRO A 1043 31.91 -1.71 5.96
N HIS A 1044 31.26 -2.69 5.35
CA HIS A 1044 30.20 -2.50 4.34
C HIS A 1044 30.71 -1.70 3.13
N GLY A 1045 31.97 -1.87 2.76
CA GLY A 1045 32.50 -1.12 1.65
C GLY A 1045 33.96 -1.40 1.39
N VAL A 1046 34.60 -0.50 0.66
CA VAL A 1046 36.01 -0.62 0.29
C VAL A 1046 36.56 0.78 0.08
N VAL A 1047 37.86 0.94 0.35
CA VAL A 1047 38.55 2.21 0.21
C VAL A 1047 39.74 2.01 -0.73
N PHE A 1048 39.79 2.80 -1.80
CA PHE A 1048 40.87 2.72 -2.77
C PHE A 1048 41.92 3.79 -2.50
N LEU A 1049 43.18 3.44 -2.71
CA LEU A 1049 44.30 4.36 -2.56
C LEU A 1049 44.91 4.57 -3.94
N HIS A 1050 44.50 5.63 -4.63
CA HIS A 1050 44.94 5.89 -5.99
C HIS A 1050 46.26 6.66 -5.97
N VAL A 1051 47.29 6.09 -6.59
CA VAL A 1051 48.60 6.72 -6.69
C VAL A 1051 48.71 7.31 -8.09
N THR A 1052 48.77 8.63 -8.18
CA THR A 1052 48.78 9.34 -9.45
C THR A 1052 50.07 10.12 -9.63
N TYR A 1053 50.26 10.59 -10.86
CA TYR A 1053 51.41 11.40 -11.24
C TYR A 1053 50.91 12.78 -11.68
N VAL A 1054 51.39 13.82 -11.01
CA VAL A 1054 50.98 15.18 -11.38
C VAL A 1054 52.23 16.02 -11.68
N PRO A 1055 52.20 16.82 -12.74
CA PRO A 1055 53.34 17.71 -13.03
C PRO A 1055 53.14 19.11 -12.47
N SER A 1056 54.26 19.82 -12.35
CA SER A 1056 54.26 21.17 -11.80
C SER A 1056 55.49 21.91 -12.28
N GLN A 1057 55.57 23.19 -11.90
CA GLN A 1057 56.68 24.10 -12.20
C GLN A 1057 56.89 24.26 -13.70
N GLU A 1058 55.87 24.85 -14.33
CA GLU A 1058 55.91 25.11 -15.76
C GLU A 1058 56.67 26.40 -16.07
N GLN A 1059 57.06 26.56 -17.33
CA GLN A 1059 57.75 27.75 -17.80
C GLN A 1059 57.45 27.94 -19.28
N ASN A 1060 57.28 29.20 -19.68
CA ASN A 1060 56.93 29.54 -21.05
C ASN A 1060 58.15 29.49 -21.97
N PHE A 1061 57.94 28.94 -23.16
CA PHE A 1061 58.93 29.01 -24.24
C PHE A 1061 58.23 29.50 -25.51
N THR A 1062 58.90 29.42 -26.66
CA THR A 1062 58.31 29.80 -27.93
C THR A 1062 58.33 28.60 -28.87
N THR A 1063 57.19 28.35 -29.52
CA THR A 1063 56.99 27.18 -30.36
C THR A 1063 56.96 27.55 -31.84
N ALA A 1064 56.92 26.52 -32.68
CA ALA A 1064 56.81 26.64 -34.12
C ALA A 1064 56.18 25.35 -34.63
N PRO A 1065 55.29 25.44 -35.63
CA PRO A 1065 54.66 24.21 -36.15
C PRO A 1065 55.64 23.28 -36.86
N ALA A 1066 56.63 23.84 -37.57
CA ALA A 1066 57.54 23.02 -38.34
C ALA A 1066 58.84 23.78 -38.56
N ILE A 1067 59.88 23.05 -38.94
CA ILE A 1067 61.21 23.59 -39.19
C ILE A 1067 61.69 23.09 -40.55
N CYS A 1068 62.11 24.00 -41.41
CA CYS A 1068 62.66 23.62 -42.71
C CYS A 1068 64.01 24.29 -42.92
N HIS A 1069 64.96 23.54 -43.46
CA HIS A 1069 66.28 24.04 -43.80
C HIS A 1069 66.61 23.89 -45.28
N GLU A 1070 66.18 22.80 -45.90
CA GLU A 1070 66.18 22.67 -47.35
C GLU A 1070 64.83 23.15 -47.87
N GLY A 1071 64.52 22.88 -49.13
CA GLY A 1071 63.17 23.13 -49.62
C GLY A 1071 62.12 22.31 -48.91
N LYS A 1072 62.46 21.09 -48.52
CA LYS A 1072 61.55 20.21 -47.80
C LYS A 1072 61.33 20.72 -46.38
N ALA A 1073 60.15 20.41 -45.84
CA ALA A 1073 59.76 20.82 -44.49
C ALA A 1073 59.73 19.60 -43.57
N HIS A 1074 60.30 19.77 -42.38
CA HIS A 1074 60.38 18.70 -41.40
C HIS A 1074 59.31 18.88 -40.33
N PHE A 1075 58.80 17.76 -39.82
CA PHE A 1075 57.75 17.75 -38.82
C PHE A 1075 58.16 16.87 -37.65
N PRO A 1076 57.68 17.17 -36.44
CA PRO A 1076 58.03 16.33 -35.29
C PRO A 1076 57.26 15.01 -35.31
N ARG A 1077 58.00 13.93 -35.05
CA ARG A 1077 57.35 12.62 -34.90
C ARG A 1077 56.50 12.58 -33.65
N GLU A 1078 57.01 13.14 -32.55
CA GLU A 1078 56.23 13.32 -31.33
C GLU A 1078 56.80 14.50 -30.57
N GLY A 1079 55.97 15.12 -29.74
CA GLY A 1079 56.38 16.28 -28.98
C GLY A 1079 56.17 17.57 -29.74
N VAL A 1080 56.90 18.60 -29.31
CA VAL A 1080 56.80 19.94 -29.87
C VAL A 1080 58.19 20.50 -30.11
N PHE A 1081 58.25 21.54 -30.94
CA PHE A 1081 59.47 22.30 -31.17
C PHE A 1081 59.52 23.48 -30.20
N VAL A 1082 60.51 23.48 -29.32
CA VAL A 1082 60.73 24.57 -28.39
C VAL A 1082 62.08 25.20 -28.68
N THR A 1083 62.33 26.36 -28.09
CA THR A 1083 63.55 27.11 -28.34
C THR A 1083 64.25 27.49 -27.04
N ASN A 1084 65.57 27.60 -27.13
CA ASN A 1084 66.42 28.10 -26.08
C ASN A 1084 66.52 29.62 -26.11
N GLY A 1085 66.01 30.25 -27.16
CA GLY A 1085 66.31 31.63 -27.49
C GLY A 1085 67.39 31.77 -28.53
N THR A 1086 68.21 30.73 -28.71
CA THR A 1086 69.22 30.66 -29.76
C THR A 1086 69.08 29.41 -30.62
N HIS A 1087 68.84 28.25 -30.01
CA HIS A 1087 68.68 26.99 -30.73
C HIS A 1087 67.22 26.54 -30.70
N TRP A 1088 66.99 25.35 -31.27
CA TRP A 1088 65.69 24.71 -31.26
C TRP A 1088 65.88 23.24 -30.91
N PHE A 1089 64.92 22.70 -30.14
CA PHE A 1089 65.02 21.32 -29.65
C PHE A 1089 63.69 20.60 -29.84
N ILE A 1090 63.71 19.31 -29.50
CA ILE A 1090 62.52 18.47 -29.46
C ILE A 1090 62.37 18.01 -28.01
N THR A 1091 61.18 18.20 -27.45
CA THR A 1091 60.91 17.82 -26.07
C THR A 1091 59.53 17.20 -25.97
N GLN A 1092 59.34 16.38 -24.94
CA GLN A 1092 58.03 15.83 -24.64
C GLN A 1092 57.15 16.88 -23.98
N ARG A 1093 55.84 16.66 -24.07
CA ARG A 1093 54.89 17.65 -23.58
C ARG A 1093 54.78 17.65 -22.06
N ASN A 1094 54.88 16.48 -21.44
CA ASN A 1094 54.65 16.35 -20.00
C ASN A 1094 55.90 16.53 -19.16
N PHE A 1095 57.08 16.63 -19.77
CA PHE A 1095 58.32 16.80 -19.03
C PHE A 1095 59.33 17.50 -19.93
N TYR A 1096 60.21 18.28 -19.30
CA TYR A 1096 61.21 19.05 -20.04
C TYR A 1096 62.48 18.23 -20.15
N SER A 1097 62.75 17.70 -21.36
CA SER A 1097 63.99 16.99 -21.66
C SER A 1097 64.37 17.32 -23.09
N PRO A 1098 65.06 18.43 -23.31
CA PRO A 1098 65.36 18.85 -24.69
C PRO A 1098 66.39 17.95 -25.35
N GLN A 1099 66.14 17.64 -26.62
CA GLN A 1099 67.01 16.83 -27.45
C GLN A 1099 67.31 17.55 -28.75
N PRO A 1100 68.49 17.36 -29.32
CA PRO A 1100 68.80 17.98 -30.62
C PRO A 1100 67.95 17.39 -31.74
N ILE A 1101 67.69 18.22 -32.75
CA ILE A 1101 66.89 17.81 -33.89
C ILE A 1101 67.79 17.04 -34.85
N THR A 1102 67.55 15.74 -34.98
CA THR A 1102 68.32 14.85 -35.82
C THR A 1102 67.43 14.28 -36.93
N THR A 1103 67.98 13.32 -37.69
CA THR A 1103 67.23 12.73 -38.79
C THR A 1103 66.09 11.85 -38.29
N ASP A 1104 66.35 11.04 -37.26
CA ASP A 1104 65.30 10.21 -36.70
C ASP A 1104 64.43 11.03 -35.75
N ASN A 1105 63.25 10.49 -35.45
CA ASN A 1105 62.20 11.16 -34.66
C ASN A 1105 61.79 12.50 -35.28
N THR A 1106 61.89 12.59 -36.61
CA THR A 1106 61.50 13.79 -37.35
C THR A 1106 61.28 13.35 -38.79
N PHE A 1107 60.04 13.45 -39.27
CA PHE A 1107 59.68 12.99 -40.60
C PHE A 1107 59.37 14.16 -41.51
N VAL A 1108 59.54 13.93 -42.81
CA VAL A 1108 59.48 14.97 -43.83
C VAL A 1108 58.25 14.74 -44.70
N SER A 1109 57.45 15.78 -44.89
CA SER A 1109 56.29 15.70 -45.78
C SER A 1109 56.09 17.05 -46.43
N GLY A 1110 56.20 17.09 -47.76
CA GLY A 1110 55.97 18.31 -48.50
C GLY A 1110 57.14 19.28 -48.41
N ASN A 1111 56.83 20.55 -48.73
CA ASN A 1111 57.81 21.63 -48.69
C ASN A 1111 57.27 22.76 -47.83
N CYS A 1112 58.19 23.61 -47.36
CA CYS A 1112 57.81 24.72 -46.47
C CYS A 1112 57.36 25.94 -47.28
N ASP A 1113 56.31 25.72 -48.08
CA ASP A 1113 55.70 26.77 -48.87
C ASP A 1113 54.28 27.11 -48.44
N VAL A 1114 53.61 26.26 -47.66
CA VAL A 1114 52.21 26.48 -47.33
C VAL A 1114 51.94 26.49 -45.82
N VAL A 1115 52.83 25.98 -44.98
CA VAL A 1115 52.60 25.97 -43.54
C VAL A 1115 52.99 27.32 -42.97
N ILE A 1116 52.08 27.93 -42.20
CA ILE A 1116 52.33 29.22 -41.58
C ILE A 1116 53.05 29.00 -40.25
N GLY A 1117 54.20 29.64 -40.09
CA GLY A 1117 54.99 29.49 -38.89
C GLY A 1117 56.30 28.76 -39.12
N ILE A 1118 56.79 28.78 -40.36
CA ILE A 1118 58.02 28.09 -40.70
C ILE A 1118 59.22 28.94 -40.30
N VAL A 1119 60.11 28.35 -39.52
CA VAL A 1119 61.35 29.01 -39.11
C VAL A 1119 62.53 28.27 -39.74
N ASN A 1120 63.70 28.88 -39.66
CA ASN A 1120 64.92 28.34 -40.26
C ASN A 1120 65.79 27.72 -39.17
N ASN A 1121 66.08 26.42 -39.32
CA ASN A 1121 67.02 25.75 -38.43
C ASN A 1121 67.52 24.49 -39.11
N THR A 1122 68.82 24.23 -38.96
CA THR A 1122 69.42 23.05 -39.57
C THR A 1122 69.09 21.79 -38.80
N VAL A 1123 69.24 20.65 -39.47
CA VAL A 1123 68.96 19.34 -38.89
C VAL A 1123 70.23 18.51 -38.94
N TYR A 1124 70.63 17.97 -37.81
CA TYR A 1124 71.81 17.12 -37.74
C TYR A 1124 71.54 15.79 -38.43
N ASP A 1125 72.53 15.33 -39.20
CA ASP A 1125 72.49 14.00 -39.80
C ASP A 1125 73.76 13.26 -39.39
N PRO A 1126 73.65 12.07 -38.78
CA PRO A 1126 74.85 11.32 -38.40
C PRO A 1126 75.60 10.78 -39.61
N LEU A 1127 76.78 11.33 -39.88
CA LEU A 1127 77.58 10.94 -41.03
C LEU A 1127 78.19 9.55 -40.83
N LYS B 19 -31.31 -58.67 35.66
CA LYS B 19 -31.55 -58.93 34.25
C LYS B 19 -30.23 -59.15 33.52
N CYS B 20 -29.28 -58.25 33.72
CA CYS B 20 -27.97 -58.35 33.09
C CYS B 20 -27.05 -59.23 33.91
N GLY B 21 -26.18 -59.95 33.20
CA GLY B 21 -25.25 -60.83 33.88
C GLY B 21 -24.13 -60.08 34.58
N THR B 22 -23.61 -60.69 35.63
CA THR B 22 -22.54 -60.10 36.44
C THR B 22 -21.38 -61.07 36.48
N LEU B 23 -20.21 -60.63 36.01
CA LEU B 23 -19.02 -61.45 36.07
C LEU B 23 -18.47 -61.51 37.50
N SER B 24 -17.93 -62.67 37.87
CA SER B 24 -17.43 -62.85 39.22
C SER B 24 -16.05 -62.21 39.40
N ASN B 25 -15.07 -62.68 38.64
CA ASN B 25 -13.71 -62.18 38.72
C ASN B 25 -13.16 -61.92 37.33
N LYS B 26 -12.31 -60.91 37.21
CA LYS B 26 -11.64 -60.60 35.96
C LYS B 26 -10.29 -59.97 36.27
N SER B 27 -9.37 -60.10 35.31
CA SER B 27 -8.03 -59.55 35.49
C SER B 27 -8.07 -58.02 35.41
N PRO B 28 -7.20 -57.34 36.14
CA PRO B 28 -7.14 -55.87 36.04
C PRO B 28 -6.63 -55.43 34.68
N SER B 29 -7.11 -54.28 34.24
CA SER B 29 -6.79 -53.79 32.90
C SER B 29 -5.35 -53.33 32.81
N LYS B 30 -4.69 -53.66 31.70
CA LYS B 30 -3.32 -53.26 31.43
C LYS B 30 -3.33 -52.08 30.47
N LEU B 31 -2.53 -51.06 30.79
CA LEU B 31 -2.55 -49.79 30.09
C LEU B 31 -1.35 -49.63 29.15
N THR B 32 -0.95 -50.70 28.45
CA THR B 32 0.13 -50.60 27.49
C THR B 32 -0.25 -49.69 26.34
N GLN B 33 0.75 -49.00 25.79
CA GLN B 33 0.53 -47.98 24.78
C GLN B 33 1.34 -48.29 23.52
N THR B 34 0.78 -47.91 22.38
CA THR B 34 1.41 -48.13 21.09
C THR B 34 1.41 -46.85 20.28
N PRO B 35 2.47 -46.59 19.51
CA PRO B 35 2.50 -45.38 18.68
C PRO B 35 1.64 -45.54 17.44
N SER B 36 0.82 -44.53 17.16
CA SER B 36 0.11 -44.47 15.90
C SER B 36 1.06 -44.04 14.78
N SER B 37 0.59 -44.15 13.54
CA SER B 37 1.43 -43.77 12.41
C SER B 37 0.51 -43.19 11.32
N ARG B 38 0.37 -41.86 11.34
CA ARG B 38 -0.35 -41.10 10.31
C ARG B 38 -1.79 -41.60 10.12
N ARG B 39 -2.45 -41.92 11.23
CA ARG B 39 -3.79 -42.47 11.20
C ARG B 39 -4.78 -41.49 11.84
N GLY B 40 -6.00 -41.50 11.34
CA GLY B 40 -7.06 -40.70 11.92
C GLY B 40 -7.23 -39.33 11.30
N PHE B 41 -7.37 -39.29 9.97
CA PHE B 41 -7.69 -38.06 9.26
C PHE B 41 -9.06 -38.19 8.61
N TYR B 42 -9.75 -37.08 8.47
CA TYR B 42 -11.13 -37.08 7.99
C TYR B 42 -11.35 -35.93 7.03
N TYR B 43 -12.41 -36.05 6.23
CA TYR B 43 -12.83 -34.99 5.33
C TYR B 43 -13.47 -33.87 6.15
N PHE B 44 -12.77 -32.75 6.24
CA PHE B 44 -13.17 -31.64 7.11
C PHE B 44 -14.20 -30.72 6.46
N ASP B 45 -14.54 -30.93 5.20
CA ASP B 45 -15.43 -30.02 4.48
C ASP B 45 -16.22 -30.81 3.45
N ASP B 46 -17.28 -30.17 2.95
CA ASP B 46 -18.10 -30.78 1.92
C ASP B 46 -18.07 -29.94 0.64
N ILE B 47 -16.86 -29.51 0.26
CA ILE B 47 -16.64 -28.73 -0.96
C ILE B 47 -15.63 -29.48 -1.81
N PHE B 48 -15.95 -29.66 -3.09
CA PHE B 48 -15.08 -30.40 -3.99
C PHE B 48 -13.83 -29.60 -4.31
N ARG B 49 -12.66 -30.21 -4.11
CA ARG B 49 -11.38 -29.64 -4.49
C ARG B 49 -10.59 -30.69 -5.27
N SER B 50 -9.71 -30.22 -6.14
CA SER B 50 -8.91 -31.11 -6.97
C SER B 50 -7.61 -30.45 -7.36
N SER B 51 -6.49 -31.18 -7.15
CA SER B 51 -5.15 -30.78 -7.55
C SER B 51 -4.74 -29.44 -6.94
N ILE B 52 -4.74 -29.40 -5.60
CA ILE B 52 -4.43 -28.18 -4.87
C ILE B 52 -3.84 -28.58 -3.52
N ARG B 53 -3.05 -27.66 -2.95
CA ARG B 53 -2.43 -27.85 -1.63
C ARG B 53 -2.93 -26.75 -0.71
N VAL B 54 -3.80 -27.12 0.23
CA VAL B 54 -4.35 -26.18 1.19
C VAL B 54 -3.94 -26.62 2.59
N LEU B 55 -4.07 -25.68 3.53
CA LEU B 55 -3.81 -25.95 4.94
C LEU B 55 -4.99 -25.48 5.77
N THR B 56 -5.34 -26.26 6.79
CA THR B 56 -6.50 -25.96 7.62
C THR B 56 -6.13 -26.19 9.08
N THR B 57 -6.90 -25.55 9.96
CA THR B 57 -6.73 -25.65 11.40
C THR B 57 -7.99 -26.21 12.02
N GLY B 58 -7.84 -27.20 12.89
CA GLY B 58 -8.96 -27.80 13.58
C GLY B 58 -8.50 -28.76 14.66
N HIS B 59 -9.34 -29.72 15.02
CA HIS B 59 -9.00 -30.73 16.02
C HIS B 59 -8.68 -32.03 15.28
N PHE B 60 -7.42 -32.46 15.36
CA PHE B 60 -6.95 -33.64 14.64
C PHE B 60 -6.16 -34.52 15.58
N LEU B 61 -6.07 -35.80 15.24
CA LEU B 61 -5.20 -36.72 15.95
C LEU B 61 -3.76 -36.44 15.55
N PRO B 62 -2.87 -36.15 16.50
CA PRO B 62 -1.47 -35.87 16.15
C PRO B 62 -0.76 -37.10 15.59
N PHE B 63 0.14 -36.85 14.64
CA PHE B 63 0.92 -37.93 14.05
C PHE B 63 1.91 -38.49 15.05
N ASN B 64 2.11 -39.81 14.99
CA ASN B 64 3.04 -40.55 15.85
C ASN B 64 2.73 -40.35 17.33
N THR B 65 1.46 -40.29 17.67
CA THR B 65 1.01 -40.17 19.05
C THR B 65 0.72 -41.56 19.62
N ASN B 66 0.56 -41.60 20.94
CA ASN B 66 0.40 -42.86 21.66
C ASN B 66 -1.08 -43.13 21.90
N LEU B 67 -1.53 -44.31 21.51
CA LEU B 67 -2.87 -44.77 21.80
C LEU B 67 -2.85 -45.63 23.07
N THR B 68 -3.99 -46.20 23.42
CA THR B 68 -4.11 -47.07 24.58
C THR B 68 -4.63 -48.43 24.15
N TRP B 69 -3.95 -49.50 24.57
CA TRP B 69 -4.30 -50.85 24.17
C TRP B 69 -5.25 -51.45 25.21
N TYR B 70 -6.46 -51.79 24.76
CA TYR B 70 -7.45 -52.48 25.57
C TYR B 70 -7.79 -53.81 24.91
N LEU B 71 -7.86 -54.87 25.70
CA LEU B 71 -8.10 -56.21 25.18
C LEU B 71 -9.29 -56.84 25.87
N THR B 72 -10.05 -57.62 25.10
CA THR B 72 -11.10 -58.47 25.64
C THR B 72 -10.51 -59.84 25.96
N LEU B 73 -10.58 -60.22 27.23
CA LEU B 73 -9.88 -61.40 27.73
C LEU B 73 -10.80 -62.61 27.71
N LYS B 74 -10.30 -63.73 27.19
CA LYS B 74 -11.02 -65.00 27.23
C LYS B 74 -10.50 -65.86 28.39
N SER B 75 -10.66 -65.33 29.60
CA SER B 75 -10.19 -65.99 30.82
C SER B 75 -10.93 -65.46 32.04
N ASP B 84 -12.49 -55.31 29.07
CA ASP B 84 -12.56 -54.13 29.92
C ASP B 84 -13.29 -52.98 29.23
N ASN B 85 -13.91 -52.12 30.03
CA ASN B 85 -14.63 -50.95 29.51
C ASN B 85 -14.54 -49.81 30.50
N PRO B 86 -13.40 -49.11 30.56
CA PRO B 86 -13.27 -47.98 31.47
C PRO B 86 -14.00 -46.76 30.92
N ASN B 87 -14.23 -45.79 31.81
CA ASN B 87 -14.90 -44.54 31.45
C ASN B 87 -13.84 -43.61 30.87
N ILE B 88 -13.66 -43.68 29.55
CA ILE B 88 -12.67 -42.87 28.87
C ILE B 88 -13.17 -41.43 28.77
N ASN B 89 -12.27 -40.48 29.03
CA ASN B 89 -12.63 -39.07 28.99
C ASN B 89 -12.93 -38.62 27.57
N PHE B 90 -13.85 -37.68 27.45
CA PHE B 90 -14.21 -37.06 26.18
C PHE B 90 -13.71 -35.62 26.23
N GLY B 91 -12.64 -35.33 25.50
CA GLY B 91 -12.09 -33.99 25.47
C GLY B 91 -12.61 -33.18 24.31
N ASP B 92 -11.74 -32.91 23.34
CA ASP B 92 -12.16 -32.29 22.09
C ASP B 92 -12.59 -33.30 21.04
N GLY B 93 -12.56 -34.58 21.37
CA GLY B 93 -12.91 -35.65 20.46
C GLY B 93 -12.05 -36.86 20.73
N VAL B 94 -12.56 -38.03 20.36
CA VAL B 94 -11.86 -39.28 20.55
C VAL B 94 -11.80 -40.04 19.23
N TYR B 95 -10.77 -40.86 19.10
CA TYR B 95 -10.58 -41.73 17.94
C TYR B 95 -10.66 -43.17 18.39
N PHE B 96 -11.46 -43.97 17.70
CA PHE B 96 -11.64 -45.38 18.04
C PHE B 96 -11.24 -46.23 16.85
N GLY B 97 -10.25 -47.10 17.06
CA GLY B 97 -9.84 -48.06 16.05
C GLY B 97 -9.82 -49.46 16.64
N LEU B 98 -10.49 -50.41 15.98
CA LEU B 98 -10.71 -51.73 16.54
C LEU B 98 -10.37 -52.80 15.51
N THR B 99 -9.76 -53.89 15.99
CA THR B 99 -9.45 -55.06 15.18
C THR B 99 -10.27 -56.23 15.71
N GLU B 100 -11.03 -56.87 14.81
CA GLU B 100 -11.89 -57.97 15.22
C GLU B 100 -12.03 -58.95 14.06
N LYS B 101 -12.54 -60.14 14.39
CA LYS B 101 -12.74 -61.19 13.39
C LYS B 101 -14.14 -61.79 13.49
N SER B 102 -14.74 -61.73 14.68
CA SER B 102 -16.01 -62.41 14.96
C SER B 102 -17.10 -61.42 15.34
N ASN B 103 -16.95 -60.15 14.95
CA ASN B 103 -17.94 -59.09 15.18
C ASN B 103 -18.27 -58.93 16.67
N VAL B 104 -17.24 -59.04 17.52
CA VAL B 104 -17.45 -59.02 18.96
C VAL B 104 -17.73 -57.59 19.45
N PHE B 105 -16.91 -56.62 19.01
CA PHE B 105 -17.05 -55.26 19.50
C PHE B 105 -18.11 -54.51 18.69
N ARG B 106 -19.09 -53.96 19.41
CA ARG B 106 -20.08 -53.06 18.81
C ARG B 106 -20.71 -52.24 19.93
N GLY B 107 -20.96 -50.97 19.64
CA GLY B 107 -21.72 -50.16 20.56
C GLY B 107 -20.87 -49.17 21.33
N TRP B 108 -21.51 -48.07 21.74
CA TRP B 108 -20.90 -47.05 22.59
C TRP B 108 -21.97 -46.47 23.49
N ILE B 109 -21.53 -45.88 24.60
CA ILE B 109 -22.42 -45.21 25.56
C ILE B 109 -21.85 -43.83 25.85
N PHE B 110 -22.68 -42.80 25.72
CA PHE B 110 -22.27 -41.42 25.92
C PHE B 110 -23.05 -40.83 27.08
N GLY B 111 -22.39 -39.95 27.83
CA GLY B 111 -23.04 -39.31 28.96
C GLY B 111 -22.02 -38.63 29.85
N SER B 112 -22.51 -38.21 31.02
CA SER B 112 -21.68 -37.53 32.01
C SER B 112 -21.65 -38.24 33.36
N THR B 113 -22.79 -38.73 33.84
CA THR B 113 -22.86 -39.45 35.11
C THR B 113 -23.16 -40.92 34.97
N LEU B 114 -23.78 -41.31 33.86
CA LEU B 114 -24.07 -42.73 33.56
C LEU B 114 -24.95 -43.36 34.65
N ASP B 115 -25.94 -42.59 35.11
CA ASP B 115 -27.00 -42.88 36.09
C ASP B 115 -28.33 -42.39 35.54
N ASN B 116 -29.41 -42.51 36.30
CA ASN B 116 -30.76 -42.09 35.93
C ASN B 116 -31.07 -40.65 36.33
N THR B 117 -30.11 -39.92 36.89
CA THR B 117 -30.31 -38.50 37.15
C THR B 117 -29.89 -37.62 35.99
N THR B 118 -29.27 -38.18 34.95
CA THR B 118 -28.81 -37.41 33.81
C THR B 118 -29.03 -38.24 32.55
N GLN B 119 -29.44 -37.58 31.47
CA GLN B 119 -29.70 -38.27 30.21
C GLN B 119 -28.40 -38.83 29.62
N SER B 120 -28.55 -39.94 28.88
CA SER B 120 -27.42 -40.61 28.26
C SER B 120 -27.81 -41.07 26.86
N ALA B 121 -26.81 -41.27 26.03
CA ALA B 121 -27.00 -41.68 24.65
C ALA B 121 -26.35 -43.04 24.41
N VAL B 122 -27.06 -43.91 23.70
CA VAL B 122 -26.52 -45.21 23.31
C VAL B 122 -26.60 -45.32 21.79
N LEU B 123 -25.59 -45.98 21.22
CA LEU B 123 -25.52 -46.18 19.78
C LEU B 123 -24.84 -47.53 19.57
N PHE B 124 -25.61 -48.53 19.13
CA PHE B 124 -25.09 -49.88 19.05
C PHE B 124 -25.75 -50.62 17.90
N ASN B 125 -25.24 -51.83 17.64
CA ASN B 125 -25.77 -52.73 16.64
C ASN B 125 -26.36 -53.96 17.32
N ASN B 126 -27.50 -54.43 16.83
CA ASN B 126 -28.17 -55.59 17.40
C ASN B 126 -27.95 -56.86 16.59
N GLY B 127 -27.17 -56.79 15.51
CA GLY B 127 -27.06 -57.87 14.56
C GLY B 127 -28.07 -57.81 13.44
N THR B 128 -29.15 -57.06 13.61
CA THR B 128 -30.12 -56.81 12.56
C THR B 128 -30.58 -55.36 12.48
N HIS B 129 -30.27 -54.54 13.48
CA HIS B 129 -30.70 -53.14 13.50
C HIS B 129 -29.65 -52.31 14.22
N ILE B 130 -29.61 -51.02 13.90
CA ILE B 130 -28.77 -50.06 14.59
C ILE B 130 -29.70 -49.21 15.44
N VAL B 131 -29.82 -49.55 16.72
CA VAL B 131 -30.72 -48.85 17.63
C VAL B 131 -29.93 -47.74 18.31
N ILE B 132 -30.39 -46.50 18.14
CA ILE B 132 -29.81 -45.35 18.80
C ILE B 132 -30.95 -44.54 19.41
N ASP B 133 -30.85 -44.25 20.71
CA ASP B 133 -31.90 -43.52 21.40
C ASP B 133 -31.32 -42.84 22.63
N VAL B 134 -31.67 -41.58 22.83
CA VAL B 134 -31.20 -40.80 23.97
C VAL B 134 -32.30 -40.79 25.01
N CYS B 135 -32.11 -41.55 26.10
CA CYS B 135 -33.12 -41.70 27.12
C CYS B 135 -32.43 -41.57 28.48
N ASN B 136 -33.23 -41.61 29.54
CA ASN B 136 -32.69 -41.57 30.91
C ASN B 136 -32.50 -43.00 31.38
N PHE B 137 -31.28 -43.51 31.21
CA PHE B 137 -31.00 -44.92 31.42
C PHE B 137 -30.59 -45.21 32.86
N ASN B 138 -30.58 -46.50 33.19
CA ASN B 138 -30.25 -47.03 34.51
C ASN B 138 -29.23 -48.15 34.37
N PHE B 139 -28.11 -47.84 33.69
CA PHE B 139 -27.09 -48.83 33.32
C PHE B 139 -26.60 -49.63 34.52
N CYS B 140 -26.51 -50.94 34.35
CA CYS B 140 -26.01 -51.82 35.39
C CYS B 140 -24.48 -51.94 35.27
N ALA B 141 -23.91 -52.95 35.93
CA ALA B 141 -22.46 -53.03 36.08
C ALA B 141 -21.73 -53.19 34.76
N ASP B 142 -22.27 -54.02 33.86
CA ASP B 142 -21.59 -54.25 32.59
C ASP B 142 -22.57 -54.37 31.44
N PRO B 143 -22.57 -53.41 30.50
CA PRO B 143 -23.33 -53.59 29.26
C PRO B 143 -22.72 -54.74 28.45
N MET B 144 -23.58 -55.65 28.01
CA MET B 144 -23.13 -56.94 27.48
C MET B 144 -23.92 -57.29 26.23
N PHE B 145 -23.57 -58.44 25.65
CA PHE B 145 -24.29 -59.01 24.53
C PHE B 145 -24.05 -60.51 24.56
N ALA B 146 -25.15 -61.29 24.58
CA ALA B 146 -25.07 -62.73 24.75
C ALA B 146 -25.57 -63.41 23.48
N VAL B 147 -24.77 -64.35 22.97
CA VAL B 147 -25.09 -65.11 21.77
C VAL B 147 -24.95 -66.59 22.08
N ASN B 148 -25.92 -67.39 21.64
CA ASN B 148 -25.94 -68.82 21.91
C ASN B 148 -25.85 -69.57 20.58
N SER B 149 -24.83 -70.43 20.46
CA SER B 149 -24.64 -71.35 19.34
C SER B 149 -24.59 -70.62 17.99
N GLY B 150 -24.00 -69.43 17.97
CA GLY B 150 -23.86 -68.68 16.74
C GLY B 150 -25.01 -67.74 16.42
N GLN B 151 -26.06 -67.72 17.22
CA GLN B 151 -27.19 -66.83 16.97
C GLN B 151 -27.47 -66.01 18.22
N PRO B 152 -27.98 -64.78 18.05
CA PRO B 152 -28.31 -63.96 19.23
C PRO B 152 -29.62 -64.39 19.86
N TYR B 153 -29.66 -64.34 21.20
CA TYR B 153 -30.86 -64.70 21.94
C TYR B 153 -31.26 -63.71 23.03
N LYS B 154 -30.34 -62.90 23.55
CA LYS B 154 -30.66 -61.98 24.63
C LYS B 154 -29.63 -60.86 24.66
N THR B 155 -30.11 -59.64 24.87
CA THR B 155 -29.26 -58.45 24.99
C THR B 155 -29.39 -57.90 26.40
N TRP B 156 -28.25 -57.60 27.03
CA TRP B 156 -28.20 -57.07 28.40
C TRP B 156 -27.41 -55.77 28.37
N ILE B 157 -28.09 -54.67 28.11
CA ILE B 157 -27.43 -53.37 27.98
C ILE B 157 -27.99 -52.31 28.92
N TYR B 158 -29.25 -52.38 29.35
CA TYR B 158 -29.76 -51.50 30.40
C TYR B 158 -30.93 -52.20 31.07
N THR B 159 -31.36 -51.64 32.20
CA THR B 159 -32.45 -52.19 32.98
C THR B 159 -33.74 -51.39 32.82
N SER B 160 -33.71 -50.08 33.06
CA SER B 160 -34.89 -49.24 32.96
C SER B 160 -34.54 -47.97 32.21
N ALA B 161 -35.55 -47.40 31.54
CA ALA B 161 -35.38 -46.17 30.79
C ALA B 161 -36.73 -45.48 30.64
N ALA B 162 -36.77 -44.20 31.02
CA ALA B 162 -37.98 -43.39 30.90
C ALA B 162 -37.57 -41.96 30.60
N ASN B 163 -38.58 -41.10 30.38
CA ASN B 163 -38.39 -39.68 30.06
C ASN B 163 -37.48 -39.49 28.85
N CYS B 164 -37.74 -40.27 27.80
CA CYS B 164 -36.77 -40.49 26.74
C CYS B 164 -37.20 -39.72 25.49
N THR B 165 -36.29 -38.92 24.94
CA THR B 165 -36.64 -37.89 23.96
C THR B 165 -36.07 -38.13 22.56
N TYR B 166 -35.50 -39.30 22.28
CA TYR B 166 -34.96 -39.55 20.95
C TYR B 166 -35.04 -41.05 20.66
N HIS B 167 -35.14 -41.36 19.36
CA HIS B 167 -35.15 -42.74 18.90
C HIS B 167 -34.86 -42.77 17.40
N ARG B 168 -34.06 -43.74 16.98
CA ARG B 168 -33.78 -43.98 15.56
C ARG B 168 -33.40 -45.43 15.38
N ALA B 169 -33.62 -45.94 14.18
CA ALA B 169 -33.31 -47.33 13.87
C ALA B 169 -33.10 -47.49 12.38
N HIS B 170 -32.18 -48.38 12.01
CA HIS B 170 -31.89 -48.74 10.63
C HIS B 170 -32.03 -50.25 10.48
N ALA B 171 -31.80 -50.72 9.25
CA ALA B 171 -31.90 -52.15 8.93
C ALA B 171 -30.56 -52.62 8.39
N PHE B 172 -29.88 -53.48 9.14
CA PHE B 172 -28.58 -54.02 8.74
C PHE B 172 -28.54 -55.54 8.93
N PHE B 183 -8.52 -61.40 12.86
CA PHE B 183 -8.13 -60.00 12.65
C PHE B 183 -8.26 -59.64 11.17
N LYS B 184 -9.32 -60.14 10.54
CA LYS B 184 -9.47 -60.00 9.09
C LYS B 184 -9.85 -58.59 8.67
N HIS B 185 -10.44 -57.79 9.57
CA HIS B 185 -10.91 -56.46 9.19
C HIS B 185 -10.54 -55.45 10.28
N PHE B 186 -10.46 -54.19 9.87
CA PHE B 186 -10.08 -53.08 10.72
C PHE B 186 -11.09 -51.96 10.56
N ARG B 187 -11.59 -51.45 11.70
CA ARG B 187 -12.65 -50.45 11.69
C ARG B 187 -12.20 -49.22 12.46
N GLU B 188 -12.49 -48.05 11.90
CA GLU B 188 -12.11 -46.76 12.50
C GLU B 188 -13.35 -45.93 12.75
N HIS B 189 -13.35 -45.22 13.88
CA HIS B 189 -14.47 -44.35 14.24
C HIS B 189 -13.94 -43.13 14.99
N LEU B 190 -14.30 -41.95 14.50
CA LEU B 190 -13.90 -40.69 15.12
C LEU B 190 -15.15 -39.93 15.55
N PHE B 191 -15.16 -39.45 16.78
CA PHE B 191 -16.31 -38.77 17.37
C PHE B 191 -15.95 -37.32 17.71
N LYS B 192 -16.86 -36.41 17.40
CA LYS B 192 -16.70 -35.00 17.73
C LYS B 192 -18.03 -34.45 18.20
N ASN B 193 -17.97 -33.46 19.08
CA ASN B 193 -19.19 -32.88 19.67
C ASN B 193 -19.03 -31.37 19.74
N VAL B 194 -19.55 -30.67 18.74
CA VAL B 194 -19.57 -29.21 18.70
C VAL B 194 -20.99 -28.74 18.41
N ASP B 195 -21.37 -27.61 19.03
CA ASP B 195 -22.58 -26.85 18.72
C ASP B 195 -23.86 -27.69 18.85
N GLY B 196 -23.91 -28.55 19.87
CA GLY B 196 -25.06 -29.40 20.08
C GLY B 196 -25.27 -30.45 19.00
N PHE B 197 -24.19 -31.02 18.48
CA PHE B 197 -24.25 -32.09 17.50
C PHE B 197 -23.22 -33.13 17.85
N LEU B 198 -23.42 -34.35 17.36
CA LEU B 198 -22.44 -35.43 17.50
C LEU B 198 -22.05 -35.91 16.11
N TYR B 199 -20.78 -35.71 15.76
CA TYR B 199 -20.27 -36.09 14.45
C TYR B 199 -19.59 -37.44 14.55
N VAL B 200 -19.91 -38.34 13.63
CA VAL B 200 -19.33 -39.67 13.56
C VAL B 200 -18.70 -39.86 12.18
N TYR B 201 -17.44 -40.28 12.15
CA TYR B 201 -16.71 -40.54 10.92
C TYR B 201 -16.32 -42.00 10.88
N HIS B 202 -16.33 -42.58 9.67
CA HIS B 202 -16.14 -44.02 9.51
C HIS B 202 -15.19 -44.30 8.35
N ASN B 203 -14.36 -45.33 8.53
CA ASN B 203 -13.52 -45.86 7.46
C ASN B 203 -13.39 -47.36 7.64
N TYR B 204 -13.03 -48.04 6.54
CA TYR B 204 -12.95 -49.50 6.54
C TYR B 204 -11.86 -49.95 5.59
N GLU B 205 -11.04 -50.91 6.04
CA GLU B 205 -10.05 -51.56 5.20
C GLU B 205 -9.70 -52.92 5.79
N PRO B 206 -9.46 -53.94 4.97
CA PRO B 206 -9.02 -55.22 5.51
C PRO B 206 -7.52 -55.24 5.75
N ILE B 207 -7.11 -55.97 6.79
CA ILE B 207 -5.73 -55.99 7.24
C ILE B 207 -5.25 -57.44 7.33
N ASP B 208 -4.03 -57.61 7.84
CA ASP B 208 -3.34 -58.88 7.82
C ASP B 208 -3.90 -59.83 8.89
N LEU B 209 -3.33 -61.03 8.94
CA LEU B 209 -3.82 -62.07 9.84
C LEU B 209 -3.57 -61.71 11.30
N ASN B 210 -2.39 -61.17 11.61
CA ASN B 210 -2.03 -60.87 12.99
C ASN B 210 -1.11 -59.66 13.01
N SER B 211 -1.59 -58.55 13.57
CA SER B 211 -0.78 -57.36 13.74
C SER B 211 -1.27 -56.61 14.97
N GLY B 212 -0.37 -55.80 15.54
CA GLY B 212 -0.75 -55.00 16.70
C GLY B 212 -1.63 -53.83 16.32
N PHE B 213 -1.08 -52.88 15.55
CA PHE B 213 -1.84 -51.76 15.04
C PHE B 213 -1.49 -51.60 13.58
N PRO B 214 -2.48 -51.58 12.67
CA PRO B 214 -2.16 -51.49 11.24
C PRO B 214 -1.61 -50.13 10.83
N SER B 215 -0.34 -50.09 10.48
CA SER B 215 0.32 -48.85 10.09
C SER B 215 0.04 -48.51 8.62
N GLY B 216 -0.04 -47.22 8.34
CA GLY B 216 -0.32 -46.75 7.00
C GLY B 216 -0.84 -45.33 6.96
N PHE B 217 -1.80 -45.06 6.08
CA PHE B 217 -2.45 -43.76 6.02
C PHE B 217 -3.84 -43.94 5.46
N SER B 218 -4.85 -43.44 6.17
CA SER B 218 -6.24 -43.56 5.76
C SER B 218 -6.96 -42.24 6.03
N VAL B 219 -8.02 -42.00 5.26
CA VAL B 219 -8.85 -40.81 5.41
C VAL B 219 -10.26 -41.26 5.71
N LEU B 220 -10.88 -40.64 6.73
CA LEU B 220 -12.19 -41.04 7.20
C LEU B 220 -13.27 -40.21 6.53
N LYS B 221 -14.47 -40.79 6.44
CA LYS B 221 -15.59 -40.13 5.81
C LYS B 221 -16.77 -40.03 6.78
N PRO B 222 -17.50 -38.93 6.78
CA PRO B 222 -18.67 -38.82 7.66
C PRO B 222 -19.81 -39.70 7.19
N ILE B 223 -20.63 -40.14 8.15
CA ILE B 223 -21.79 -40.98 7.89
C ILE B 223 -23.07 -40.34 8.39
N LEU B 224 -23.08 -39.86 9.63
CA LEU B 224 -24.28 -39.32 10.22
C LEU B 224 -23.94 -38.19 11.18
N LYS B 225 -24.94 -37.34 11.44
CA LYS B 225 -24.78 -36.14 12.25
C LYS B 225 -25.99 -36.05 13.17
N LEU B 226 -25.77 -36.25 14.47
CA LEU B 226 -26.86 -36.50 15.41
C LEU B 226 -27.22 -35.25 16.18
N PRO B 227 -28.47 -34.78 16.12
CA PRO B 227 -28.89 -33.51 16.74
C PRO B 227 -29.44 -33.64 18.16
N PHE B 228 -28.56 -33.84 19.14
CA PHE B 228 -28.97 -33.73 20.54
C PHE B 228 -28.01 -32.85 21.30
N GLY B 229 -28.55 -32.02 22.18
CA GLY B 229 -27.75 -31.20 23.07
C GLY B 229 -27.57 -31.88 24.41
N LEU B 230 -26.42 -32.52 24.60
CA LEU B 230 -26.15 -33.32 25.78
C LEU B 230 -24.78 -32.96 26.33
N ASN B 231 -24.64 -33.10 27.65
CA ASN B 231 -23.34 -32.91 28.30
C ASN B 231 -22.61 -34.24 28.23
N ILE B 232 -21.71 -34.35 27.26
CA ILE B 232 -20.93 -35.58 27.03
C ILE B 232 -19.52 -35.33 27.54
N THR B 233 -19.14 -36.04 28.60
CA THR B 233 -17.79 -35.98 29.14
C THR B 233 -17.12 -37.33 29.25
N TYR B 234 -17.86 -38.44 29.13
CA TYR B 234 -17.29 -39.77 29.22
C TYR B 234 -17.87 -40.64 28.11
N VAL B 235 -17.12 -41.66 27.73
CA VAL B 235 -17.58 -42.67 26.78
C VAL B 235 -17.32 -44.05 27.37
N LYS B 236 -18.07 -45.03 26.87
CA LYS B 236 -17.94 -46.41 27.32
C LYS B 236 -18.05 -47.33 26.12
N ALA B 237 -17.82 -48.62 26.36
CA ALA B 237 -17.81 -49.62 25.31
C ALA B 237 -18.70 -50.79 25.71
N ILE B 238 -19.32 -51.41 24.70
CA ILE B 238 -20.21 -52.55 24.89
C ILE B 238 -19.54 -53.78 24.25
N MET B 239 -19.44 -54.86 25.02
CA MET B 239 -18.72 -56.05 24.61
C MET B 239 -19.70 -57.18 24.31
N THR B 240 -19.14 -58.35 23.97
CA THR B 240 -19.90 -59.54 23.66
C THR B 240 -19.15 -60.75 24.18
N LEU B 241 -19.83 -61.62 24.91
CA LEU B 241 -19.27 -62.87 25.39
C LEU B 241 -20.06 -64.05 24.86
N PHE B 242 -19.36 -65.15 24.59
CA PHE B 242 -19.98 -66.35 24.06
C PHE B 242 -20.52 -67.18 25.23
N SER B 243 -21.81 -67.49 25.19
CA SER B 243 -22.47 -68.18 26.29
C SER B 243 -22.48 -69.70 26.12
N SER B 244 -21.84 -70.22 25.07
CA SER B 244 -21.77 -71.66 24.87
C SER B 244 -20.33 -72.14 24.77
N ASP B 252 -14.13 -64.63 19.74
CA ASP B 252 -12.93 -64.83 20.54
C ASP B 252 -12.45 -63.51 21.15
N ALA B 253 -11.14 -63.32 21.18
CA ALA B 253 -10.55 -62.10 21.73
C ALA B 253 -10.39 -61.05 20.64
N SER B 254 -10.32 -59.79 21.07
CA SER B 254 -10.17 -58.66 20.16
C SER B 254 -9.51 -57.52 20.92
N ALA B 255 -9.27 -56.42 20.22
CA ALA B 255 -8.64 -55.25 20.82
C ALA B 255 -9.16 -53.99 20.13
N TYR B 256 -9.16 -52.89 20.88
CA TYR B 256 -9.49 -51.59 20.33
C TYR B 256 -8.56 -50.54 20.93
N PHE B 257 -8.26 -49.51 20.13
CA PHE B 257 -7.32 -48.47 20.49
C PHE B 257 -8.03 -47.13 20.52
N VAL B 258 -7.72 -46.32 21.53
CA VAL B 258 -8.39 -45.04 21.74
C VAL B 258 -7.33 -43.94 21.80
N GLY B 259 -7.51 -42.91 20.97
CA GLY B 259 -6.66 -41.74 20.97
C GLY B 259 -7.35 -40.53 21.59
N HIS B 260 -6.81 -39.35 21.28
CA HIS B 260 -7.37 -38.11 21.80
C HIS B 260 -7.03 -36.98 20.84
N LEU B 261 -8.05 -36.21 20.45
CA LEU B 261 -7.87 -35.14 19.48
C LEU B 261 -7.25 -33.91 20.14
N LYS B 262 -6.48 -33.17 19.35
CA LYS B 262 -5.77 -31.99 19.79
C LYS B 262 -5.88 -30.91 18.73
N PRO B 263 -5.88 -29.63 19.13
CA PRO B 263 -5.90 -28.54 18.14
C PRO B 263 -4.55 -28.37 17.48
N LEU B 264 -4.50 -28.61 16.17
CA LEU B 264 -3.25 -28.57 15.41
C LEU B 264 -3.50 -27.89 14.06
N THR B 265 -2.41 -27.72 13.31
CA THR B 265 -2.45 -27.21 11.95
C THR B 265 -1.92 -28.28 11.01
N MET B 266 -2.67 -28.56 9.95
CA MET B 266 -2.32 -29.62 9.01
C MET B 266 -2.25 -29.05 7.60
N LEU B 267 -1.50 -29.74 6.74
CA LEU B 267 -1.38 -29.42 5.33
C LEU B 267 -1.74 -30.65 4.51
N VAL B 268 -2.62 -30.48 3.53
CA VAL B 268 -3.14 -31.58 2.73
C VAL B 268 -3.02 -31.27 1.25
N ASP B 269 -3.08 -32.32 0.44
CA ASP B 269 -3.09 -32.19 -1.01
C ASP B 269 -4.17 -33.09 -1.58
N PHE B 270 -4.71 -32.68 -2.73
CA PHE B 270 -5.76 -33.40 -3.41
C PHE B 270 -5.27 -33.86 -4.78
N ASP B 271 -5.81 -34.98 -5.25
CA ASP B 271 -5.46 -35.49 -6.56
C ASP B 271 -6.27 -34.76 -7.64
N GLU B 272 -6.20 -35.24 -8.88
CA GLU B 272 -7.07 -34.70 -9.92
C GLU B 272 -8.53 -35.08 -9.68
N ASN B 273 -8.78 -36.18 -8.98
CA ASN B 273 -10.11 -36.50 -8.47
C ASN B 273 -10.30 -35.80 -7.12
N GLY B 274 -11.37 -36.15 -6.40
CA GLY B 274 -11.63 -35.52 -5.12
C GLY B 274 -11.17 -36.34 -3.93
N THR B 275 -9.98 -36.93 -4.03
CA THR B 275 -9.45 -37.83 -3.01
C THR B 275 -8.24 -37.23 -2.33
N ILE B 276 -8.20 -37.32 -1.01
CA ILE B 276 -7.05 -36.89 -0.22
C ILE B 276 -6.01 -38.01 -0.23
N ILE B 277 -4.79 -37.70 -0.65
CA ILE B 277 -3.76 -38.71 -0.81
C ILE B 277 -2.66 -38.61 0.25
N ASP B 278 -2.33 -37.41 0.72
CA ASP B 278 -1.25 -37.26 1.68
C ASP B 278 -1.54 -36.08 2.59
N ALA B 279 -0.96 -36.12 3.79
CA ALA B 279 -1.14 -35.06 4.77
C ALA B 279 0.11 -34.97 5.65
N ILE B 280 0.45 -33.76 6.06
CA ILE B 280 1.62 -33.49 6.88
C ILE B 280 1.17 -32.79 8.15
N ASP B 281 1.62 -33.32 9.30
CA ASP B 281 1.34 -32.69 10.59
C ASP B 281 2.50 -31.77 10.95
N CYS B 282 2.24 -30.46 10.95
CA CYS B 282 3.25 -29.50 11.35
C CYS B 282 3.44 -29.55 12.86
N SER B 283 4.54 -28.94 13.31
CA SER B 283 5.02 -28.93 14.70
C SER B 283 5.33 -30.32 15.24
N GLN B 284 5.63 -31.29 14.37
CA GLN B 284 6.03 -32.62 14.82
C GLN B 284 7.55 -32.75 14.83
N ASP B 285 8.18 -32.44 13.71
CA ASP B 285 9.64 -32.45 13.56
C ASP B 285 10.01 -31.28 12.66
N PRO B 286 11.28 -30.83 12.70
CA PRO B 286 11.66 -29.65 11.90
C PRO B 286 11.44 -29.79 10.40
N LEU B 287 11.50 -31.00 9.84
CA LEU B 287 11.29 -31.17 8.41
C LEU B 287 9.84 -30.88 8.02
N SER B 288 8.89 -31.40 8.78
CA SER B 288 7.48 -31.12 8.49
C SER B 288 7.12 -29.68 8.78
N GLU B 289 7.79 -29.06 9.76
CA GLU B 289 7.60 -27.63 9.99
C GLU B 289 8.11 -26.82 8.80
N LEU B 290 9.24 -27.23 8.22
CA LEU B 290 9.75 -26.58 7.01
C LEU B 290 8.79 -26.76 5.84
N LYS B 291 8.23 -27.96 5.69
CA LYS B 291 7.27 -28.19 4.60
C LYS B 291 5.96 -27.44 4.84
N CYS B 292 5.59 -27.24 6.11
CA CYS B 292 4.43 -26.41 6.43
C CYS B 292 4.68 -24.95 6.04
N THR B 293 5.89 -24.45 6.31
CA THR B 293 6.21 -23.08 5.91
C THR B 293 6.29 -22.92 4.40
N THR B 294 6.85 -23.92 3.71
CA THR B 294 7.08 -23.84 2.27
C THR B 294 5.85 -24.20 1.44
N LYS B 295 4.83 -24.80 2.06
CA LYS B 295 3.58 -25.24 1.40
C LYS B 295 3.86 -26.21 0.25
N SER B 296 4.82 -27.11 0.45
CA SER B 296 5.15 -28.12 -0.53
C SER B 296 5.52 -29.41 0.18
N PHE B 297 5.32 -30.53 -0.51
CA PHE B 297 5.66 -31.83 0.04
C PHE B 297 7.07 -32.28 -0.33
N THR B 298 7.75 -31.57 -1.22
CA THR B 298 9.14 -31.82 -1.55
C THR B 298 9.87 -30.49 -1.62
N VAL B 299 11.03 -30.42 -0.98
CA VAL B 299 11.81 -29.19 -0.91
C VAL B 299 13.20 -29.45 -1.49
N GLU B 300 13.79 -28.41 -2.04
CA GLU B 300 15.12 -28.49 -2.62
C GLU B 300 16.19 -28.27 -1.55
N LYS B 301 17.44 -28.52 -1.94
CA LYS B 301 18.55 -28.36 -1.02
C LYS B 301 18.82 -26.89 -0.74
N GLY B 302 19.40 -26.62 0.42
CA GLY B 302 19.72 -25.27 0.85
C GLY B 302 19.37 -25.08 2.30
N ILE B 303 19.31 -23.81 2.70
CA ILE B 303 19.00 -23.43 4.08
C ILE B 303 17.84 -22.44 4.04
N TYR B 304 16.87 -22.63 4.93
CA TYR B 304 15.65 -21.84 4.93
C TYR B 304 15.40 -21.29 6.34
N GLN B 305 14.57 -20.24 6.39
CA GLN B 305 14.11 -19.67 7.65
C GLN B 305 12.75 -20.26 7.99
N THR B 306 12.54 -20.55 9.28
CA THR B 306 11.37 -21.30 9.71
C THR B 306 10.64 -20.53 10.82
N SER B 307 9.34 -20.36 10.64
CA SER B 307 8.48 -19.84 11.71
C SER B 307 8.06 -20.97 12.63
N ASN B 308 8.05 -20.70 13.92
CA ASN B 308 7.77 -21.75 14.91
C ASN B 308 6.29 -22.15 14.86
N PHE B 309 6.05 -23.43 15.14
CA PHE B 309 4.70 -23.98 15.16
C PHE B 309 4.31 -24.65 16.46
N ARG B 310 5.29 -24.99 17.31
CA ARG B 310 4.99 -25.53 18.63
C ARG B 310 4.54 -24.42 19.57
N VAL B 311 3.81 -24.80 20.62
CA VAL B 311 3.29 -23.89 21.61
C VAL B 311 3.68 -24.39 23.00
N THR B 312 3.94 -23.46 23.92
CA THR B 312 4.32 -23.79 25.29
C THR B 312 3.56 -22.96 26.31
N PRO B 313 2.23 -23.20 26.48
CA PRO B 313 1.53 -22.61 27.62
C PRO B 313 1.61 -23.48 28.86
N THR B 314 2.20 -22.96 29.94
CA THR B 314 2.39 -23.74 31.16
C THR B 314 1.37 -23.26 32.20
N THR B 315 0.17 -23.84 32.16
CA THR B 315 -0.94 -23.69 33.11
C THR B 315 -1.49 -22.27 33.10
N GLU B 316 -1.89 -21.77 34.28
CA GLU B 316 -2.53 -20.46 34.39
C GLU B 316 -2.12 -19.79 35.68
N VAL B 317 -2.22 -18.46 35.69
CA VAL B 317 -2.01 -17.65 36.89
C VAL B 317 -3.15 -16.64 36.93
N VAL B 318 -3.92 -16.64 38.02
CA VAL B 318 -5.00 -15.68 38.22
C VAL B 318 -4.73 -14.90 39.50
N ARG B 319 -4.68 -13.58 39.40
CA ARG B 319 -4.43 -12.71 40.54
C ARG B 319 -5.50 -11.63 40.60
N PHE B 320 -6.27 -11.62 41.67
CA PHE B 320 -7.33 -10.64 41.90
C PHE B 320 -7.21 -10.08 43.31
N PRO B 321 -7.68 -8.85 43.53
CA PRO B 321 -7.62 -8.27 44.88
C PRO B 321 -8.49 -9.02 45.88
N ASN B 322 -8.07 -8.99 47.14
CA ASN B 322 -8.72 -9.74 48.21
C ASN B 322 -9.95 -8.96 48.67
N ILE B 323 -11.04 -9.15 47.94
CA ILE B 323 -12.34 -8.57 48.28
C ILE B 323 -13.31 -9.72 48.54
N THR B 324 -14.00 -9.67 49.67
CA THR B 324 -14.92 -10.74 50.06
C THR B 324 -16.29 -10.21 50.46
N GLN B 325 -16.57 -8.92 50.27
CA GLN B 325 -17.85 -8.34 50.62
C GLN B 325 -18.72 -8.27 49.38
N LEU B 326 -19.96 -8.75 49.50
CA LEU B 326 -20.90 -8.73 48.38
C LEU B 326 -21.32 -7.30 48.07
N CYS B 327 -21.52 -7.04 46.79
CA CYS B 327 -21.91 -5.69 46.36
C CYS B 327 -23.36 -5.41 46.74
N PRO B 328 -23.68 -4.19 47.17
CA PRO B 328 -25.06 -3.89 47.56
C PRO B 328 -26.02 -3.79 46.39
N PHE B 329 -26.39 -4.93 45.81
CA PHE B 329 -27.42 -4.94 44.78
C PHE B 329 -28.81 -4.74 45.37
N ASN B 330 -29.01 -5.14 46.62
CA ASN B 330 -30.29 -4.93 47.29
C ASN B 330 -30.47 -3.47 47.71
N GLU B 331 -29.39 -2.76 47.99
CA GLU B 331 -29.44 -1.40 48.48
C GLU B 331 -29.70 -0.39 47.37
N VAL B 332 -29.70 -0.81 46.11
CA VAL B 332 -30.03 0.06 44.99
C VAL B 332 -31.34 -0.34 44.33
N PHE B 333 -31.58 -1.63 44.17
CA PHE B 333 -32.73 -2.13 43.44
C PHE B 333 -33.94 -2.39 44.32
N ASN B 334 -33.82 -2.22 45.64
CA ASN B 334 -34.93 -2.48 46.55
C ASN B 334 -35.04 -1.38 47.61
N ILE B 335 -34.95 -0.12 47.16
CA ILE B 335 -35.08 1.01 48.08
C ILE B 335 -36.55 1.30 48.37
N THR B 336 -37.41 1.19 47.35
CA THR B 336 -38.80 1.66 47.34
C THR B 336 -38.87 3.15 47.67
N SER B 337 -37.87 3.91 47.23
CA SER B 337 -37.91 5.37 47.28
C SER B 337 -36.93 5.89 46.24
N PHE B 338 -37.47 6.41 45.13
CA PHE B 338 -36.64 6.89 44.03
C PHE B 338 -36.97 8.35 43.73
N PRO B 339 -35.98 9.16 43.37
CA PRO B 339 -36.23 10.58 43.11
C PRO B 339 -36.75 10.81 41.69
N SER B 340 -37.12 12.05 41.43
CA SER B 340 -37.57 12.45 40.11
C SER B 340 -36.40 12.50 39.13
N VAL B 341 -36.73 12.58 37.84
CA VAL B 341 -35.70 12.57 36.81
C VAL B 341 -34.89 13.87 36.81
N TYR B 342 -35.52 15.00 37.15
CA TYR B 342 -34.80 16.26 37.21
C TYR B 342 -33.95 16.40 38.45
N ALA B 343 -34.17 15.54 39.46
CA ALA B 343 -33.41 15.59 40.70
C ALA B 343 -32.78 14.23 40.97
N TRP B 344 -32.15 13.66 39.94
CA TRP B 344 -31.54 12.35 40.07
C TRP B 344 -30.33 12.40 41.01
N GLU B 345 -30.08 11.26 41.66
CA GLU B 345 -29.00 11.14 42.62
C GLU B 345 -28.03 10.06 42.18
N ARG B 346 -26.79 10.14 42.66
CA ARG B 346 -25.76 9.21 42.28
C ARG B 346 -25.12 8.58 43.51
N MET B 347 -24.56 7.39 43.31
CA MET B 347 -23.97 6.59 44.36
C MET B 347 -22.61 6.08 43.90
N ARG B 348 -21.69 5.91 44.85
CA ARG B 348 -20.37 5.38 44.56
C ARG B 348 -20.30 3.90 44.96
N ILE B 349 -19.61 3.12 44.15
CA ILE B 349 -19.44 1.68 44.36
C ILE B 349 -17.95 1.41 44.56
N THR B 350 -17.60 0.89 45.73
CA THR B 350 -16.22 0.59 46.07
C THR B 350 -16.14 -0.69 46.89
N ASN B 351 -15.01 -1.40 46.74
CA ASN B 351 -14.71 -2.62 47.50
C ASN B 351 -15.79 -3.68 47.33
N CYS B 352 -16.08 -4.03 46.08
CA CYS B 352 -17.20 -4.90 45.74
C CYS B 352 -16.72 -6.15 45.02
N VAL B 353 -17.52 -7.20 45.13
CA VAL B 353 -17.44 -8.37 44.28
C VAL B 353 -18.75 -8.41 43.49
N ALA B 354 -18.70 -7.98 42.24
CA ALA B 354 -19.91 -7.74 41.47
C ALA B 354 -20.33 -9.02 40.75
N ASP B 355 -21.21 -9.78 41.37
CA ASP B 355 -21.88 -10.91 40.73
C ASP B 355 -23.38 -10.67 40.75
N TYR B 356 -23.97 -10.62 39.56
CA TYR B 356 -25.40 -10.33 39.42
C TYR B 356 -26.27 -11.55 39.63
N SER B 357 -25.67 -12.73 39.85
CA SER B 357 -26.43 -13.96 40.03
C SER B 357 -27.28 -13.94 41.30
N VAL B 358 -26.90 -13.13 42.31
CA VAL B 358 -27.74 -12.97 43.49
C VAL B 358 -29.06 -12.31 43.13
N LEU B 359 -29.08 -11.51 42.05
CA LEU B 359 -30.33 -10.96 41.54
C LEU B 359 -31.27 -12.05 41.02
N TYR B 360 -30.73 -13.22 40.65
CA TYR B 360 -31.59 -14.34 40.30
C TYR B 360 -32.29 -14.90 41.53
N ASN B 361 -31.72 -14.71 42.72
CA ASN B 361 -32.35 -15.16 43.95
C ASN B 361 -33.48 -14.24 44.38
N SER B 362 -33.50 -13.01 43.90
CA SER B 362 -34.56 -12.06 44.22
C SER B 362 -35.70 -12.20 43.22
N SER B 363 -36.64 -11.26 43.24
CA SER B 363 -37.81 -11.27 42.38
C SER B 363 -37.89 -9.99 41.56
N ALA B 364 -36.77 -9.61 40.96
CA ALA B 364 -36.68 -8.42 40.13
C ALA B 364 -36.48 -8.83 38.67
N SER B 365 -37.35 -8.35 37.79
CA SER B 365 -37.27 -8.61 36.36
C SER B 365 -37.08 -7.28 35.64
N PHE B 366 -36.14 -7.26 34.68
CA PHE B 366 -35.75 -6.05 33.99
C PHE B 366 -36.26 -6.08 32.56
N SER B 367 -37.10 -5.10 32.21
CA SER B 367 -37.61 -5.03 30.85
C SER B 367 -36.58 -4.48 29.87
N THR B 368 -35.64 -3.66 30.35
CA THR B 368 -34.58 -3.11 29.53
C THR B 368 -33.25 -3.36 30.22
N PHE B 369 -32.30 -3.95 29.50
CA PHE B 369 -30.94 -4.13 30.00
C PHE B 369 -30.01 -4.11 28.78
N GLN B 370 -29.32 -3.00 28.59
CA GLN B 370 -28.42 -2.84 27.45
C GLN B 370 -27.11 -2.22 27.93
N CYS B 371 -25.99 -2.79 27.50
CA CYS B 371 -24.67 -2.32 27.86
C CYS B 371 -23.96 -1.75 26.64
N TYR B 372 -23.19 -0.69 26.87
CA TYR B 372 -22.46 0.00 25.81
C TYR B 372 -20.96 -0.09 26.07
N GLY B 373 -20.21 -0.53 25.07
CA GLY B 373 -18.77 -0.67 25.19
C GLY B 373 -18.30 -2.00 25.74
N VAL B 374 -19.21 -2.85 26.22
CA VAL B 374 -18.86 -4.17 26.74
C VAL B 374 -19.96 -5.15 26.37
N SER B 375 -19.56 -6.38 26.10
CA SER B 375 -20.54 -7.44 25.94
C SER B 375 -21.09 -7.86 27.31
N PRO B 376 -22.37 -8.22 27.37
CA PRO B 376 -22.93 -8.71 28.65
C PRO B 376 -22.31 -10.01 29.13
N THR B 377 -21.68 -10.79 28.25
CA THR B 377 -21.08 -12.06 28.63
C THR B 377 -19.68 -11.90 29.22
N LYS B 378 -19.11 -10.71 29.20
CA LYS B 378 -17.75 -10.47 29.69
C LYS B 378 -17.73 -9.69 30.99
N LEU B 379 -18.86 -9.60 31.70
CA LEU B 379 -18.94 -8.84 32.94
C LEU B 379 -18.57 -9.66 34.17
N ASN B 380 -18.38 -10.97 34.02
CA ASN B 380 -18.05 -11.83 35.16
C ASN B 380 -16.55 -12.04 35.34
N ASP B 381 -15.76 -11.84 34.29
CA ASP B 381 -14.32 -12.04 34.34
C ASP B 381 -13.55 -10.73 34.20
N LEU B 382 -14.19 -9.61 34.52
CA LEU B 382 -13.61 -8.28 34.33
C LEU B 382 -13.67 -7.51 35.63
N CYS B 383 -12.71 -6.62 35.82
CA CYS B 383 -12.64 -5.79 37.02
C CYS B 383 -12.64 -4.31 36.62
N PHE B 384 -13.35 -3.51 37.40
CA PHE B 384 -13.59 -2.10 37.10
C PHE B 384 -12.91 -1.22 38.13
N SER B 385 -12.69 0.03 37.74
CA SER B 385 -11.92 0.98 38.56
C SER B 385 -12.82 1.91 39.37
N SER B 386 -13.67 2.68 38.70
CA SER B 386 -14.56 3.63 39.37
C SER B 386 -15.97 3.43 38.83
N VAL B 387 -16.90 3.08 39.71
CA VAL B 387 -18.27 2.74 39.33
C VAL B 387 -19.22 3.74 40.00
N TYR B 388 -20.10 4.34 39.20
CA TYR B 388 -21.13 5.24 39.69
C TYR B 388 -22.49 4.77 39.19
N ALA B 389 -23.52 5.02 39.98
CA ALA B 389 -24.88 4.56 39.69
C ALA B 389 -25.86 5.72 39.85
N ASP B 390 -26.52 6.11 38.77
CA ASP B 390 -27.54 7.14 38.78
C ASP B 390 -28.92 6.51 38.66
N TYR B 391 -29.85 6.96 39.51
CA TYR B 391 -31.18 6.38 39.54
C TYR B 391 -32.24 7.47 39.64
N PHE B 392 -33.36 7.25 38.95
CA PHE B 392 -34.47 8.21 38.86
C PHE B 392 -35.70 7.45 38.36
N VAL B 393 -36.75 8.20 38.03
CA VAL B 393 -38.03 7.64 37.57
C VAL B 393 -38.48 8.40 36.33
N VAL B 394 -38.89 7.67 35.29
CA VAL B 394 -39.32 8.30 34.03
C VAL B 394 -40.75 7.89 33.69
N LYS B 395 -41.23 8.36 32.54
CA LYS B 395 -42.64 8.20 32.18
C LYS B 395 -42.97 6.78 31.76
N GLY B 396 -42.07 6.13 31.01
CA GLY B 396 -42.33 4.78 30.55
C GLY B 396 -42.07 4.57 29.07
N ASP B 397 -42.42 5.55 28.25
CA ASP B 397 -41.92 5.62 26.89
C ASP B 397 -40.82 6.65 26.74
N ASP B 398 -40.37 7.23 27.86
CA ASP B 398 -39.17 8.05 27.90
C ASP B 398 -37.92 7.24 28.22
N VAL B 399 -38.07 5.92 28.37
CA VAL B 399 -36.93 5.04 28.62
C VAL B 399 -36.01 4.99 27.41
N ARG B 400 -36.57 5.11 26.20
CA ARG B 400 -35.76 5.12 24.98
C ARG B 400 -34.88 6.35 24.88
N GLN B 401 -35.18 7.42 25.62
CA GLN B 401 -34.36 8.61 25.62
C GLN B 401 -33.12 8.49 26.50
N ILE B 402 -33.04 7.45 27.34
CA ILE B 402 -31.85 7.25 28.19
C ILE B 402 -30.90 6.38 27.37
N ALA B 403 -30.16 7.04 26.48
CA ALA B 403 -29.22 6.39 25.58
C ALA B 403 -28.30 7.46 25.01
N PRO B 404 -27.10 7.09 24.58
CA PRO B 404 -26.23 8.08 23.91
C PRO B 404 -26.84 8.56 22.59
N ALA B 405 -26.63 9.85 22.31
CA ALA B 405 -27.09 10.53 21.10
C ALA B 405 -28.61 10.42 20.94
N GLN B 406 -29.32 11.00 21.90
CA GLN B 406 -30.78 11.00 21.91
C GLN B 406 -31.31 12.42 21.97
N THR B 407 -32.57 12.59 21.59
CA THR B 407 -33.26 13.87 21.68
C THR B 407 -34.64 13.65 22.27
N GLY B 408 -35.20 14.72 22.80
CA GLY B 408 -36.49 14.66 23.47
C GLY B 408 -36.53 15.69 24.59
N VAL B 409 -37.45 15.47 25.53
CA VAL B 409 -37.58 16.37 26.67
C VAL B 409 -36.74 15.89 27.86
N ILE B 410 -36.46 14.59 27.96
CA ILE B 410 -35.64 14.08 29.04
C ILE B 410 -34.16 14.21 28.72
N ALA B 411 -33.76 13.93 27.48
CA ALA B 411 -32.37 13.99 27.08
C ALA B 411 -31.86 15.41 26.89
N ASP B 412 -32.74 16.42 26.90
CA ASP B 412 -32.35 17.80 26.68
C ASP B 412 -32.34 18.63 27.96
N TYR B 413 -33.36 18.48 28.81
CA TYR B 413 -33.53 19.35 29.97
C TYR B 413 -33.35 18.64 31.30
N ASN B 414 -33.37 17.31 31.34
CA ASN B 414 -33.41 16.60 32.61
C ASN B 414 -32.16 15.73 32.83
N TYR B 415 -31.83 14.84 31.91
CA TYR B 415 -30.71 13.93 32.10
C TYR B 415 -30.10 13.59 30.75
N LYS B 416 -28.79 13.77 30.63
CA LYS B 416 -28.08 13.54 29.38
C LYS B 416 -26.93 12.56 29.60
N LEU B 417 -26.61 11.81 28.55
CA LEU B 417 -25.48 10.91 28.51
C LEU B 417 -24.52 11.31 27.39
N PRO B 418 -23.21 11.14 27.58
CA PRO B 418 -22.27 11.49 26.51
C PRO B 418 -22.33 10.49 25.37
N ASP B 419 -21.81 10.94 24.22
CA ASP B 419 -21.77 10.07 23.04
C ASP B 419 -20.82 8.90 23.25
N ASP B 420 -19.65 9.15 23.86
CA ASP B 420 -18.69 8.09 24.18
C ASP B 420 -18.98 7.60 25.60
N PHE B 421 -20.01 6.78 25.71
CA PHE B 421 -20.49 6.29 27.00
C PHE B 421 -20.21 4.80 27.12
N THR B 422 -19.56 4.41 28.21
CA THR B 422 -19.36 3.02 28.57
C THR B 422 -20.13 2.73 29.85
N GLY B 423 -21.00 1.73 29.80
CA GLY B 423 -21.82 1.40 30.94
C GLY B 423 -23.06 0.65 30.49
N CYS B 424 -23.97 0.46 31.45
CA CYS B 424 -25.20 -0.29 31.22
C CYS B 424 -26.40 0.48 31.76
N VAL B 425 -27.54 0.29 31.09
CA VAL B 425 -28.80 0.94 31.47
C VAL B 425 -29.81 -0.15 31.80
N ILE B 426 -30.40 -0.06 32.99
CA ILE B 426 -31.37 -1.04 33.48
C ILE B 426 -32.67 -0.32 33.80
N ALA B 427 -33.79 -0.87 33.34
CA ALA B 427 -35.10 -0.30 33.60
C ALA B 427 -36.12 -1.40 33.88
N TRP B 428 -37.09 -1.08 34.71
CA TRP B 428 -38.18 -2.02 35.00
C TRP B 428 -39.42 -1.24 35.45
N ASN B 429 -40.56 -1.91 35.36
CA ASN B 429 -41.86 -1.28 35.62
C ASN B 429 -42.22 -1.40 37.10
N THR B 430 -42.64 -0.28 37.68
CA THR B 430 -43.04 -0.21 39.09
C THR B 430 -44.41 0.46 39.22
N ASN B 431 -45.38 -0.02 38.45
CA ASN B 431 -46.72 0.54 38.48
C ASN B 431 -47.43 0.29 39.81
N SER B 432 -47.04 -0.75 40.55
CA SER B 432 -47.68 -1.07 41.82
C SER B 432 -47.09 -0.31 43.00
N LEU B 433 -46.07 0.51 42.78
CA LEU B 433 -45.40 1.22 43.87
C LEU B 433 -45.42 2.73 43.71
N ASP B 434 -45.16 3.24 42.50
CA ASP B 434 -44.97 4.68 42.30
C ASP B 434 -46.16 5.35 41.64
N SER B 435 -47.30 4.69 41.53
CA SER B 435 -48.46 5.25 40.83
C SER B 435 -49.33 6.12 41.72
N SER B 436 -48.98 6.29 42.99
CA SER B 436 -49.75 7.14 43.90
C SER B 436 -48.89 8.23 44.53
N ASN B 437 -47.66 8.41 44.09
CA ASN B 437 -46.76 9.44 44.59
C ASN B 437 -46.62 10.55 43.54
N GLU B 438 -45.87 11.58 43.92
CA GLU B 438 -45.68 12.75 43.07
C GLU B 438 -44.28 12.73 42.46
N PHE B 439 -44.21 12.80 41.14
CA PHE B 439 -42.96 12.88 40.41
C PHE B 439 -43.06 13.96 39.35
N PHE B 440 -41.95 14.68 39.14
CA PHE B 440 -41.93 15.85 38.27
C PHE B 440 -40.83 15.70 37.23
N TYR B 441 -40.85 16.60 36.26
CA TYR B 441 -39.79 16.72 35.26
C TYR B 441 -39.78 18.14 34.73
N ARG B 442 -38.60 18.59 34.30
CA ARG B 442 -38.46 19.94 33.76
C ARG B 442 -38.98 19.98 32.32
N ARG B 443 -39.85 20.93 32.03
CA ARG B 443 -40.47 21.06 30.72
C ARG B 443 -39.95 22.22 29.90
N PHE B 444 -39.55 23.32 30.55
CA PHE B 444 -39.10 24.52 29.85
C PHE B 444 -37.70 24.89 30.33
N ARG B 445 -36.84 25.27 29.38
CA ARG B 445 -35.50 25.72 29.69
C ARG B 445 -35.01 26.59 28.54
N HIS B 446 -34.01 27.43 28.84
CA HIS B 446 -33.46 28.36 27.87
C HIS B 446 -32.22 27.81 27.15
N GLY B 447 -31.74 26.63 27.53
CA GLY B 447 -30.59 26.05 26.87
C GLY B 447 -30.67 24.54 26.82
N LYS B 448 -29.51 23.88 26.92
CA LYS B 448 -29.47 22.42 26.97
C LYS B 448 -28.53 21.98 28.09
N ILE B 449 -28.84 20.81 28.65
CA ILE B 449 -28.11 20.29 29.79
C ILE B 449 -26.82 19.64 29.31
N LYS B 450 -25.73 19.89 30.05
CA LYS B 450 -24.43 19.30 29.73
C LYS B 450 -24.48 17.78 29.88
N PRO B 451 -23.57 17.04 29.17
CA PRO B 451 -23.67 15.56 29.15
C PRO B 451 -23.57 14.85 30.50
N TYR B 452 -23.27 15.58 31.58
CA TYR B 452 -23.53 15.10 32.94
C TYR B 452 -23.85 16.33 33.77
N GLY B 453 -25.13 16.64 33.90
CA GLY B 453 -25.56 17.86 34.55
C GLY B 453 -26.88 17.68 35.26
N ARG B 454 -27.09 18.50 36.28
CA ARG B 454 -28.29 18.45 37.10
C ARG B 454 -28.76 19.88 37.35
N ASP B 455 -30.02 20.16 37.03
CA ASP B 455 -30.60 21.49 37.21
C ASP B 455 -31.71 21.41 38.26
N LEU B 456 -31.62 22.26 39.27
CA LEU B 456 -32.56 22.24 40.38
C LEU B 456 -33.25 23.58 40.63
N SER B 457 -33.03 24.58 39.77
CA SER B 457 -33.66 25.88 39.95
C SER B 457 -35.16 25.80 39.69
N ASN B 458 -35.90 26.68 40.37
CA ASN B 458 -37.36 26.69 40.29
C ASN B 458 -37.87 28.12 40.08
N VAL B 459 -37.25 28.83 39.15
CA VAL B 459 -37.68 30.19 38.81
C VAL B 459 -38.67 30.12 37.67
N LEU B 460 -39.54 31.13 37.60
CA LEU B 460 -40.57 31.15 36.58
C LEU B 460 -39.96 31.43 35.20
N PHE B 461 -40.59 30.86 34.17
CA PHE B 461 -40.02 30.83 32.84
C PHE B 461 -40.73 31.84 31.93
N ASN B 462 -39.95 32.72 31.31
CA ASN B 462 -40.44 33.63 30.29
C ASN B 462 -39.89 33.20 28.94
N PRO B 463 -40.74 32.89 27.96
CA PRO B 463 -40.24 32.31 26.70
C PRO B 463 -39.44 33.26 25.83
N SER B 464 -39.47 34.57 26.10
CA SER B 464 -38.77 35.54 25.25
C SER B 464 -38.04 36.57 26.09
N GLY B 465 -37.33 36.12 27.13
CA GLY B 465 -36.59 37.04 27.95
C GLY B 465 -35.96 36.42 29.18
N GLY B 466 -36.06 37.12 30.32
CA GLY B 466 -35.44 36.66 31.54
C GLY B 466 -36.42 36.05 32.52
N THR B 467 -36.81 36.81 33.55
CA THR B 467 -37.71 36.34 34.58
C THR B 467 -38.97 37.21 34.60
N CYS B 468 -40.12 36.56 34.48
CA CYS B 468 -41.40 37.26 34.50
C CYS B 468 -41.81 37.68 35.90
N SER B 469 -41.53 36.83 36.90
CA SER B 469 -41.73 37.10 38.33
C SER B 469 -43.20 37.34 38.71
N ALA B 470 -44.13 36.94 37.85
CA ALA B 470 -45.56 37.04 38.17
C ALA B 470 -46.28 36.03 37.28
N GLU B 471 -46.79 34.96 37.89
CA GLU B 471 -47.35 33.86 37.13
C GLU B 471 -48.65 34.26 36.45
N GLY B 472 -48.79 33.88 35.18
CA GLY B 472 -49.93 34.24 34.38
C GLY B 472 -49.71 33.92 32.91
N LEU B 473 -49.99 34.89 32.04
CA LEU B 473 -49.73 34.72 30.62
C LEU B 473 -48.27 34.99 30.31
N ASN B 474 -47.68 34.13 29.46
CA ASN B 474 -46.25 34.16 29.11
C ASN B 474 -45.37 34.07 30.36
N CYS B 475 -45.81 33.29 31.34
CA CYS B 475 -45.06 33.08 32.57
C CYS B 475 -45.53 31.76 33.16
N TYR B 476 -44.71 30.72 33.07
CA TYR B 476 -45.09 29.38 33.48
C TYR B 476 -44.06 28.81 34.44
N LYS B 477 -44.53 27.92 35.31
CA LYS B 477 -43.62 27.14 36.14
C LYS B 477 -42.84 26.17 35.24
N PRO B 478 -41.52 26.04 35.42
CA PRO B 478 -40.73 25.21 34.50
C PRO B 478 -40.90 23.71 34.70
N LEU B 479 -41.51 23.28 35.81
CA LEU B 479 -41.63 21.87 36.13
C LEU B 479 -43.07 21.41 35.92
N ALA B 480 -43.25 20.36 35.13
CA ALA B 480 -44.54 19.72 34.94
C ALA B 480 -44.60 18.43 35.76
N SER B 481 -45.81 17.91 35.93
CA SER B 481 -46.06 16.74 36.75
C SER B 481 -46.50 15.58 35.88
N TYR B 482 -45.92 14.40 36.12
CA TYR B 482 -46.44 13.19 35.51
C TYR B 482 -47.81 12.87 36.08
N GLY B 483 -48.73 12.48 35.21
CA GLY B 483 -50.03 12.04 35.69
C GLY B 483 -50.03 10.54 35.90
N PHE B 484 -49.79 10.11 37.14
CA PHE B 484 -49.70 8.70 37.48
C PHE B 484 -51.01 8.27 38.11
N THR B 485 -51.81 7.52 37.36
CA THR B 485 -53.07 6.98 37.82
C THR B 485 -53.14 5.50 37.49
N GLN B 486 -54.02 4.78 38.18
CA GLN B 486 -54.19 3.36 37.93
C GLN B 486 -54.87 3.13 36.58
N SER B 487 -54.30 2.21 35.80
CA SER B 487 -54.81 1.83 34.48
C SER B 487 -54.88 3.02 33.53
N SER B 488 -53.72 3.65 33.31
CA SER B 488 -53.60 4.75 32.38
C SER B 488 -52.97 4.36 31.04
N GLY B 489 -52.48 3.13 30.93
CA GLY B 489 -51.83 2.67 29.72
C GLY B 489 -50.63 1.80 30.08
N ILE B 490 -49.69 1.74 29.16
CA ILE B 490 -48.41 1.09 29.43
C ILE B 490 -47.21 2.00 29.22
N GLY B 491 -47.30 3.02 28.37
CA GLY B 491 -46.29 4.04 28.26
C GLY B 491 -46.43 5.16 29.26
N PHE B 492 -47.45 5.09 30.12
CA PHE B 492 -47.70 6.13 31.11
C PHE B 492 -47.44 5.68 32.53
N GLN B 493 -47.23 4.38 32.76
CA GLN B 493 -46.94 3.84 34.09
C GLN B 493 -45.47 4.08 34.44
N PRO B 494 -45.16 4.38 35.70
CA PRO B 494 -43.79 4.75 36.07
C PRO B 494 -42.79 3.62 35.92
N TYR B 495 -41.57 3.99 35.57
CA TYR B 495 -40.45 3.07 35.39
C TYR B 495 -39.27 3.56 36.19
N ARG B 496 -38.51 2.61 36.76
CA ARG B 496 -37.32 2.92 37.53
C ARG B 496 -36.09 2.61 36.69
N VAL B 497 -35.20 3.58 36.54
CA VAL B 497 -34.04 3.48 35.66
C VAL B 497 -32.78 3.61 36.50
N VAL B 498 -31.85 2.67 36.32
CA VAL B 498 -30.54 2.71 36.95
C VAL B 498 -29.49 2.73 35.84
N VAL B 499 -28.60 3.71 35.89
CA VAL B 499 -27.55 3.89 34.89
C VAL B 499 -26.20 3.71 35.56
N LEU B 500 -25.42 2.75 35.10
CA LEU B 500 -24.09 2.47 35.62
C LEU B 500 -23.03 3.00 34.68
N SER B 501 -21.93 3.49 35.26
CA SER B 501 -20.81 4.00 34.49
C SER B 501 -19.51 3.50 35.10
N PHE B 502 -18.60 2.97 34.28
CA PHE B 502 -17.33 2.48 34.78
C PHE B 502 -16.24 2.71 33.74
N GLU B 503 -15.00 2.69 34.22
CA GLU B 503 -13.80 2.79 33.39
C GLU B 503 -13.06 1.46 33.42
N LEU B 504 -12.38 1.15 32.32
CA LEU B 504 -11.79 -0.17 32.12
C LEU B 504 -10.29 -0.07 31.89
N LEU B 505 -9.52 -0.77 32.74
CA LEU B 505 -8.12 -1.14 32.48
C LEU B 505 -7.22 0.06 32.26
N ASN B 506 -7.48 1.15 33.01
CA ASN B 506 -6.60 2.32 32.92
C ASN B 506 -6.37 2.97 34.27
N ALA B 507 -6.69 2.28 35.37
CA ALA B 507 -6.61 2.86 36.71
C ALA B 507 -6.52 1.72 37.71
N PRO B 508 -6.09 1.99 38.94
CA PRO B 508 -6.25 1.00 40.01
C PRO B 508 -7.72 0.65 40.22
N ALA B 509 -7.97 -0.63 40.49
CA ALA B 509 -9.31 -1.19 40.44
C ALA B 509 -9.79 -1.60 41.83
N THR B 510 -11.08 -1.43 42.08
CA THR B 510 -11.68 -1.75 43.36
C THR B 510 -12.92 -2.64 43.27
N VAL B 511 -13.57 -2.73 42.11
CA VAL B 511 -14.78 -3.53 41.94
C VAL B 511 -14.47 -4.59 40.89
N CYS B 512 -14.23 -5.81 41.33
CA CYS B 512 -13.92 -6.94 40.45
C CYS B 512 -15.12 -7.87 40.34
N GLY B 513 -14.92 -8.98 39.64
CA GLY B 513 -15.92 -10.00 39.50
C GLY B 513 -15.58 -11.26 40.28
N PRO B 514 -16.46 -12.26 40.23
CA PRO B 514 -16.25 -13.51 41.00
C PRO B 514 -15.32 -14.51 40.31
N LYS B 515 -14.02 -14.31 40.48
CA LYS B 515 -13.02 -15.22 39.94
C LYS B 515 -12.08 -15.66 41.05
N GLN B 516 -11.77 -16.95 41.08
CA GLN B 516 -10.88 -17.50 42.09
C GLN B 516 -9.42 -17.32 41.68
N SER B 517 -8.59 -16.91 42.62
CA SER B 517 -7.17 -16.69 42.36
C SER B 517 -6.41 -18.01 42.45
N THR B 518 -5.18 -17.99 41.94
CA THR B 518 -4.29 -19.15 41.95
C THR B 518 -2.97 -18.76 42.59
N GLU B 519 -2.03 -19.70 42.59
CA GLU B 519 -0.71 -19.45 43.14
C GLU B 519 0.20 -18.82 42.09
N LEU B 520 1.02 -17.86 42.52
CA LEU B 520 1.89 -17.12 41.62
C LEU B 520 3.15 -17.93 41.33
N VAL B 521 3.30 -18.38 40.10
CA VAL B 521 4.49 -19.07 39.66
C VAL B 521 5.34 -18.10 38.84
N LYS B 522 6.60 -18.47 38.59
CA LYS B 522 7.55 -17.55 37.99
C LYS B 522 8.49 -18.30 37.06
N ASN B 523 9.16 -17.52 36.19
CA ASN B 523 10.21 -17.95 35.28
C ASN B 523 9.74 -18.94 34.22
N LYS B 524 8.42 -19.00 33.98
CA LYS B 524 7.86 -19.74 32.86
C LYS B 524 6.83 -18.86 32.17
N CYS B 525 6.62 -19.10 30.87
CA CYS B 525 5.60 -18.36 30.13
C CYS B 525 4.24 -18.92 30.50
N VAL B 526 3.41 -18.09 31.14
CA VAL B 526 2.16 -18.53 31.73
C VAL B 526 1.03 -17.66 31.21
N ASN B 527 -0.17 -18.23 31.16
CA ASN B 527 -1.37 -17.47 30.83
C ASN B 527 -1.83 -16.75 32.09
N PHE B 528 -1.60 -15.44 32.15
CA PHE B 528 -1.86 -14.67 33.35
C PHE B 528 -3.15 -13.86 33.20
N ASN B 529 -3.63 -13.36 34.34
CA ASN B 529 -4.82 -12.52 34.38
C ASN B 529 -4.71 -11.64 35.62
N PHE B 530 -4.39 -10.36 35.42
CA PHE B 530 -4.21 -9.40 36.50
C PHE B 530 -5.32 -8.36 36.40
N ASN B 531 -6.42 -8.63 37.12
CA ASN B 531 -7.60 -7.76 37.18
C ASN B 531 -8.19 -7.49 35.80
N GLY B 532 -8.20 -8.52 34.95
CA GLY B 532 -8.74 -8.41 33.62
C GLY B 532 -7.72 -8.21 32.52
N LEU B 533 -6.43 -8.21 32.84
CA LEU B 533 -5.36 -8.04 31.86
C LEU B 533 -4.79 -9.41 31.53
N THR B 534 -5.21 -9.97 30.39
CA THR B 534 -4.79 -11.29 29.98
C THR B 534 -3.53 -11.21 29.13
N GLY B 535 -3.00 -12.37 28.75
CA GLY B 535 -1.82 -12.44 27.92
C GLY B 535 -1.01 -13.66 28.27
N THR B 536 0.18 -13.74 27.65
CA THR B 536 1.11 -14.83 27.86
C THR B 536 2.53 -14.27 27.91
N GLY B 537 3.35 -14.81 28.81
CA GLY B 537 4.73 -14.39 28.90
C GLY B 537 5.35 -14.85 30.20
N VAL B 538 6.68 -14.70 30.25
CA VAL B 538 7.46 -15.13 31.40
C VAL B 538 7.42 -14.04 32.46
N LEU B 539 6.98 -14.39 33.67
CA LEU B 539 6.87 -13.43 34.77
C LEU B 539 8.14 -13.49 35.61
N THR B 540 8.87 -12.39 35.66
CA THR B 540 10.10 -12.29 36.44
C THR B 540 10.02 -11.07 37.35
N ASN B 541 10.88 -11.06 38.37
CA ASN B 541 10.95 -9.94 39.29
C ASN B 541 11.49 -8.71 38.60
N SER B 542 10.90 -7.57 38.89
CA SER B 542 11.24 -6.30 38.24
C SER B 542 11.90 -5.36 39.26
N THR B 543 12.18 -4.14 38.80
CA THR B 543 12.88 -3.16 39.62
C THR B 543 12.18 -1.81 39.72
N LYS B 544 11.21 -1.51 38.86
CA LYS B 544 10.58 -0.20 38.85
C LYS B 544 9.58 -0.07 39.99
N LYS B 545 9.19 1.18 40.26
CA LYS B 545 8.15 1.50 41.23
C LYS B 545 7.56 2.85 40.84
N PHE B 546 6.25 2.97 40.94
CA PHE B 546 5.58 4.19 40.47
C PHE B 546 4.55 4.64 41.48
N GLN B 547 3.72 5.60 41.06
CA GLN B 547 2.82 6.32 41.93
C GLN B 547 1.67 5.44 42.40
N PRO B 548 1.02 5.80 43.52
CA PRO B 548 -0.16 5.05 43.95
C PRO B 548 -1.34 5.11 42.99
N PHE B 549 -1.41 6.10 42.10
CA PHE B 549 -2.49 6.21 41.15
C PHE B 549 -2.14 5.58 39.79
N GLN B 550 -1.08 4.78 39.73
CA GLN B 550 -0.67 4.11 38.51
C GLN B 550 -0.63 2.60 38.73
N GLN B 551 -1.12 1.86 37.74
CA GLN B 551 -1.17 0.40 37.80
C GLN B 551 -0.37 -0.27 36.71
N PHE B 552 -0.47 0.21 35.47
CA PHE B 552 0.15 -0.44 34.32
C PHE B 552 1.20 0.47 33.69
N GLY B 553 2.21 -0.15 33.12
CA GLY B 553 3.19 0.55 32.31
C GLY B 553 3.38 -0.15 30.98
N ARG B 554 3.59 0.66 29.94
CA ARG B 554 3.65 0.14 28.58
C ARG B 554 4.94 0.59 27.90
N ASP B 555 5.29 -0.13 26.84
CA ASP B 555 6.50 0.13 26.08
C ASP B 555 6.23 1.17 24.99
N VAL B 556 7.22 1.36 24.11
CA VAL B 556 7.04 2.28 22.97
C VAL B 556 6.02 1.73 21.98
N SER B 557 5.97 0.40 21.80
CA SER B 557 5.00 -0.24 20.93
C SER B 557 3.68 -0.52 21.64
N ASP B 558 3.43 0.13 22.79
CA ASP B 558 2.21 -0.02 23.59
C ASP B 558 1.99 -1.47 24.01
N PHE B 559 3.08 -2.14 24.38
CA PHE B 559 3.02 -3.50 24.93
C PHE B 559 3.23 -3.41 26.44
N THR B 560 2.30 -3.97 27.20
CA THR B 560 2.35 -3.89 28.66
C THR B 560 3.46 -4.81 29.18
N ASP B 561 4.50 -4.20 29.76
CA ASP B 561 5.65 -4.95 30.25
C ASP B 561 5.81 -4.92 31.77
N SER B 562 5.10 -4.02 32.46
CA SER B 562 5.20 -3.91 33.92
C SER B 562 3.80 -3.99 34.51
N VAL B 563 3.61 -4.88 35.47
CA VAL B 563 2.33 -5.05 36.15
C VAL B 563 2.59 -5.19 37.64
N ARG B 564 1.73 -4.57 38.45
CA ARG B 564 1.78 -4.66 39.89
C ARG B 564 0.81 -5.72 40.38
N ASP B 565 1.32 -6.68 41.15
CA ASP B 565 0.48 -7.75 41.67
C ASP B 565 -0.50 -7.18 42.70
N PRO B 566 -1.79 -7.47 42.59
CA PRO B 566 -2.77 -6.84 43.50
C PRO B 566 -2.83 -7.45 44.88
N LYS B 567 -2.50 -8.73 45.05
CA LYS B 567 -2.54 -9.34 46.37
C LYS B 567 -1.36 -8.88 47.23
N THR B 568 -0.15 -9.20 46.78
CA THR B 568 1.07 -8.70 47.40
C THR B 568 1.65 -7.60 46.52
N LEU B 569 1.82 -6.41 47.09
CA LEU B 569 2.15 -5.21 46.32
C LEU B 569 3.61 -5.28 45.87
N GLU B 570 3.83 -5.93 44.75
CA GLU B 570 5.14 -6.04 44.13
C GLU B 570 5.01 -5.80 42.63
N ILE B 571 6.12 -5.42 42.01
CA ILE B 571 6.16 -5.09 40.59
C ILE B 571 6.88 -6.23 39.85
N LEU B 572 6.28 -6.68 38.76
CA LEU B 572 6.82 -7.77 37.96
C LEU B 572 7.05 -7.32 36.52
N ASP B 573 7.67 -8.19 35.74
CA ASP B 573 7.98 -7.92 34.34
C ASP B 573 7.57 -9.12 33.50
N ILE B 574 7.04 -8.85 32.31
CA ILE B 574 6.57 -9.90 31.40
C ILE B 574 7.41 -9.86 30.13
N ALA B 575 7.78 -11.03 29.63
CA ALA B 575 8.46 -11.19 28.36
C ALA B 575 8.05 -12.51 27.76
N PRO B 576 7.79 -12.58 26.45
CA PRO B 576 7.37 -13.84 25.83
C PRO B 576 8.52 -14.84 25.78
N CYS B 577 8.15 -16.12 25.76
CA CYS B 577 9.13 -17.21 25.67
C CYS B 577 9.29 -17.72 24.25
N SER B 578 8.83 -16.97 23.26
CA SER B 578 9.12 -17.24 21.85
C SER B 578 10.15 -16.22 21.40
N TYR B 579 11.38 -16.68 21.19
CA TYR B 579 12.50 -15.77 20.98
C TYR B 579 13.58 -16.49 20.19
N GLY B 580 14.33 -15.72 19.39
CA GLY B 580 15.40 -16.26 18.59
C GLY B 580 14.93 -16.77 17.25
N GLY B 581 15.90 -16.98 16.37
CA GLY B 581 15.63 -17.46 15.02
C GLY B 581 16.23 -18.84 14.79
N VAL B 582 15.48 -19.70 14.14
CA VAL B 582 15.93 -21.05 13.79
C VAL B 582 16.02 -21.16 12.28
N SER B 583 16.84 -22.11 11.82
CA SER B 583 17.03 -22.35 10.40
C SER B 583 17.21 -23.85 10.19
N VAL B 584 16.57 -24.39 9.15
CA VAL B 584 16.61 -25.80 8.83
C VAL B 584 17.44 -25.99 7.57
N ILE B 585 18.40 -26.92 7.62
CA ILE B 585 19.29 -27.21 6.51
C ILE B 585 18.91 -28.56 5.94
N THR B 586 18.65 -28.61 4.64
CA THR B 586 18.25 -29.84 3.98
C THR B 586 19.18 -30.17 2.82
N PRO B 587 19.56 -31.43 2.66
CA PRO B 587 20.25 -31.86 1.44
C PRO B 587 19.33 -32.22 0.28
N GLY B 588 18.05 -31.91 0.39
CA GLY B 588 17.04 -32.35 -0.56
C GLY B 588 16.03 -33.28 0.09
N THR B 589 14.96 -33.52 -0.66
CA THR B 589 13.89 -34.41 -0.20
C THR B 589 14.04 -35.83 -0.74
N ASN B 590 14.31 -35.99 -2.03
CA ASN B 590 14.57 -37.31 -2.58
C ASN B 590 15.95 -37.85 -2.21
N ALA B 591 16.89 -36.96 -1.88
CA ALA B 591 18.23 -37.42 -1.49
C ALA B 591 18.19 -38.07 -0.12
N SER B 592 17.57 -37.42 0.86
CA SER B 592 17.53 -37.92 2.23
C SER B 592 16.36 -37.28 2.95
N SER B 593 16.21 -37.62 4.24
CA SER B 593 15.16 -37.06 5.08
C SER B 593 15.69 -36.51 6.39
N SER B 594 17.01 -36.34 6.52
CA SER B 594 17.63 -35.82 7.72
C SER B 594 17.92 -34.33 7.57
N VAL B 595 17.82 -33.59 8.67
CA VAL B 595 18.00 -32.15 8.67
C VAL B 595 18.99 -31.76 9.77
N ALA B 596 19.50 -30.54 9.65
CA ALA B 596 20.30 -29.90 10.69
C ALA B 596 19.68 -28.56 11.02
N VAL B 597 19.61 -28.23 12.31
CA VAL B 597 18.93 -27.05 12.79
C VAL B 597 19.96 -26.11 13.39
N LEU B 598 19.93 -24.84 12.99
CA LEU B 598 20.84 -23.82 13.47
C LEU B 598 20.05 -22.79 14.29
N TYR B 599 20.44 -22.63 15.55
CA TYR B 599 19.82 -21.65 16.44
C TYR B 599 20.75 -20.45 16.55
N GLN B 600 20.27 -19.28 16.12
CA GLN B 600 21.15 -18.12 15.96
C GLN B 600 21.56 -17.53 17.30
N ASP B 601 20.61 -17.38 18.23
CA ASP B 601 20.84 -16.68 19.49
C ASP B 601 20.86 -17.65 20.66
N VAL B 602 21.44 -18.83 20.46
CA VAL B 602 21.54 -19.85 21.51
C VAL B 602 23.00 -20.25 21.62
N ASN B 603 23.56 -20.11 22.82
CA ASN B 603 24.91 -20.60 23.11
C ASN B 603 24.79 -22.07 23.45
N CYS B 604 25.20 -22.94 22.52
CA CYS B 604 24.95 -24.37 22.65
C CYS B 604 25.87 -25.07 23.63
N THR B 605 26.60 -24.34 24.48
CA THR B 605 27.29 -24.96 25.60
C THR B 605 26.30 -25.54 26.58
N ASP B 606 25.42 -24.70 27.15
CA ASP B 606 24.32 -25.21 27.96
C ASP B 606 23.15 -24.23 27.85
N VAL B 607 22.28 -24.47 26.85
CA VAL B 607 20.94 -23.87 26.77
C VAL B 607 20.00 -24.97 26.28
N PRO B 608 19.42 -25.77 27.17
CA PRO B 608 18.35 -26.68 26.74
C PRO B 608 16.96 -26.12 27.00
N THR B 609 16.88 -25.00 27.72
CA THR B 609 15.60 -24.47 28.17
C THR B 609 14.89 -23.66 27.09
N MET B 610 15.64 -22.99 26.21
CA MET B 610 15.01 -22.18 25.18
C MET B 610 14.33 -23.04 24.11
N LEU B 611 14.77 -24.28 23.93
CA LEU B 611 14.10 -25.19 23.01
C LEU B 611 12.84 -25.81 23.61
N HIS B 612 12.69 -25.72 24.94
CA HIS B 612 11.55 -26.26 25.68
C HIS B 612 11.40 -27.77 25.43
N ALA B 613 12.43 -28.50 25.86
CA ALA B 613 12.55 -29.93 25.56
C ALA B 613 11.47 -30.76 26.23
N ASP B 614 10.88 -30.29 27.33
CA ASP B 614 9.85 -31.08 28.02
C ASP B 614 8.49 -30.97 27.35
N GLN B 615 8.22 -29.87 26.65
CA GLN B 615 6.91 -29.61 26.07
C GLN B 615 6.95 -29.71 24.54
N ILE B 616 7.81 -30.56 24.01
CA ILE B 616 7.89 -30.83 22.57
C ILE B 616 7.94 -32.32 22.35
N SER B 617 7.77 -32.73 21.10
CA SER B 617 7.75 -34.14 20.73
C SER B 617 9.11 -34.79 20.86
N HIS B 618 9.15 -36.13 20.82
CA HIS B 618 10.42 -36.84 20.92
C HIS B 618 11.30 -36.60 19.69
N ASP B 619 10.68 -36.44 18.52
CA ASP B 619 11.44 -36.07 17.33
C ASP B 619 12.06 -34.68 17.46
N TRP B 620 11.37 -33.77 18.15
CA TRP B 620 11.95 -32.48 18.48
C TRP B 620 12.89 -32.56 19.67
N ARG B 621 12.69 -33.53 20.57
CA ARG B 621 13.58 -33.69 21.71
C ARG B 621 14.95 -34.22 21.30
N VAL B 622 15.00 -35.10 20.30
CA VAL B 622 16.26 -35.69 19.88
C VAL B 622 17.16 -34.67 19.19
N TYR B 623 16.61 -33.54 18.74
CA TYR B 623 17.40 -32.47 18.16
C TYR B 623 17.88 -31.46 19.20
N ALA B 624 17.92 -31.85 20.47
CA ALA B 624 18.49 -31.03 21.53
C ALA B 624 19.69 -31.70 22.18
N PHE B 625 19.55 -32.94 22.63
CA PHE B 625 20.62 -33.71 23.22
C PHE B 625 21.04 -34.82 22.26
N ARG B 626 22.34 -34.98 22.06
CA ARG B 626 22.89 -35.99 21.17
C ARG B 626 23.75 -36.96 21.95
N ASN B 627 23.51 -38.26 21.75
CA ASN B 627 24.38 -39.28 22.33
C ASN B 627 25.76 -39.24 21.68
N ASP B 628 25.82 -38.95 20.39
CA ASP B 628 27.07 -38.78 19.67
C ASP B 628 27.55 -37.34 19.78
N GLY B 629 28.75 -37.09 19.24
CA GLY B 629 29.30 -35.76 19.23
C GLY B 629 28.86 -34.96 18.01
N ASN B 630 27.56 -34.82 17.81
CA ASN B 630 27.01 -34.14 16.65
C ASN B 630 26.55 -32.72 16.97
N ILE B 631 26.91 -32.19 18.13
CA ILE B 631 26.52 -30.85 18.56
C ILE B 631 27.77 -30.02 18.78
N PHE B 632 27.84 -28.86 18.13
CA PHE B 632 28.97 -27.96 18.28
C PHE B 632 28.51 -26.54 18.00
N GLN B 633 29.31 -25.58 18.45
CA GLN B 633 28.94 -24.17 18.41
C GLN B 633 29.72 -23.47 17.31
N THR B 634 28.99 -22.84 16.38
CA THR B 634 29.60 -22.06 15.32
C THR B 634 29.63 -20.58 15.71
N GLN B 635 30.14 -19.75 14.79
CA GLN B 635 30.17 -18.32 15.05
C GLN B 635 28.79 -17.68 14.87
N ALA B 636 27.98 -18.20 13.95
CA ALA B 636 26.65 -17.67 13.70
C ALA B 636 25.58 -18.29 14.58
N GLY B 637 25.95 -19.23 15.45
CA GLY B 637 25.00 -19.90 16.31
C GLY B 637 25.52 -21.25 16.76
N CYS B 638 24.69 -22.29 16.62
CA CYS B 638 25.15 -23.65 16.92
C CYS B 638 24.37 -24.63 16.05
N LEU B 639 25.07 -25.67 15.60
CA LEU B 639 24.49 -26.67 14.70
C LEU B 639 24.19 -27.95 15.47
N ILE B 640 23.01 -28.50 15.23
CA ILE B 640 22.60 -29.78 15.82
C ILE B 640 22.38 -30.76 14.66
N GLY B 641 23.06 -31.90 14.72
CA GLY B 641 22.91 -32.91 13.70
C GLY B 641 23.88 -32.82 12.54
N ALA B 642 24.90 -31.96 12.63
CA ALA B 642 25.90 -31.81 11.58
C ALA B 642 27.28 -32.01 12.19
N ALA B 643 28.03 -32.96 11.64
CA ALA B 643 29.40 -33.20 12.09
C ALA B 643 30.33 -32.11 11.56
N TYR B 644 31.42 -31.90 12.30
CA TYR B 644 32.39 -30.87 11.97
C TYR B 644 33.65 -31.49 11.37
N ASP B 645 34.25 -30.78 10.41
CA ASP B 645 35.46 -31.23 9.74
C ASP B 645 36.56 -30.19 9.92
N ASN B 646 37.80 -30.63 9.68
CA ASN B 646 38.95 -29.74 9.76
C ASN B 646 39.46 -29.29 8.40
N SER B 647 39.20 -30.06 7.34
CA SER B 647 39.61 -29.67 6.00
C SER B 647 38.67 -28.59 5.46
N SER B 648 39.17 -27.86 4.48
CA SER B 648 38.43 -26.75 3.86
C SER B 648 38.18 -27.07 2.39
N TYR B 649 36.92 -26.89 1.96
CA TYR B 649 36.55 -27.12 0.57
C TYR B 649 35.80 -25.92 0.01
N GLU B 650 35.27 -26.07 -1.21
CA GLU B 650 34.40 -25.06 -1.77
C GLU B 650 33.04 -25.07 -1.05
N CYS B 651 32.37 -23.93 -1.06
CA CYS B 651 31.10 -23.80 -0.38
C CYS B 651 29.98 -24.45 -1.19
N ASP B 652 29.21 -25.33 -0.55
CA ASP B 652 28.06 -25.97 -1.17
C ASP B 652 26.75 -25.37 -0.67
N ILE B 653 26.54 -25.39 0.64
CA ILE B 653 25.38 -24.73 1.26
C ILE B 653 25.90 -23.75 2.30
N PRO B 654 25.73 -22.45 2.10
CA PRO B 654 26.25 -21.48 3.08
C PRO B 654 25.41 -21.45 4.34
N ILE B 655 26.05 -21.08 5.45
CA ILE B 655 25.40 -20.95 6.74
C ILE B 655 25.57 -19.54 7.31
N GLY B 656 26.80 -19.05 7.33
CA GLY B 656 27.10 -17.73 7.86
C GLY B 656 28.42 -17.75 8.61
N ALA B 657 29.13 -16.62 8.56
CA ALA B 657 30.43 -16.41 9.22
C ALA B 657 31.46 -17.45 8.77
N GLY B 658 31.45 -17.79 7.49
CA GLY B 658 32.46 -18.67 6.94
C GLY B 658 32.21 -20.15 7.09
N ILE B 659 30.96 -20.56 7.31
CA ILE B 659 30.62 -21.96 7.50
C ILE B 659 29.77 -22.42 6.32
N CYS B 660 30.11 -23.60 5.78
CA CYS B 660 29.33 -24.22 4.71
C CYS B 660 29.07 -25.67 5.08
N ALA B 661 28.14 -26.28 4.35
CA ALA B 661 27.74 -27.65 4.60
C ALA B 661 27.46 -28.36 3.29
N LYS B 662 27.60 -29.68 3.31
CA LYS B 662 27.34 -30.53 2.15
C LYS B 662 26.97 -31.92 2.62
N TYR B 663 26.57 -32.77 1.67
CA TYR B 663 26.14 -34.12 1.94
C TYR B 663 27.18 -35.09 1.39
N THR B 664 27.92 -35.74 2.29
CA THR B 664 28.95 -36.70 1.89
C THR B 664 28.75 -38.04 2.58
N ASN B 665 29.72 -38.94 2.44
CA ASN B 665 29.63 -40.29 2.98
C ASN B 665 30.86 -40.61 3.82
N VAL B 666 30.66 -41.48 4.81
CA VAL B 666 31.74 -41.93 5.67
C VAL B 666 32.03 -43.41 5.43
N GLY B 675 27.45 -43.93 7.35
CA GLY B 675 26.97 -43.75 5.99
C GLY B 675 26.90 -42.29 5.56
N HIS B 676 25.88 -41.96 4.80
CA HIS B 676 25.68 -40.59 4.36
C HIS B 676 25.29 -39.70 5.54
N SER B 677 25.87 -38.49 5.58
CA SER B 677 25.64 -37.59 6.70
C SER B 677 25.87 -36.16 6.25
N ILE B 678 25.40 -35.22 7.06
CA ILE B 678 25.59 -33.80 6.82
C ILE B 678 26.83 -33.35 7.57
N LEU B 679 27.77 -32.75 6.85
CA LEU B 679 29.07 -32.36 7.40
C LEU B 679 29.27 -30.87 7.24
N ALA B 680 29.75 -30.23 8.30
CA ALA B 680 30.03 -28.80 8.34
C ALA B 680 31.53 -28.54 8.32
N TYR B 681 31.92 -27.44 7.68
CA TYR B 681 33.33 -27.13 7.49
C TYR B 681 33.48 -25.63 7.28
N THR B 682 34.73 -25.17 7.38
CA THR B 682 35.07 -23.79 7.07
C THR B 682 35.43 -23.67 5.60
N MET B 683 34.89 -22.65 4.94
CA MET B 683 35.11 -22.48 3.51
C MET B 683 36.54 -22.01 3.23
N SER B 684 37.02 -22.36 2.05
CA SER B 684 38.38 -22.01 1.62
C SER B 684 38.31 -20.88 0.61
N LEU B 685 39.10 -19.83 0.85
CA LEU B 685 39.12 -18.68 -0.06
C LEU B 685 39.80 -19.03 -1.38
N GLY B 686 40.84 -19.85 -1.33
CA GLY B 686 41.55 -20.22 -2.54
C GLY B 686 42.75 -21.07 -2.21
N ASP B 687 43.57 -21.28 -3.24
CA ASP B 687 44.78 -22.10 -3.12
C ASP B 687 46.00 -21.21 -3.01
N ASN B 688 46.89 -21.56 -2.08
CA ASN B 688 48.11 -20.79 -1.89
C ASN B 688 49.07 -20.98 -3.05
N GLN B 689 49.87 -19.95 -3.31
CA GLN B 689 50.86 -19.97 -4.38
C GLN B 689 52.28 -19.77 -3.87
N ASP B 690 52.48 -18.84 -2.92
CA ASP B 690 53.76 -18.58 -2.27
C ASP B 690 54.84 -18.17 -3.27
N ILE B 691 54.61 -17.02 -3.91
CA ILE B 691 55.62 -16.44 -4.78
C ILE B 691 56.68 -15.74 -3.94
N VAL B 692 57.85 -15.50 -4.56
CA VAL B 692 58.98 -14.90 -3.88
C VAL B 692 59.49 -13.73 -4.70
N TYR B 693 60.15 -12.79 -4.02
CA TYR B 693 60.71 -11.61 -4.65
C TYR B 693 62.19 -11.86 -4.93
N SER B 694 62.57 -11.72 -6.20
CA SER B 694 63.93 -12.05 -6.62
C SER B 694 64.82 -10.84 -6.84
N ASN B 695 64.24 -9.70 -7.26
CA ASN B 695 64.87 -8.38 -7.34
C ASN B 695 65.88 -8.29 -8.49
N ASN B 696 66.22 -9.42 -9.11
CA ASN B 696 67.19 -9.43 -10.21
C ASN B 696 66.77 -10.27 -11.40
N THR B 697 65.74 -11.09 -11.30
CA THR B 697 65.30 -11.95 -12.39
C THR B 697 63.87 -11.59 -12.80
N ILE B 698 63.55 -11.90 -14.05
CA ILE B 698 62.23 -11.63 -14.62
C ILE B 698 61.73 -12.90 -15.29
N ALA B 699 60.41 -12.95 -15.47
CA ALA B 699 59.75 -14.10 -16.08
C ALA B 699 59.11 -13.68 -17.39
N ILE B 700 59.40 -14.44 -18.45
CA ILE B 700 58.91 -14.11 -19.80
C ILE B 700 58.27 -15.35 -20.41
N PRO B 701 57.04 -15.24 -20.94
CA PRO B 701 56.40 -16.40 -21.56
C PRO B 701 57.09 -16.83 -22.85
N MET B 702 57.01 -18.13 -23.13
CA MET B 702 57.59 -18.69 -24.34
C MET B 702 56.55 -19.06 -25.39
N ASN B 703 55.28 -19.18 -25.01
CA ASN B 703 54.24 -19.63 -25.92
C ASN B 703 52.98 -18.81 -25.64
N PHE B 704 51.89 -19.19 -26.30
CA PHE B 704 50.60 -18.52 -26.11
C PHE B 704 49.50 -19.48 -26.50
N SER B 705 48.27 -19.14 -26.12
CA SER B 705 47.10 -19.93 -26.43
C SER B 705 45.91 -19.02 -26.67
N ILE B 706 44.90 -19.57 -27.36
CA ILE B 706 43.69 -18.84 -27.71
C ILE B 706 42.53 -19.44 -26.92
N SER B 707 41.77 -18.59 -26.24
CA SER B 707 40.67 -19.03 -25.41
C SER B 707 39.40 -18.28 -25.78
N VAL B 708 38.27 -18.99 -25.74
CA VAL B 708 36.95 -18.41 -26.02
C VAL B 708 36.09 -18.59 -24.77
N THR B 709 35.53 -17.48 -24.29
CA THR B 709 34.75 -17.46 -23.05
C THR B 709 33.29 -17.12 -23.37
N THR B 710 32.48 -17.08 -22.31
CA THR B 710 31.04 -16.85 -22.43
C THR B 710 30.59 -15.90 -21.33
N GLU B 711 29.75 -14.93 -21.70
CA GLU B 711 29.15 -14.02 -20.73
C GLU B 711 27.72 -13.73 -21.18
N VAL B 712 26.77 -13.88 -20.24
CA VAL B 712 25.34 -13.83 -20.53
C VAL B 712 24.73 -12.66 -19.78
N LEU B 713 23.96 -11.83 -20.49
CA LEU B 713 23.27 -10.71 -19.88
C LEU B 713 21.80 -10.72 -20.29
N PRO B 714 20.87 -10.50 -19.36
CA PRO B 714 19.48 -10.29 -19.77
C PRO B 714 19.31 -8.94 -20.45
N VAL B 715 18.29 -8.86 -21.30
CA VAL B 715 18.06 -7.66 -22.10
C VAL B 715 16.66 -7.13 -21.86
N SER B 716 15.65 -7.98 -22.00
CA SER B 716 14.26 -7.58 -21.89
C SER B 716 13.51 -8.56 -20.99
N MET B 717 12.33 -8.13 -20.55
CA MET B 717 11.42 -8.96 -19.77
C MET B 717 10.04 -8.92 -20.40
N THR B 718 9.14 -9.74 -19.88
CA THR B 718 7.82 -9.89 -20.47
C THR B 718 6.96 -8.65 -20.20
N LYS B 719 6.12 -8.30 -21.18
CA LYS B 719 5.23 -7.16 -21.08
C LYS B 719 3.82 -7.66 -20.82
N THR B 720 3.21 -7.19 -19.73
CA THR B 720 1.87 -7.57 -19.35
C THR B 720 0.96 -6.35 -19.27
N SER B 721 -0.35 -6.61 -19.35
CA SER B 721 -1.38 -5.59 -19.20
C SER B 721 -2.45 -6.11 -18.25
N VAL B 722 -2.97 -5.23 -17.41
CA VAL B 722 -3.92 -5.60 -16.36
C VAL B 722 -5.20 -4.80 -16.55
N ASP B 723 -6.34 -5.49 -16.54
CA ASP B 723 -7.66 -4.86 -16.58
C ASP B 723 -8.20 -4.93 -15.16
N CYS B 724 -8.61 -3.78 -14.61
CA CYS B 724 -9.17 -3.73 -13.27
C CYS B 724 -10.47 -4.51 -13.18
N ASN B 725 -11.36 -4.31 -14.15
CA ASN B 725 -12.50 -5.20 -14.29
C ASN B 725 -12.01 -6.58 -14.70
N MET B 726 -12.85 -7.59 -14.43
CA MET B 726 -12.56 -9.03 -14.48
C MET B 726 -11.54 -9.47 -13.43
N TYR B 727 -10.99 -8.54 -12.64
CA TYR B 727 -10.16 -8.87 -11.50
C TYR B 727 -10.79 -8.42 -10.19
N ILE B 728 -11.06 -7.12 -10.04
CA ILE B 728 -11.76 -6.64 -8.87
C ILE B 728 -13.25 -6.94 -8.97
N CYS B 729 -13.75 -7.08 -10.19
CA CYS B 729 -15.16 -7.30 -10.45
C CYS B 729 -15.26 -8.35 -11.54
N GLY B 730 -16.41 -8.43 -12.20
CA GLY B 730 -16.57 -9.31 -13.33
C GLY B 730 -17.89 -10.04 -13.29
N ASP B 731 -18.68 -9.87 -14.36
CA ASP B 731 -20.09 -10.30 -14.41
C ASP B 731 -20.86 -9.76 -13.21
N SER B 732 -20.59 -8.49 -12.86
CA SER B 732 -21.18 -7.86 -11.69
C SER B 732 -21.26 -6.37 -11.96
N THR B 733 -22.48 -5.86 -12.15
CA THR B 733 -22.66 -4.45 -12.50
C THR B 733 -22.47 -3.54 -11.29
N GLU B 734 -22.90 -4.00 -10.11
CA GLU B 734 -22.78 -3.19 -8.89
C GLU B 734 -21.33 -2.94 -8.53
N CYS B 735 -20.47 -3.94 -8.72
CA CYS B 735 -19.04 -3.75 -8.45
C CYS B 735 -18.43 -2.71 -9.39
N SER B 736 -18.84 -2.71 -10.66
CA SER B 736 -18.35 -1.70 -11.59
C SER B 736 -18.85 -0.30 -11.22
N ASN B 737 -20.12 -0.20 -10.80
CA ASN B 737 -20.66 1.08 -10.39
C ASN B 737 -19.99 1.59 -9.11
N LEU B 738 -19.47 0.68 -8.29
CA LEU B 738 -18.71 1.10 -7.11
C LEU B 738 -17.24 1.36 -7.42
N LEU B 739 -16.71 0.77 -8.50
CA LEU B 739 -15.34 1.00 -8.94
C LEU B 739 -15.19 2.23 -9.82
N LEU B 740 -16.31 2.81 -10.25
CA LEU B 740 -16.27 4.06 -11.01
C LEU B 740 -15.63 5.21 -10.23
N GLN B 741 -15.67 5.19 -8.90
CA GLN B 741 -14.97 6.21 -8.13
C GLN B 741 -13.51 5.86 -7.86
N TYR B 742 -13.08 4.65 -8.19
CA TYR B 742 -11.70 4.22 -8.00
C TYR B 742 -10.93 4.08 -9.31
N GLY B 743 -11.58 4.32 -10.44
CA GLY B 743 -10.93 4.16 -11.74
C GLY B 743 -9.69 5.01 -12.00
N SER B 744 -9.48 6.08 -11.22
CA SER B 744 -8.28 6.90 -11.38
C SER B 744 -7.02 6.11 -11.04
N PHE B 745 -7.08 5.29 -9.98
CA PHE B 745 -5.96 4.42 -9.63
C PHE B 745 -5.70 3.41 -10.74
N CYS B 746 -6.76 2.94 -11.40
CA CYS B 746 -6.61 2.04 -12.54
C CYS B 746 -5.90 2.72 -13.70
N THR B 747 -6.24 3.99 -13.96
CA THR B 747 -5.52 4.73 -15.00
C THR B 747 -4.05 4.88 -14.66
N GLN B 748 -3.74 5.12 -13.37
CA GLN B 748 -2.35 5.21 -12.92
C GLN B 748 -1.60 3.91 -13.16
N LEU B 749 -2.20 2.78 -12.78
CA LEU B 749 -1.56 1.47 -12.95
C LEU B 749 -1.35 1.14 -14.42
N ASN B 750 -2.34 1.44 -15.27
CA ASN B 750 -2.21 1.18 -16.69
C ASN B 750 -1.13 2.04 -17.32
N ARG B 751 -1.00 3.30 -16.87
CA ARG B 751 0.07 4.16 -17.36
C ARG B 751 1.44 3.60 -17.00
N ALA B 752 1.58 3.12 -15.76
CA ALA B 752 2.86 2.54 -15.33
C ALA B 752 3.22 1.30 -16.15
N LEU B 753 2.23 0.41 -16.38
CA LEU B 753 2.50 -0.81 -17.13
C LEU B 753 2.81 -0.50 -18.60
N ALA B 754 2.14 0.49 -19.18
CA ALA B 754 2.43 0.89 -20.55
C ALA B 754 3.83 1.46 -20.68
N GLY B 755 4.27 2.26 -19.70
CA GLY B 755 5.64 2.74 -19.72
C GLY B 755 6.66 1.63 -19.61
N ILE B 756 6.38 0.63 -18.76
CA ILE B 756 7.26 -0.53 -18.64
C ILE B 756 7.36 -1.27 -19.97
N ALA B 757 6.23 -1.49 -20.65
CA ALA B 757 6.22 -2.20 -21.92
C ALA B 757 6.97 -1.42 -23.00
N VAL B 758 6.81 -0.10 -23.04
CA VAL B 758 7.53 0.73 -24.01
C VAL B 758 9.04 0.65 -23.79
N GLU B 759 9.47 0.71 -22.52
CA GLU B 759 10.90 0.58 -22.22
C GLU B 759 11.43 -0.80 -22.60
N GLN B 760 10.63 -1.84 -22.38
CA GLN B 760 11.05 -3.20 -22.75
C GLN B 760 11.21 -3.34 -24.26
N ASP B 761 10.33 -2.70 -25.03
CA ASP B 761 10.50 -2.73 -26.49
C ASP B 761 11.69 -1.89 -26.93
N ARG B 762 12.02 -0.84 -26.17
CA ARG B 762 13.17 0.01 -26.53
C ARG B 762 14.50 -0.69 -26.27
N ASN B 763 14.56 -1.52 -25.23
CA ASN B 763 15.84 -2.10 -24.78
C ASN B 763 16.49 -2.99 -25.85
N THR B 764 15.70 -3.86 -26.49
CA THR B 764 16.28 -4.78 -27.46
C THR B 764 16.69 -4.06 -28.74
N ARG B 765 15.99 -2.99 -29.11
CA ARG B 765 16.41 -2.19 -30.24
C ARG B 765 17.69 -1.43 -29.93
N ASP B 766 17.83 -0.98 -28.68
CA ASP B 766 19.08 -0.33 -28.27
C ASP B 766 20.25 -1.29 -28.29
N VAL B 767 20.02 -2.54 -27.89
CA VAL B 767 21.13 -3.50 -27.83
C VAL B 767 21.50 -4.00 -29.22
N PHE B 768 20.52 -4.49 -29.98
CA PHE B 768 20.82 -5.27 -31.17
C PHE B 768 20.94 -4.44 -32.44
N ALA B 769 20.12 -3.40 -32.61
CA ALA B 769 20.11 -2.63 -33.86
C ALA B 769 21.29 -1.67 -33.84
N GLN B 770 22.46 -2.20 -34.18
CA GLN B 770 23.70 -1.42 -34.22
C GLN B 770 24.26 -1.25 -35.62
N THR B 771 23.96 -2.15 -36.54
CA THR B 771 24.45 -2.03 -37.91
C THR B 771 23.67 -0.97 -38.67
N LYS B 772 24.33 -0.40 -39.68
CA LYS B 772 23.67 0.53 -40.59
C LYS B 772 23.08 -0.18 -41.81
N ALA B 773 23.63 -1.35 -42.16
CA ALA B 773 23.15 -2.11 -43.31
C ALA B 773 23.13 -3.59 -42.96
N MET B 774 22.33 -4.34 -43.72
CA MET B 774 22.19 -5.79 -43.52
C MET B 774 23.13 -6.48 -44.49
N TYR B 775 24.34 -6.79 -44.03
CA TYR B 775 25.32 -7.45 -44.87
C TYR B 775 24.94 -8.90 -45.11
N LYS B 776 24.99 -9.32 -46.36
CA LYS B 776 24.64 -10.70 -46.71
C LYS B 776 25.70 -11.67 -46.20
N THR B 777 25.26 -12.85 -45.83
CA THR B 777 26.17 -13.89 -45.34
C THR B 777 27.01 -14.42 -46.50
N PRO B 778 28.32 -14.43 -46.39
CA PRO B 778 29.16 -14.98 -47.46
C PRO B 778 28.97 -16.48 -47.62
N SER B 779 29.13 -16.94 -48.86
CA SER B 779 28.92 -18.36 -49.16
C SER B 779 30.02 -19.23 -48.55
N LEU B 780 31.24 -18.71 -48.48
CA LEU B 780 32.35 -19.45 -47.89
C LEU B 780 32.47 -19.08 -46.42
N LYS B 781 32.44 -20.09 -45.55
CA LYS B 781 32.53 -19.89 -44.11
C LYS B 781 33.95 -20.02 -43.58
N ASP B 782 34.94 -20.18 -44.46
CA ASP B 782 36.33 -20.33 -44.07
C ASP B 782 37.10 -19.09 -44.50
N PHE B 783 37.82 -18.48 -43.55
CA PHE B 783 38.62 -17.28 -43.80
C PHE B 783 40.03 -17.54 -43.26
N GLY B 784 40.88 -18.11 -44.11
CA GLY B 784 42.26 -18.40 -43.72
C GLY B 784 42.40 -19.47 -42.66
N GLY B 785 41.58 -20.52 -42.73
CA GLY B 785 41.63 -21.58 -41.75
C GLY B 785 40.70 -21.41 -40.56
N PHE B 786 40.07 -20.26 -40.42
CA PHE B 786 39.14 -20.00 -39.33
C PHE B 786 37.75 -20.48 -39.75
N ASN B 787 37.17 -21.39 -38.97
CA ASN B 787 35.88 -21.99 -39.28
C ASN B 787 34.79 -21.15 -38.64
N PHE B 788 34.02 -20.45 -39.47
CA PHE B 788 32.93 -19.59 -39.01
C PHE B 788 31.56 -20.24 -39.17
N SER B 789 31.51 -21.52 -39.51
CA SER B 789 30.26 -22.18 -39.87
C SER B 789 29.35 -22.47 -38.69
N GLN B 790 29.86 -22.43 -37.47
CA GLN B 790 29.06 -22.74 -36.29
C GLN B 790 28.42 -21.52 -35.66
N ILE B 791 28.66 -20.32 -36.20
CA ILE B 791 28.09 -19.09 -35.70
C ILE B 791 27.31 -18.33 -36.77
N LEU B 792 27.11 -18.94 -37.94
CA LEU B 792 26.39 -18.33 -39.04
C LEU B 792 25.36 -19.31 -39.58
N PRO B 793 24.24 -18.81 -40.10
CA PRO B 793 23.26 -19.70 -40.74
C PRO B 793 23.80 -20.30 -42.02
N ASP B 794 23.34 -21.51 -42.32
CA ASP B 794 23.75 -22.30 -43.47
C ASP B 794 22.74 -22.17 -44.60
N PRO B 795 23.17 -22.33 -45.86
CA PRO B 795 22.22 -22.19 -46.97
C PRO B 795 21.21 -23.32 -47.10
N ALA B 796 21.34 -24.40 -46.31
CA ALA B 796 20.37 -25.48 -46.35
C ALA B 796 19.02 -25.10 -45.72
N LYS B 797 18.97 -23.96 -45.02
CA LYS B 797 17.79 -23.35 -44.40
C LYS B 797 17.05 -24.29 -43.44
N PRO B 798 17.69 -24.78 -42.35
CA PRO B 798 16.92 -25.56 -41.36
C PRO B 798 15.98 -24.68 -40.54
N SER B 799 16.54 -23.61 -39.95
CA SER B 799 15.77 -22.73 -39.08
C SER B 799 16.14 -21.26 -39.25
N SER B 800 16.96 -20.92 -40.26
CA SER B 800 17.38 -19.55 -40.57
C SER B 800 18.14 -18.89 -39.42
N ARG B 801 18.83 -19.68 -38.61
CA ARG B 801 19.62 -19.15 -37.51
C ARG B 801 20.81 -20.08 -37.26
N SER B 802 21.71 -19.62 -36.41
CA SER B 802 22.97 -20.32 -36.19
C SER B 802 22.75 -21.62 -35.39
N PHE B 803 23.76 -22.49 -35.44
CA PHE B 803 23.69 -23.75 -34.70
C PHE B 803 23.88 -23.52 -33.20
N ILE B 804 24.82 -22.66 -32.83
CA ILE B 804 25.01 -22.31 -31.42
C ILE B 804 23.81 -21.53 -30.91
N GLU B 805 23.21 -20.69 -31.77
CA GLU B 805 21.97 -20.01 -31.42
C GLU B 805 20.84 -21.00 -31.21
N ASP B 806 20.79 -22.06 -32.02
CA ASP B 806 19.81 -23.12 -31.80
C ASP B 806 20.06 -23.85 -30.50
N LEU B 807 21.33 -24.03 -30.13
CA LEU B 807 21.66 -24.66 -28.86
C LEU B 807 21.33 -23.76 -27.67
N LEU B 808 21.35 -22.44 -27.88
CA LEU B 808 20.96 -21.51 -26.82
C LEU B 808 19.47 -21.66 -26.49
N TYR B 809 18.64 -21.83 -27.50
CA TYR B 809 17.26 -22.25 -27.28
C TYR B 809 17.23 -23.74 -26.94
N ASN B 810 16.06 -24.20 -26.48
CA ASN B 810 15.80 -25.56 -26.00
C ASN B 810 16.62 -25.93 -24.76
N LYS B 811 17.34 -24.96 -24.19
CA LYS B 811 17.99 -25.14 -22.89
C LYS B 811 17.26 -24.41 -21.78
N VAL B 812 16.65 -23.27 -22.09
CA VAL B 812 15.68 -22.63 -21.21
C VAL B 812 14.31 -22.82 -21.84
N THR B 813 13.29 -22.88 -20.98
CA THR B 813 11.93 -23.21 -21.41
C THR B 813 11.00 -22.05 -21.14
N LEU B 814 10.27 -21.62 -22.17
CA LEU B 814 9.22 -20.65 -21.99
C LEU B 814 8.05 -21.28 -21.24
N ALA B 815 7.45 -20.51 -20.33
CA ALA B 815 6.32 -21.02 -19.57
C ALA B 815 5.08 -21.16 -20.44
N ASP B 816 4.92 -20.30 -21.44
CA ASP B 816 3.76 -20.32 -22.34
C ASP B 816 4.23 -20.60 -23.76
N PRO B 817 4.07 -21.82 -24.26
CA PRO B 817 4.52 -22.17 -25.64
C PRO B 817 3.59 -21.64 -26.73
N GLY B 818 3.80 -20.39 -27.10
CA GLY B 818 2.99 -19.75 -28.12
C GLY B 818 2.04 -18.73 -27.52
N PHE B 819 1.81 -17.65 -28.27
CA PHE B 819 1.00 -16.53 -27.80
C PHE B 819 -0.47 -16.66 -28.14
N MET B 820 -0.87 -17.69 -28.89
CA MET B 820 -2.25 -17.86 -29.30
C MET B 820 -2.95 -18.84 -28.37
N LYS B 821 -4.03 -18.37 -27.73
CA LYS B 821 -4.84 -19.19 -26.82
C LYS B 821 -6.31 -18.84 -27.07
N GLN B 822 -6.96 -19.63 -27.91
CA GLN B 822 -8.34 -19.36 -28.29
C GLN B 822 -9.30 -19.73 -27.15
N TYR B 823 -10.54 -19.26 -27.28
CA TYR B 823 -11.57 -19.57 -26.29
C TYR B 823 -11.97 -21.03 -26.33
N GLY B 824 -11.93 -21.66 -27.51
CA GLY B 824 -12.22 -23.08 -27.60
C GLY B 824 -11.19 -23.94 -26.89
N ASP B 825 -9.92 -23.51 -26.92
CA ASP B 825 -8.86 -24.23 -26.22
C ASP B 825 -8.98 -24.13 -24.71
N CYS B 826 -9.69 -23.14 -24.19
CA CYS B 826 -9.91 -23.00 -22.76
C CYS B 826 -11.16 -23.74 -22.27
N LEU B 827 -11.89 -24.39 -23.17
CA LEU B 827 -13.09 -25.13 -22.77
C LEU B 827 -13.21 -26.47 -23.48
N GLY B 828 -12.11 -27.06 -23.91
CA GLY B 828 -12.16 -28.31 -24.66
C GLY B 828 -12.38 -29.55 -23.82
N GLY B 829 -12.39 -29.43 -22.49
CA GLY B 829 -12.53 -30.56 -21.60
C GLY B 829 -11.23 -31.24 -21.23
N VAL B 830 -10.14 -30.95 -21.95
CA VAL B 830 -8.82 -31.50 -21.65
C VAL B 830 -7.93 -30.48 -20.94
N ASN B 831 -8.08 -29.19 -21.26
CA ASN B 831 -7.24 -28.14 -20.69
C ASN B 831 -7.82 -27.57 -19.41
N ALA B 832 -8.57 -28.37 -18.66
CA ALA B 832 -9.12 -27.93 -17.39
C ALA B 832 -8.02 -27.75 -16.36
N ARG B 833 -8.19 -26.73 -15.50
CA ARG B 833 -7.23 -26.34 -14.47
C ARG B 833 -5.85 -26.04 -15.07
N ASP B 834 -5.83 -25.02 -15.92
CA ASP B 834 -4.60 -24.57 -16.56
C ASP B 834 -4.19 -23.22 -15.98
N LEU B 835 -2.88 -23.02 -15.85
CA LEU B 835 -2.37 -21.80 -15.23
C LEU B 835 -2.61 -20.57 -16.11
N ILE B 836 -2.28 -20.68 -17.40
CA ILE B 836 -2.44 -19.54 -18.30
C ILE B 836 -3.91 -19.27 -18.58
N CYS B 837 -4.73 -20.31 -18.66
CA CYS B 837 -6.15 -20.12 -18.94
C CYS B 837 -6.86 -19.47 -17.76
N ALA B 838 -6.52 -19.87 -16.53
CA ALA B 838 -7.08 -19.20 -15.35
C ALA B 838 -6.48 -17.82 -15.17
N GLN B 839 -5.25 -17.61 -15.65
CA GLN B 839 -4.66 -16.27 -15.68
C GLN B 839 -5.44 -15.35 -16.58
N LYS B 840 -5.91 -15.86 -17.73
CA LYS B 840 -6.58 -15.04 -18.72
C LYS B 840 -7.98 -14.65 -18.29
N PHE B 841 -8.67 -15.51 -17.54
CA PHE B 841 -10.03 -15.23 -17.11
C PHE B 841 -10.12 -14.12 -16.08
N ASN B 842 -9.01 -13.74 -15.46
CA ASN B 842 -8.99 -12.68 -14.47
C ASN B 842 -8.50 -11.34 -15.03
N GLY B 843 -8.33 -11.24 -16.34
CA GLY B 843 -7.95 -10.00 -16.97
C GLY B 843 -6.47 -9.69 -17.00
N LEU B 844 -5.61 -10.71 -16.90
CA LEU B 844 -4.17 -10.53 -16.95
C LEU B 844 -3.64 -11.18 -18.22
N THR B 845 -3.20 -10.34 -19.16
CA THR B 845 -2.72 -10.80 -20.46
C THR B 845 -1.23 -10.49 -20.61
N VAL B 846 -0.62 -11.10 -21.63
CA VAL B 846 0.79 -10.91 -21.95
C VAL B 846 0.89 -10.48 -23.40
N LEU B 847 1.55 -9.34 -23.64
CA LEU B 847 1.72 -8.75 -24.96
C LEU B 847 2.98 -9.30 -25.63
N PRO B 848 2.95 -9.51 -26.94
CA PRO B 848 4.14 -10.06 -27.63
C PRO B 848 5.17 -8.98 -27.90
N PRO B 849 6.44 -9.35 -27.97
CA PRO B 849 7.47 -8.36 -28.31
C PRO B 849 7.39 -7.92 -29.77
N LEU B 850 7.93 -6.73 -30.03
CA LEU B 850 7.86 -6.16 -31.37
C LEU B 850 8.73 -6.91 -32.36
N LEU B 851 9.94 -7.29 -31.94
CA LEU B 851 10.87 -8.00 -32.80
C LEU B 851 10.78 -9.49 -32.53
N THR B 852 10.56 -10.28 -33.58
CA THR B 852 10.53 -11.72 -33.44
C THR B 852 11.95 -12.26 -33.34
N ASP B 853 12.05 -13.58 -33.10
CA ASP B 853 13.37 -14.21 -32.93
C ASP B 853 14.16 -14.23 -34.23
N GLU B 854 13.48 -14.35 -35.37
CA GLU B 854 14.17 -14.37 -36.65
C GLU B 854 14.82 -13.03 -36.96
N MET B 855 14.20 -11.92 -36.55
CA MET B 855 14.79 -10.61 -36.78
C MET B 855 16.05 -10.40 -35.93
N ILE B 856 16.03 -10.88 -34.67
CA ILE B 856 17.21 -10.81 -33.83
C ILE B 856 18.32 -11.69 -34.38
N ALA B 857 17.97 -12.88 -34.88
CA ALA B 857 18.96 -13.75 -35.50
C ALA B 857 19.55 -13.13 -36.76
N ALA B 858 18.72 -12.44 -37.56
CA ALA B 858 19.21 -11.75 -38.74
C ALA B 858 20.14 -10.60 -38.36
N TYR B 859 19.81 -9.88 -37.27
CA TYR B 859 20.66 -8.81 -36.78
C TYR B 859 22.04 -9.34 -36.37
N THR B 860 22.06 -10.45 -35.63
CA THR B 860 23.33 -11.01 -35.18
C THR B 860 24.13 -11.59 -36.35
N ALA B 861 23.44 -12.21 -37.33
CA ALA B 861 24.12 -12.72 -38.51
C ALA B 861 24.71 -11.59 -39.34
N ALA B 862 24.00 -10.48 -39.46
CA ALA B 862 24.53 -9.32 -40.17
C ALA B 862 25.74 -8.74 -39.44
N LEU B 863 25.69 -8.69 -38.10
CA LEU B 863 26.84 -8.22 -37.33
C LEU B 863 28.06 -9.10 -37.56
N ILE B 864 27.88 -10.42 -37.50
CA ILE B 864 29.01 -11.33 -37.65
C ILE B 864 29.56 -11.29 -39.07
N SER B 865 28.68 -11.28 -40.08
CA SER B 865 29.13 -11.23 -41.46
C SER B 865 29.74 -9.90 -41.85
N GLY B 866 29.38 -8.80 -41.16
CA GLY B 866 30.06 -7.54 -41.39
C GLY B 866 31.37 -7.44 -40.66
N THR B 867 31.51 -8.15 -39.54
CA THR B 867 32.77 -8.11 -38.80
C THR B 867 33.87 -8.86 -39.54
N ALA B 868 33.55 -10.03 -40.10
CA ALA B 868 34.58 -10.90 -40.67
C ALA B 868 35.16 -10.33 -41.96
N THR B 869 34.30 -9.85 -42.86
CA THR B 869 34.74 -9.42 -44.19
C THR B 869 35.09 -7.95 -44.26
N ALA B 870 34.89 -7.18 -43.18
CA ALA B 870 35.19 -5.76 -43.23
C ALA B 870 35.86 -5.24 -41.96
N GLY B 871 36.29 -6.11 -41.05
CA GLY B 871 36.91 -5.66 -39.83
C GLY B 871 35.92 -4.97 -38.90
N PHE B 872 36.47 -4.17 -37.98
CA PHE B 872 35.67 -3.34 -37.11
C PHE B 872 35.52 -1.92 -37.64
N THR B 873 35.96 -1.68 -38.87
CA THR B 873 35.89 -0.34 -39.47
C THR B 873 34.46 0.05 -39.84
N PHE B 874 33.56 -0.92 -39.98
CA PHE B 874 32.17 -0.62 -40.29
C PHE B 874 31.36 -0.20 -39.06
N GLY B 875 31.96 -0.25 -37.87
CA GLY B 875 31.32 0.29 -36.68
C GLY B 875 31.44 1.79 -36.53
N ALA B 876 32.29 2.43 -37.34
CA ALA B 876 32.44 3.88 -37.36
C ALA B 876 32.66 4.29 -38.82
N GLY B 877 31.56 4.63 -39.50
CA GLY B 877 31.63 5.02 -40.89
C GLY B 877 31.25 3.90 -41.84
N ALA B 878 31.76 3.98 -43.08
CA ALA B 878 31.45 2.97 -44.08
C ALA B 878 32.33 1.73 -43.87
N ALA B 879 31.94 0.65 -44.55
CA ALA B 879 32.66 -0.62 -44.43
C ALA B 879 33.90 -0.62 -45.30
N LEU B 880 35.03 -0.97 -44.70
CA LEU B 880 36.31 -1.09 -45.41
C LEU B 880 36.72 -2.55 -45.43
N GLN B 881 36.78 -3.14 -46.62
CA GLN B 881 37.14 -4.54 -46.75
C GLN B 881 38.62 -4.75 -46.49
N ILE B 882 38.94 -5.92 -45.94
CA ILE B 882 40.30 -6.28 -45.56
C ILE B 882 40.37 -7.80 -45.47
N PRO B 883 41.47 -8.44 -45.87
CA PRO B 883 41.62 -9.88 -45.63
C PRO B 883 41.66 -10.21 -44.15
N PHE B 884 41.20 -11.42 -43.82
CA PHE B 884 41.05 -11.80 -42.42
C PHE B 884 42.39 -11.98 -41.72
N ALA B 885 43.40 -12.47 -42.45
CA ALA B 885 44.73 -12.61 -41.86
C ALA B 885 45.35 -11.26 -41.54
N MET B 886 45.20 -10.29 -42.44
CA MET B 886 45.68 -8.94 -42.16
C MET B 886 44.90 -8.28 -41.03
N GLN B 887 43.60 -8.57 -40.94
CA GLN B 887 42.80 -8.08 -39.82
C GLN B 887 43.28 -8.66 -38.50
N MET B 888 43.60 -9.95 -38.48
CA MET B 888 44.15 -10.57 -37.27
C MET B 888 45.53 -10.03 -36.93
N ALA B 889 46.33 -9.69 -37.94
CA ALA B 889 47.61 -9.02 -37.69
C ALA B 889 47.39 -7.65 -37.06
N TYR B 890 46.37 -6.92 -37.53
CA TYR B 890 46.01 -5.65 -36.90
C TYR B 890 45.58 -5.84 -35.45
N ARG B 891 44.78 -6.89 -35.18
CA ARG B 891 44.33 -7.14 -33.81
C ARG B 891 45.49 -7.53 -32.90
N PHE B 892 46.46 -8.29 -33.43
CA PHE B 892 47.64 -8.63 -32.64
C PHE B 892 48.53 -7.41 -32.41
N ASN B 893 48.57 -6.48 -33.36
CA ASN B 893 49.35 -5.25 -33.17
C ASN B 893 48.77 -4.38 -32.05
N GLY B 894 47.48 -4.49 -31.79
CA GLY B 894 46.87 -3.74 -30.71
C GLY B 894 47.07 -4.32 -29.33
N ILE B 895 47.74 -5.47 -29.25
CA ILE B 895 48.03 -6.12 -27.97
C ILE B 895 49.45 -5.81 -27.50
N GLY B 896 50.41 -5.81 -28.43
CA GLY B 896 51.80 -5.61 -28.08
C GLY B 896 52.68 -6.66 -28.71
N VAL B 897 52.12 -7.40 -29.68
CA VAL B 897 52.82 -8.47 -30.37
C VAL B 897 52.92 -8.09 -31.85
N THR B 898 54.06 -8.39 -32.46
CA THR B 898 54.33 -7.97 -33.83
C THR B 898 53.47 -8.77 -34.81
N GLN B 899 53.47 -8.31 -36.07
CA GLN B 899 52.62 -8.91 -37.09
C GLN B 899 53.09 -10.30 -37.48
N ASN B 900 54.40 -10.59 -37.36
CA ASN B 900 54.96 -11.83 -37.90
C ASN B 900 54.45 -13.07 -37.18
N VAL B 901 54.17 -12.98 -35.87
CA VAL B 901 53.90 -14.13 -35.02
C VAL B 901 52.69 -14.92 -35.53
N LEU B 902 51.70 -14.23 -36.09
CA LEU B 902 50.65 -14.93 -36.81
C LEU B 902 51.18 -15.56 -38.09
N TYR B 903 52.07 -14.86 -38.79
CA TYR B 903 52.47 -15.32 -40.12
C TYR B 903 53.40 -16.53 -40.09
N GLU B 904 54.08 -16.82 -38.97
CA GLU B 904 54.70 -18.15 -38.90
C GLU B 904 53.82 -19.17 -38.17
N ASN B 905 52.81 -18.74 -37.43
CA ASN B 905 51.98 -19.64 -36.64
C ASN B 905 50.50 -19.44 -36.95
N GLN B 906 50.16 -19.36 -38.24
CA GLN B 906 48.76 -19.21 -38.62
C GLN B 906 47.96 -20.49 -38.41
N LYS B 907 48.56 -21.63 -38.77
CA LYS B 907 47.86 -22.91 -38.65
C LYS B 907 47.57 -23.26 -37.20
N GLN B 908 48.53 -23.01 -36.30
CA GLN B 908 48.32 -23.29 -34.89
C GLN B 908 47.23 -22.41 -34.30
N ILE B 909 47.22 -21.12 -34.66
CA ILE B 909 46.19 -20.21 -34.17
C ILE B 909 44.82 -20.62 -34.68
N ALA B 910 44.72 -20.97 -35.96
CA ALA B 910 43.45 -21.40 -36.53
C ALA B 910 42.95 -22.69 -35.88
N ASN B 911 43.84 -23.65 -35.66
CA ASN B 911 43.45 -24.91 -35.02
C ASN B 911 43.03 -24.69 -33.57
N GLN B 912 43.72 -23.79 -32.86
CA GLN B 912 43.32 -23.47 -31.50
C GLN B 912 41.96 -22.79 -31.45
N PHE B 913 41.68 -21.92 -32.42
CA PHE B 913 40.37 -21.27 -32.49
C PHE B 913 39.26 -22.28 -32.76
N ASN B 914 39.50 -23.19 -33.70
CA ASN B 914 38.49 -24.22 -34.01
C ASN B 914 38.28 -25.16 -32.83
N LYS B 915 39.37 -25.56 -32.15
CA LYS B 915 39.25 -26.42 -30.99
C LYS B 915 38.50 -25.72 -29.85
N ALA B 916 38.76 -24.42 -29.66
CA ALA B 916 38.04 -23.66 -28.64
C ALA B 916 36.56 -23.56 -28.96
N ILE B 917 36.22 -23.35 -30.23
CA ILE B 917 34.81 -23.28 -30.63
C ILE B 917 34.11 -24.61 -30.40
N SER B 918 34.76 -25.72 -30.78
CA SER B 918 34.18 -27.04 -30.54
C SER B 918 34.04 -27.33 -29.05
N GLN B 919 35.03 -26.91 -28.25
CA GLN B 919 34.99 -27.14 -26.81
C GLN B 919 33.86 -26.36 -26.15
N ILE B 920 33.65 -25.10 -26.56
CA ILE B 920 32.59 -24.33 -25.91
C ILE B 920 31.23 -24.81 -26.41
N GLN B 921 31.15 -25.34 -27.64
CA GLN B 921 29.93 -26.00 -28.10
C GLN B 921 29.61 -27.21 -27.23
N ASP B 922 30.62 -28.05 -26.95
CA ASP B 922 30.40 -29.22 -26.11
C ASP B 922 30.03 -28.85 -24.68
N SER B 923 30.68 -27.82 -24.13
CA SER B 923 30.38 -27.37 -22.78
C SER B 923 28.97 -26.78 -22.69
N LEU B 924 28.54 -26.04 -23.71
CA LEU B 924 27.18 -25.53 -23.74
C LEU B 924 26.16 -26.64 -23.89
N SER B 925 26.50 -27.69 -24.64
CA SER B 925 25.57 -28.79 -24.84
C SER B 925 25.42 -29.63 -23.57
N THR B 926 26.51 -29.89 -22.86
CA THR B 926 26.50 -30.80 -21.72
C THR B 926 26.48 -30.06 -20.38
N THR B 927 25.80 -28.92 -20.29
CA THR B 927 25.64 -28.21 -19.03
C THR B 927 24.31 -27.49 -19.04
N THR B 928 23.55 -27.62 -17.95
CA THR B 928 22.22 -27.03 -17.82
C THR B 928 22.13 -26.09 -16.63
N THR B 929 23.24 -25.41 -16.30
CA THR B 929 23.22 -24.46 -15.19
C THR B 929 24.01 -23.18 -15.50
N ALA B 930 24.28 -22.90 -16.77
CA ALA B 930 25.05 -21.72 -17.15
C ALA B 930 24.19 -20.58 -17.69
N LEU B 931 22.91 -20.81 -17.91
CA LEU B 931 21.99 -19.81 -18.45
C LEU B 931 20.90 -19.46 -17.43
N GLY B 932 21.31 -19.26 -16.18
CA GLY B 932 20.35 -19.13 -15.09
C GLY B 932 19.61 -17.81 -15.03
N LYS B 933 20.16 -16.76 -15.67
CA LYS B 933 19.55 -15.43 -15.53
C LYS B 933 18.26 -15.31 -16.32
N LEU B 934 18.23 -15.81 -17.55
CA LEU B 934 17.03 -15.72 -18.37
C LEU B 934 15.92 -16.62 -17.82
N GLN B 935 16.28 -17.84 -17.41
CA GLN B 935 15.33 -18.72 -16.74
C GLN B 935 14.83 -18.11 -15.44
N ASP B 936 15.71 -17.39 -14.72
CA ASP B 936 15.33 -16.71 -13.50
C ASP B 936 14.28 -15.63 -13.80
N VAL B 937 14.49 -14.87 -14.88
CA VAL B 937 13.53 -13.83 -15.27
C VAL B 937 12.17 -14.44 -15.60
N ILE B 938 12.17 -15.53 -16.38
CA ILE B 938 10.93 -16.20 -16.76
C ILE B 938 10.20 -16.73 -15.52
N ASN B 939 10.94 -17.36 -14.60
CA ASN B 939 10.33 -17.92 -13.40
C ASN B 939 9.76 -16.84 -12.48
N GLN B 940 10.47 -15.72 -12.31
CA GLN B 940 9.96 -14.63 -11.49
C GLN B 940 8.68 -14.05 -12.06
N ASN B 941 8.64 -13.85 -13.39
CA ASN B 941 7.43 -13.33 -14.01
C ASN B 941 6.25 -14.29 -13.85
N ALA B 942 6.51 -15.59 -14.05
CA ALA B 942 5.45 -16.59 -13.93
C ALA B 942 4.90 -16.66 -12.51
N ILE B 943 5.78 -16.66 -11.50
CA ILE B 943 5.27 -16.78 -10.14
C ILE B 943 4.64 -15.48 -9.66
N ALA B 944 5.05 -14.33 -10.20
CA ALA B 944 4.37 -13.08 -9.87
C ALA B 944 2.94 -13.08 -10.40
N LEU B 945 2.76 -13.52 -11.65
CA LEU B 945 1.41 -13.60 -12.20
C LEU B 945 0.57 -14.65 -11.47
N ASN B 946 1.17 -15.79 -11.10
CA ASN B 946 0.43 -16.81 -10.37
C ASN B 946 0.02 -16.34 -8.98
N THR B 947 0.89 -15.59 -8.30
CA THR B 947 0.54 -15.05 -6.99
C THR B 947 -0.58 -14.01 -7.11
N LEU B 948 -0.52 -13.17 -8.15
CA LEU B 948 -1.60 -12.21 -8.38
C LEU B 948 -2.92 -12.90 -8.66
N VAL B 949 -2.88 -14.03 -9.37
CA VAL B 949 -4.10 -14.79 -9.64
C VAL B 949 -4.64 -15.41 -8.35
N LYS B 950 -3.76 -16.04 -7.57
CA LYS B 950 -4.21 -16.80 -6.41
C LYS B 950 -4.50 -15.92 -5.19
N GLN B 951 -4.17 -14.63 -5.24
CA GLN B 951 -4.53 -13.74 -4.13
C GLN B 951 -5.98 -13.25 -4.19
N LEU B 952 -6.84 -13.89 -4.98
CA LEU B 952 -8.23 -13.50 -5.10
C LEU B 952 -9.15 -14.20 -4.09
N SER B 953 -8.60 -15.05 -3.23
CA SER B 953 -9.40 -15.83 -2.30
C SER B 953 -9.47 -15.23 -0.90
N SER B 954 -8.84 -14.07 -0.68
CA SER B 954 -8.89 -13.43 0.62
C SER B 954 -10.24 -12.76 0.85
N ASN B 955 -10.64 -12.66 2.11
CA ASN B 955 -11.92 -12.07 2.46
C ASN B 955 -11.84 -10.57 2.70
N PHE B 956 -10.71 -10.08 3.20
CA PHE B 956 -10.46 -8.66 3.51
C PHE B 956 -11.51 -8.11 4.49
N GLY B 957 -11.90 -8.93 5.47
CA GLY B 957 -12.85 -8.52 6.47
C GLY B 957 -14.31 -8.68 6.10
N ALA B 958 -14.61 -9.22 4.92
CA ALA B 958 -15.97 -9.44 4.51
C ALA B 958 -16.41 -10.86 4.89
N ILE B 959 -17.67 -11.19 4.59
CA ILE B 959 -18.18 -12.51 4.94
C ILE B 959 -17.74 -13.58 3.95
N SER B 960 -17.40 -13.20 2.72
CA SER B 960 -16.97 -14.15 1.71
C SER B 960 -16.12 -13.43 0.67
N SER B 961 -15.38 -14.22 -0.10
CA SER B 961 -14.54 -13.71 -1.18
C SER B 961 -15.24 -13.76 -2.54
N VAL B 962 -16.48 -14.23 -2.60
CA VAL B 962 -17.23 -14.31 -3.85
C VAL B 962 -18.30 -13.24 -3.81
N LEU B 963 -18.40 -12.47 -4.89
CA LEU B 963 -19.33 -11.34 -4.93
C LEU B 963 -20.78 -11.77 -5.10
N ASN B 964 -21.02 -13.01 -5.54
CA ASN B 964 -22.38 -13.44 -5.82
C ASN B 964 -23.12 -13.86 -4.55
N ASP B 965 -22.45 -14.54 -3.63
CA ASP B 965 -23.14 -15.05 -2.45
C ASP B 965 -23.46 -13.97 -1.43
N ILE B 966 -22.65 -12.91 -1.35
CA ILE B 966 -22.97 -11.79 -0.46
C ILE B 966 -24.21 -11.05 -0.97
N LEU B 967 -24.27 -10.81 -2.28
CA LEU B 967 -25.39 -10.07 -2.85
C LEU B 967 -26.70 -10.85 -2.81
N SER B 968 -26.64 -12.18 -2.67
CA SER B 968 -27.85 -13.00 -2.65
C SER B 968 -28.37 -13.24 -1.25
N ARG B 969 -27.70 -12.74 -0.20
CA ARG B 969 -28.18 -12.94 1.15
C ARG B 969 -28.09 -11.68 2.01
N LEU B 970 -27.76 -10.53 1.42
CA LEU B 970 -27.68 -9.28 2.15
C LEU B 970 -28.38 -8.18 1.36
N ASP B 971 -28.84 -7.15 2.07
CA ASP B 971 -29.47 -6.00 1.43
C ASP B 971 -28.40 -5.08 0.86
N LYS B 972 -28.81 -3.91 0.36
CA LYS B 972 -27.90 -3.06 -0.39
C LYS B 972 -26.90 -2.36 0.52
N VAL B 973 -27.33 -1.92 1.70
CA VAL B 973 -26.51 -1.06 2.55
C VAL B 973 -25.30 -1.82 3.08
N GLU B 974 -25.49 -3.04 3.56
CA GLU B 974 -24.36 -3.82 4.07
C GLU B 974 -23.48 -4.35 2.94
N ALA B 975 -24.10 -4.71 1.81
CA ALA B 975 -23.35 -5.22 0.67
C ALA B 975 -22.43 -4.17 0.08
N GLU B 976 -22.84 -2.89 0.12
CA GLU B 976 -21.97 -1.84 -0.39
C GLU B 976 -20.67 -1.74 0.42
N VAL B 977 -20.77 -1.82 1.75
CA VAL B 977 -19.58 -1.77 2.60
C VAL B 977 -18.72 -3.00 2.40
N GLN B 978 -19.35 -4.18 2.40
CA GLN B 978 -18.57 -5.42 2.28
C GLN B 978 -18.00 -5.60 0.88
N ILE B 979 -18.52 -4.91 -0.12
CA ILE B 979 -17.92 -4.93 -1.45
C ILE B 979 -16.80 -3.89 -1.56
N ASP B 980 -16.97 -2.73 -0.91
CA ASP B 980 -15.92 -1.72 -0.89
C ASP B 980 -14.65 -2.21 -0.20
N ARG B 981 -14.80 -3.04 0.83
CA ARG B 981 -13.63 -3.65 1.49
C ARG B 981 -12.83 -4.51 0.51
N LEU B 982 -13.53 -5.36 -0.25
CA LEU B 982 -12.88 -6.21 -1.24
C LEU B 982 -12.25 -5.39 -2.35
N ILE B 983 -12.91 -4.30 -2.75
CA ILE B 983 -12.39 -3.44 -3.80
C ILE B 983 -11.08 -2.79 -3.36
N THR B 984 -11.03 -2.29 -2.12
CA THR B 984 -9.79 -1.71 -1.61
C THR B 984 -8.68 -2.75 -1.50
N GLY B 985 -9.00 -3.95 -1.02
CA GLY B 985 -7.99 -4.99 -0.91
C GLY B 985 -7.41 -5.42 -2.25
N ARG B 986 -8.27 -5.60 -3.25
CA ARG B 986 -7.79 -6.01 -4.57
C ARG B 986 -7.02 -4.89 -5.27
N LEU B 987 -7.41 -3.63 -5.04
CA LEU B 987 -6.62 -2.51 -5.55
C LEU B 987 -5.22 -2.48 -4.94
N GLN B 988 -5.13 -2.74 -3.63
CA GLN B 988 -3.82 -2.81 -2.98
C GLN B 988 -2.97 -3.95 -3.54
N SER B 989 -3.58 -5.12 -3.77
CA SER B 989 -2.82 -6.24 -4.31
C SER B 989 -2.36 -5.98 -5.74
N LEU B 990 -3.13 -5.21 -6.52
CA LEU B 990 -2.65 -4.81 -7.84
C LEU B 990 -1.49 -3.82 -7.77
N GLN B 991 -1.59 -2.86 -6.84
CA GLN B 991 -0.55 -1.84 -6.70
C GLN B 991 0.80 -2.44 -6.30
N THR B 992 0.77 -3.45 -5.43
CA THR B 992 2.01 -4.12 -5.03
C THR B 992 2.71 -4.77 -6.23
N TYR B 993 1.95 -5.45 -7.08
CA TYR B 993 2.50 -6.09 -8.27
C TYR B 993 3.08 -5.05 -9.23
N VAL B 994 2.40 -3.92 -9.39
CA VAL B 994 2.90 -2.88 -10.29
C VAL B 994 4.22 -2.30 -9.77
N THR B 995 4.33 -2.12 -8.44
CA THR B 995 5.57 -1.62 -7.86
C THR B 995 6.73 -2.60 -8.08
N GLN B 996 6.48 -3.90 -7.86
CA GLN B 996 7.53 -4.89 -8.11
C GLN B 996 7.95 -4.92 -9.57
N GLN B 997 6.97 -4.78 -10.48
CA GLN B 997 7.28 -4.74 -11.91
C GLN B 997 8.14 -3.53 -12.27
N LEU B 998 7.87 -2.38 -11.65
CA LEU B 998 8.67 -1.19 -11.91
C LEU B 998 10.11 -1.36 -11.45
N ILE B 999 10.31 -1.95 -10.27
CA ILE B 999 11.67 -2.16 -9.77
C ILE B 999 12.44 -3.15 -10.65
N ARG B 1000 11.78 -4.24 -11.05
CA ARG B 1000 12.42 -5.21 -11.93
C ARG B 1000 12.73 -4.62 -13.30
N ALA B 1001 11.86 -3.73 -13.79
CA ALA B 1001 12.11 -3.04 -15.06
C ALA B 1001 13.34 -2.14 -14.96
N ALA B 1002 13.52 -1.47 -13.81
CA ALA B 1002 14.71 -0.64 -13.62
C ALA B 1002 16.00 -1.48 -13.66
N GLU B 1003 15.98 -2.64 -12.98
CA GLU B 1003 17.16 -3.51 -13.00
C GLU B 1003 17.44 -4.04 -14.40
N ILE B 1004 16.39 -4.41 -15.14
CA ILE B 1004 16.55 -4.92 -16.49
C ILE B 1004 17.07 -3.83 -17.42
N ARG B 1005 16.63 -2.59 -17.20
CA ARG B 1005 17.14 -1.45 -17.98
C ARG B 1005 18.63 -1.24 -17.75
N ALA B 1006 19.08 -1.36 -16.49
CA ALA B 1006 20.52 -1.24 -16.21
C ALA B 1006 21.32 -2.34 -16.90
N SER B 1007 20.81 -3.58 -16.85
CA SER B 1007 21.49 -4.69 -17.52
C SER B 1007 21.54 -4.51 -19.04
N ALA B 1008 20.45 -3.98 -19.61
CA ALA B 1008 20.42 -3.74 -21.05
C ALA B 1008 21.37 -2.63 -21.45
N ASN B 1009 21.52 -1.60 -20.61
CA ASN B 1009 22.52 -0.56 -20.87
C ASN B 1009 23.92 -1.12 -20.88
N LEU B 1010 24.23 -2.00 -19.91
CA LEU B 1010 25.54 -2.65 -19.89
C LEU B 1010 25.77 -3.50 -21.13
N ALA B 1011 24.73 -4.25 -21.56
CA ALA B 1011 24.85 -5.09 -22.74
C ALA B 1011 25.08 -4.27 -24.01
N ALA B 1012 24.36 -3.15 -24.14
CA ALA B 1012 24.53 -2.29 -25.31
C ALA B 1012 25.92 -1.66 -25.35
N THR B 1013 26.41 -1.20 -24.19
CA THR B 1013 27.77 -0.64 -24.14
C THR B 1013 28.82 -1.69 -24.49
N LYS B 1014 28.65 -2.92 -23.98
CA LYS B 1014 29.61 -3.98 -24.27
C LYS B 1014 29.58 -4.37 -25.75
N MET B 1015 28.39 -4.43 -26.35
CA MET B 1015 28.29 -4.72 -27.78
C MET B 1015 28.94 -3.62 -28.61
N SER B 1016 28.74 -2.36 -28.23
CA SER B 1016 29.34 -1.26 -28.98
C SER B 1016 30.86 -1.23 -28.83
N GLU B 1017 31.38 -1.60 -27.66
CA GLU B 1017 32.81 -1.46 -27.39
C GLU B 1017 33.64 -2.70 -27.68
N CYS B 1018 33.03 -3.88 -27.81
CA CYS B 1018 33.80 -5.10 -27.98
C CYS B 1018 33.52 -5.86 -29.28
N VAL B 1019 32.35 -5.68 -29.89
CA VAL B 1019 32.08 -6.32 -31.17
C VAL B 1019 32.49 -5.42 -32.33
N LEU B 1020 32.19 -4.12 -32.24
CA LEU B 1020 32.55 -3.16 -33.27
C LEU B 1020 33.90 -2.49 -33.00
N GLY B 1021 34.77 -3.13 -32.25
CA GLY B 1021 36.07 -2.56 -31.95
C GLY B 1021 36.85 -3.47 -31.03
N GLN B 1022 38.04 -3.00 -30.67
CA GLN B 1022 38.91 -3.70 -29.73
C GLN B 1022 39.14 -2.82 -28.52
N SER B 1023 38.95 -3.39 -27.32
CA SER B 1023 39.01 -2.64 -26.08
C SER B 1023 40.30 -2.95 -25.33
N LYS B 1024 40.77 -1.98 -24.56
CA LYS B 1024 41.96 -2.13 -23.75
C LYS B 1024 41.67 -2.11 -22.26
N ARG B 1025 40.41 -1.97 -21.86
CA ARG B 1025 40.05 -2.11 -20.45
C ARG B 1025 40.17 -3.57 -20.04
N VAL B 1026 40.85 -3.82 -18.92
CA VAL B 1026 41.15 -5.19 -18.51
C VAL B 1026 39.91 -5.83 -17.92
N ASP B 1027 39.69 -7.09 -18.29
CA ASP B 1027 38.57 -7.94 -17.84
C ASP B 1027 37.20 -7.38 -18.22
N PHE B 1028 37.15 -6.45 -19.18
CA PHE B 1028 35.86 -5.99 -19.68
C PHE B 1028 35.24 -6.99 -20.64
N CYS B 1029 36.07 -7.65 -21.46
CA CYS B 1029 35.61 -8.64 -22.42
C CYS B 1029 36.62 -9.78 -22.43
N GLY B 1030 36.32 -10.82 -21.67
CA GLY B 1030 37.24 -11.93 -21.49
C GLY B 1030 38.16 -11.72 -20.32
N LYS B 1031 39.17 -12.60 -20.23
CA LYS B 1031 40.14 -12.55 -19.15
C LYS B 1031 41.53 -12.16 -19.60
N GLY B 1032 41.97 -12.62 -20.77
CA GLY B 1032 43.29 -12.28 -21.27
C GLY B 1032 43.32 -10.97 -22.02
N TYR B 1033 43.94 -10.97 -23.19
CA TYR B 1033 44.01 -9.79 -24.04
C TYR B 1033 42.98 -9.94 -25.15
N HIS B 1034 42.07 -8.97 -25.25
CA HIS B 1034 40.92 -9.09 -26.13
C HIS B 1034 41.32 -8.96 -27.60
N LEU B 1035 40.82 -9.87 -28.43
CA LEU B 1035 41.00 -9.80 -29.88
C LEU B 1035 39.68 -9.60 -30.60
N MET B 1036 38.70 -10.49 -30.41
CA MET B 1036 37.43 -10.40 -31.11
C MET B 1036 36.29 -10.74 -30.15
N SER B 1037 35.07 -10.51 -30.61
CA SER B 1037 33.87 -10.93 -29.90
C SER B 1037 32.76 -11.15 -30.92
N PHE B 1038 31.94 -12.16 -30.65
CA PHE B 1038 30.82 -12.50 -31.52
C PHE B 1038 29.56 -12.60 -30.68
N PRO B 1039 28.48 -11.90 -31.05
CA PRO B 1039 27.23 -12.01 -30.29
C PRO B 1039 26.31 -13.10 -30.82
N GLN B 1040 25.65 -13.80 -29.90
CA GLN B 1040 24.68 -14.82 -30.24
C GLN B 1040 23.36 -14.49 -29.55
N ALA B 1041 22.27 -14.66 -30.29
CA ALA B 1041 20.94 -14.32 -29.77
C ALA B 1041 20.45 -15.40 -28.81
N ALA B 1042 19.93 -14.95 -27.67
CA ALA B 1042 19.32 -15.80 -26.66
C ALA B 1042 17.95 -15.24 -26.31
N PRO B 1043 17.03 -16.08 -25.85
CA PRO B 1043 15.70 -15.56 -25.43
C PRO B 1043 15.83 -14.64 -24.23
N HIS B 1044 15.29 -13.42 -24.39
CA HIS B 1044 15.33 -12.36 -23.37
C HIS B 1044 16.75 -11.99 -22.98
N GLY B 1045 17.70 -12.07 -23.91
CA GLY B 1045 19.06 -11.75 -23.57
C GLY B 1045 19.99 -11.85 -24.76
N VAL B 1046 21.28 -11.88 -24.46
CA VAL B 1046 22.33 -11.97 -25.48
C VAL B 1046 23.51 -12.71 -24.87
N VAL B 1047 24.25 -13.44 -25.71
CA VAL B 1047 25.39 -14.23 -25.27
C VAL B 1047 26.60 -13.79 -26.10
N PHE B 1048 27.68 -13.41 -25.41
CA PHE B 1048 28.90 -12.98 -26.06
C PHE B 1048 29.97 -14.06 -25.98
N LEU B 1049 30.65 -14.30 -27.10
CA LEU B 1049 31.79 -15.22 -27.17
C LEU B 1049 33.03 -14.37 -27.34
N HIS B 1050 33.75 -14.14 -26.23
CA HIS B 1050 34.94 -13.32 -26.24
C HIS B 1050 36.17 -14.16 -26.58
N VAL B 1051 36.91 -13.75 -27.61
CA VAL B 1051 38.14 -14.41 -28.01
C VAL B 1051 39.30 -13.63 -27.40
N THR B 1052 40.15 -14.32 -26.63
CA THR B 1052 41.21 -13.67 -25.88
C THR B 1052 42.56 -14.30 -26.17
N TYR B 1053 43.60 -13.56 -25.81
CA TYR B 1053 44.98 -13.99 -25.97
C TYR B 1053 45.59 -14.18 -24.58
N VAL B 1054 46.12 -15.37 -24.33
CA VAL B 1054 46.73 -15.67 -23.02
C VAL B 1054 48.10 -16.30 -23.22
N PRO B 1055 49.14 -15.81 -22.54
CA PRO B 1055 50.46 -16.41 -22.65
C PRO B 1055 50.70 -17.50 -21.60
N SER B 1056 51.69 -18.33 -21.88
CA SER B 1056 52.03 -19.46 -21.00
C SER B 1056 53.48 -19.83 -21.24
N GLN B 1057 53.91 -20.94 -20.62
CA GLN B 1057 55.26 -21.49 -20.72
C GLN B 1057 56.31 -20.48 -20.25
N GLU B 1058 56.23 -20.16 -18.95
CA GLU B 1058 57.08 -19.16 -18.35
C GLU B 1058 58.51 -19.68 -18.17
N GLN B 1059 59.45 -18.75 -18.10
CA GLN B 1059 60.86 -19.08 -17.90
C GLN B 1059 61.56 -17.87 -17.28
N ASN B 1060 62.42 -18.14 -16.31
CA ASN B 1060 63.13 -17.07 -15.60
C ASN B 1060 64.33 -16.58 -16.42
N PHE B 1061 64.61 -15.29 -16.32
CA PHE B 1061 65.73 -14.67 -17.01
C PHE B 1061 66.30 -13.55 -16.15
N THR B 1062 67.63 -13.50 -16.04
CA THR B 1062 68.29 -12.43 -15.30
C THR B 1062 68.22 -11.15 -16.11
N THR B 1063 67.86 -10.04 -15.45
CA THR B 1063 67.62 -8.78 -16.13
C THR B 1063 68.47 -7.67 -15.52
N ALA B 1064 68.61 -6.60 -16.28
CA ALA B 1064 69.35 -5.41 -15.88
C ALA B 1064 68.56 -4.17 -16.27
N PRO B 1065 68.69 -3.07 -15.52
CA PRO B 1065 67.96 -1.85 -15.87
C PRO B 1065 68.56 -1.12 -17.08
N ALA B 1066 69.88 -1.12 -17.18
CA ALA B 1066 70.55 -0.37 -18.25
C ALA B 1066 71.89 -1.02 -18.57
N ILE B 1067 72.39 -0.73 -19.76
CA ILE B 1067 73.66 -1.25 -20.25
C ILE B 1067 74.48 -0.06 -20.76
N CYS B 1068 75.72 0.06 -20.27
CA CYS B 1068 76.62 1.10 -20.76
C CYS B 1068 77.95 0.49 -21.17
N HIS B 1069 78.51 1.01 -22.26
CA HIS B 1069 79.80 0.57 -22.77
C HIS B 1069 80.82 1.70 -22.81
N GLU B 1070 80.41 2.90 -23.20
CA GLU B 1070 81.22 4.10 -23.06
C GLU B 1070 80.87 4.76 -21.72
N GLY B 1071 81.28 6.01 -21.53
CA GLY B 1071 80.84 6.75 -20.36
C GLY B 1071 79.33 6.97 -20.34
N LYS B 1072 78.72 7.10 -21.51
CA LYS B 1072 77.28 7.29 -21.61
C LYS B 1072 76.55 5.98 -21.29
N ALA B 1073 75.29 6.11 -20.85
CA ALA B 1073 74.46 4.99 -20.45
C ALA B 1073 73.26 4.88 -21.38
N HIS B 1074 72.96 3.66 -21.82
CA HIS B 1074 71.85 3.40 -22.72
C HIS B 1074 70.66 2.81 -21.97
N PHE B 1075 69.47 3.13 -22.45
CA PHE B 1075 68.22 2.66 -21.88
C PHE B 1075 67.35 2.05 -22.96
N PRO B 1076 66.54 1.05 -22.64
CA PRO B 1076 65.69 0.44 -23.66
C PRO B 1076 64.50 1.33 -24.01
N ARG B 1077 64.26 1.50 -25.30
CA ARG B 1077 63.08 2.23 -25.75
C ARG B 1077 61.80 1.46 -25.43
N GLU B 1078 61.82 0.15 -25.63
CA GLU B 1078 60.69 -0.71 -25.30
C GLU B 1078 61.23 -2.04 -24.80
N GLY B 1079 60.40 -2.75 -24.03
CA GLY B 1079 60.81 -4.04 -23.55
C GLY B 1079 61.82 -3.95 -22.41
N VAL B 1080 62.53 -5.06 -22.20
CA VAL B 1080 63.48 -5.20 -21.12
C VAL B 1080 64.79 -5.75 -21.67
N PHE B 1081 65.81 -5.74 -20.82
CA PHE B 1081 67.10 -6.38 -21.11
C PHE B 1081 67.15 -7.74 -20.44
N VAL B 1082 67.49 -8.77 -21.21
CA VAL B 1082 67.65 -10.12 -20.70
C VAL B 1082 68.97 -10.69 -21.21
N THR B 1083 69.44 -11.74 -20.55
CA THR B 1083 70.73 -12.33 -20.88
C THR B 1083 70.58 -13.81 -21.20
N ASN B 1084 71.38 -14.27 -22.15
CA ASN B 1084 71.57 -15.68 -22.47
C ASN B 1084 72.45 -16.38 -21.45
N GLY B 1085 73.14 -15.62 -20.60
CA GLY B 1085 74.21 -16.11 -19.78
C GLY B 1085 75.58 -15.77 -20.32
N THR B 1086 75.68 -15.44 -21.60
CA THR B 1086 76.93 -15.00 -22.22
C THR B 1086 76.74 -13.68 -22.95
N HIS B 1087 75.58 -13.49 -23.55
CA HIS B 1087 75.26 -12.29 -24.30
C HIS B 1087 74.08 -11.57 -23.67
N TRP B 1088 73.76 -10.39 -24.21
CA TRP B 1088 72.62 -9.60 -23.77
C TRP B 1088 71.76 -9.24 -24.98
N PHE B 1089 70.45 -9.31 -24.81
CA PHE B 1089 69.50 -8.99 -25.86
C PHE B 1089 68.43 -8.04 -25.33
N ILE B 1090 67.53 -7.66 -26.22
CA ILE B 1090 66.33 -6.91 -25.87
C ILE B 1090 65.14 -7.67 -26.44
N THR B 1091 64.03 -7.68 -25.70
CA THR B 1091 62.87 -8.47 -26.10
C THR B 1091 61.61 -7.85 -25.54
N GLN B 1092 60.48 -8.24 -26.12
CA GLN B 1092 59.18 -7.80 -25.61
C GLN B 1092 58.86 -8.52 -24.31
N ARG B 1093 58.00 -7.88 -23.51
CA ARG B 1093 57.64 -8.45 -22.22
C ARG B 1093 56.65 -9.60 -22.37
N ASN B 1094 55.76 -9.54 -23.36
CA ASN B 1094 54.70 -10.52 -23.52
C ASN B 1094 55.10 -11.72 -24.37
N PHE B 1095 56.27 -11.69 -25.01
CA PHE B 1095 56.70 -12.77 -25.87
C PHE B 1095 58.21 -12.76 -25.96
N TYR B 1096 58.80 -13.94 -26.06
CA TYR B 1096 60.26 -14.09 -26.09
C TYR B 1096 60.72 -14.00 -27.55
N SER B 1097 61.21 -12.82 -27.93
CA SER B 1097 61.78 -12.59 -29.26
C SER B 1097 63.12 -11.88 -29.06
N PRO B 1098 64.21 -12.62 -28.95
CA PRO B 1098 65.51 -11.98 -28.70
C PRO B 1098 66.03 -11.27 -29.93
N GLN B 1099 66.50 -10.03 -29.74
CA GLN B 1099 67.09 -9.23 -30.80
C GLN B 1099 68.41 -8.65 -30.32
N PRO B 1100 69.37 -8.47 -31.22
CA PRO B 1100 70.63 -7.83 -30.82
C PRO B 1100 70.43 -6.37 -30.46
N ILE B 1101 71.26 -5.90 -29.53
CA ILE B 1101 71.21 -4.51 -29.06
C ILE B 1101 71.99 -3.67 -30.07
N THR B 1102 71.28 -2.95 -30.92
CA THR B 1102 71.87 -2.08 -31.91
C THR B 1102 71.81 -0.64 -31.44
N THR B 1103 72.20 0.30 -32.31
CA THR B 1103 72.02 1.71 -32.02
C THR B 1103 70.54 2.09 -32.01
N ASP B 1104 69.72 1.34 -32.75
CA ASP B 1104 68.27 1.50 -32.68
C ASP B 1104 67.74 0.76 -31.46
N ASN B 1105 66.42 0.84 -31.26
CA ASN B 1105 65.64 0.27 -30.14
C ASN B 1105 66.25 0.59 -28.76
N THR B 1106 67.01 1.69 -28.65
CA THR B 1106 67.55 2.14 -27.39
C THR B 1106 67.87 3.62 -27.51
N PHE B 1107 67.86 4.31 -26.37
CA PHE B 1107 68.17 5.74 -26.33
C PHE B 1107 69.09 6.01 -25.15
N VAL B 1108 69.90 7.05 -25.29
CA VAL B 1108 71.00 7.36 -24.38
C VAL B 1108 70.69 8.64 -23.63
N SER B 1109 70.87 8.60 -22.30
CA SER B 1109 70.66 9.79 -21.47
C SER B 1109 71.49 9.64 -20.20
N GLY B 1110 72.51 10.47 -20.06
CA GLY B 1110 73.32 10.49 -18.85
C GLY B 1110 74.54 9.60 -18.93
N ASN B 1111 75.22 9.49 -17.79
CA ASN B 1111 76.40 8.66 -17.64
C ASN B 1111 76.14 7.57 -16.60
N CYS B 1112 76.74 6.40 -16.81
CA CYS B 1112 76.45 5.22 -15.99
C CYS B 1112 77.24 5.27 -14.68
N ASP B 1113 76.81 6.19 -13.81
CA ASP B 1113 77.33 6.23 -12.45
C ASP B 1113 76.26 6.55 -11.42
N VAL B 1114 74.98 6.51 -11.79
CA VAL B 1114 73.90 6.84 -10.87
C VAL B 1114 72.82 5.76 -10.79
N VAL B 1115 72.67 4.88 -11.77
CA VAL B 1115 71.61 3.87 -11.76
C VAL B 1115 72.18 2.59 -11.16
N ILE B 1116 71.46 2.02 -10.19
CA ILE B 1116 71.89 0.80 -9.53
C ILE B 1116 71.64 -0.38 -10.44
N GLY B 1117 72.65 -1.23 -10.60
CA GLY B 1117 72.52 -2.43 -11.39
C GLY B 1117 72.94 -2.32 -12.84
N ILE B 1118 73.65 -1.25 -13.21
CA ILE B 1118 74.10 -1.10 -14.59
C ILE B 1118 75.25 -2.06 -14.85
N VAL B 1119 75.11 -2.87 -15.90
CA VAL B 1119 76.15 -3.80 -16.30
C VAL B 1119 76.87 -3.24 -17.52
N ASN B 1120 78.05 -3.80 -17.81
CA ASN B 1120 78.87 -3.37 -18.92
C ASN B 1120 78.78 -4.42 -20.04
N ASN B 1121 78.33 -3.99 -21.21
CA ASN B 1121 78.22 -4.89 -22.36
C ASN B 1121 78.30 -4.07 -23.64
N THR B 1122 78.80 -4.71 -24.69
CA THR B 1122 78.96 -4.03 -25.97
C THR B 1122 77.60 -3.85 -26.66
N VAL B 1123 77.58 -2.96 -27.64
CA VAL B 1123 76.40 -2.69 -28.45
C VAL B 1123 76.79 -2.73 -29.92
N TYR B 1124 76.04 -3.50 -30.70
CA TYR B 1124 76.32 -3.63 -32.12
C TYR B 1124 76.05 -2.32 -32.85
N ASP B 1125 76.92 -1.99 -33.80
CA ASP B 1125 76.81 -0.77 -34.58
C ASP B 1125 76.88 -1.11 -36.06
N PRO B 1126 75.89 -0.67 -36.86
CA PRO B 1126 75.90 -1.01 -38.29
C PRO B 1126 76.99 -0.26 -39.05
N LEU B 1127 77.99 -1.00 -39.52
CA LEU B 1127 79.09 -0.42 -40.29
C LEU B 1127 78.80 -0.49 -41.79
N LYS C 19 -70.11 10.13 -24.91
CA LYS C 19 -69.89 11.56 -24.74
C LYS C 19 -68.77 12.05 -25.66
N CYS C 20 -67.68 11.28 -25.72
CA CYS C 20 -66.57 11.62 -26.59
C CYS C 20 -66.91 11.30 -28.04
N GLY C 21 -66.13 11.89 -28.95
CA GLY C 21 -66.28 11.60 -30.36
C GLY C 21 -65.70 10.24 -30.70
N THR C 22 -66.42 9.50 -31.54
CA THR C 22 -66.03 8.16 -31.95
C THR C 22 -65.77 8.13 -33.45
N LEU C 23 -64.59 7.65 -33.84
CA LEU C 23 -64.23 7.50 -35.24
C LEU C 23 -64.68 6.14 -35.74
N SER C 24 -65.17 6.10 -36.98
CA SER C 24 -65.69 4.86 -37.55
C SER C 24 -64.55 3.94 -37.98
N ASN C 25 -63.72 4.39 -38.93
CA ASN C 25 -62.64 3.57 -39.45
C ASN C 25 -61.43 4.47 -39.71
N LYS C 26 -60.24 3.88 -39.57
CA LYS C 26 -59.00 4.57 -39.87
C LYS C 26 -57.97 3.54 -40.31
N SER C 27 -56.97 4.02 -41.05
CA SER C 27 -55.93 3.14 -41.54
C SER C 27 -55.04 2.66 -40.39
N PRO C 28 -54.52 1.43 -40.48
CA PRO C 28 -53.66 0.92 -39.41
C PRO C 28 -52.35 1.69 -39.31
N SER C 29 -51.81 1.73 -38.10
CA SER C 29 -50.60 2.50 -37.84
C SER C 29 -49.39 1.84 -38.48
N LYS C 30 -48.54 2.66 -39.09
CA LYS C 30 -47.30 2.21 -39.71
C LYS C 30 -46.15 2.42 -38.72
N LEU C 31 -45.32 1.39 -38.57
CA LEU C 31 -44.27 1.37 -37.55
C LEU C 31 -42.89 1.65 -38.15
N THR C 32 -42.79 2.60 -39.08
CA THR C 32 -41.51 2.96 -39.66
C THR C 32 -40.59 3.56 -38.61
N GLN C 33 -39.30 3.30 -38.77
CA GLN C 33 -38.29 3.72 -37.80
C GLN C 33 -37.34 4.74 -38.41
N THR C 34 -36.81 5.61 -37.57
CA THR C 34 -35.83 6.60 -37.99
C THR C 34 -34.65 6.60 -37.03
N PRO C 35 -33.43 6.70 -37.54
CA PRO C 35 -32.26 6.75 -36.66
C PRO C 35 -32.15 8.10 -35.96
N SER C 36 -32.09 8.07 -34.63
CA SER C 36 -31.81 9.27 -33.88
C SER C 36 -30.33 9.64 -34.03
N SER C 37 -29.98 10.85 -33.58
CA SER C 37 -28.61 11.30 -33.73
C SER C 37 -28.27 12.20 -32.54
N ARG C 38 -27.68 11.59 -31.50
CA ARG C 38 -27.13 12.29 -30.33
C ARG C 38 -28.18 13.17 -29.64
N ARG C 39 -29.40 12.67 -29.55
CA ARG C 39 -30.52 13.41 -28.97
C ARG C 39 -30.98 12.74 -27.68
N GLY C 40 -31.36 13.55 -26.71
CA GLY C 40 -31.93 13.03 -25.48
C GLY C 40 -30.99 12.98 -24.30
N PHE C 41 -30.22 14.03 -24.08
CA PHE C 41 -29.39 14.16 -22.90
C PHE C 41 -30.03 15.16 -21.95
N TYR C 42 -29.75 15.01 -20.66
CA TYR C 42 -30.39 15.83 -19.64
C TYR C 42 -29.41 16.11 -18.50
N TYR C 43 -29.73 17.14 -17.73
CA TYR C 43 -28.95 17.51 -16.55
C TYR C 43 -29.22 16.49 -15.45
N PHE C 44 -28.29 15.55 -15.27
CA PHE C 44 -28.49 14.44 -14.35
C PHE C 44 -28.35 14.86 -12.89
N ASP C 45 -27.55 15.89 -12.61
CA ASP C 45 -27.21 16.26 -11.25
C ASP C 45 -27.66 17.69 -10.97
N ASP C 46 -27.90 17.98 -9.69
CA ASP C 46 -28.34 19.29 -9.23
C ASP C 46 -27.18 20.14 -8.73
N ILE C 47 -25.98 19.93 -9.28
CA ILE C 47 -24.75 20.52 -8.76
C ILE C 47 -24.05 21.27 -9.89
N PHE C 48 -23.64 22.50 -9.62
CA PHE C 48 -22.90 23.30 -10.59
C PHE C 48 -21.52 22.72 -10.85
N ARG C 49 -21.12 22.70 -12.12
CA ARG C 49 -19.81 22.24 -12.54
C ARG C 49 -19.23 23.21 -13.56
N SER C 50 -17.92 23.14 -13.75
CA SER C 50 -17.22 24.07 -14.64
C SER C 50 -15.98 23.40 -15.20
N SER C 51 -16.00 23.13 -16.52
CA SER C 51 -14.83 22.69 -17.30
C SER C 51 -14.24 21.38 -16.78
N ILE C 52 -15.06 20.52 -16.18
CA ILE C 52 -14.63 19.23 -15.64
C ILE C 52 -15.28 18.13 -16.47
N ARG C 53 -14.46 17.19 -16.94
CA ARG C 53 -14.96 16.02 -17.66
C ARG C 53 -15.26 14.91 -16.67
N VAL C 54 -16.53 14.50 -16.59
CA VAL C 54 -16.97 13.51 -15.62
C VAL C 54 -17.52 12.29 -16.35
N LEU C 55 -17.64 11.19 -15.60
CA LEU C 55 -18.23 9.95 -16.09
C LEU C 55 -19.41 9.60 -15.19
N THR C 56 -20.57 9.36 -15.80
CA THR C 56 -21.79 9.08 -15.08
C THR C 56 -22.45 7.80 -15.59
N THR C 57 -23.24 7.19 -14.73
CA THR C 57 -24.06 6.03 -15.07
C THR C 57 -25.53 6.34 -14.79
N GLY C 58 -26.40 5.82 -15.62
CA GLY C 58 -27.82 6.05 -15.44
C GLY C 58 -28.60 5.53 -16.63
N HIS C 59 -29.86 5.97 -16.72
CA HIS C 59 -30.74 5.60 -17.81
C HIS C 59 -30.76 6.74 -18.82
N PHE C 60 -30.13 6.52 -19.98
CA PHE C 60 -30.04 7.52 -21.03
C PHE C 60 -30.53 6.92 -22.33
N LEU C 61 -30.94 7.80 -23.25
CA LEU C 61 -31.32 7.36 -24.59
C LEU C 61 -30.05 7.04 -25.38
N PRO C 62 -29.89 5.81 -25.87
CA PRO C 62 -28.66 5.46 -26.58
C PRO C 62 -28.53 6.19 -27.91
N PHE C 63 -27.27 6.47 -28.29
CA PHE C 63 -27.00 7.20 -29.51
C PHE C 63 -27.25 6.33 -30.74
N ASN C 64 -27.80 6.96 -31.78
CA ASN C 64 -28.02 6.34 -33.10
C ASN C 64 -28.89 5.09 -33.02
N THR C 65 -29.92 5.13 -32.20
CA THR C 65 -30.89 4.05 -32.12
C THR C 65 -32.18 4.44 -32.83
N ASN C 66 -32.99 3.41 -33.13
CA ASN C 66 -34.17 3.58 -33.97
C ASN C 66 -35.35 4.02 -33.11
N LEU C 67 -35.90 5.19 -33.42
CA LEU C 67 -37.14 5.65 -32.82
C LEU C 67 -38.32 5.05 -33.58
N THR C 68 -39.53 5.45 -33.19
CA THR C 68 -40.75 5.02 -33.86
C THR C 68 -41.49 6.23 -34.38
N TRP C 69 -41.92 6.17 -35.63
CA TRP C 69 -42.57 7.28 -36.31
C TRP C 69 -44.08 7.12 -36.22
N TYR C 70 -44.72 7.96 -35.40
CA TYR C 70 -46.17 8.04 -35.30
C TYR C 70 -46.61 9.39 -35.84
N LEU C 71 -47.52 9.38 -36.81
CA LEU C 71 -48.00 10.62 -37.42
C LEU C 71 -49.52 10.65 -37.40
N THR C 72 -50.06 11.86 -37.25
CA THR C 72 -51.51 12.07 -37.17
C THR C 72 -52.09 11.99 -38.58
N LEU C 73 -52.72 10.87 -38.89
CA LEU C 73 -53.26 10.64 -40.23
C LEU C 73 -54.60 11.35 -40.40
N LYS C 74 -54.81 11.93 -41.58
CA LYS C 74 -56.06 12.62 -41.92
C LYS C 74 -57.02 11.69 -42.63
N SER C 75 -57.32 10.54 -42.01
CA SER C 75 -58.23 9.57 -42.59
C SER C 75 -58.99 8.81 -41.51
N ASP C 84 -52.88 8.13 -34.59
CA ASP C 84 -52.67 6.88 -33.86
C ASP C 84 -52.10 7.13 -32.47
N ASN C 85 -52.74 6.57 -31.46
CA ASN C 85 -52.29 6.68 -30.07
C ASN C 85 -52.25 5.29 -29.45
N PRO C 86 -51.24 4.49 -29.76
CA PRO C 86 -51.13 3.16 -29.15
C PRO C 86 -50.63 3.27 -27.71
N ASN C 87 -50.85 2.19 -26.95
CA ASN C 87 -50.39 2.11 -25.58
C ASN C 87 -48.89 1.85 -25.58
N ILE C 88 -48.11 2.92 -25.48
CA ILE C 88 -46.65 2.81 -25.52
C ILE C 88 -46.16 2.25 -24.19
N ASN C 89 -45.35 1.20 -24.25
CA ASN C 89 -44.87 0.54 -23.05
C ASN C 89 -43.86 1.42 -22.31
N PHE C 90 -44.07 1.59 -21.01
CA PHE C 90 -43.17 2.34 -20.15
C PHE C 90 -42.15 1.38 -19.58
N GLY C 91 -40.90 1.52 -19.99
CA GLY C 91 -39.85 0.66 -19.48
C GLY C 91 -39.06 1.31 -18.37
N ASP C 92 -37.82 1.69 -18.66
CA ASP C 92 -36.99 2.43 -17.73
C ASP C 92 -37.08 3.93 -17.93
N GLY C 93 -37.91 4.38 -18.86
CA GLY C 93 -38.04 5.78 -19.22
C GLY C 93 -38.35 5.88 -20.69
N VAL C 94 -39.15 6.90 -21.04
CA VAL C 94 -39.64 7.09 -22.40
C VAL C 94 -39.29 8.49 -22.85
N TYR C 95 -38.65 8.60 -24.02
CA TYR C 95 -38.32 9.88 -24.63
C TYR C 95 -39.39 10.24 -25.66
N PHE C 96 -39.89 11.47 -25.58
CA PHE C 96 -40.93 11.96 -26.47
C PHE C 96 -40.42 13.18 -27.21
N GLY C 97 -40.30 13.07 -28.53
CA GLY C 97 -39.94 14.20 -29.36
C GLY C 97 -40.96 14.46 -30.44
N LEU C 98 -41.51 15.67 -30.48
CA LEU C 98 -42.61 15.98 -31.39
C LEU C 98 -42.27 17.18 -32.24
N THR C 99 -42.58 17.08 -33.53
CA THR C 99 -42.41 18.17 -34.49
C THR C 99 -43.79 18.59 -34.97
N GLU C 100 -44.11 19.87 -34.80
CA GLU C 100 -45.47 20.34 -35.03
C GLU C 100 -45.45 21.83 -35.34
N LYS C 101 -46.57 22.31 -35.87
CA LYS C 101 -46.70 23.71 -36.26
C LYS C 101 -47.98 24.38 -35.80
N SER C 102 -49.05 23.63 -35.49
CA SER C 102 -50.34 24.21 -35.16
C SER C 102 -50.81 23.86 -33.75
N ASN C 103 -49.92 23.34 -32.90
CA ASN C 103 -50.18 22.99 -31.50
C ASN C 103 -51.35 22.01 -31.37
N VAL C 104 -51.16 20.83 -31.96
CA VAL C 104 -52.17 19.79 -31.91
C VAL C 104 -51.85 18.69 -30.91
N PHE C 105 -50.59 18.54 -30.52
CA PHE C 105 -50.19 17.54 -29.52
C PHE C 105 -50.10 18.24 -28.17
N ARG C 106 -51.02 17.90 -27.27
CA ARG C 106 -50.99 18.43 -25.91
C ARG C 106 -51.62 17.38 -24.99
N GLY C 107 -50.77 16.59 -24.36
CA GLY C 107 -51.22 15.65 -23.34
C GLY C 107 -50.64 14.25 -23.35
N TRP C 108 -50.54 13.65 -22.17
CA TRP C 108 -50.19 12.25 -22.01
C TRP C 108 -51.07 11.64 -20.93
N ILE C 109 -51.25 10.32 -21.00
CA ILE C 109 -52.01 9.57 -20.01
C ILE C 109 -51.11 8.45 -19.48
N PHE C 110 -50.96 8.39 -18.17
CA PHE C 110 -50.12 7.38 -17.52
C PHE C 110 -50.98 6.47 -16.66
N GLY C 111 -50.65 5.18 -16.66
CA GLY C 111 -51.40 4.22 -15.89
C GLY C 111 -50.96 2.81 -16.21
N SER C 112 -51.72 1.86 -15.68
CA SER C 112 -51.45 0.44 -15.90
C SER C 112 -52.57 -0.24 -16.68
N THR C 113 -53.82 -0.09 -16.26
CA THR C 113 -54.94 -0.68 -16.96
C THR C 113 -55.72 0.32 -17.81
N LEU C 114 -55.54 1.63 -17.54
CA LEU C 114 -56.11 2.72 -18.33
C LEU C 114 -57.64 2.68 -18.38
N ASP C 115 -58.25 2.28 -17.27
CA ASP C 115 -59.70 2.37 -17.09
C ASP C 115 -59.96 2.56 -15.61
N ASN C 116 -61.21 2.33 -15.18
CA ASN C 116 -61.53 2.48 -13.78
C ASN C 116 -61.08 1.24 -13.01
N THR C 117 -61.37 1.23 -11.70
CA THR C 117 -60.85 0.28 -10.70
C THR C 117 -59.33 0.29 -10.63
N THR C 118 -58.70 1.38 -11.06
CA THR C 118 -57.25 1.56 -11.04
C THR C 118 -56.96 3.03 -11.26
N GLN C 119 -56.17 3.63 -10.39
CA GLN C 119 -55.82 5.05 -10.54
C GLN C 119 -54.94 5.25 -11.77
N SER C 120 -55.14 6.38 -12.43
CA SER C 120 -54.37 6.74 -13.62
C SER C 120 -54.16 8.24 -13.64
N ALA C 121 -52.96 8.66 -14.03
CA ALA C 121 -52.57 10.05 -14.01
C ALA C 121 -52.72 10.66 -15.40
N VAL C 122 -53.34 11.83 -15.48
CA VAL C 122 -53.47 12.57 -16.73
C VAL C 122 -52.61 13.82 -16.62
N LEU C 123 -52.14 14.31 -17.76
CA LEU C 123 -51.24 15.45 -17.82
C LEU C 123 -51.40 16.09 -19.18
N PHE C 124 -52.10 17.21 -19.26
CA PHE C 124 -52.40 17.82 -20.56
C PHE C 124 -52.42 19.33 -20.44
N ASN C 125 -52.33 19.99 -21.58
CA ASN C 125 -52.43 21.44 -21.70
C ASN C 125 -53.77 21.76 -22.36
N ASN C 126 -54.59 22.55 -21.67
CA ASN C 126 -55.91 22.92 -22.17
C ASN C 126 -55.87 24.08 -23.14
N GLY C 127 -54.72 24.72 -23.32
CA GLY C 127 -54.60 25.97 -24.04
C GLY C 127 -54.69 27.17 -23.14
N THR C 128 -55.34 27.03 -21.98
CA THR C 128 -55.37 28.06 -20.95
C THR C 128 -54.75 27.62 -19.64
N HIS C 129 -54.57 26.31 -19.42
CA HIS C 129 -54.10 25.80 -18.14
C HIS C 129 -53.33 24.51 -18.34
N ILE C 130 -52.55 24.14 -17.32
CA ILE C 130 -51.78 22.90 -17.29
C ILE C 130 -52.33 22.07 -16.13
N VAL C 131 -53.22 21.12 -16.44
CA VAL C 131 -53.99 20.41 -15.44
C VAL C 131 -53.42 19.01 -15.24
N ILE C 132 -53.20 18.62 -13.99
CA ILE C 132 -52.71 17.28 -13.64
C ILE C 132 -53.70 16.66 -12.67
N ASP C 133 -54.27 15.51 -13.04
CA ASP C 133 -55.21 14.77 -12.22
C ASP C 133 -54.79 13.31 -12.14
N VAL C 134 -55.20 12.63 -11.06
CA VAL C 134 -54.86 11.22 -10.85
C VAL C 134 -56.10 10.38 -10.55
N CYS C 135 -57.26 10.80 -11.04
CA CYS C 135 -58.51 10.18 -10.59
C CYS C 135 -58.73 8.83 -11.25
N ASN C 136 -59.73 8.11 -10.72
CA ASN C 136 -60.15 6.82 -11.27
C ASN C 136 -60.95 7.10 -12.54
N PHE C 137 -60.23 7.26 -13.64
CA PHE C 137 -60.84 7.73 -14.88
C PHE C 137 -61.56 6.61 -15.61
N ASN C 138 -62.41 7.00 -16.54
CA ASN C 138 -63.25 6.13 -17.36
C ASN C 138 -63.08 6.46 -18.83
N PHE C 139 -61.81 6.45 -19.28
CA PHE C 139 -61.43 6.93 -20.60
C PHE C 139 -62.21 6.25 -21.72
N CYS C 140 -62.60 7.06 -22.70
CA CYS C 140 -63.35 6.57 -23.86
C CYS C 140 -62.37 5.99 -24.89
N ALA C 141 -62.88 5.75 -26.11
CA ALA C 141 -62.08 5.08 -27.13
C ALA C 141 -60.91 5.94 -27.59
N ASP C 142 -61.13 7.24 -27.76
CA ASP C 142 -60.10 8.15 -28.27
C ASP C 142 -60.11 9.44 -27.46
N PRO C 143 -59.13 9.64 -26.57
CA PRO C 143 -59.01 10.93 -25.90
C PRO C 143 -58.56 12.00 -26.87
N MET C 144 -59.46 12.93 -27.18
CA MET C 144 -59.22 13.89 -28.25
C MET C 144 -59.59 15.29 -27.78
N PHE C 145 -59.03 16.28 -28.47
CA PHE C 145 -59.36 17.69 -28.28
C PHE C 145 -60.13 18.16 -29.50
N ALA C 146 -61.34 18.69 -29.28
CA ALA C 146 -62.18 19.18 -30.35
C ALA C 146 -62.12 20.71 -30.36
N VAL C 147 -61.74 21.28 -31.50
CA VAL C 147 -61.62 22.72 -31.67
C VAL C 147 -62.52 23.14 -32.82
N ASN C 148 -62.92 24.41 -32.80
CA ASN C 148 -63.85 24.95 -33.78
C ASN C 148 -63.53 26.41 -34.02
N SER C 149 -63.26 26.77 -35.28
CA SER C 149 -63.01 28.14 -35.72
C SER C 149 -61.83 28.79 -34.98
N GLY C 150 -60.80 27.99 -34.67
CA GLY C 150 -59.61 28.51 -34.04
C GLY C 150 -59.68 28.65 -32.54
N GLN C 151 -60.81 28.33 -31.91
CA GLN C 151 -60.93 28.41 -30.47
C GLN C 151 -61.40 27.08 -29.89
N PRO C 152 -60.94 26.69 -28.70
CA PRO C 152 -61.39 25.43 -28.12
C PRO C 152 -62.81 25.54 -27.58
N TYR C 153 -63.59 24.49 -27.80
CA TYR C 153 -64.97 24.45 -27.34
C TYR C 153 -65.37 23.16 -26.64
N LYS C 154 -64.67 22.05 -26.87
CA LYS C 154 -65.00 20.79 -26.22
C LYS C 154 -63.72 20.01 -25.96
N THR C 155 -63.62 19.47 -24.74
CA THR C 155 -62.55 18.55 -24.37
C THR C 155 -63.17 17.19 -24.08
N TRP C 156 -62.73 16.16 -24.78
CA TRP C 156 -63.28 14.82 -24.68
C TRP C 156 -62.16 13.85 -24.33
N ILE C 157 -61.90 13.67 -23.04
CA ILE C 157 -60.86 12.77 -22.55
C ILE C 157 -61.46 11.63 -21.74
N TYR C 158 -62.32 11.93 -20.78
CA TYR C 158 -62.91 10.92 -19.93
C TYR C 158 -64.40 11.21 -19.76
N THR C 159 -65.14 10.16 -19.39
CA THR C 159 -66.58 10.30 -19.14
C THR C 159 -66.89 10.57 -17.67
N SER C 160 -66.15 9.96 -16.75
CA SER C 160 -66.36 10.15 -15.33
C SER C 160 -65.04 10.02 -14.59
N ALA C 161 -64.99 10.60 -13.40
CA ALA C 161 -63.79 10.58 -12.58
C ALA C 161 -64.17 10.74 -11.11
N ALA C 162 -63.53 9.95 -10.25
CA ALA C 162 -63.82 9.99 -8.82
C ALA C 162 -62.63 9.43 -8.06
N ASN C 163 -62.65 9.66 -6.74
CA ASN C 163 -61.69 9.09 -5.77
C ASN C 163 -60.25 9.50 -6.09
N CYS C 164 -60.00 10.80 -5.99
CA CYS C 164 -58.65 11.32 -6.19
C CYS C 164 -58.27 12.33 -5.12
N THR C 165 -56.97 12.50 -4.96
CA THR C 165 -56.36 13.35 -3.95
C THR C 165 -55.48 14.45 -4.53
N TYR C 166 -54.77 14.17 -5.62
CA TYR C 166 -53.84 15.13 -6.22
C TYR C 166 -54.52 15.90 -7.33
N HIS C 167 -54.42 17.22 -7.26
CA HIS C 167 -54.93 18.11 -8.31
C HIS C 167 -54.08 19.38 -8.28
N ARG C 168 -53.61 19.80 -9.45
CA ARG C 168 -52.70 20.94 -9.52
C ARG C 168 -52.80 21.56 -10.90
N ALA C 169 -52.98 22.88 -10.96
CA ALA C 169 -53.16 23.59 -12.21
C ALA C 169 -52.25 24.81 -12.27
N HIS C 170 -51.81 25.14 -13.47
CA HIS C 170 -50.99 26.32 -13.73
C HIS C 170 -51.74 27.28 -14.65
N ALA C 171 -51.45 28.56 -14.51
CA ALA C 171 -51.97 29.56 -15.42
C ALA C 171 -51.05 29.66 -16.63
N PHE C 172 -51.58 29.34 -17.81
CA PHE C 172 -50.76 29.30 -19.02
C PHE C 172 -51.50 29.83 -20.24
N PHE C 183 -44.01 22.87 -39.90
CA PHE C 183 -43.15 22.26 -38.89
C PHE C 183 -42.11 23.25 -38.40
N LYS C 184 -42.54 24.19 -37.56
CA LYS C 184 -41.65 25.27 -37.13
C LYS C 184 -41.04 25.06 -35.75
N HIS C 185 -41.69 24.26 -34.90
CA HIS C 185 -41.23 24.06 -33.53
C HIS C 185 -40.87 22.60 -33.29
N PHE C 186 -39.88 22.40 -32.40
CA PHE C 186 -39.48 21.07 -31.97
C PHE C 186 -39.48 21.04 -30.46
N ARG C 187 -40.21 20.07 -29.89
CA ARG C 187 -40.34 19.95 -28.44
C ARG C 187 -39.91 18.55 -28.01
N GLU C 188 -39.08 18.50 -26.97
CA GLU C 188 -38.56 17.25 -26.44
C GLU C 188 -39.04 17.07 -25.01
N HIS C 189 -39.55 15.88 -24.69
CA HIS C 189 -40.02 15.56 -23.36
C HIS C 189 -39.47 14.20 -22.95
N LEU C 190 -38.90 14.13 -21.75
CA LEU C 190 -38.39 12.90 -21.18
C LEU C 190 -39.12 12.60 -19.88
N PHE C 191 -39.49 11.34 -19.68
CA PHE C 191 -40.23 10.91 -18.49
C PHE C 191 -39.46 9.79 -17.80
N LYS C 192 -39.27 9.94 -16.48
CA LYS C 192 -38.63 8.92 -15.67
C LYS C 192 -39.44 8.75 -14.40
N ASN C 193 -39.58 7.51 -13.93
CA ASN C 193 -40.39 7.20 -12.76
C ASN C 193 -39.57 6.35 -11.79
N VAL C 194 -38.96 7.00 -10.79
CA VAL C 194 -38.22 6.31 -9.75
C VAL C 194 -38.71 6.79 -8.38
N ASP C 195 -38.81 5.84 -7.44
CA ASP C 195 -39.03 6.11 -6.01
C ASP C 195 -40.29 6.93 -5.74
N GLY C 196 -41.37 6.60 -6.44
CA GLY C 196 -42.62 7.29 -6.21
C GLY C 196 -42.68 8.71 -6.74
N PHE C 197 -41.87 9.04 -7.74
CA PHE C 197 -41.87 10.35 -8.36
C PHE C 197 -41.89 10.18 -9.88
N LEU C 198 -42.39 11.20 -10.57
CA LEU C 198 -42.38 11.24 -12.03
C LEU C 198 -41.61 12.47 -12.46
N TYR C 199 -40.45 12.26 -13.10
CA TYR C 199 -39.59 13.36 -13.53
C TYR C 199 -39.91 13.74 -14.96
N VAL C 200 -40.00 15.05 -15.21
CA VAL C 200 -40.28 15.58 -16.54
C VAL C 200 -39.14 16.50 -16.94
N TYR C 201 -38.61 16.31 -18.14
CA TYR C 201 -37.57 17.16 -18.69
C TYR C 201 -38.05 17.76 -20.01
N HIS C 202 -37.62 18.98 -20.29
CA HIS C 202 -38.14 19.71 -21.44
C HIS C 202 -37.05 20.56 -22.08
N ASN C 203 -37.05 20.60 -23.41
CA ASN C 203 -36.15 21.44 -24.18
C ASN C 203 -36.87 21.87 -25.45
N TYR C 204 -36.62 23.10 -25.89
CA TYR C 204 -37.28 23.67 -27.07
C TYR C 204 -36.25 24.35 -27.96
N GLU C 205 -36.42 24.17 -29.28
CA GLU C 205 -35.61 24.87 -30.27
C GLU C 205 -36.40 24.92 -31.58
N PRO C 206 -36.25 25.98 -32.37
CA PRO C 206 -36.93 26.04 -33.67
C PRO C 206 -36.09 25.41 -34.78
N ILE C 207 -36.78 24.72 -35.68
CA ILE C 207 -36.13 23.98 -36.76
C ILE C 207 -36.59 24.50 -38.11
N ASP C 208 -36.06 23.91 -39.18
CA ASP C 208 -36.39 24.32 -40.54
C ASP C 208 -37.79 23.84 -40.92
N LEU C 209 -38.19 24.16 -42.16
CA LEU C 209 -39.59 24.02 -42.57
C LEU C 209 -40.02 22.56 -42.66
N ASN C 210 -39.21 21.71 -43.27
CA ASN C 210 -39.59 20.32 -43.49
C ASN C 210 -38.39 19.42 -43.25
N SER C 211 -38.50 18.54 -42.26
CA SER C 211 -37.49 17.55 -41.97
C SER C 211 -38.14 16.38 -41.26
N GLY C 212 -37.53 15.20 -41.38
CA GLY C 212 -38.01 14.03 -40.68
C GLY C 212 -37.77 14.14 -39.19
N PHE C 213 -36.49 14.06 -38.79
CA PHE C 213 -36.10 14.23 -37.40
C PHE C 213 -34.95 15.23 -37.37
N PRO C 214 -35.04 16.30 -36.59
CA PRO C 214 -33.96 17.30 -36.58
C PRO C 214 -32.69 16.79 -35.91
N SER C 215 -31.68 16.51 -36.72
CA SER C 215 -30.41 16.01 -36.21
C SER C 215 -29.62 17.12 -35.53
N GLY C 216 -28.79 16.73 -34.58
CA GLY C 216 -27.97 17.67 -33.84
C GLY C 216 -27.60 17.18 -32.46
N PHE C 217 -27.57 18.09 -31.48
CA PHE C 217 -27.30 17.72 -30.10
C PHE C 217 -27.92 18.76 -29.19
N SER C 218 -28.73 18.32 -28.25
CA SER C 218 -29.37 19.20 -27.29
C SER C 218 -29.40 18.52 -25.93
N VAL C 219 -29.45 19.33 -24.88
CA VAL C 219 -29.48 18.86 -23.50
C VAL C 219 -30.77 19.35 -22.85
N LEU C 220 -31.51 18.42 -22.23
CA LEU C 220 -32.83 18.70 -21.68
C LEU C 220 -32.70 19.22 -20.25
N LYS C 221 -33.69 20.02 -19.84
CA LYS C 221 -33.69 20.61 -18.51
C LYS C 221 -34.94 20.21 -17.75
N PRO C 222 -34.82 19.96 -16.44
CA PRO C 222 -36.00 19.54 -15.66
C PRO C 222 -36.95 20.70 -15.39
N ILE C 223 -38.23 20.34 -15.26
CA ILE C 223 -39.29 21.29 -14.93
C ILE C 223 -40.09 20.85 -13.71
N LEU C 224 -40.55 19.59 -13.71
CA LEU C 224 -41.44 19.09 -12.68
C LEU C 224 -40.94 17.74 -12.15
N LYS C 225 -41.26 17.47 -10.89
CA LYS C 225 -41.17 16.13 -10.31
C LYS C 225 -42.45 15.91 -9.51
N LEU C 226 -43.40 15.20 -10.10
CA LEU C 226 -44.74 15.05 -9.56
C LEU C 226 -44.77 13.95 -8.50
N PRO C 227 -45.24 14.25 -7.29
CA PRO C 227 -45.20 13.29 -6.17
C PRO C 227 -46.42 12.40 -6.05
N PHE C 228 -46.54 11.41 -6.94
CA PHE C 228 -47.55 10.38 -6.78
C PHE C 228 -46.92 9.00 -6.97
N GLY C 229 -47.45 8.03 -6.24
CA GLY C 229 -47.02 6.65 -6.37
C GLY C 229 -48.11 5.76 -6.92
N LEU C 230 -47.97 5.34 -8.17
CA LEU C 230 -48.94 4.48 -8.80
C LEU C 230 -48.23 3.65 -9.87
N ASN C 231 -48.85 2.53 -10.22
CA ASN C 231 -48.27 1.59 -11.18
C ASN C 231 -48.38 2.18 -12.58
N ILE C 232 -47.24 2.62 -13.13
CA ILE C 232 -47.18 3.22 -14.45
C ILE C 232 -46.47 2.24 -15.37
N THR C 233 -47.19 1.72 -16.38
CA THR C 233 -46.61 0.82 -17.36
C THR C 233 -46.96 1.18 -18.79
N TYR C 234 -47.93 2.05 -19.02
CA TYR C 234 -48.34 2.41 -20.37
C TYR C 234 -48.51 3.92 -20.49
N VAL C 235 -48.22 4.45 -21.67
CA VAL C 235 -48.38 5.86 -21.98
C VAL C 235 -49.26 5.98 -23.21
N LYS C 236 -50.27 6.84 -23.14
CA LYS C 236 -51.09 7.20 -24.29
C LYS C 236 -50.89 8.67 -24.63
N ALA C 237 -51.37 9.06 -25.80
CA ALA C 237 -51.21 10.42 -26.31
C ALA C 237 -52.58 11.03 -26.58
N ILE C 238 -52.72 12.31 -26.21
CA ILE C 238 -53.94 13.07 -26.45
C ILE C 238 -53.74 13.94 -27.67
N MET C 239 -54.62 13.81 -28.65
CA MET C 239 -54.50 14.48 -29.94
C MET C 239 -55.57 15.55 -30.08
N THR C 240 -55.50 16.28 -31.19
CA THR C 240 -56.48 17.29 -31.55
C THR C 240 -57.01 17.00 -32.95
N LEU C 241 -58.33 17.00 -33.09
CA LEU C 241 -58.98 16.77 -34.38
C LEU C 241 -59.77 18.01 -34.78
N PHE C 242 -59.60 18.43 -36.03
CA PHE C 242 -60.25 19.62 -36.56
C PHE C 242 -61.50 19.18 -37.33
N SER C 243 -62.58 18.97 -36.59
CA SER C 243 -63.82 18.48 -37.21
C SER C 243 -64.56 19.54 -38.01
N SER C 244 -64.19 20.81 -37.88
CA SER C 244 -64.83 21.88 -38.62
C SER C 244 -64.37 21.89 -40.07
N ASP C 252 -53.12 21.00 -38.73
CA ASP C 252 -53.06 20.05 -39.83
C ASP C 252 -52.60 18.68 -39.35
N ALA C 253 -51.52 18.17 -39.93
CA ALA C 253 -50.95 16.87 -39.59
C ALA C 253 -49.50 17.03 -39.16
N SER C 254 -49.13 16.32 -38.11
CA SER C 254 -47.77 16.38 -37.59
C SER C 254 -47.35 14.98 -37.15
N ALA C 255 -46.24 14.89 -36.43
CA ALA C 255 -45.71 13.60 -36.01
C ALA C 255 -44.96 13.75 -34.70
N TYR C 256 -44.83 12.63 -33.99
CA TYR C 256 -44.02 12.57 -32.77
C TYR C 256 -43.23 11.28 -32.76
N PHE C 257 -42.09 11.31 -32.09
CA PHE C 257 -41.14 10.19 -32.08
C PHE C 257 -40.93 9.70 -30.66
N VAL C 258 -40.91 8.38 -30.49
CA VAL C 258 -40.85 7.76 -29.18
C VAL C 258 -39.58 6.92 -29.09
N GLY C 259 -38.80 7.15 -28.03
CA GLY C 259 -37.63 6.36 -27.74
C GLY C 259 -37.80 5.50 -26.50
N HIS C 260 -36.68 4.96 -26.04
CA HIS C 260 -36.67 4.13 -24.83
C HIS C 260 -35.30 4.21 -24.17
N LEU C 261 -35.29 4.43 -22.86
CA LEU C 261 -34.05 4.60 -22.12
C LEU C 261 -33.46 3.26 -21.73
N LYS C 262 -32.13 3.18 -21.76
CA LYS C 262 -31.38 1.99 -21.42
C LYS C 262 -30.31 2.33 -20.39
N PRO C 263 -29.90 1.37 -19.56
CA PRO C 263 -28.80 1.64 -18.61
C PRO C 263 -27.46 1.69 -19.34
N LEU C 264 -26.84 2.86 -19.33
CA LEU C 264 -25.59 3.08 -20.05
C LEU C 264 -24.64 3.92 -19.21
N THR C 265 -23.38 3.90 -19.60
CA THR C 265 -22.35 4.77 -19.05
C THR C 265 -21.90 5.75 -20.13
N MET C 266 -21.90 7.04 -19.80
CA MET C 266 -21.59 8.07 -20.77
C MET C 266 -20.59 9.06 -20.19
N LEU C 267 -19.83 9.70 -21.08
CA LEU C 267 -18.90 10.76 -20.70
C LEU C 267 -19.45 12.10 -21.16
N VAL C 268 -19.40 13.11 -20.29
CA VAL C 268 -19.98 14.40 -20.58
C VAL C 268 -19.01 15.49 -20.15
N ASP C 269 -18.76 16.45 -21.03
CA ASP C 269 -17.88 17.56 -20.68
C ASP C 269 -18.69 18.82 -20.39
N PHE C 270 -18.07 19.75 -19.67
CA PHE C 270 -18.72 20.97 -19.24
C PHE C 270 -17.95 22.18 -19.75
N ASP C 271 -18.67 23.29 -19.91
CA ASP C 271 -18.08 24.56 -20.34
C ASP C 271 -17.41 25.24 -19.15
N GLU C 272 -16.83 26.42 -19.39
CA GLU C 272 -16.42 27.27 -18.28
C GLU C 272 -17.62 27.82 -17.52
N ASN C 273 -18.78 27.88 -18.15
CA ASN C 273 -20.05 28.06 -17.46
C ASN C 273 -20.58 26.69 -17.05
N GLY C 274 -21.83 26.61 -16.63
CA GLY C 274 -22.41 25.33 -16.26
C GLY C 274 -23.19 24.69 -17.39
N THR C 275 -22.66 24.77 -18.61
CA THR C 275 -23.36 24.31 -19.80
C THR C 275 -22.71 23.02 -20.31
N ILE C 276 -23.54 22.01 -20.56
CA ILE C 276 -23.08 20.77 -21.18
C ILE C 276 -23.00 20.99 -22.69
N ILE C 277 -21.83 20.71 -23.26
CA ILE C 277 -21.60 20.98 -24.67
C ILE C 277 -21.33 19.71 -25.49
N ASP C 278 -20.83 18.63 -24.89
CA ASP C 278 -20.58 17.41 -25.65
C ASP C 278 -20.66 16.21 -24.74
N ALA C 279 -21.05 15.08 -25.32
CA ALA C 279 -21.18 13.82 -24.61
C ALA C 279 -20.85 12.67 -25.56
N ILE C 280 -20.14 11.67 -25.05
CA ILE C 280 -19.75 10.48 -25.79
C ILE C 280 -20.43 9.28 -25.14
N ASP C 281 -21.13 8.50 -25.97
CA ASP C 281 -21.78 7.27 -25.54
C ASP C 281 -20.81 6.11 -25.73
N CYS C 282 -20.37 5.51 -24.62
CA CYS C 282 -19.52 4.34 -24.71
C CYS C 282 -20.32 3.14 -25.20
N SER C 283 -19.59 2.10 -25.64
CA SER C 283 -20.16 0.87 -26.20
C SER C 283 -21.02 1.15 -27.43
N GLN C 284 -20.62 2.13 -28.25
CA GLN C 284 -21.24 2.38 -29.54
C GLN C 284 -20.33 1.96 -30.70
N ASP C 285 -19.12 2.49 -30.73
CA ASP C 285 -18.08 2.10 -31.68
C ASP C 285 -16.76 2.09 -30.92
N PRO C 286 -15.73 1.40 -31.44
CA PRO C 286 -14.44 1.35 -30.70
C PRO C 286 -13.80 2.70 -30.43
N LEU C 287 -14.05 3.71 -31.27
CA LEU C 287 -13.51 5.04 -31.02
C LEU C 287 -14.11 5.65 -29.75
N SER C 288 -15.42 5.50 -29.55
CA SER C 288 -16.05 6.01 -28.33
C SER C 288 -15.60 5.24 -27.10
N GLU C 289 -15.37 3.93 -27.26
CA GLU C 289 -14.84 3.12 -26.15
C GLU C 289 -13.45 3.60 -25.78
N LEU C 290 -12.61 3.91 -26.77
CA LEU C 290 -11.29 4.46 -26.51
C LEU C 290 -11.38 5.82 -25.82
N LYS C 291 -12.30 6.68 -26.26
CA LYS C 291 -12.47 7.98 -25.64
C LYS C 291 -12.94 7.86 -24.19
N CYS C 292 -13.84 6.91 -23.92
CA CYS C 292 -14.29 6.68 -22.55
C CYS C 292 -13.18 6.11 -21.69
N THR C 293 -12.32 5.25 -22.26
CA THR C 293 -11.20 4.71 -21.51
C THR C 293 -10.17 5.79 -21.18
N THR C 294 -9.86 6.67 -22.14
CA THR C 294 -8.85 7.69 -21.94
C THR C 294 -9.38 8.96 -21.29
N LYS C 295 -10.71 9.07 -21.13
CA LYS C 295 -11.38 10.23 -20.52
C LYS C 295 -11.01 11.54 -21.23
N SER C 296 -11.12 11.52 -22.55
CA SER C 296 -10.83 12.69 -23.36
C SER C 296 -11.63 12.63 -24.65
N PHE C 297 -11.77 13.79 -25.30
CA PHE C 297 -12.52 13.90 -26.54
C PHE C 297 -11.63 13.92 -27.78
N THR C 298 -10.31 13.96 -27.60
CA THR C 298 -9.38 13.93 -28.72
C THR C 298 -8.21 13.04 -28.33
N VAL C 299 -8.01 11.95 -29.08
CA VAL C 299 -6.93 11.02 -28.83
C VAL C 299 -5.79 11.33 -29.78
N GLU C 300 -4.61 10.82 -29.47
CA GLU C 300 -3.42 11.02 -30.28
C GLU C 300 -3.12 9.76 -31.08
N LYS C 301 -2.12 9.88 -31.96
CA LYS C 301 -1.70 8.76 -32.79
C LYS C 301 -1.05 7.67 -31.94
N GLY C 302 -1.40 6.42 -32.21
CA GLY C 302 -0.83 5.30 -31.50
C GLY C 302 -1.82 4.15 -31.42
N ILE C 303 -1.48 3.19 -30.57
CA ILE C 303 -2.29 1.99 -30.33
C ILE C 303 -2.51 1.87 -28.83
N TYR C 304 -3.75 1.64 -28.42
CA TYR C 304 -4.14 1.63 -27.02
C TYR C 304 -4.85 0.31 -26.69
N GLN C 305 -5.22 0.16 -25.43
CA GLN C 305 -5.96 -0.99 -24.94
C GLN C 305 -7.34 -0.55 -24.45
N THR C 306 -8.36 -1.33 -24.77
CA THR C 306 -9.74 -1.02 -24.42
C THR C 306 -10.21 -1.95 -23.30
N SER C 307 -11.40 -1.63 -22.74
CA SER C 307 -11.81 -2.22 -21.48
C SER C 307 -13.22 -2.79 -21.49
N ASN C 308 -13.74 -3.19 -22.67
CA ASN C 308 -14.94 -4.01 -22.81
C ASN C 308 -16.17 -3.34 -22.20
N PHE C 309 -16.58 -2.23 -22.82
CA PHE C 309 -17.75 -1.50 -22.36
C PHE C 309 -19.07 -2.11 -22.81
N ARG C 310 -19.04 -3.17 -23.62
CA ARG C 310 -20.27 -3.80 -24.08
C ARG C 310 -20.84 -4.72 -23.00
N VAL C 311 -22.10 -5.13 -23.21
CA VAL C 311 -22.82 -5.96 -22.25
C VAL C 311 -23.53 -7.09 -23.00
N THR C 312 -23.89 -8.13 -22.25
CA THR C 312 -24.59 -9.30 -22.81
C THR C 312 -25.92 -9.50 -22.10
N PRO C 313 -27.04 -9.05 -22.67
CA PRO C 313 -28.36 -9.25 -22.05
C PRO C 313 -29.02 -10.56 -22.47
N THR C 314 -28.40 -11.67 -22.08
CA THR C 314 -28.86 -13.00 -22.49
C THR C 314 -30.03 -13.44 -21.62
N THR C 315 -30.52 -14.65 -21.90
CA THR C 315 -31.66 -15.21 -21.18
C THR C 315 -31.25 -15.76 -19.82
N GLU C 316 -32.23 -15.93 -18.95
CA GLU C 316 -32.00 -16.47 -17.62
C GLU C 316 -32.42 -17.93 -17.54
N VAL C 317 -31.70 -18.69 -16.73
CA VAL C 317 -32.10 -20.05 -16.37
C VAL C 317 -32.19 -20.13 -14.85
N VAL C 318 -33.16 -20.90 -14.38
CA VAL C 318 -33.39 -21.13 -12.95
C VAL C 318 -33.60 -22.63 -12.75
N ARG C 319 -32.83 -23.23 -11.84
CA ARG C 319 -32.93 -24.64 -11.53
C ARG C 319 -33.08 -24.82 -10.03
N PHE C 320 -34.20 -25.40 -9.61
CA PHE C 320 -34.55 -25.65 -8.23
C PHE C 320 -34.99 -27.10 -8.07
N PRO C 321 -34.86 -27.69 -6.89
CA PRO C 321 -35.21 -29.11 -6.72
C PRO C 321 -36.70 -29.37 -6.86
N ASN C 322 -37.01 -30.62 -7.19
CA ASN C 322 -38.39 -31.06 -7.45
C ASN C 322 -39.08 -31.33 -6.11
N ILE C 323 -39.55 -30.26 -5.48
CA ILE C 323 -40.27 -30.34 -4.22
C ILE C 323 -41.57 -29.56 -4.35
N THR C 324 -42.67 -30.20 -3.98
CA THR C 324 -43.99 -29.56 -4.08
C THR C 324 -44.79 -29.60 -2.79
N GLN C 325 -44.34 -30.33 -1.77
CA GLN C 325 -45.06 -30.38 -0.50
C GLN C 325 -44.86 -29.08 0.27
N LEU C 326 -45.97 -28.48 0.71
CA LEU C 326 -45.89 -27.24 1.48
C LEU C 326 -45.35 -27.53 2.87
N CYS C 327 -44.55 -26.60 3.37
CA CYS C 327 -43.84 -26.83 4.62
C CYS C 327 -44.82 -26.66 5.79
N PRO C 328 -44.71 -27.51 6.83
CA PRO C 328 -45.68 -27.44 7.94
C PRO C 328 -45.52 -26.19 8.81
N PHE C 329 -45.99 -25.05 8.30
CA PHE C 329 -46.04 -23.85 9.12
C PHE C 329 -47.17 -23.93 10.15
N ASN C 330 -48.26 -24.63 9.82
CA ASN C 330 -49.37 -24.78 10.75
C ASN C 330 -49.05 -25.75 11.87
N GLU C 331 -48.25 -26.79 11.59
CA GLU C 331 -47.92 -27.77 12.61
C GLU C 331 -47.03 -27.19 13.70
N VAL C 332 -46.22 -26.20 13.37
CA VAL C 332 -45.33 -25.58 14.34
C VAL C 332 -46.04 -24.47 15.10
N PHE C 333 -46.72 -23.58 14.39
CA PHE C 333 -47.28 -22.37 15.00
C PHE C 333 -48.70 -22.57 15.55
N ASN C 334 -49.31 -23.73 15.34
CA ASN C 334 -50.67 -23.97 15.80
C ASN C 334 -50.78 -25.38 16.40
N ILE C 335 -49.81 -25.74 17.24
CA ILE C 335 -49.78 -27.06 17.87
C ILE C 335 -50.43 -27.08 19.25
N THR C 336 -50.74 -25.90 19.82
CA THR C 336 -51.33 -25.63 21.14
C THR C 336 -50.77 -26.49 22.27
N SER C 337 -49.49 -26.85 22.17
CA SER C 337 -48.80 -27.55 23.26
C SER C 337 -47.31 -27.25 23.11
N PHE C 338 -46.82 -26.29 23.89
CA PHE C 338 -45.42 -25.91 23.88
C PHE C 338 -44.77 -26.28 25.20
N PRO C 339 -43.52 -26.76 25.17
CA PRO C 339 -42.86 -27.18 26.41
C PRO C 339 -42.29 -25.99 27.18
N SER C 340 -41.78 -26.29 28.37
CA SER C 340 -41.09 -25.30 29.17
C SER C 340 -39.74 -24.96 28.55
N VAL C 341 -39.17 -23.83 28.97
CA VAL C 341 -37.92 -23.36 28.39
C VAL C 341 -36.76 -24.27 28.76
N TYR C 342 -36.77 -24.83 29.97
CA TYR C 342 -35.69 -25.73 30.39
C TYR C 342 -35.79 -27.09 29.70
N ALA C 343 -36.95 -27.43 29.15
CA ALA C 343 -37.13 -28.71 28.47
C ALA C 343 -37.56 -28.49 27.02
N TRP C 344 -36.88 -27.57 26.34
CA TRP C 344 -37.19 -27.26 24.95
C TRP C 344 -36.88 -28.45 24.05
N GLU C 345 -37.68 -28.61 23.00
CA GLU C 345 -37.51 -29.69 22.05
C GLU C 345 -37.28 -29.12 20.65
N ARG C 346 -36.67 -29.95 19.81
CA ARG C 346 -36.24 -29.53 18.47
C ARG C 346 -36.78 -30.51 17.44
N MET C 347 -37.16 -29.99 16.28
CA MET C 347 -37.67 -30.81 15.19
C MET C 347 -36.95 -30.44 13.89
N ARG C 348 -36.89 -31.40 12.98
CA ARG C 348 -36.19 -31.24 11.70
C ARG C 348 -37.16 -30.87 10.59
N ILE C 349 -36.65 -30.19 9.57
CA ILE C 349 -37.44 -29.75 8.43
C ILE C 349 -36.72 -30.20 7.17
N THR C 350 -37.41 -31.01 6.36
CA THR C 350 -36.86 -31.55 5.12
C THR C 350 -37.94 -31.65 4.08
N ASN C 351 -37.51 -31.64 2.80
CA ASN C 351 -38.39 -31.78 1.63
C ASN C 351 -39.50 -30.72 1.62
N CYS C 352 -39.13 -29.49 1.98
CA CYS C 352 -40.08 -28.42 2.19
C CYS C 352 -40.00 -27.38 1.06
N VAL C 353 -41.05 -26.58 0.97
CA VAL C 353 -41.04 -25.34 0.21
C VAL C 353 -41.39 -24.22 1.18
N ALA C 354 -40.44 -23.32 1.43
CA ALA C 354 -40.59 -22.31 2.46
C ALA C 354 -41.33 -21.10 1.89
N ASP C 355 -42.65 -21.24 1.82
CA ASP C 355 -43.53 -20.18 1.34
C ASP C 355 -44.32 -19.68 2.55
N TYR C 356 -43.77 -18.70 3.25
CA TYR C 356 -44.35 -18.21 4.50
C TYR C 356 -45.52 -17.25 4.29
N SER C 357 -45.82 -16.89 3.05
CA SER C 357 -46.96 -16.01 2.77
C SER C 357 -48.29 -16.63 3.15
N VAL C 358 -48.37 -17.96 3.24
CA VAL C 358 -49.56 -18.64 3.72
C VAL C 358 -49.84 -18.30 5.18
N LEU C 359 -48.82 -17.84 5.93
CA LEU C 359 -49.02 -17.34 7.28
C LEU C 359 -49.86 -16.07 7.30
N TYR C 360 -49.95 -15.36 6.17
CA TYR C 360 -50.87 -14.24 6.09
C TYR C 360 -52.32 -14.71 6.03
N ASN C 361 -52.55 -15.96 5.62
CA ASN C 361 -53.89 -16.53 5.59
C ASN C 361 -54.39 -16.95 6.96
N SER C 362 -53.50 -17.07 7.94
CA SER C 362 -53.85 -17.48 9.29
C SER C 362 -54.10 -16.25 10.16
N SER C 363 -54.23 -16.48 11.47
CA SER C 363 -54.50 -15.43 12.44
C SER C 363 -53.37 -15.31 13.45
N ALA C 364 -52.13 -15.35 12.96
CA ALA C 364 -50.95 -15.27 13.81
C ALA C 364 -50.23 -13.95 13.55
N SER C 365 -49.98 -13.21 14.63
CA SER C 365 -49.25 -11.95 14.58
C SER C 365 -48.07 -12.04 15.53
N PHE C 366 -46.89 -11.69 15.03
CA PHE C 366 -45.64 -11.87 15.77
C PHE C 366 -45.16 -10.52 16.30
N SER C 367 -44.93 -10.44 17.61
CA SER C 367 -44.41 -9.22 18.20
C SER C 367 -42.94 -9.01 17.88
N THR C 368 -42.18 -10.10 17.77
CA THR C 368 -40.75 -10.05 17.48
C THR C 368 -40.46 -10.96 16.30
N PHE C 369 -39.79 -10.43 15.28
CA PHE C 369 -39.29 -11.24 14.17
C PHE C 369 -37.96 -10.64 13.74
N GLN C 370 -36.86 -11.22 14.21
CA GLN C 370 -35.53 -10.72 13.96
C GLN C 370 -34.67 -11.82 13.37
N CYS C 371 -34.00 -11.54 12.27
CA CYS C 371 -33.15 -12.49 11.58
C CYS C 371 -31.69 -12.07 11.68
N TYR C 372 -30.81 -13.05 11.85
CA TYR C 372 -29.39 -12.80 12.04
C TYR C 372 -28.61 -13.48 10.92
N GLY C 373 -27.69 -12.73 10.29
CA GLY C 373 -26.85 -13.25 9.25
C GLY C 373 -27.47 -13.31 7.87
N VAL C 374 -28.73 -12.90 7.73
CA VAL C 374 -29.41 -12.91 6.44
C VAL C 374 -30.48 -11.83 6.46
N SER C 375 -30.80 -11.30 5.29
CA SER C 375 -31.82 -10.27 5.20
C SER C 375 -33.21 -10.89 5.09
N PRO C 376 -34.22 -10.30 5.75
CA PRO C 376 -35.58 -10.83 5.63
C PRO C 376 -36.17 -10.70 4.24
N THR C 377 -35.64 -9.83 3.39
CA THR C 377 -36.15 -9.65 2.04
C THR C 377 -35.60 -10.69 1.06
N LYS C 378 -34.66 -11.53 1.48
CA LYS C 378 -34.03 -12.51 0.61
C LYS C 378 -34.38 -13.95 1.00
N LEU C 379 -35.43 -14.13 1.82
CA LEU C 379 -35.81 -15.46 2.25
C LEU C 379 -36.63 -16.22 1.20
N ASN C 380 -37.12 -15.54 0.17
CA ASN C 380 -37.89 -16.20 -0.88
C ASN C 380 -37.03 -16.68 -2.04
N ASP C 381 -35.74 -16.35 -2.06
CA ASP C 381 -34.86 -16.70 -3.17
C ASP C 381 -33.79 -17.71 -2.82
N LEU C 382 -33.61 -18.04 -1.54
CA LEU C 382 -32.50 -18.87 -1.09
C LEU C 382 -32.93 -20.33 -0.92
N CYS C 383 -31.93 -21.19 -0.75
CA CYS C 383 -32.13 -22.59 -0.44
C CYS C 383 -31.32 -22.94 0.79
N PHE C 384 -31.90 -23.74 1.68
CA PHE C 384 -31.28 -24.09 2.94
C PHE C 384 -31.05 -25.60 2.99
N SER C 385 -29.93 -25.99 3.59
CA SER C 385 -29.54 -27.40 3.62
C SER C 385 -30.12 -28.12 4.84
N SER C 386 -29.78 -27.66 6.04
CA SER C 386 -30.29 -28.25 7.28
C SER C 386 -31.01 -27.17 8.07
N VAL C 387 -32.26 -27.44 8.42
CA VAL C 387 -33.10 -26.50 9.14
C VAL C 387 -33.65 -27.18 10.38
N TYR C 388 -33.44 -26.57 11.54
CA TYR C 388 -33.95 -27.05 12.82
C TYR C 388 -34.76 -25.96 13.48
N ALA C 389 -35.83 -26.34 14.16
CA ALA C 389 -36.71 -25.41 14.85
C ALA C 389 -36.80 -25.80 16.32
N ASP C 390 -36.44 -24.88 17.20
CA ASP C 390 -36.54 -25.07 18.64
C ASP C 390 -37.64 -24.19 19.19
N TYR C 391 -38.56 -24.77 19.95
CA TYR C 391 -39.73 -24.05 20.44
C TYR C 391 -39.95 -24.30 21.92
N PHE C 392 -40.37 -23.26 22.63
CA PHE C 392 -40.59 -23.30 24.07
C PHE C 392 -41.47 -22.12 24.46
N VAL C 393 -41.68 -21.95 25.77
CA VAL C 393 -42.46 -20.85 26.33
C VAL C 393 -41.57 -20.08 27.29
N VAL C 394 -41.53 -18.76 27.14
CA VAL C 394 -40.67 -17.90 27.93
C VAL C 394 -41.54 -16.91 28.71
N LYS C 395 -40.91 -16.24 29.69
CA LYS C 395 -41.64 -15.41 30.65
C LYS C 395 -42.32 -14.22 29.99
N GLY C 396 -41.64 -13.57 29.05
CA GLY C 396 -42.20 -12.39 28.41
C GLY C 396 -41.27 -11.19 28.53
N ASP C 397 -40.62 -11.06 29.68
CA ASP C 397 -39.52 -10.12 29.83
C ASP C 397 -38.17 -10.76 29.48
N ASP C 398 -38.15 -12.05 29.19
CA ASP C 398 -36.96 -12.76 28.77
C ASP C 398 -36.94 -13.06 27.28
N VAL C 399 -37.82 -12.42 26.51
CA VAL C 399 -37.75 -12.57 25.06
C VAL C 399 -36.49 -11.90 24.52
N ARG C 400 -36.03 -10.84 25.17
CA ARG C 400 -34.80 -10.17 24.76
C ARG C 400 -33.56 -11.03 25.00
N GLN C 401 -33.65 -12.03 25.86
CA GLN C 401 -32.51 -12.90 26.15
C GLN C 401 -32.32 -13.97 25.09
N ILE C 402 -33.25 -14.16 24.18
CA ILE C 402 -33.10 -15.13 23.07
C ILE C 402 -32.42 -14.37 21.94
N ALA C 403 -31.10 -14.25 22.04
CA ALA C 403 -30.28 -13.53 21.09
C ALA C 403 -28.83 -13.92 21.34
N PRO C 404 -27.96 -13.85 20.32
CA PRO C 404 -26.54 -14.12 20.56
C PRO C 404 -25.91 -13.08 21.48
N ALA C 405 -24.98 -13.54 22.32
CA ALA C 405 -24.23 -12.73 23.28
C ALA C 405 -25.17 -12.01 24.26
N GLN C 406 -25.89 -12.80 25.04
CA GLN C 406 -26.83 -12.31 26.03
C GLN C 406 -26.50 -12.88 27.40
N THR C 407 -27.06 -12.26 28.44
CA THR C 407 -26.92 -12.74 29.80
C THR C 407 -28.27 -12.67 30.49
N GLY C 408 -28.39 -13.43 31.57
CA GLY C 408 -29.62 -13.55 32.31
C GLY C 408 -29.79 -14.96 32.80
N VAL C 409 -30.98 -15.26 33.33
CA VAL C 409 -31.26 -16.62 33.80
C VAL C 409 -31.39 -17.57 32.63
N ILE C 410 -32.12 -17.16 31.59
CA ILE C 410 -32.41 -18.04 30.47
C ILE C 410 -31.16 -18.28 29.63
N ALA C 411 -30.38 -17.23 29.38
CA ALA C 411 -29.18 -17.37 28.56
C ALA C 411 -28.09 -18.15 29.25
N ASP C 412 -28.08 -18.21 30.58
CA ASP C 412 -27.03 -18.92 31.31
C ASP C 412 -27.43 -20.35 31.64
N TYR C 413 -28.65 -20.57 32.12
CA TYR C 413 -29.02 -21.87 32.67
C TYR C 413 -30.04 -22.65 31.85
N ASN C 414 -30.77 -21.99 30.94
CA ASN C 414 -31.89 -22.64 30.27
C ASN C 414 -31.66 -22.82 28.78
N TYR C 415 -31.39 -21.75 28.03
CA TYR C 415 -31.25 -21.85 26.58
C TYR C 415 -30.23 -20.84 26.11
N LYS C 416 -29.19 -21.30 25.43
CA LYS C 416 -28.13 -20.44 24.92
C LYS C 416 -28.12 -20.48 23.40
N LEU C 417 -27.47 -19.47 22.81
CA LEU C 417 -27.24 -19.39 21.38
C LEU C 417 -25.77 -19.06 21.14
N PRO C 418 -25.18 -19.58 20.07
CA PRO C 418 -23.78 -19.27 19.77
C PRO C 418 -23.62 -17.82 19.31
N ASP C 419 -22.39 -17.33 19.45
CA ASP C 419 -22.09 -15.96 19.03
C ASP C 419 -22.23 -15.79 17.53
N ASP C 420 -21.78 -16.77 16.75
CA ASP C 420 -21.92 -16.77 15.30
C ASP C 420 -23.16 -17.59 14.94
N PHE C 421 -24.32 -16.96 15.14
CA PHE C 421 -25.61 -17.60 14.94
C PHE C 421 -26.24 -17.08 13.65
N THR C 422 -26.73 -18.01 12.82
CA THR C 422 -27.42 -17.67 11.59
C THR C 422 -28.84 -18.24 11.66
N GLY C 423 -29.83 -17.37 11.56
CA GLY C 423 -31.22 -17.80 11.62
C GLY C 423 -32.12 -16.65 12.02
N CYS C 424 -33.34 -16.99 12.39
CA CYS C 424 -34.35 -16.01 12.77
C CYS C 424 -35.02 -16.42 14.08
N VAL C 425 -35.45 -15.42 14.84
CA VAL C 425 -36.13 -15.61 16.12
C VAL C 425 -37.51 -14.98 16.03
N ILE C 426 -38.55 -15.76 16.30
CA ILE C 426 -39.93 -15.32 16.20
C ILE C 426 -40.61 -15.54 17.55
N ALA C 427 -41.42 -14.57 17.97
CA ALA C 427 -42.13 -14.67 19.24
C ALA C 427 -43.48 -13.97 19.13
N TRP C 428 -44.43 -14.42 19.95
CA TRP C 428 -45.75 -13.81 20.01
C TRP C 428 -46.39 -14.12 21.36
N ASN C 429 -47.40 -13.33 21.71
CA ASN C 429 -48.04 -13.41 23.02
C ASN C 429 -49.19 -14.41 22.98
N THR C 430 -49.24 -15.28 24.00
CA THR C 430 -50.27 -16.31 24.14
C THR C 430 -50.86 -16.28 25.54
N ASN C 431 -51.27 -15.10 25.99
CA ASN C 431 -51.84 -14.96 27.33
C ASN C 431 -53.19 -15.65 27.46
N SER C 432 -53.93 -15.79 26.35
CA SER C 432 -55.25 -16.40 26.39
C SER C 432 -55.21 -17.92 26.29
N LEU C 433 -54.03 -18.52 26.16
CA LEU C 433 -53.90 -19.96 26.01
C LEU C 433 -53.04 -20.62 27.08
N ASP C 434 -51.93 -19.99 27.47
CA ASP C 434 -50.95 -20.60 28.35
C ASP C 434 -51.00 -20.09 29.77
N SER C 435 -52.04 -19.35 30.15
CA SER C 435 -52.12 -18.75 31.48
C SER C 435 -52.76 -19.67 32.51
N SER C 436 -53.14 -20.89 32.14
CA SER C 436 -53.73 -21.84 33.07
C SER C 436 -52.99 -23.17 33.03
N ASN C 437 -51.69 -23.14 32.77
CA ASN C 437 -50.87 -24.34 32.70
C ASN C 437 -49.57 -24.11 33.45
N GLU C 438 -48.92 -25.22 33.81
CA GLU C 438 -47.68 -25.17 34.58
C GLU C 438 -46.48 -25.07 33.65
N PHE C 439 -45.65 -24.06 33.87
CA PHE C 439 -44.42 -23.87 33.12
C PHE C 439 -43.29 -23.56 34.10
N PHE C 440 -42.12 -24.13 33.86
CA PHE C 440 -41.00 -24.03 34.78
C PHE C 440 -39.77 -23.49 34.06
N TYR C 441 -38.76 -23.13 34.86
CA TYR C 441 -37.46 -22.74 34.34
C TYR C 441 -36.41 -23.01 35.41
N ARG C 442 -35.18 -23.27 34.96
CA ARG C 442 -34.09 -23.54 35.89
C ARG C 442 -33.58 -22.25 36.48
N ARG C 443 -33.44 -22.21 37.80
CA ARG C 443 -33.02 -21.01 38.52
C ARG C 443 -31.62 -21.12 39.11
N PHE C 444 -31.23 -22.30 39.57
CA PHE C 444 -29.94 -22.51 40.23
C PHE C 444 -29.13 -23.54 39.46
N ARG C 445 -27.85 -23.24 39.23
CA ARG C 445 -26.95 -24.16 38.57
C ARG C 445 -25.53 -23.85 39.00
N HIS C 446 -24.65 -24.84 38.85
CA HIS C 446 -23.25 -24.71 39.23
C HIS C 446 -22.36 -24.28 38.06
N GLY C 447 -22.96 -23.94 36.93
CA GLY C 447 -22.18 -23.49 35.79
C GLY C 447 -23.12 -23.00 34.70
N LYS C 448 -22.52 -22.63 33.57
CA LYS C 448 -23.25 -22.13 32.41
C LYS C 448 -23.26 -23.20 31.32
N ILE C 449 -24.40 -23.34 30.65
CA ILE C 449 -24.61 -24.42 29.68
C ILE C 449 -23.87 -24.13 28.39
N LYS C 450 -23.78 -25.14 27.53
CA LYS C 450 -23.16 -25.00 26.23
C LYS C 450 -24.06 -24.15 25.32
N PRO C 451 -23.51 -23.60 24.23
CA PRO C 451 -24.33 -22.80 23.31
C PRO C 451 -25.48 -23.56 22.65
N TYR C 452 -25.47 -24.89 22.64
CA TYR C 452 -26.62 -25.68 22.23
C TYR C 452 -26.66 -26.91 23.14
N GLY C 453 -27.41 -26.80 24.23
CA GLY C 453 -27.49 -27.89 25.19
C GLY C 453 -28.63 -27.68 26.15
N ARG C 454 -29.13 -28.79 26.69
CA ARG C 454 -30.21 -28.76 27.67
C ARG C 454 -29.93 -29.80 28.75
N ASP C 455 -30.51 -29.59 29.92
CA ASP C 455 -30.43 -30.55 31.01
C ASP C 455 -31.77 -30.65 31.70
N LEU C 456 -32.23 -31.88 31.92
CA LEU C 456 -33.50 -32.14 32.58
C LEU C 456 -33.33 -32.73 33.97
N SER C 457 -32.14 -32.60 34.55
CA SER C 457 -31.89 -33.15 35.88
C SER C 457 -32.66 -32.35 36.94
N ASN C 458 -33.15 -33.06 37.96
CA ASN C 458 -33.94 -32.46 39.03
C ASN C 458 -33.35 -32.82 40.38
N VAL C 459 -32.02 -32.74 40.50
CA VAL C 459 -31.39 -33.02 41.79
C VAL C 459 -31.45 -31.77 42.67
N LEU C 460 -31.27 -31.98 43.97
CA LEU C 460 -31.32 -30.89 44.91
C LEU C 460 -30.05 -30.06 44.85
N PHE C 461 -30.20 -28.74 44.98
CA PHE C 461 -29.10 -27.80 44.78
C PHE C 461 -28.55 -27.35 46.13
N ASN C 462 -27.24 -27.53 46.30
CA ASN C 462 -26.53 -26.98 47.46
C ASN C 462 -25.61 -25.88 46.97
N PRO C 463 -25.72 -24.65 47.50
CA PRO C 463 -24.97 -23.52 46.93
C PRO C 463 -23.47 -23.61 47.04
N SER C 464 -22.94 -24.45 47.94
CA SER C 464 -21.48 -24.60 48.07
C SER C 464 -21.20 -26.05 48.47
N GLY C 465 -20.92 -26.89 47.47
CA GLY C 465 -20.58 -28.27 47.73
C GLY C 465 -21.27 -29.25 46.79
N GLY C 466 -21.55 -30.45 47.30
CA GLY C 466 -22.17 -31.49 46.50
C GLY C 466 -23.68 -31.49 46.56
N THR C 467 -24.27 -32.63 46.91
CA THR C 467 -25.71 -32.78 47.00
C THR C 467 -26.14 -32.83 48.45
N CYS C 468 -27.11 -31.98 48.80
CA CYS C 468 -27.62 -31.94 50.17
C CYS C 468 -28.48 -33.16 50.49
N SER C 469 -29.28 -33.62 49.52
CA SER C 469 -30.14 -34.81 49.60
C SER C 469 -31.19 -34.71 50.71
N ALA C 470 -31.50 -33.50 51.17
CA ALA C 470 -32.53 -33.29 52.19
C ALA C 470 -32.97 -31.84 52.07
N GLU C 471 -34.21 -31.63 51.62
CA GLU C 471 -34.69 -30.27 51.39
C GLU C 471 -34.87 -29.51 52.70
N GLY C 472 -34.40 -28.27 52.72
CA GLY C 472 -34.44 -27.46 53.92
C GLY C 472 -33.51 -26.26 53.84
N LEU C 473 -32.70 -26.06 54.87
CA LEU C 473 -31.76 -24.94 54.89
C LEU C 473 -30.59 -25.24 53.97
N ASN C 474 -30.26 -24.26 53.10
CA ASN C 474 -29.18 -24.37 52.11
C ASN C 474 -29.37 -25.58 51.20
N CYS C 475 -30.62 -25.85 50.82
CA CYS C 475 -30.92 -26.96 49.91
C CYS C 475 -32.24 -26.62 49.22
N TYR C 476 -32.16 -26.16 47.98
CA TYR C 476 -33.33 -25.69 47.25
C TYR C 476 -33.52 -26.49 45.97
N LYS C 477 -34.76 -26.54 45.52
CA LYS C 477 -35.06 -27.08 44.20
C LYS C 477 -34.63 -26.09 43.13
N PRO C 478 -33.87 -26.51 42.11
CA PRO C 478 -33.40 -25.55 41.11
C PRO C 478 -34.48 -25.11 40.14
N LEU C 479 -35.60 -25.82 40.07
CA LEU C 479 -36.66 -25.49 39.12
C LEU C 479 -37.67 -24.57 39.78
N ALA C 480 -37.77 -23.34 39.28
CA ALA C 480 -38.75 -22.38 39.74
C ALA C 480 -39.92 -22.31 38.75
N SER C 481 -41.08 -21.92 39.27
CA SER C 481 -42.31 -21.90 38.50
C SER C 481 -42.67 -20.48 38.12
N TYR C 482 -43.02 -20.28 36.85
CA TYR C 482 -43.56 -19.01 36.41
C TYR C 482 -44.92 -18.77 37.07
N GLY C 483 -45.14 -17.55 37.53
CA GLY C 483 -46.45 -17.21 38.06
C GLY C 483 -47.33 -16.67 36.96
N PHE C 484 -48.16 -17.53 36.38
CA PHE C 484 -48.99 -17.17 35.23
C PHE C 484 -50.44 -17.07 35.72
N THR C 485 -50.82 -15.87 36.14
CA THR C 485 -52.18 -15.57 36.55
C THR C 485 -52.78 -14.56 35.57
N GLN C 486 -54.10 -14.49 35.57
CA GLN C 486 -54.80 -13.57 34.69
C GLN C 486 -54.60 -12.13 35.14
N SER C 487 -54.26 -11.26 34.19
CA SER C 487 -54.03 -9.83 34.41
C SER C 487 -52.93 -9.58 35.44
N SER C 488 -51.74 -10.06 35.11
CA SER C 488 -50.57 -9.88 35.97
C SER C 488 -49.62 -8.79 35.46
N GLY C 489 -49.84 -8.28 34.26
CA GLY C 489 -49.00 -7.28 33.65
C GLY C 489 -48.82 -7.58 32.18
N ILE C 490 -47.70 -7.11 31.63
CA ILE C 490 -47.33 -7.45 30.26
C ILE C 490 -45.96 -8.10 30.16
N GLY C 491 -45.07 -7.89 31.13
CA GLY C 491 -43.81 -8.61 31.20
C GLY C 491 -43.88 -9.90 31.97
N PHE C 492 -45.08 -10.30 32.40
CA PHE C 492 -45.26 -11.55 33.13
C PHE C 492 -46.24 -12.49 32.44
N GLN C 493 -46.75 -12.14 31.27
CA GLN C 493 -47.65 -12.94 30.44
C GLN C 493 -46.85 -13.85 29.51
N PRO C 494 -47.29 -15.10 29.31
CA PRO C 494 -46.46 -16.07 28.57
C PRO C 494 -46.33 -15.72 27.09
N TYR C 495 -45.15 -16.01 26.54
CA TYR C 495 -44.84 -15.81 25.13
C TYR C 495 -44.34 -17.12 24.55
N ARG C 496 -44.70 -17.38 23.29
CA ARG C 496 -44.25 -18.57 22.58
C ARG C 496 -43.14 -18.18 21.61
N VAL C 497 -42.00 -18.85 21.72
CA VAL C 497 -40.80 -18.51 20.96
C VAL C 497 -40.43 -19.70 20.09
N VAL C 498 -40.13 -19.43 18.82
CA VAL C 498 -39.57 -20.41 17.91
C VAL C 498 -38.27 -19.86 17.33
N VAL C 499 -37.25 -20.71 17.22
CA VAL C 499 -35.93 -20.31 16.74
C VAL C 499 -35.55 -21.23 15.59
N LEU C 500 -35.28 -20.65 14.43
CA LEU C 500 -34.88 -21.40 13.25
C LEU C 500 -33.39 -21.22 12.99
N SER C 501 -32.74 -22.30 12.53
CA SER C 501 -31.32 -22.29 12.22
C SER C 501 -31.12 -22.81 10.82
N PHE C 502 -30.33 -22.09 10.01
CA PHE C 502 -30.05 -22.48 8.64
C PHE C 502 -28.56 -22.69 8.43
N GLU C 503 -28.24 -23.40 7.36
CA GLU C 503 -26.90 -23.43 6.79
C GLU C 503 -27.03 -23.06 5.32
N LEU C 504 -26.21 -22.11 4.87
CA LEU C 504 -26.38 -21.49 3.56
C LEU C 504 -25.20 -21.84 2.65
N LEU C 505 -25.53 -22.42 1.49
CA LEU C 505 -24.62 -22.53 0.34
C LEU C 505 -23.34 -23.30 0.66
N ASN C 506 -23.49 -24.39 1.41
CA ASN C 506 -22.33 -25.24 1.70
C ASN C 506 -22.67 -26.72 1.65
N ALA C 507 -23.88 -27.09 1.26
CA ALA C 507 -24.33 -28.48 1.27
C ALA C 507 -25.50 -28.61 0.31
N PRO C 508 -25.84 -29.83 -0.11
CA PRO C 508 -27.10 -30.01 -0.85
C PRO C 508 -28.30 -29.59 -0.02
N ALA C 509 -29.27 -28.96 -0.69
CA ALA C 509 -30.38 -28.30 -0.03
C ALA C 509 -31.67 -29.10 -0.21
N THR C 510 -32.49 -29.14 0.84
CA THR C 510 -33.76 -29.85 0.81
C THR C 510 -34.97 -28.94 0.94
N VAL C 511 -34.81 -27.71 1.43
CA VAL C 511 -35.89 -26.76 1.59
C VAL C 511 -35.52 -25.48 0.84
N CYS C 512 -36.41 -25.03 -0.04
CA CYS C 512 -36.14 -23.88 -0.89
C CYS C 512 -37.36 -22.97 -0.92
N GLY C 513 -37.18 -21.79 -1.49
CA GLY C 513 -38.25 -20.83 -1.61
C GLY C 513 -39.10 -21.08 -2.83
N PRO C 514 -40.18 -20.30 -2.95
CA PRO C 514 -41.13 -20.46 -4.09
C PRO C 514 -40.69 -19.74 -5.36
N LYS C 515 -39.76 -20.35 -6.08
CA LYS C 515 -39.28 -19.82 -7.35
C LYS C 515 -39.56 -20.83 -8.45
N GLN C 516 -40.10 -20.34 -9.57
CA GLN C 516 -40.40 -21.21 -10.70
C GLN C 516 -39.15 -21.42 -11.55
N SER C 517 -38.95 -22.66 -11.99
CA SER C 517 -37.73 -23.04 -12.68
C SER C 517 -37.81 -22.67 -14.17
N THR C 518 -36.73 -22.96 -14.89
CA THR C 518 -36.61 -22.63 -16.30
C THR C 518 -35.90 -23.79 -17.00
N GLU C 519 -36.21 -23.98 -18.28
CA GLU C 519 -35.56 -25.01 -19.07
C GLU C 519 -34.08 -24.69 -19.24
N LEU C 520 -33.24 -25.73 -19.09
CA LEU C 520 -31.79 -25.56 -19.11
C LEU C 520 -31.28 -25.43 -20.54
N VAL C 521 -30.39 -24.46 -20.76
CA VAL C 521 -29.71 -24.29 -22.03
C VAL C 521 -28.22 -24.48 -21.82
N LYS C 522 -27.49 -24.65 -22.91
CA LYS C 522 -26.06 -24.91 -22.85
C LYS C 522 -25.35 -24.17 -23.97
N ASN C 523 -24.02 -24.07 -23.82
CA ASN C 523 -23.09 -23.52 -24.82
C ASN C 523 -23.39 -22.04 -25.13
N LYS C 524 -23.98 -21.34 -24.17
CA LYS C 524 -24.17 -19.90 -24.26
C LYS C 524 -24.05 -19.32 -22.85
N CYS C 525 -23.54 -18.10 -22.74
CA CYS C 525 -23.29 -17.52 -21.43
C CYS C 525 -24.56 -16.82 -20.94
N VAL C 526 -25.05 -17.26 -19.78
CA VAL C 526 -26.33 -16.84 -19.25
C VAL C 526 -26.15 -16.52 -17.77
N ASN C 527 -27.10 -15.75 -17.23
CA ASN C 527 -27.17 -15.52 -15.80
C ASN C 527 -28.09 -16.57 -15.18
N PHE C 528 -27.55 -17.32 -14.23
CA PHE C 528 -28.18 -18.55 -13.75
C PHE C 528 -28.57 -18.42 -12.28
N ASN C 529 -29.23 -19.47 -11.78
CA ASN C 529 -29.60 -19.56 -10.37
C ASN C 529 -29.72 -21.05 -10.04
N PHE C 530 -28.69 -21.59 -9.39
CA PHE C 530 -28.67 -22.99 -8.97
C PHE C 530 -28.70 -23.04 -7.45
N ASN C 531 -29.88 -23.38 -6.90
CA ASN C 531 -30.10 -23.53 -5.46
C ASN C 531 -29.75 -22.26 -4.69
N GLY C 532 -30.00 -21.11 -5.27
CA GLY C 532 -29.67 -19.84 -4.65
C GLY C 532 -28.31 -19.28 -4.98
N LEU C 533 -27.55 -19.94 -5.86
CA LEU C 533 -26.24 -19.47 -6.28
C LEU C 533 -26.36 -18.78 -7.62
N THR C 534 -26.09 -17.48 -7.66
CA THR C 534 -26.23 -16.69 -8.86
C THR C 534 -24.91 -16.61 -9.62
N GLY C 535 -24.90 -15.85 -10.71
CA GLY C 535 -23.71 -15.70 -11.52
C GLY C 535 -23.99 -15.72 -13.01
N THR C 536 -22.96 -15.54 -13.82
CA THR C 536 -23.09 -15.51 -15.27
C THR C 536 -21.96 -16.31 -15.92
N GLY C 537 -22.30 -17.04 -16.97
CA GLY C 537 -21.30 -17.75 -17.73
C GLY C 537 -21.90 -18.85 -18.57
N VAL C 538 -21.02 -19.49 -19.35
CA VAL C 538 -21.36 -20.68 -20.12
C VAL C 538 -21.35 -21.90 -19.22
N LEU C 539 -22.18 -22.88 -19.57
CA LEU C 539 -22.25 -24.16 -18.88
C LEU C 539 -21.94 -25.27 -19.89
N THR C 540 -21.09 -26.21 -19.48
CA THR C 540 -20.65 -27.28 -20.35
C THR C 540 -20.61 -28.58 -19.56
N ASN C 541 -20.57 -29.69 -20.29
CA ASN C 541 -20.47 -31.01 -19.67
C ASN C 541 -19.09 -31.19 -19.04
N SER C 542 -19.06 -31.91 -17.91
CA SER C 542 -17.83 -32.14 -17.17
C SER C 542 -17.74 -33.62 -16.79
N THR C 543 -16.50 -34.06 -16.55
CA THR C 543 -16.22 -35.48 -16.35
C THR C 543 -15.82 -35.82 -14.91
N LYS C 544 -16.14 -34.96 -13.95
CA LYS C 544 -15.81 -35.21 -12.56
C LYS C 544 -17.04 -35.71 -11.81
N LYS C 545 -16.90 -36.86 -11.16
CA LYS C 545 -17.94 -37.44 -10.33
C LYS C 545 -17.47 -37.47 -8.89
N PHE C 546 -18.24 -36.89 -7.98
CA PHE C 546 -17.85 -36.82 -6.59
C PHE C 546 -18.95 -37.39 -5.69
N GLN C 547 -18.62 -37.49 -4.40
CA GLN C 547 -19.47 -38.14 -3.42
C GLN C 547 -20.74 -37.32 -3.18
N PRO C 548 -21.86 -37.98 -2.80
CA PRO C 548 -23.14 -37.25 -2.74
C PRO C 548 -23.31 -36.31 -1.57
N PHE C 549 -22.28 -36.10 -0.75
CA PHE C 549 -22.34 -35.06 0.28
C PHE C 549 -21.71 -33.75 -0.17
N GLN C 550 -21.28 -33.67 -1.43
CA GLN C 550 -20.71 -32.46 -2.00
C GLN C 550 -21.64 -31.92 -3.09
N GLN C 551 -21.74 -30.59 -3.17
CA GLN C 551 -22.62 -29.92 -4.12
C GLN C 551 -21.88 -28.96 -5.04
N PHE C 552 -20.94 -28.19 -4.53
CA PHE C 552 -20.26 -27.15 -5.29
C PHE C 552 -18.78 -27.50 -5.49
N GLY C 553 -18.11 -26.68 -6.30
CA GLY C 553 -16.70 -26.87 -6.57
C GLY C 553 -15.94 -25.57 -6.73
N ARG C 554 -14.86 -25.42 -5.97
CA ARG C 554 -14.09 -24.19 -5.91
C ARG C 554 -12.67 -24.43 -6.44
N ASP C 555 -12.17 -23.47 -7.22
CA ASP C 555 -10.82 -23.53 -7.75
C ASP C 555 -9.86 -22.83 -6.79
N VAL C 556 -8.65 -22.52 -7.26
CA VAL C 556 -7.65 -21.87 -6.41
C VAL C 556 -8.09 -20.48 -5.97
N SER C 557 -8.73 -19.73 -6.87
CA SER C 557 -9.17 -18.37 -6.58
C SER C 557 -10.55 -18.32 -5.91
N ASP C 558 -11.04 -19.45 -5.40
CA ASP C 558 -12.34 -19.57 -4.72
C ASP C 558 -13.49 -19.11 -5.61
N PHE C 559 -13.45 -19.50 -6.87
CA PHE C 559 -14.51 -19.23 -7.84
C PHE C 559 -15.24 -20.53 -8.14
N THR C 560 -16.55 -20.44 -8.28
CA THR C 560 -17.38 -21.62 -8.54
C THR C 560 -17.13 -22.12 -9.95
N ASP C 561 -16.48 -23.28 -10.08
CA ASP C 561 -16.18 -23.85 -11.39
C ASP C 561 -17.00 -25.07 -11.72
N SER C 562 -17.24 -25.96 -10.75
CA SER C 562 -18.02 -27.16 -10.98
C SER C 562 -19.22 -27.20 -10.05
N VAL C 563 -20.36 -27.62 -10.58
CA VAL C 563 -21.61 -27.65 -9.84
C VAL C 563 -22.36 -28.94 -10.17
N ARG C 564 -23.24 -29.35 -9.27
CA ARG C 564 -24.24 -30.35 -9.58
C ARG C 564 -25.49 -29.64 -10.07
N ASP C 565 -26.51 -30.41 -10.44
CA ASP C 565 -27.73 -29.82 -10.96
C ASP C 565 -28.92 -30.27 -10.14
N PRO C 566 -29.93 -29.43 -9.94
CA PRO C 566 -31.24 -29.94 -9.51
C PRO C 566 -32.12 -30.22 -10.72
N LYS C 567 -33.32 -30.80 -10.48
CA LYS C 567 -34.28 -31.23 -11.51
C LYS C 567 -33.75 -32.38 -12.38
N THR C 568 -32.55 -32.86 -12.05
CA THR C 568 -31.83 -33.96 -12.68
C THR C 568 -30.58 -34.17 -11.85
N LEU C 569 -29.76 -35.16 -12.16
CA LEU C 569 -28.49 -35.35 -11.45
C LEU C 569 -27.37 -35.40 -12.48
N GLU C 570 -26.66 -34.29 -12.63
CA GLU C 570 -25.61 -34.17 -13.65
C GLU C 570 -24.63 -33.06 -13.30
N ILE C 571 -23.32 -33.36 -13.42
CA ILE C 571 -22.29 -32.39 -13.09
C ILE C 571 -22.05 -31.47 -14.27
N LEU C 572 -21.79 -30.19 -13.99
CA LEU C 572 -21.63 -29.17 -15.00
C LEU C 572 -20.47 -28.26 -14.65
N ASP C 573 -19.82 -27.72 -15.69
CA ASP C 573 -18.72 -26.79 -15.56
C ASP C 573 -19.17 -25.41 -16.00
N ILE C 574 -18.85 -24.40 -15.21
CA ILE C 574 -19.23 -23.02 -15.48
C ILE C 574 -17.98 -22.22 -15.80
N ALA C 575 -18.04 -21.41 -16.85
CA ALA C 575 -16.92 -20.56 -17.21
C ALA C 575 -17.42 -19.16 -17.55
N PRO C 576 -16.64 -18.12 -17.27
CA PRO C 576 -17.04 -16.77 -17.70
C PRO C 576 -16.94 -16.61 -19.21
N CYS C 577 -17.78 -15.71 -19.74
CA CYS C 577 -17.82 -15.47 -21.18
C CYS C 577 -17.18 -14.14 -21.57
N SER C 578 -16.36 -13.57 -20.70
CA SER C 578 -15.53 -12.41 -21.02
C SER C 578 -14.09 -12.90 -21.16
N TYR C 579 -13.52 -12.69 -22.35
CA TYR C 579 -12.23 -13.29 -22.66
C TYR C 579 -11.61 -12.56 -23.84
N GLY C 580 -10.28 -12.57 -23.89
CA GLY C 580 -9.55 -12.03 -25.01
C GLY C 580 -9.11 -10.59 -24.81
N GLY C 581 -8.06 -10.21 -25.53
CA GLY C 581 -7.54 -8.86 -25.49
C GLY C 581 -7.91 -8.11 -26.75
N VAL C 582 -8.39 -6.88 -26.57
CA VAL C 582 -8.85 -6.02 -27.66
C VAL C 582 -8.02 -4.75 -27.64
N SER C 583 -7.41 -4.42 -28.78
CA SER C 583 -6.61 -3.22 -28.92
C SER C 583 -7.07 -2.44 -30.15
N VAL C 584 -7.02 -1.11 -30.05
CA VAL C 584 -7.51 -0.23 -31.09
C VAL C 584 -6.37 0.64 -31.60
N ILE C 585 -6.41 0.94 -32.90
CA ILE C 585 -5.38 1.74 -33.56
C ILE C 585 -6.05 2.95 -34.19
N THR C 586 -5.56 4.14 -33.87
CA THR C 586 -6.13 5.36 -34.43
C THR C 586 -5.02 6.26 -34.96
N PRO C 587 -5.22 6.88 -36.13
CA PRO C 587 -4.25 7.85 -36.66
C PRO C 587 -4.51 9.27 -36.19
N GLY C 588 -4.70 9.44 -34.88
CA GLY C 588 -5.08 10.73 -34.35
C GLY C 588 -6.57 10.97 -34.46
N THR C 589 -6.98 12.15 -34.01
CA THR C 589 -8.40 12.55 -34.04
C THR C 589 -8.71 13.58 -35.10
N ASN C 590 -7.89 14.63 -35.22
CA ASN C 590 -8.13 15.64 -36.24
C ASN C 590 -7.81 15.14 -37.64
N ALA C 591 -6.93 14.16 -37.77
CA ALA C 591 -6.61 13.61 -39.09
C ALA C 591 -7.79 12.80 -39.65
N SER C 592 -8.35 11.92 -38.83
CA SER C 592 -9.45 11.06 -39.27
C SER C 592 -10.20 10.54 -38.06
N SER C 593 -11.33 9.89 -38.32
CA SER C 593 -12.14 9.28 -37.28
C SER C 593 -12.25 7.77 -37.43
N SER C 594 -11.59 7.18 -38.42
CA SER C 594 -11.62 5.74 -38.62
C SER C 594 -10.54 5.06 -37.78
N VAL C 595 -10.82 3.82 -37.37
CA VAL C 595 -9.92 3.06 -36.51
C VAL C 595 -9.78 1.64 -37.06
N ALA C 596 -8.73 0.97 -36.61
CA ALA C 596 -8.51 -0.45 -36.87
C ALA C 596 -8.38 -1.18 -35.54
N VAL C 597 -9.08 -2.30 -35.41
CA VAL C 597 -9.13 -3.07 -34.17
C VAL C 597 -8.52 -4.44 -34.43
N LEU C 598 -7.62 -4.86 -33.54
CA LEU C 598 -7.06 -6.20 -33.59
C LEU C 598 -7.34 -6.92 -32.28
N TYR C 599 -7.57 -8.23 -32.38
CA TYR C 599 -7.87 -9.08 -31.24
C TYR C 599 -6.74 -10.07 -31.07
N GLN C 600 -6.19 -10.14 -29.85
CA GLN C 600 -4.94 -10.87 -29.63
C GLN C 600 -5.14 -12.38 -29.75
N ASP C 601 -6.24 -12.89 -29.22
CA ASP C 601 -6.37 -14.34 -29.08
C ASP C 601 -7.61 -14.90 -29.75
N VAL C 602 -7.86 -14.50 -30.99
CA VAL C 602 -8.87 -15.13 -31.83
C VAL C 602 -8.20 -15.59 -33.11
N ASN C 603 -8.78 -16.61 -33.73
CA ASN C 603 -8.34 -17.08 -35.03
C ASN C 603 -9.18 -16.38 -36.09
N CYS C 604 -8.52 -15.70 -37.03
CA CYS C 604 -9.21 -14.81 -37.96
C CYS C 604 -9.74 -15.56 -39.18
N THR C 605 -10.44 -16.67 -38.92
CA THR C 605 -11.22 -17.37 -39.94
C THR C 605 -12.57 -17.73 -39.34
N ASP C 606 -12.61 -17.87 -38.02
CA ASP C 606 -13.82 -18.18 -37.26
C ASP C 606 -13.98 -17.18 -36.12
N VAL C 607 -13.84 -15.89 -36.46
CA VAL C 607 -13.95 -14.84 -35.44
C VAL C 607 -15.31 -14.74 -34.74
N PRO C 608 -16.45 -14.70 -35.45
CA PRO C 608 -17.67 -14.21 -34.77
C PRO C 608 -18.25 -15.16 -33.74
N THR C 609 -17.66 -16.34 -33.53
CA THR C 609 -18.03 -17.17 -32.39
C THR C 609 -17.66 -16.47 -31.08
N MET C 610 -16.52 -15.80 -31.04
CA MET C 610 -16.14 -14.97 -29.90
C MET C 610 -16.54 -13.50 -30.11
N LEU C 611 -17.02 -13.16 -31.30
CA LEU C 611 -17.42 -11.80 -31.66
C LEU C 611 -18.84 -11.80 -32.19
N HIS C 612 -19.75 -12.39 -31.41
CA HIS C 612 -21.17 -12.47 -31.76
C HIS C 612 -21.76 -11.08 -31.97
N ALA C 613 -22.19 -10.81 -33.20
CA ALA C 613 -22.66 -9.50 -33.61
C ALA C 613 -24.16 -9.32 -33.45
N ASP C 614 -24.87 -10.32 -32.93
CA ASP C 614 -26.31 -10.21 -32.75
C ASP C 614 -26.67 -9.36 -31.54
N GLN C 615 -25.88 -9.42 -30.47
CA GLN C 615 -26.19 -8.74 -29.22
C GLN C 615 -25.57 -7.34 -29.12
N ILE C 616 -24.90 -6.88 -30.18
CA ILE C 616 -24.22 -5.60 -30.17
C ILE C 616 -24.65 -4.80 -31.39
N SER C 617 -24.16 -3.56 -31.48
CA SER C 617 -24.64 -2.61 -32.46
C SER C 617 -24.12 -2.94 -33.86
N HIS C 618 -24.69 -2.26 -34.85
CA HIS C 618 -24.26 -2.45 -36.25
C HIS C 618 -22.86 -1.90 -36.48
N ASP C 619 -22.45 -0.91 -35.70
CA ASP C 619 -21.08 -0.40 -35.77
C ASP C 619 -20.05 -1.44 -35.36
N TRP C 620 -20.45 -2.44 -34.59
CA TRP C 620 -19.61 -3.61 -34.33
C TRP C 620 -19.88 -4.76 -35.29
N ARG C 621 -21.06 -4.78 -35.92
CA ARG C 621 -21.30 -5.74 -37.00
C ARG C 621 -20.41 -5.46 -38.20
N VAL C 622 -20.11 -4.18 -38.46
CA VAL C 622 -19.20 -3.82 -39.54
C VAL C 622 -17.75 -4.16 -39.21
N TYR C 623 -17.43 -4.43 -37.94
CA TYR C 623 -16.09 -4.80 -37.54
C TYR C 623 -15.93 -6.29 -37.23
N ALA C 624 -17.03 -7.01 -37.03
CA ALA C 624 -16.93 -8.45 -36.79
C ALA C 624 -16.57 -9.20 -38.07
N PHE C 625 -17.17 -8.82 -39.19
CA PHE C 625 -16.89 -9.43 -40.49
C PHE C 625 -16.82 -8.34 -41.54
N ARG C 626 -15.89 -8.49 -42.47
CA ARG C 626 -15.69 -7.51 -43.54
C ARG C 626 -15.85 -8.21 -44.89
N ASN C 627 -16.57 -7.55 -45.81
CA ASN C 627 -16.83 -8.14 -47.11
C ASN C 627 -15.57 -8.18 -47.98
N ASP C 628 -14.81 -7.08 -48.00
CA ASP C 628 -13.61 -7.01 -48.80
C ASP C 628 -12.40 -7.47 -47.99
N GLY C 629 -11.23 -7.44 -48.62
CA GLY C 629 -10.02 -7.95 -48.00
C GLY C 629 -9.36 -6.99 -47.03
N ASN C 630 -10.12 -6.51 -46.03
CA ASN C 630 -9.58 -5.66 -44.98
C ASN C 630 -9.57 -6.38 -43.63
N ILE C 631 -9.42 -7.71 -43.67
CA ILE C 631 -9.45 -8.55 -42.48
C ILE C 631 -8.45 -9.69 -42.69
N PHE C 632 -7.43 -9.76 -41.86
CA PHE C 632 -6.40 -10.77 -42.06
C PHE C 632 -5.71 -11.09 -40.74
N GLN C 633 -5.10 -12.27 -40.69
CA GLN C 633 -4.52 -12.82 -39.48
C GLN C 633 -3.02 -12.56 -39.45
N THR C 634 -2.55 -11.91 -38.39
CA THR C 634 -1.14 -11.68 -38.14
C THR C 634 -0.68 -12.55 -36.98
N GLN C 635 0.64 -12.57 -36.77
CA GLN C 635 1.21 -13.36 -35.67
C GLN C 635 0.81 -12.80 -34.30
N ALA C 636 0.39 -11.53 -34.24
CA ALA C 636 -0.14 -10.95 -33.02
C ALA C 636 -1.64 -11.18 -32.83
N GLY C 637 -2.33 -11.68 -33.86
CA GLY C 637 -3.77 -11.89 -33.73
C GLY C 637 -4.54 -11.77 -35.03
N CYS C 638 -5.65 -11.03 -35.00
CA CYS C 638 -6.50 -10.86 -36.18
C CYS C 638 -6.80 -9.39 -36.36
N LEU C 639 -6.21 -8.78 -37.38
CA LEU C 639 -6.36 -7.36 -37.65
C LEU C 639 -7.52 -7.14 -38.62
N ILE C 640 -8.45 -6.26 -38.23
CA ILE C 640 -9.64 -5.96 -39.01
C ILE C 640 -9.73 -4.46 -39.19
N GLY C 641 -9.87 -4.00 -40.44
CA GLY C 641 -9.99 -2.60 -40.74
C GLY C 641 -8.75 -1.98 -41.36
N ALA C 642 -7.72 -2.77 -41.64
CA ALA C 642 -6.49 -2.28 -42.26
C ALA C 642 -6.10 -3.19 -43.41
N ALA C 643 -5.50 -2.60 -44.43
CA ALA C 643 -5.06 -3.32 -45.60
C ALA C 643 -3.59 -3.71 -45.47
N TYR C 644 -3.25 -4.88 -46.00
CA TYR C 644 -1.89 -5.41 -45.92
C TYR C 644 -1.09 -5.02 -47.15
N ASP C 645 0.20 -4.79 -46.94
CA ASP C 645 1.12 -4.41 -48.01
C ASP C 645 2.32 -5.34 -48.02
N ASN C 646 2.80 -5.64 -49.22
CA ASN C 646 3.96 -6.52 -49.37
C ASN C 646 5.28 -5.77 -49.29
N SER C 647 5.26 -4.44 -49.40
CA SER C 647 6.48 -3.65 -49.25
C SER C 647 6.79 -3.44 -47.77
N SER C 648 8.03 -3.09 -47.50
CA SER C 648 8.52 -2.91 -46.13
C SER C 648 9.09 -1.50 -45.98
N TYR C 649 8.67 -0.81 -44.92
CA TYR C 649 9.19 0.52 -44.62
C TYR C 649 9.59 0.60 -43.15
N GLU C 650 9.94 1.79 -42.69
CA GLU C 650 10.22 2.00 -41.27
C GLU C 650 8.93 1.96 -40.46
N CYS C 651 9.07 1.59 -39.19
CA CYS C 651 7.91 1.46 -38.33
C CYS C 651 7.38 2.84 -37.92
N ASP C 652 6.06 3.00 -38.00
CA ASP C 652 5.38 4.21 -37.55
C ASP C 652 4.55 3.96 -36.30
N ILE C 653 3.64 2.99 -36.36
CA ILE C 653 2.84 2.61 -35.20
C ILE C 653 3.08 1.12 -34.94
N PRO C 654 3.76 0.75 -33.85
CA PRO C 654 4.08 -0.66 -33.63
C PRO C 654 2.86 -1.46 -33.19
N ILE C 655 2.59 -2.56 -33.91
CA ILE C 655 1.49 -3.44 -33.58
C ILE C 655 1.97 -4.65 -32.79
N GLY C 656 3.06 -5.27 -33.21
CA GLY C 656 3.61 -6.43 -32.53
C GLY C 656 3.97 -7.52 -33.53
N ALA C 657 4.97 -8.34 -33.15
CA ALA C 657 5.47 -9.46 -33.95
C ALA C 657 5.94 -9.01 -35.33
N GLY C 658 6.58 -7.85 -35.40
CA GLY C 658 7.14 -7.36 -36.65
C GLY C 658 6.15 -6.68 -37.57
N ILE C 659 4.97 -6.31 -37.08
CA ILE C 659 3.95 -5.66 -37.90
C ILE C 659 3.81 -4.22 -37.41
N CYS C 660 3.80 -3.29 -38.35
CA CYS C 660 3.56 -1.88 -38.05
C CYS C 660 2.43 -1.36 -38.95
N ALA C 661 2.01 -0.13 -38.69
CA ALA C 661 0.91 0.47 -39.44
C ALA C 661 1.12 1.97 -39.55
N LYS C 662 0.48 2.57 -40.56
CA LYS C 662 0.61 3.99 -40.80
C LYS C 662 -0.60 4.48 -41.58
N TYR C 663 -0.80 5.79 -41.56
CA TYR C 663 -1.87 6.45 -42.30
C TYR C 663 -1.28 7.01 -43.59
N THR C 664 -1.67 6.43 -44.73
CA THR C 664 -1.04 6.74 -46.01
C THR C 664 -2.08 7.16 -47.03
N ASN C 665 -1.59 7.72 -48.13
CA ASN C 665 -2.43 8.14 -49.25
C ASN C 665 -2.83 7.00 -50.17
N VAL C 666 -2.17 5.85 -50.07
CA VAL C 666 -2.44 4.72 -50.95
C VAL C 666 -3.73 4.03 -50.55
N GLY C 675 -9.11 6.71 -51.02
CA GLY C 675 -8.31 7.80 -50.50
C GLY C 675 -7.37 7.37 -49.38
N HIS C 676 -7.50 8.04 -48.23
CA HIS C 676 -6.67 7.71 -47.08
C HIS C 676 -7.21 6.48 -46.37
N SER C 677 -6.31 5.62 -45.91
CA SER C 677 -6.70 4.40 -45.22
C SER C 677 -5.55 3.93 -44.34
N ILE C 678 -5.88 3.06 -43.39
CA ILE C 678 -4.88 2.44 -42.54
C ILE C 678 -4.24 1.29 -43.31
N LEU C 679 -2.91 1.30 -43.37
CA LEU C 679 -2.15 0.30 -44.12
C LEU C 679 -1.17 -0.40 -43.19
N ALA C 680 -1.23 -1.73 -43.16
CA ALA C 680 -0.33 -2.54 -42.36
C ALA C 680 0.77 -3.13 -43.22
N TYR C 681 1.96 -3.28 -42.63
CA TYR C 681 3.11 -3.75 -43.37
C TYR C 681 4.09 -4.41 -42.41
N THR C 682 5.04 -5.15 -42.99
CA THR C 682 6.08 -5.83 -42.24
C THR C 682 7.28 -4.89 -42.08
N MET C 683 7.81 -4.82 -40.86
CA MET C 683 8.95 -3.94 -40.57
C MET C 683 10.19 -4.34 -41.36
N SER C 684 10.96 -3.34 -41.78
CA SER C 684 12.22 -3.56 -42.46
C SER C 684 13.36 -3.25 -41.50
N LEU C 685 14.27 -4.21 -41.34
CA LEU C 685 15.40 -4.02 -40.45
C LEU C 685 16.42 -3.05 -41.03
N GLY C 686 16.61 -3.09 -42.35
CA GLY C 686 17.58 -2.22 -42.98
C GLY C 686 17.70 -2.52 -44.44
N ASP C 687 18.81 -2.07 -45.03
CA ASP C 687 19.08 -2.23 -46.45
C ASP C 687 20.24 -3.18 -46.66
N ASN C 688 20.10 -4.05 -47.67
CA ASN C 688 21.12 -5.06 -47.95
C ASN C 688 22.36 -4.42 -48.58
N GLN C 689 23.48 -5.15 -48.51
CA GLN C 689 24.74 -4.65 -49.06
C GLN C 689 25.51 -5.66 -49.89
N ASP C 690 25.18 -6.95 -49.85
CA ASP C 690 25.71 -8.06 -50.67
C ASP C 690 27.22 -8.02 -50.92
N ILE C 691 27.98 -7.63 -49.89
CA ILE C 691 29.43 -7.46 -50.03
C ILE C 691 30.12 -8.81 -50.26
N VAL C 692 31.31 -8.73 -50.84
CA VAL C 692 32.06 -9.92 -51.25
C VAL C 692 33.42 -9.90 -50.57
N TYR C 693 34.01 -11.07 -50.42
CA TYR C 693 35.29 -11.24 -49.72
C TYR C 693 36.39 -11.45 -50.74
N SER C 694 37.42 -10.60 -50.69
CA SER C 694 38.61 -10.73 -51.51
C SER C 694 39.82 -10.83 -50.59
N ASN C 695 40.69 -11.81 -50.87
CA ASN C 695 41.81 -12.09 -49.98
C ASN C 695 43.08 -11.34 -50.36
N ASN C 696 43.04 -10.47 -51.37
CA ASN C 696 44.22 -9.73 -51.78
C ASN C 696 43.89 -8.28 -52.14
N THR C 697 42.80 -7.74 -51.58
CA THR C 697 42.38 -6.38 -51.90
C THR C 697 41.94 -5.69 -50.63
N ILE C 698 42.41 -4.47 -50.42
CA ILE C 698 42.11 -3.69 -49.24
C ILE C 698 41.51 -2.35 -49.67
N ALA C 699 40.55 -1.85 -48.90
CA ALA C 699 39.96 -0.54 -49.12
C ALA C 699 40.65 0.47 -48.22
N ILE C 700 41.00 1.62 -48.78
CA ILE C 700 41.68 2.68 -48.04
C ILE C 700 41.00 4.02 -48.36
N PRO C 701 40.62 4.80 -47.34
CA PRO C 701 40.00 6.10 -47.61
C PRO C 701 41.00 7.10 -48.17
N MET C 702 40.49 8.00 -49.01
CA MET C 702 41.31 9.04 -49.62
C MET C 702 40.94 10.45 -49.19
N ASN C 703 39.92 10.60 -48.34
CA ASN C 703 39.52 11.91 -47.86
C ASN C 703 38.90 11.77 -46.48
N PHE C 704 38.60 12.91 -45.86
CA PHE C 704 38.02 12.90 -44.52
C PHE C 704 37.08 14.08 -44.36
N SER C 705 36.23 13.98 -43.35
CA SER C 705 35.28 15.02 -43.00
C SER C 705 35.18 15.10 -41.48
N ILE C 706 34.66 16.23 -41.01
CA ILE C 706 34.54 16.52 -39.59
C ILE C 706 33.05 16.69 -39.29
N SER C 707 32.56 15.92 -38.32
CA SER C 707 31.13 15.90 -38.01
C SER C 707 30.90 16.35 -36.58
N VAL C 708 29.74 16.96 -36.34
CA VAL C 708 29.32 17.38 -35.01
C VAL C 708 27.99 16.70 -34.70
N THR C 709 27.94 15.99 -33.59
CA THR C 709 26.77 15.22 -33.19
C THR C 709 26.26 15.73 -31.83
N THR C 710 24.98 15.50 -31.59
CA THR C 710 24.30 15.97 -30.39
C THR C 710 23.92 14.81 -29.50
N GLU C 711 24.09 14.97 -28.19
CA GLU C 711 23.59 13.98 -27.24
C GLU C 711 23.07 14.67 -25.99
N VAL C 712 21.81 14.44 -25.65
CA VAL C 712 21.13 15.14 -24.56
C VAL C 712 20.88 14.15 -23.43
N LEU C 713 21.28 14.53 -22.21
CA LEU C 713 21.07 13.68 -21.05
C LEU C 713 20.39 14.43 -19.92
N PRO C 714 19.38 13.84 -19.29
CA PRO C 714 18.79 14.47 -18.10
C PRO C 714 19.74 14.40 -16.92
N VAL C 715 19.59 15.36 -16.01
CA VAL C 715 20.50 15.49 -14.88
C VAL C 715 19.73 15.46 -13.57
N SER C 716 18.72 16.32 -13.44
CA SER C 716 17.98 16.48 -12.20
C SER C 716 16.49 16.49 -12.49
N MET C 717 15.70 16.51 -11.41
CA MET C 717 14.26 16.58 -11.50
C MET C 717 13.74 17.54 -10.43
N THR C 718 12.45 17.82 -10.49
CA THR C 718 11.85 18.80 -9.59
C THR C 718 11.76 18.26 -8.17
N LYS C 719 12.00 19.14 -7.21
CA LYS C 719 11.93 18.79 -5.79
C LYS C 719 10.59 19.24 -5.22
N THR C 720 9.94 18.36 -4.48
CA THR C 720 8.58 18.59 -4.00
C THR C 720 8.50 18.26 -2.52
N SER C 721 7.91 19.16 -1.74
CA SER C 721 7.61 18.94 -0.34
C SER C 721 6.11 18.74 -0.17
N VAL C 722 5.74 17.82 0.72
CA VAL C 722 4.33 17.43 0.91
C VAL C 722 3.98 17.65 2.37
N ASP C 723 2.89 18.37 2.62
CA ASP C 723 2.37 18.58 3.96
C ASP C 723 1.33 17.49 4.25
N CYS C 724 1.52 16.78 5.37
CA CYS C 724 0.65 15.66 5.71
C CYS C 724 -0.78 16.14 5.99
N ASN C 725 -0.95 16.98 7.00
CA ASN C 725 -2.19 17.72 7.10
C ASN C 725 -2.20 18.83 6.06
N MET C 726 -3.40 19.40 5.84
CA MET C 726 -3.81 20.28 4.74
C MET C 726 -3.99 19.47 3.45
N TYR C 727 -3.66 18.18 3.48
CA TYR C 727 -4.02 17.25 2.41
C TYR C 727 -5.02 16.22 2.91
N ILE C 728 -4.68 15.47 3.97
CA ILE C 728 -5.62 14.56 4.59
C ILE C 728 -6.68 15.32 5.39
N CYS C 729 -6.36 16.55 5.78
CA CYS C 729 -7.21 17.36 6.64
C CYS C 729 -7.17 18.79 6.13
N GLY C 730 -7.58 19.73 6.97
CA GLY C 730 -7.45 21.14 6.65
C GLY C 730 -8.67 21.92 7.07
N ASP C 731 -8.45 22.94 7.90
CA ASP C 731 -9.52 23.72 8.55
C ASP C 731 -10.49 22.80 9.28
N SER C 732 -9.94 21.77 9.94
CA SER C 732 -10.75 20.76 10.63
C SER C 732 -9.91 20.20 11.76
N THR C 733 -10.16 20.69 12.98
CA THR C 733 -9.42 20.23 14.15
C THR C 733 -9.91 18.89 14.69
N GLU C 734 -11.10 18.44 14.27
CA GLU C 734 -11.59 17.14 14.71
C GLU C 734 -10.79 16.00 14.09
N CYS C 735 -10.41 16.13 12.82
CA CYS C 735 -9.62 15.12 12.15
C CYS C 735 -8.11 15.28 12.37
N SER C 736 -7.67 16.49 12.73
CA SER C 736 -6.25 16.69 13.03
C SER C 736 -5.85 15.97 14.31
N ASN C 737 -6.74 15.91 15.29
CA ASN C 737 -6.47 15.15 16.51
C ASN C 737 -6.59 13.65 16.28
N LEU C 738 -7.33 13.22 15.25
CA LEU C 738 -7.42 11.81 14.91
C LEU C 738 -6.24 11.33 14.07
N LEU C 739 -5.46 12.26 13.51
CA LEU C 739 -4.32 11.92 12.68
C LEU C 739 -3.03 11.79 13.49
N LEU C 740 -3.06 12.15 14.78
CA LEU C 740 -1.85 12.14 15.60
C LEU C 740 -1.29 10.74 15.78
N GLN C 741 -2.16 9.73 15.92
CA GLN C 741 -1.70 8.36 16.10
C GLN C 741 -1.06 7.80 14.83
N TYR C 742 -1.27 8.45 13.67
CA TYR C 742 -0.58 8.11 12.44
C TYR C 742 0.61 9.00 12.18
N GLY C 743 1.07 9.76 13.19
CA GLY C 743 2.07 10.79 12.96
C GLY C 743 3.39 10.25 12.46
N SER C 744 3.81 9.09 12.97
CA SER C 744 5.02 8.43 12.48
C SER C 744 4.89 8.10 11.00
N PHE C 745 3.70 7.65 10.58
CA PHE C 745 3.42 7.41 9.16
C PHE C 745 3.62 8.66 8.32
N CYS C 746 3.39 9.84 8.92
CA CYS C 746 3.69 11.08 8.20
C CYS C 746 5.19 11.30 8.08
N THR C 747 5.93 11.05 9.16
CA THR C 747 7.33 11.47 9.25
C THR C 747 8.19 10.74 8.22
N GLN C 748 8.06 9.42 8.15
CA GLN C 748 8.79 8.62 7.19
C GLN C 748 8.39 8.92 5.74
N LEU C 749 7.28 9.63 5.53
CA LEU C 749 7.01 10.17 4.20
C LEU C 749 8.01 11.27 3.87
N ASN C 750 8.08 12.29 4.73
CA ASN C 750 8.89 13.47 4.41
C ASN C 750 10.37 13.13 4.42
N ARG C 751 10.78 12.23 5.31
CA ARG C 751 12.17 11.74 5.34
C ARG C 751 12.57 11.12 4.01
N ALA C 752 11.60 10.52 3.28
CA ALA C 752 11.91 10.08 1.93
C ALA C 752 12.07 11.25 0.98
N LEU C 753 11.12 12.20 1.02
CA LEU C 753 11.05 13.23 -0.01
C LEU C 753 12.23 14.20 0.08
N ALA C 754 12.57 14.61 1.30
CA ALA C 754 13.76 15.42 1.50
C ALA C 754 15.02 14.68 1.06
N GLY C 755 15.03 13.35 1.24
CA GLY C 755 16.14 12.56 0.76
C GLY C 755 16.29 12.60 -0.75
N ILE C 756 15.18 12.82 -1.47
CA ILE C 756 15.27 13.08 -2.89
C ILE C 756 15.85 14.47 -3.14
N ALA C 757 15.37 15.47 -2.37
CA ALA C 757 15.63 16.87 -2.70
C ALA C 757 17.10 17.23 -2.49
N VAL C 758 17.78 16.58 -1.54
CA VAL C 758 19.21 16.77 -1.39
C VAL C 758 19.95 16.20 -2.60
N GLU C 759 19.53 15.00 -3.04
CA GLU C 759 20.26 14.27 -4.08
C GLU C 759 20.24 15.01 -5.41
N GLN C 760 19.10 15.63 -5.74
CA GLN C 760 19.00 16.42 -6.96
C GLN C 760 19.92 17.64 -6.93
N ASP C 761 20.27 18.14 -5.74
CA ASP C 761 21.26 19.20 -5.67
C ASP C 761 22.68 18.67 -5.88
N ARG C 762 22.91 17.40 -5.57
CA ARG C 762 24.23 16.82 -5.74
C ARG C 762 24.52 16.50 -7.20
N ASN C 763 23.50 16.02 -7.92
CA ASN C 763 23.67 15.48 -9.27
C ASN C 763 24.25 16.51 -10.23
N THR C 764 23.65 17.70 -10.27
CA THR C 764 24.18 18.78 -11.10
C THR C 764 25.58 19.20 -10.63
N ARG C 765 25.81 19.18 -9.31
CA ARG C 765 27.14 19.48 -8.81
C ARG C 765 28.15 18.41 -9.18
N ASP C 766 27.70 17.20 -9.51
CA ASP C 766 28.61 16.19 -10.01
C ASP C 766 28.88 16.33 -11.49
N VAL C 767 28.11 17.14 -12.22
CA VAL C 767 28.24 17.27 -13.66
C VAL C 767 28.93 18.56 -14.06
N PHE C 768 28.45 19.70 -13.54
CA PHE C 768 28.92 20.99 -14.00
C PHE C 768 30.06 21.55 -13.17
N ALA C 769 30.24 21.09 -11.94
CA ALA C 769 31.31 21.58 -11.07
C ALA C 769 32.56 20.70 -11.20
N GLN C 770 33.06 20.62 -12.42
CA GLN C 770 34.25 19.83 -12.72
C GLN C 770 35.52 20.67 -12.78
N THR C 771 35.43 21.92 -13.22
CA THR C 771 36.61 22.76 -13.32
C THR C 771 37.06 23.24 -11.95
N LYS C 772 38.38 23.36 -11.80
CA LYS C 772 38.97 23.83 -10.55
C LYS C 772 39.09 25.34 -10.47
N ALA C 773 38.82 26.04 -11.57
CA ALA C 773 38.90 27.50 -11.58
C ALA C 773 37.92 28.04 -12.61
N MET C 774 37.59 29.32 -12.45
CA MET C 774 36.64 30.01 -13.34
C MET C 774 37.45 30.89 -14.28
N TYR C 775 37.84 30.31 -15.42
CA TYR C 775 38.60 31.04 -16.42
C TYR C 775 37.71 32.07 -17.11
N LYS C 776 38.23 33.28 -17.28
CA LYS C 776 37.49 34.34 -17.95
C LYS C 776 37.37 34.04 -19.44
N THR C 777 36.27 34.47 -20.03
CA THR C 777 36.04 34.26 -21.45
C THR C 777 36.97 35.16 -22.26
N PRO C 778 37.76 34.60 -23.18
CA PRO C 778 38.65 35.44 -23.99
C PRO C 778 37.86 36.34 -24.94
N SER C 779 38.42 37.53 -25.18
CA SER C 779 37.76 38.49 -26.06
C SER C 779 37.79 38.04 -27.51
N LEU C 780 38.86 37.39 -27.94
CA LEU C 780 38.96 36.88 -29.30
C LEU C 780 38.23 35.54 -29.38
N LYS C 781 37.23 35.47 -30.25
CA LYS C 781 36.43 34.27 -30.42
C LYS C 781 36.89 33.40 -31.59
N ASP C 782 37.96 33.80 -32.28
CA ASP C 782 38.49 33.06 -33.42
C ASP C 782 39.85 32.50 -33.07
N PHE C 783 40.02 31.19 -33.25
CA PHE C 783 41.25 30.48 -32.90
C PHE C 783 41.74 29.72 -34.13
N GLY C 784 42.53 30.39 -34.98
CA GLY C 784 43.06 29.77 -36.17
C GLY C 784 42.01 29.41 -37.20
N GLY C 785 40.97 30.23 -37.35
CA GLY C 785 39.90 29.96 -38.27
C GLY C 785 38.70 29.27 -37.68
N PHE C 786 38.82 28.73 -36.47
CA PHE C 786 37.71 28.07 -35.81
C PHE C 786 36.83 29.10 -35.12
N ASN C 787 35.55 29.14 -35.50
CA ASN C 787 34.62 30.14 -34.99
C ASN C 787 33.93 29.59 -33.75
N PHE C 788 34.18 30.22 -32.60
CA PHE C 788 33.65 29.78 -31.32
C PHE C 788 32.58 30.73 -30.77
N SER C 789 32.04 31.63 -31.60
CA SER C 789 31.17 32.68 -31.10
C SER C 789 29.79 32.15 -30.74
N GLN C 790 29.34 31.08 -31.38
CA GLN C 790 27.98 30.59 -31.15
C GLN C 790 27.87 29.75 -29.88
N ILE C 791 28.97 29.33 -29.29
CA ILE C 791 28.96 28.49 -28.10
C ILE C 791 29.50 29.23 -26.87
N LEU C 792 29.75 30.53 -26.98
CA LEU C 792 30.28 31.32 -25.88
C LEU C 792 29.45 32.56 -25.67
N PRO C 793 29.36 33.05 -24.43
CA PRO C 793 28.69 34.32 -24.19
C PRO C 793 29.44 35.50 -24.80
N ASP C 794 28.68 36.51 -25.19
CA ASP C 794 29.20 37.67 -25.88
C ASP C 794 29.16 38.91 -25.00
N PRO C 795 30.00 39.91 -25.28
CA PRO C 795 29.83 41.22 -24.62
C PRO C 795 28.50 41.84 -25.02
N ALA C 796 27.99 42.71 -24.12
CA ALA C 796 26.60 43.18 -24.14
C ALA C 796 25.63 41.99 -24.15
N LYS C 797 25.73 41.23 -23.08
CA LYS C 797 25.07 39.93 -22.98
C LYS C 797 23.56 40.09 -22.86
N PRO C 798 22.77 39.37 -23.65
CA PRO C 798 21.31 39.43 -23.50
C PRO C 798 20.81 38.62 -22.31
N SER C 799 21.40 37.44 -22.10
CA SER C 799 21.00 36.58 -20.99
C SER C 799 22.20 35.95 -20.30
N SER C 800 23.41 36.47 -20.56
CA SER C 800 24.67 35.95 -20.00
C SER C 800 24.89 34.49 -20.36
N ARG C 801 24.47 34.09 -21.56
CA ARG C 801 24.59 32.71 -22.01
C ARG C 801 24.72 32.71 -23.52
N SER C 802 25.14 31.56 -24.06
CA SER C 802 25.45 31.45 -25.47
C SER C 802 24.17 31.43 -26.31
N PHE C 803 24.37 31.54 -27.63
CA PHE C 803 23.23 31.56 -28.55
C PHE C 803 22.55 30.19 -28.62
N ILE C 804 23.34 29.12 -28.69
CA ILE C 804 22.76 27.78 -28.72
C ILE C 804 22.09 27.45 -27.40
N GLU C 805 22.67 27.91 -26.28
CA GLU C 805 22.04 27.70 -24.97
C GLU C 805 20.72 28.43 -24.87
N ASP C 806 20.60 29.60 -25.51
CA ASP C 806 19.30 30.25 -25.63
C ASP C 806 18.37 29.45 -26.53
N LEU C 807 18.93 28.83 -27.57
CA LEU C 807 18.12 27.97 -28.44
C LEU C 807 17.73 26.67 -27.75
N LEU C 808 18.54 26.19 -26.80
CA LEU C 808 18.16 25.02 -26.03
C LEU C 808 16.95 25.32 -25.14
N TYR C 809 16.90 26.52 -24.58
CA TYR C 809 15.69 27.00 -23.94
C TYR C 809 14.69 27.43 -25.01
N ASN C 810 13.46 27.72 -24.56
CA ASN C 810 12.31 28.11 -25.39
C ASN C 810 11.88 27.00 -26.36
N LYS C 811 12.48 25.82 -26.27
CA LYS C 811 12.03 24.65 -27.01
C LYS C 811 11.24 23.68 -26.14
N VAL C 812 11.64 23.54 -24.88
CA VAL C 812 10.84 22.84 -23.88
C VAL C 812 10.33 23.88 -22.89
N THR C 813 9.14 23.63 -22.36
CA THR C 813 8.46 24.58 -21.49
C THR C 813 8.23 23.95 -20.12
N LEU C 814 8.62 24.67 -19.07
CA LEU C 814 8.38 24.19 -17.72
C LEU C 814 6.90 24.31 -17.36
N ALA C 815 6.40 23.34 -16.61
CA ALA C 815 5.04 23.39 -16.12
C ALA C 815 4.90 24.27 -14.88
N ASP C 816 6.00 24.75 -14.33
CA ASP C 816 6.01 25.63 -13.17
C ASP C 816 6.86 26.85 -13.51
N PRO C 817 6.29 27.83 -14.23
CA PRO C 817 7.07 29.03 -14.63
C PRO C 817 7.30 30.00 -13.48
N GLY C 818 8.31 29.71 -12.68
CA GLY C 818 8.62 30.50 -11.52
C GLY C 818 8.11 29.87 -10.25
N PHE C 819 8.85 30.06 -9.16
CA PHE C 819 8.54 29.43 -7.88
C PHE C 819 7.85 30.37 -6.90
N MET C 820 7.43 31.55 -7.35
CA MET C 820 6.75 32.51 -6.50
C MET C 820 5.32 32.69 -6.99
N LYS C 821 4.36 32.45 -6.10
CA LYS C 821 2.95 32.64 -6.40
C LYS C 821 2.28 33.21 -5.15
N GLN C 822 1.96 34.50 -5.19
CA GLN C 822 1.42 35.17 -4.02
C GLN C 822 -0.02 34.73 -3.75
N TYR C 823 -0.48 35.02 -2.53
CA TYR C 823 -1.82 34.63 -2.13
C TYR C 823 -2.89 35.46 -2.83
N GLY C 824 -2.56 36.71 -3.17
CA GLY C 824 -3.50 37.52 -3.93
C GLY C 824 -3.65 37.07 -5.37
N ASP C 825 -2.62 36.40 -5.90
CA ASP C 825 -2.71 35.86 -7.26
C ASP C 825 -3.69 34.70 -7.33
N CYS C 826 -3.74 33.85 -6.29
CA CYS C 826 -4.69 32.75 -6.26
C CYS C 826 -6.09 33.17 -5.84
N LEU C 827 -6.24 34.39 -5.31
CA LEU C 827 -7.55 34.89 -4.89
C LEU C 827 -8.12 35.95 -5.84
N GLY C 828 -7.48 36.21 -6.97
CA GLY C 828 -7.95 37.26 -7.86
C GLY C 828 -9.21 36.93 -8.62
N GLY C 829 -9.63 35.66 -8.63
CA GLY C 829 -10.78 35.23 -9.39
C GLY C 829 -10.49 34.90 -10.85
N VAL C 830 -9.43 35.46 -11.41
CA VAL C 830 -9.03 35.12 -12.78
C VAL C 830 -8.25 33.82 -12.84
N ASN C 831 -7.77 33.33 -11.68
CA ASN C 831 -7.06 32.07 -11.60
C ASN C 831 -7.95 30.93 -11.14
N ALA C 832 -9.24 30.98 -11.51
CA ALA C 832 -10.15 29.90 -11.17
C ALA C 832 -9.80 28.63 -11.94
N ARG C 833 -9.87 27.49 -11.23
CA ARG C 833 -9.52 26.17 -11.76
C ARG C 833 -8.10 26.13 -12.32
N ASP C 834 -7.18 26.80 -11.63
CA ASP C 834 -5.77 26.77 -11.98
C ASP C 834 -5.10 25.58 -11.31
N LEU C 835 -4.13 24.99 -12.01
CA LEU C 835 -3.47 23.79 -11.51
C LEU C 835 -2.56 24.08 -10.33
N ILE C 836 -1.76 25.15 -10.43
CA ILE C 836 -0.76 25.44 -9.41
C ILE C 836 -1.43 25.91 -8.12
N CYS C 837 -2.45 26.77 -8.24
CA CYS C 837 -3.15 27.27 -7.05
C CYS C 837 -3.92 26.15 -6.35
N ALA C 838 -4.49 25.22 -7.12
CA ALA C 838 -5.16 24.08 -6.51
C ALA C 838 -4.18 23.10 -5.90
N GLN C 839 -2.99 22.98 -6.48
CA GLN C 839 -1.96 22.13 -5.88
C GLN C 839 -1.46 22.71 -4.57
N LYS C 840 -1.26 24.04 -4.51
CA LYS C 840 -0.71 24.65 -3.31
C LYS C 840 -1.74 24.79 -2.19
N PHE C 841 -3.03 24.71 -2.51
CA PHE C 841 -4.06 24.75 -1.47
C PHE C 841 -4.14 23.45 -0.69
N ASN C 842 -3.59 22.36 -1.23
CA ASN C 842 -3.59 21.07 -0.56
C ASN C 842 -2.22 20.70 -0.01
N GLY C 843 -1.35 21.68 0.20
CA GLY C 843 -0.04 21.43 0.77
C GLY C 843 0.92 20.66 -0.10
N LEU C 844 0.98 20.96 -1.39
CA LEU C 844 1.91 20.33 -2.33
C LEU C 844 2.70 21.45 -3.00
N THR C 845 3.88 21.74 -2.48
CA THR C 845 4.71 22.82 -2.97
C THR C 845 5.94 22.28 -3.69
N VAL C 846 6.57 23.16 -4.47
CA VAL C 846 7.76 22.82 -5.25
C VAL C 846 8.89 23.73 -4.81
N LEU C 847 10.03 23.13 -4.41
CA LEU C 847 11.21 23.84 -3.93
C LEU C 847 12.11 24.23 -5.09
N PRO C 848 12.76 25.39 -5.01
CA PRO C 848 13.64 25.82 -6.10
C PRO C 848 15.00 25.16 -6.02
N PRO C 849 15.65 24.94 -7.16
CA PRO C 849 17.01 24.38 -7.14
C PRO C 849 18.02 25.37 -6.56
N LEU C 850 19.09 24.81 -6.00
CA LEU C 850 20.12 25.65 -5.37
C LEU C 850 20.88 26.47 -6.41
N LEU C 851 21.27 25.84 -7.52
CA LEU C 851 22.02 26.52 -8.57
C LEU C 851 21.06 27.07 -9.61
N THR C 852 21.04 28.38 -9.78
CA THR C 852 20.27 28.99 -10.86
C THR C 852 20.94 28.70 -12.19
N ASP C 853 20.17 28.88 -13.27
CA ASP C 853 20.67 28.57 -14.61
C ASP C 853 21.79 29.52 -15.05
N GLU C 854 21.87 30.71 -14.46
CA GLU C 854 22.98 31.61 -14.75
C GLU C 854 24.30 31.02 -14.27
N MET C 855 24.29 30.38 -13.11
CA MET C 855 25.51 29.74 -12.59
C MET C 855 25.92 28.55 -13.44
N ILE C 856 24.95 27.78 -13.93
CA ILE C 856 25.26 26.65 -14.81
C ILE C 856 25.81 27.14 -16.15
N ALA C 857 25.26 28.24 -16.66
CA ALA C 857 25.79 28.84 -17.88
C ALA C 857 27.21 29.35 -17.68
N ALA C 858 27.48 29.94 -16.51
CA ALA C 858 28.84 30.38 -16.20
C ALA C 858 29.80 29.19 -16.10
N TYR C 859 29.34 28.08 -15.52
CA TYR C 859 30.14 26.86 -15.43
C TYR C 859 30.49 26.35 -16.83
N THR C 860 29.50 26.29 -17.72
CA THR C 860 29.75 25.80 -19.08
C THR C 860 30.67 26.74 -19.86
N ALA C 861 30.49 28.05 -19.68
CA ALA C 861 31.37 29.01 -20.35
C ALA C 861 32.80 28.90 -19.86
N ALA C 862 32.98 28.73 -18.54
CA ALA C 862 34.33 28.54 -17.99
C ALA C 862 34.97 27.26 -18.50
N LEU C 863 34.20 26.17 -18.59
CA LEU C 863 34.72 24.92 -19.11
C LEU C 863 35.14 25.05 -20.58
N ILE C 864 34.31 25.71 -21.39
CA ILE C 864 34.62 25.86 -22.81
C ILE C 864 35.84 26.75 -23.01
N SER C 865 35.92 27.86 -22.27
CA SER C 865 37.10 28.74 -22.40
C SER C 865 38.37 28.05 -21.91
N GLY C 866 38.27 27.27 -20.84
CA GLY C 866 39.43 26.54 -20.35
C GLY C 866 39.90 25.48 -21.32
N THR C 867 38.98 24.74 -21.93
CA THR C 867 39.37 23.72 -22.89
C THR C 867 39.72 24.30 -24.25
N ALA C 868 39.39 25.56 -24.51
CA ALA C 868 39.80 26.21 -25.75
C ALA C 868 41.14 26.92 -25.65
N THR C 869 41.50 27.40 -24.45
CA THR C 869 42.77 28.10 -24.31
C THR C 869 43.89 27.16 -23.84
N ALA C 870 43.66 26.40 -22.77
CA ALA C 870 44.69 25.57 -22.16
C ALA C 870 44.60 24.10 -22.58
N GLY C 871 43.78 23.78 -23.57
CA GLY C 871 43.67 22.40 -24.00
C GLY C 871 42.96 21.53 -22.99
N PHE C 872 43.21 20.22 -23.08
CA PHE C 872 42.67 19.26 -22.14
C PHE C 872 43.67 18.86 -21.07
N THR C 873 44.80 19.56 -20.98
CA THR C 873 45.81 19.27 -19.97
C THR C 873 45.45 19.85 -18.61
N PHE C 874 44.42 20.67 -18.52
CA PHE C 874 43.97 21.23 -17.25
C PHE C 874 42.97 20.34 -16.53
N GLY C 875 42.53 19.25 -17.17
CA GLY C 875 41.67 18.29 -16.49
C GLY C 875 42.40 17.41 -15.50
N ALA C 876 43.72 17.27 -15.65
CA ALA C 876 44.55 16.51 -14.71
C ALA C 876 45.74 17.38 -14.33
N GLY C 877 45.55 18.22 -13.30
CA GLY C 877 46.61 19.09 -12.85
C GLY C 877 46.33 20.56 -13.11
N ALA C 878 47.39 21.35 -13.27
CA ALA C 878 47.25 22.77 -13.54
C ALA C 878 46.96 23.00 -15.02
N ALA C 879 46.76 24.28 -15.38
CA ALA C 879 46.41 24.67 -16.74
C ALA C 879 47.66 25.10 -17.47
N LEU C 880 48.05 24.33 -18.49
CA LEU C 880 49.18 24.66 -19.35
C LEU C 880 48.65 25.22 -20.67
N GLN C 881 49.13 26.40 -21.03
CA GLN C 881 48.63 27.06 -22.24
C GLN C 881 49.15 26.36 -23.50
N ILE C 882 48.40 26.54 -24.58
CA ILE C 882 48.62 25.81 -25.83
C ILE C 882 48.00 26.63 -26.96
N PRO C 883 48.67 26.81 -28.09
CA PRO C 883 47.97 27.36 -29.26
C PRO C 883 46.95 26.38 -29.80
N PHE C 884 45.83 26.92 -30.30
CA PHE C 884 44.74 26.06 -30.75
C PHE C 884 45.06 25.36 -32.06
N ALA C 885 45.94 25.95 -32.87
CA ALA C 885 46.33 25.31 -34.13
C ALA C 885 47.12 24.03 -33.88
N MET C 886 48.06 24.07 -32.94
CA MET C 886 48.86 22.90 -32.61
C MET C 886 48.24 22.05 -31.52
N GLN C 887 47.12 22.48 -30.93
CA GLN C 887 46.38 21.60 -30.04
C GLN C 887 45.64 20.51 -30.83
N MET C 888 45.08 20.88 -31.98
CA MET C 888 44.38 19.92 -32.82
C MET C 888 45.33 18.93 -33.49
N ALA C 889 46.62 19.27 -33.59
CA ALA C 889 47.59 18.32 -34.11
C ALA C 889 47.80 17.17 -33.13
N TYR C 890 47.78 17.46 -31.82
CA TYR C 890 47.84 16.41 -30.82
C TYR C 890 46.57 15.56 -30.83
N ARG C 891 45.41 16.20 -31.02
CA ARG C 891 44.17 15.45 -31.16
C ARG C 891 44.18 14.58 -32.40
N PHE C 892 44.80 15.06 -33.47
CA PHE C 892 44.98 14.22 -34.65
C PHE C 892 45.97 13.09 -34.40
N ASN C 893 47.04 13.32 -33.63
CA ASN C 893 47.90 12.17 -33.34
C ASN C 893 47.24 11.21 -32.36
N GLY C 894 46.21 11.65 -31.64
CA GLY C 894 45.46 10.74 -30.81
C GLY C 894 44.75 9.66 -31.59
N ILE C 895 44.29 9.99 -32.80
CA ILE C 895 43.57 9.03 -33.64
C ILE C 895 44.54 8.00 -34.23
N GLY C 896 45.69 8.46 -34.71
CA GLY C 896 46.59 7.62 -35.47
C GLY C 896 46.94 8.29 -36.79
N VAL C 897 46.14 9.30 -37.14
CA VAL C 897 46.43 10.13 -38.31
C VAL C 897 47.63 11.02 -38.00
N THR C 898 48.58 11.08 -38.92
CA THR C 898 49.84 11.76 -38.68
C THR C 898 49.65 13.27 -38.58
N GLN C 899 50.70 13.93 -38.06
CA GLN C 899 50.58 15.32 -37.62
C GLN C 899 50.50 16.31 -38.77
N ASN C 900 51.08 15.99 -39.92
CA ASN C 900 51.25 17.01 -40.95
C ASN C 900 49.96 17.37 -41.67
N VAL C 901 49.02 16.44 -41.79
CA VAL C 901 47.84 16.65 -42.64
C VAL C 901 46.88 17.68 -42.07
N LEU C 902 47.01 18.06 -40.80
CA LEU C 902 46.20 19.15 -40.28
C LEU C 902 46.70 20.50 -40.78
N TYR C 903 48.03 20.67 -40.83
CA TYR C 903 48.60 21.97 -41.21
C TYR C 903 48.41 22.25 -42.69
N GLU C 904 48.43 21.22 -43.55
CA GLU C 904 48.21 21.44 -44.97
C GLU C 904 46.75 21.79 -45.26
N ASN C 905 45.82 21.20 -44.52
CA ASN C 905 44.39 21.38 -44.74
C ASN C 905 43.71 22.06 -43.55
N GLN C 906 44.35 23.11 -43.02
CA GLN C 906 43.80 23.79 -41.85
C GLN C 906 42.54 24.59 -42.21
N LYS C 907 42.57 25.30 -43.34
CA LYS C 907 41.44 26.13 -43.73
C LYS C 907 40.21 25.29 -44.08
N GLN C 908 40.41 24.18 -44.78
CA GLN C 908 39.30 23.29 -45.10
C GLN C 908 38.70 22.67 -43.84
N ILE C 909 39.55 22.29 -42.88
CA ILE C 909 39.08 21.74 -41.62
C ILE C 909 38.28 22.77 -40.84
N ALA C 910 38.78 24.01 -40.79
CA ALA C 910 38.06 25.07 -40.08
C ALA C 910 36.72 25.38 -40.74
N ASN C 911 36.69 25.43 -42.08
CA ASN C 911 35.44 25.69 -42.77
C ASN C 911 34.44 24.56 -42.59
N GLN C 912 34.92 23.31 -42.57
CA GLN C 912 34.05 22.17 -42.30
C GLN C 912 33.48 22.22 -40.89
N PHE C 913 34.31 22.61 -39.92
CA PHE C 913 33.84 22.74 -38.53
C PHE C 913 32.78 23.83 -38.40
N ASN C 914 33.00 24.97 -39.05
CA ASN C 914 32.03 26.07 -39.00
C ASN C 914 30.72 25.68 -39.68
N LYS C 915 30.80 25.02 -40.84
CA LYS C 915 29.59 24.59 -41.53
C LYS C 915 28.84 23.53 -40.72
N ALA C 916 29.57 22.63 -40.06
CA ALA C 916 28.94 21.61 -39.24
C ALA C 916 28.23 22.24 -38.04
N ILE C 917 28.85 23.24 -37.40
CA ILE C 917 28.20 23.86 -36.25
C ILE C 917 27.01 24.71 -36.69
N SER C 918 27.05 25.31 -37.89
CA SER C 918 25.89 26.04 -38.38
C SER C 918 24.75 25.11 -38.74
N GLN C 919 25.07 23.95 -39.33
CA GLN C 919 24.07 22.94 -39.61
C GLN C 919 23.46 22.39 -38.32
N ILE C 920 24.28 22.24 -37.28
CA ILE C 920 23.79 21.79 -35.98
C ILE C 920 22.83 22.82 -35.40
N GLN C 921 23.17 24.10 -35.52
CA GLN C 921 22.28 25.18 -35.06
C GLN C 921 20.96 25.16 -35.80
N ASP C 922 21.00 25.02 -37.14
CA ASP C 922 19.77 24.99 -37.93
C ASP C 922 18.91 23.77 -37.61
N SER C 923 19.54 22.61 -37.46
CA SER C 923 18.80 21.38 -37.14
C SER C 923 18.17 21.46 -35.76
N LEU C 924 18.89 22.04 -34.79
CA LEU C 924 18.31 22.22 -33.46
C LEU C 924 17.19 23.24 -33.46
N SER C 925 17.26 24.25 -34.33
CA SER C 925 16.20 25.24 -34.41
C SER C 925 15.01 24.76 -35.23
N THR C 926 15.15 23.69 -36.02
CA THR C 926 14.06 23.23 -36.87
C THR C 926 13.41 21.93 -36.41
N THR C 927 13.95 21.25 -35.41
CA THR C 927 13.42 19.97 -34.96
C THR C 927 12.60 20.14 -33.69
N THR C 928 11.88 19.07 -33.32
CA THR C 928 11.02 19.10 -32.15
C THR C 928 11.28 17.93 -31.21
N THR C 929 11.70 16.78 -31.76
CA THR C 929 11.78 15.54 -31.00
C THR C 929 13.16 15.27 -30.43
N ALA C 930 14.11 16.20 -30.57
CA ALA C 930 15.46 15.97 -30.07
C ALA C 930 15.53 16.07 -28.55
N LEU C 931 14.80 17.00 -27.96
CA LEU C 931 14.82 17.25 -26.51
C LEU C 931 13.64 16.61 -25.80
N GLY C 932 13.21 15.42 -26.24
CA GLY C 932 12.04 14.79 -25.66
C GLY C 932 12.24 14.27 -24.24
N LYS C 933 13.50 14.02 -23.84
CA LYS C 933 13.76 13.49 -22.51
C LYS C 933 13.48 14.52 -21.42
N LEU C 934 13.92 15.77 -21.63
CA LEU C 934 13.69 16.81 -20.62
C LEU C 934 12.22 17.20 -20.54
N GLN C 935 11.54 17.26 -21.70
CA GLN C 935 10.10 17.49 -21.70
C GLN C 935 9.36 16.35 -21.03
N ASP C 936 9.83 15.12 -21.21
CA ASP C 936 9.26 13.96 -20.53
C ASP C 936 9.43 14.09 -19.02
N VAL C 937 10.62 14.54 -18.59
CA VAL C 937 10.92 14.70 -17.17
C VAL C 937 9.98 15.74 -16.55
N ILE C 938 9.76 16.85 -17.25
CA ILE C 938 8.80 17.86 -16.78
C ILE C 938 7.38 17.30 -16.76
N ASN C 939 7.02 16.53 -17.79
CA ASN C 939 5.63 16.12 -17.99
C ASN C 939 5.17 15.12 -16.93
N GLN C 940 6.00 14.12 -16.60
CA GLN C 940 5.58 13.18 -15.56
C GLN C 940 5.54 13.82 -14.17
N ASN C 941 6.46 14.75 -13.90
CA ASN C 941 6.44 15.43 -12.61
C ASN C 941 5.22 16.35 -12.48
N ALA C 942 4.73 16.90 -13.59
CA ALA C 942 3.47 17.63 -13.54
C ALA C 942 2.28 16.70 -13.41
N ILE C 943 2.31 15.56 -14.13
CA ILE C 943 1.16 14.66 -14.20
C ILE C 943 0.91 13.99 -12.85
N ALA C 944 1.97 13.55 -12.17
CA ALA C 944 1.80 12.89 -10.87
C ALA C 944 1.24 13.86 -9.83
N LEU C 945 1.73 15.10 -9.83
CA LEU C 945 1.23 16.11 -8.89
C LEU C 945 -0.23 16.45 -9.18
N ASN C 946 -0.61 16.50 -10.46
CA ASN C 946 -2.02 16.73 -10.79
C ASN C 946 -2.88 15.53 -10.42
N THR C 947 -2.34 14.31 -10.53
CA THR C 947 -3.10 13.12 -10.18
C THR C 947 -3.29 12.99 -8.68
N LEU C 948 -2.37 13.56 -7.89
CA LEU C 948 -2.54 13.54 -6.44
C LEU C 948 -3.74 14.36 -5.97
N VAL C 949 -4.19 15.33 -6.77
CA VAL C 949 -5.33 16.15 -6.38
C VAL C 949 -6.66 15.53 -6.83
N LYS C 950 -6.64 14.72 -7.90
CA LYS C 950 -7.87 14.07 -8.36
C LYS C 950 -8.34 13.00 -7.37
N GLN C 951 -7.42 12.40 -6.64
CA GLN C 951 -7.76 11.31 -5.72
C GLN C 951 -8.29 11.80 -4.38
N LEU C 952 -8.54 13.10 -4.23
CA LEU C 952 -9.14 13.66 -3.02
C LEU C 952 -10.66 13.60 -3.06
N SER C 953 -11.25 13.06 -4.12
CA SER C 953 -12.70 13.00 -4.29
C SER C 953 -13.21 11.56 -4.24
N SER C 954 -12.64 10.74 -3.37
CA SER C 954 -13.05 9.36 -3.19
C SER C 954 -13.66 9.18 -1.80
N ASN C 955 -14.71 8.36 -1.73
CA ASN C 955 -15.39 8.13 -0.46
C ASN C 955 -14.60 7.20 0.44
N PHE C 956 -13.91 6.21 -0.16
CA PHE C 956 -13.17 5.17 0.57
C PHE C 956 -14.06 4.42 1.54
N GLY C 957 -15.29 4.15 1.14
CA GLY C 957 -16.25 3.45 1.97
C GLY C 957 -17.03 4.32 2.94
N ALA C 958 -16.89 5.64 2.87
CA ALA C 958 -17.62 6.55 3.73
C ALA C 958 -18.82 7.12 2.99
N ILE C 959 -19.60 7.96 3.68
CA ILE C 959 -20.81 8.51 3.08
C ILE C 959 -20.52 9.72 2.20
N SER C 960 -19.37 10.37 2.38
CA SER C 960 -19.03 11.54 1.58
C SER C 960 -17.52 11.72 1.59
N SER C 961 -17.02 12.40 0.56
CA SER C 961 -15.61 12.76 0.48
C SER C 961 -15.33 14.13 1.07
N VAL C 962 -16.36 14.88 1.45
CA VAL C 962 -16.21 16.17 2.10
C VAL C 962 -16.29 15.95 3.60
N LEU C 963 -15.27 16.40 4.33
CA LEU C 963 -15.17 16.08 5.75
C LEU C 963 -16.20 16.85 6.59
N ASN C 964 -16.58 18.05 6.16
CA ASN C 964 -17.52 18.85 6.91
C ASN C 964 -18.95 18.33 6.82
N ASP C 965 -19.29 17.60 5.76
CA ASP C 965 -20.61 17.00 5.65
C ASP C 965 -20.77 15.77 6.53
N ILE C 966 -19.66 15.12 6.88
CA ILE C 966 -19.74 13.96 7.78
C ILE C 966 -20.09 14.40 9.19
N LEU C 967 -19.43 15.46 9.67
CA LEU C 967 -19.67 15.94 11.03
C LEU C 967 -20.92 16.81 11.15
N SER C 968 -21.51 17.22 10.03
CA SER C 968 -22.74 18.00 10.08
C SER C 968 -23.98 17.12 10.20
N ARG C 969 -23.84 15.80 10.04
CA ARG C 969 -24.99 14.90 10.05
C ARG C 969 -24.89 13.78 11.07
N LEU C 970 -23.71 13.49 11.60
CA LEU C 970 -23.51 12.35 12.51
C LEU C 970 -22.96 12.84 13.84
N ASP C 971 -23.07 11.98 14.85
CA ASP C 971 -22.53 12.26 16.17
C ASP C 971 -21.03 11.96 16.19
N LYS C 972 -20.43 11.95 17.38
CA LYS C 972 -19.00 11.69 17.48
C LYS C 972 -18.66 10.27 17.07
N VAL C 973 -19.37 9.29 17.64
CA VAL C 973 -19.33 7.93 17.14
C VAL C 973 -20.09 7.89 15.82
N GLU C 974 -19.68 6.98 14.93
CA GLU C 974 -20.14 6.77 13.55
C GLU C 974 -19.66 7.88 12.61
N ALA C 975 -19.03 8.93 13.13
CA ALA C 975 -18.22 9.82 12.30
C ALA C 975 -16.74 9.65 12.53
N GLU C 976 -16.32 9.34 13.76
CA GLU C 976 -14.93 8.94 13.98
C GLU C 976 -14.59 7.63 13.28
N VAL C 977 -15.58 6.77 13.04
CA VAL C 977 -15.36 5.57 12.26
C VAL C 977 -15.13 5.91 10.79
N GLN C 978 -15.96 6.80 10.23
CA GLN C 978 -15.89 7.14 8.81
C GLN C 978 -14.76 8.09 8.47
N ILE C 979 -14.23 8.83 9.44
CA ILE C 979 -13.07 9.68 9.18
C ILE C 979 -11.80 8.83 9.01
N ASP C 980 -11.71 7.72 9.75
CA ASP C 980 -10.50 6.92 9.77
C ASP C 980 -10.22 6.25 8.42
N ARG C 981 -11.27 5.77 7.75
CA ARG C 981 -11.06 5.14 6.43
C ARG C 981 -10.61 6.17 5.40
N LEU C 982 -11.15 7.38 5.47
CA LEU C 982 -10.68 8.47 4.61
C LEU C 982 -9.22 8.80 4.88
N ILE C 983 -8.83 8.82 6.16
CA ILE C 983 -7.45 9.11 6.54
C ILE C 983 -6.51 8.05 6.00
N THR C 984 -6.88 6.78 6.15
CA THR C 984 -6.03 5.69 5.67
C THR C 984 -5.93 5.68 4.14
N GLY C 985 -7.04 5.98 3.45
CA GLY C 985 -7.01 6.04 2.00
C GLY C 985 -6.12 7.16 1.48
N ARG C 986 -6.20 8.33 2.11
CA ARG C 986 -5.35 9.44 1.68
C ARG C 986 -3.88 9.18 2.02
N LEU C 987 -3.61 8.50 3.13
CA LEU C 987 -2.24 8.11 3.45
C LEU C 987 -1.67 7.14 2.42
N GLN C 988 -2.49 6.17 1.98
CA GLN C 988 -2.06 5.24 0.93
C GLN C 988 -1.82 5.96 -0.39
N SER C 989 -2.68 6.94 -0.71
CA SER C 989 -2.52 7.72 -1.93
C SER C 989 -1.22 8.53 -1.89
N LEU C 990 -0.85 9.05 -0.72
CA LEU C 990 0.42 9.74 -0.59
C LEU C 990 1.61 8.78 -0.72
N GLN C 991 1.47 7.58 -0.13
CA GLN C 991 2.57 6.61 -0.12
C GLN C 991 2.91 6.13 -1.53
N THR C 992 1.88 5.93 -2.36
CA THR C 992 2.12 5.50 -3.74
C THR C 992 2.93 6.54 -4.52
N TYR C 993 2.58 7.82 -4.35
CA TYR C 993 3.31 8.91 -4.99
C TYR C 993 4.75 8.97 -4.52
N VAL C 994 4.97 8.78 -3.21
CA VAL C 994 6.33 8.82 -2.67
C VAL C 994 7.17 7.67 -3.23
N THR C 995 6.59 6.47 -3.33
CA THR C 995 7.33 5.33 -3.88
C THR C 995 7.70 5.55 -5.36
N GLN C 996 6.76 6.05 -6.15
CA GLN C 996 7.07 6.32 -7.56
C GLN C 996 8.12 7.42 -7.70
N GLN C 997 8.08 8.43 -6.83
CA GLN C 997 9.11 9.47 -6.84
C GLN C 997 10.48 8.90 -6.51
N LEU C 998 10.54 7.95 -5.57
CA LEU C 998 11.81 7.31 -5.23
C LEU C 998 12.39 6.54 -6.41
N ILE C 999 11.54 5.78 -7.12
CA ILE C 999 12.02 5.01 -8.26
C ILE C 999 12.50 5.93 -9.38
N ARG C 1000 11.75 7.00 -9.67
CA ARG C 1000 12.16 7.94 -10.70
C ARG C 1000 13.45 8.66 -10.32
N ALA C 1001 13.62 8.95 -9.03
CA ALA C 1001 14.86 9.57 -8.56
C ALA C 1001 16.05 8.63 -8.74
N ALA C 1002 15.85 7.32 -8.55
CA ALA C 1002 16.93 6.37 -8.80
C ALA C 1002 17.33 6.35 -10.27
N GLU C 1003 16.35 6.38 -11.18
CA GLU C 1003 16.67 6.42 -12.61
C GLU C 1003 17.40 7.72 -12.98
N ILE C 1004 16.97 8.85 -12.42
CA ILE C 1004 17.61 10.12 -12.68
C ILE C 1004 19.04 10.14 -12.14
N ARG C 1005 19.26 9.48 -11.00
CA ARG C 1005 20.60 9.38 -10.43
C ARG C 1005 21.52 8.57 -11.34
N ALA C 1006 21.02 7.49 -11.92
CA ALA C 1006 21.83 6.71 -12.87
C ALA C 1006 22.18 7.55 -14.11
N SER C 1007 21.21 8.29 -14.64
CA SER C 1007 21.47 9.14 -15.80
C SER C 1007 22.47 10.24 -15.47
N ALA C 1008 22.39 10.81 -14.26
CA ALA C 1008 23.32 11.85 -13.84
C ALA C 1008 24.74 11.30 -13.68
N ASN C 1009 24.87 10.06 -13.17
CA ASN C 1009 26.18 9.43 -13.09
C ASN C 1009 26.80 9.23 -14.47
N LEU C 1010 25.98 8.79 -15.43
CA LEU C 1010 26.47 8.64 -16.80
C LEU C 1010 26.89 9.98 -17.40
N ALA C 1011 26.11 11.03 -17.15
CA ALA C 1011 26.46 12.37 -17.65
C ALA C 1011 27.75 12.88 -17.02
N ALA C 1012 27.94 12.62 -15.72
CA ALA C 1012 29.15 13.07 -15.03
C ALA C 1012 30.39 12.36 -15.57
N THR C 1013 30.33 11.04 -15.75
CA THR C 1013 31.51 10.35 -16.26
C THR C 1013 31.77 10.70 -17.73
N LYS C 1014 30.72 10.99 -18.50
CA LYS C 1014 30.91 11.43 -19.88
C LYS C 1014 31.57 12.80 -19.94
N MET C 1015 31.15 13.72 -19.07
CA MET C 1015 31.79 15.03 -19.00
C MET C 1015 33.24 14.92 -18.57
N SER C 1016 33.53 14.03 -17.62
CA SER C 1016 34.91 13.83 -17.19
C SER C 1016 35.78 13.25 -18.30
N GLU C 1017 35.27 12.26 -19.03
CA GLU C 1017 36.10 11.51 -19.98
C GLU C 1017 36.17 12.13 -21.36
N CYS C 1018 35.19 12.94 -21.77
CA CYS C 1018 35.15 13.42 -23.14
C CYS C 1018 35.35 14.91 -23.32
N VAL C 1019 35.01 15.72 -22.32
CA VAL C 1019 35.27 17.15 -22.40
C VAL C 1019 36.69 17.48 -21.93
N LEU C 1020 37.13 16.86 -20.83
CA LEU C 1020 38.46 17.09 -20.29
C LEU C 1020 39.48 16.08 -20.77
N GLY C 1021 39.28 15.51 -21.96
CA GLY C 1021 40.23 14.55 -22.48
C GLY C 1021 39.77 13.99 -23.80
N GLN C 1022 40.48 12.97 -24.27
CA GLN C 1022 40.17 12.27 -25.50
C GLN C 1022 39.91 10.80 -25.19
N SER C 1023 38.88 10.24 -25.80
CA SER C 1023 38.45 8.88 -25.52
C SER C 1023 38.84 7.94 -26.66
N LYS C 1024 39.31 6.75 -26.29
CA LYS C 1024 39.55 5.67 -27.23
C LYS C 1024 38.44 4.63 -27.23
N ARG C 1025 37.41 4.82 -26.40
CA ARG C 1025 36.29 3.89 -26.37
C ARG C 1025 35.40 4.12 -27.57
N VAL C 1026 35.03 3.04 -28.25
CA VAL C 1026 34.30 3.12 -29.51
C VAL C 1026 32.85 3.49 -29.23
N ASP C 1027 32.35 4.51 -29.95
CA ASP C 1027 30.95 4.94 -29.92
C ASP C 1027 30.52 5.43 -28.53
N PHE C 1028 31.47 5.94 -27.76
CA PHE C 1028 31.16 6.51 -26.45
C PHE C 1028 30.84 7.99 -26.52
N CYS C 1029 31.50 8.73 -27.41
CA CYS C 1029 31.25 10.16 -27.62
C CYS C 1029 31.34 10.43 -29.12
N GLY C 1030 30.19 10.42 -29.78
CA GLY C 1030 30.13 10.61 -31.21
C GLY C 1030 29.94 9.31 -31.96
N LYS C 1031 30.28 9.35 -33.24
CA LYS C 1031 30.17 8.19 -34.11
C LYS C 1031 31.51 7.71 -34.66
N GLY C 1032 32.36 8.62 -35.10
CA GLY C 1032 33.66 8.27 -35.65
C GLY C 1032 34.76 8.34 -34.61
N TYR C 1033 35.92 8.82 -35.03
CA TYR C 1033 37.05 8.98 -34.12
C TYR C 1033 36.90 10.29 -33.36
N HIS C 1034 36.90 10.21 -32.03
CA HIS C 1034 36.59 11.38 -31.21
C HIS C 1034 37.73 12.38 -31.24
N LEU C 1035 37.37 13.65 -31.42
CA LEU C 1035 38.32 14.76 -31.39
C LEU C 1035 38.05 15.69 -30.22
N MET C 1036 36.83 16.21 -30.09
CA MET C 1036 36.54 17.19 -29.06
C MET C 1036 35.08 17.06 -28.61
N SER C 1037 34.74 17.75 -27.53
CA SER C 1037 33.37 17.82 -27.07
C SER C 1037 33.16 19.14 -26.33
N PHE C 1038 31.96 19.69 -26.48
CA PHE C 1038 31.58 20.93 -25.82
C PHE C 1038 30.25 20.76 -25.11
N PRO C 1039 30.14 21.17 -23.85
CA PRO C 1039 28.86 21.07 -23.13
C PRO C 1039 28.03 22.33 -23.19
N GLN C 1040 26.72 22.13 -23.19
CA GLN C 1040 25.75 23.21 -23.12
C GLN C 1040 24.70 22.86 -22.07
N ALA C 1041 24.23 23.87 -21.34
CA ALA C 1041 23.23 23.65 -20.32
C ALA C 1041 21.85 23.50 -20.93
N ALA C 1042 20.94 22.88 -20.18
CA ALA C 1042 19.56 22.73 -20.57
C ALA C 1042 18.73 22.59 -19.31
N PRO C 1043 17.44 22.95 -19.36
CA PRO C 1043 16.58 22.75 -18.18
C PRO C 1043 16.51 21.29 -17.79
N HIS C 1044 17.03 20.99 -16.59
CA HIS C 1044 17.17 19.64 -16.05
C HIS C 1044 18.00 18.74 -16.97
N GLY C 1045 19.03 19.31 -17.61
CA GLY C 1045 19.81 18.44 -18.47
C GLY C 1045 21.05 19.12 -19.04
N VAL C 1046 21.83 18.30 -19.75
CA VAL C 1046 23.03 18.74 -20.43
C VAL C 1046 22.99 18.25 -21.86
N VAL C 1047 23.64 19.00 -22.75
CA VAL C 1047 23.69 18.67 -24.18
C VAL C 1047 25.15 18.71 -24.60
N PHE C 1048 25.66 17.57 -25.06
CA PHE C 1048 27.03 17.46 -25.54
C PHE C 1048 27.07 17.57 -27.05
N LEU C 1049 27.94 18.44 -27.56
CA LEU C 1049 28.27 18.52 -28.97
C LEU C 1049 29.61 17.83 -29.17
N HIS C 1050 29.59 16.69 -29.84
CA HIS C 1050 30.79 15.88 -30.07
C HIS C 1050 31.33 16.17 -31.46
N VAL C 1051 32.59 16.59 -31.54
CA VAL C 1051 33.27 16.84 -32.80
C VAL C 1051 34.16 15.64 -33.08
N THR C 1052 33.89 14.96 -34.20
CA THR C 1052 34.51 13.70 -34.54
C THR C 1052 35.04 13.72 -35.97
N TYR C 1053 35.91 12.76 -36.25
CA TYR C 1053 36.61 12.61 -37.53
C TYR C 1053 36.07 11.38 -38.24
N VAL C 1054 35.71 11.52 -39.51
CA VAL C 1054 35.21 10.37 -40.28
C VAL C 1054 35.91 10.28 -41.64
N PRO C 1055 36.37 9.10 -42.05
CA PRO C 1055 37.00 8.97 -43.35
C PRO C 1055 36.01 8.60 -44.46
N SER C 1056 36.41 8.90 -45.70
CA SER C 1056 35.55 8.72 -46.85
C SER C 1056 36.40 8.67 -48.12
N GLN C 1057 35.73 8.56 -49.26
CA GLN C 1057 36.32 8.43 -50.60
C GLN C 1057 37.24 7.21 -50.68
N GLU C 1058 36.59 6.05 -50.59
CA GLU C 1058 37.28 4.77 -50.52
C GLU C 1058 37.93 4.42 -51.85
N GLN C 1059 38.89 3.50 -51.81
CA GLN C 1059 39.58 3.06 -53.01
C GLN C 1059 40.19 1.69 -52.76
N ASN C 1060 40.16 0.83 -53.79
CA ASN C 1060 40.69 -0.52 -53.69
C ASN C 1060 42.17 -0.56 -54.10
N PHE C 1061 42.95 -1.35 -53.36
CA PHE C 1061 44.37 -1.51 -53.65
C PHE C 1061 44.75 -2.97 -53.41
N THR C 1062 45.68 -3.47 -54.23
CA THR C 1062 46.19 -4.82 -54.03
C THR C 1062 47.29 -4.79 -52.96
N THR C 1063 47.12 -5.63 -51.95
CA THR C 1063 47.99 -5.63 -50.78
C THR C 1063 48.71 -6.95 -50.63
N ALA C 1064 49.80 -6.92 -49.88
CA ALA C 1064 50.61 -8.09 -49.57
C ALA C 1064 50.90 -8.14 -48.07
N PRO C 1065 51.02 -9.34 -47.49
CA PRO C 1065 51.38 -9.42 -46.08
C PRO C 1065 52.83 -9.08 -45.81
N ALA C 1066 53.73 -9.40 -46.74
CA ALA C 1066 55.16 -9.16 -46.52
C ALA C 1066 55.85 -9.06 -47.88
N ILE C 1067 57.01 -8.42 -47.87
CA ILE C 1067 57.84 -8.26 -49.06
C ILE C 1067 59.23 -8.75 -48.73
N CYS C 1068 59.74 -9.69 -49.53
CA CYS C 1068 61.09 -10.19 -49.37
C CYS C 1068 61.85 -10.02 -50.68
N HIS C 1069 63.12 -9.66 -50.57
CA HIS C 1069 64.00 -9.50 -51.73
C HIS C 1069 65.20 -10.44 -51.69
N GLU C 1070 65.81 -10.61 -50.53
CA GLU C 1070 66.79 -11.67 -50.31
C GLU C 1070 66.03 -12.89 -49.74
N GLY C 1071 66.76 -13.85 -49.20
CA GLY C 1071 66.10 -14.96 -48.51
C GLY C 1071 65.32 -14.51 -47.30
N LYS C 1072 65.77 -13.44 -46.64
CA LYS C 1072 65.10 -12.91 -45.46
C LYS C 1072 63.81 -12.19 -45.86
N ALA C 1073 62.83 -12.24 -44.96
CA ALA C 1073 61.51 -11.65 -45.18
C ALA C 1073 61.32 -10.42 -44.30
N HIS C 1074 60.66 -9.41 -44.86
CA HIS C 1074 60.48 -8.12 -44.20
C HIS C 1074 59.00 -7.89 -43.91
N PHE C 1075 58.71 -7.31 -42.75
CA PHE C 1075 57.35 -7.05 -42.30
C PHE C 1075 57.22 -5.57 -41.92
N PRO C 1076 56.08 -4.94 -42.22
CA PRO C 1076 55.92 -3.52 -41.88
C PRO C 1076 55.73 -3.33 -40.38
N ARG C 1077 56.38 -2.28 -39.85
CA ARG C 1077 56.19 -1.95 -38.44
C ARG C 1077 54.78 -1.44 -38.17
N GLU C 1078 54.22 -0.68 -39.11
CA GLU C 1078 52.83 -0.24 -39.02
C GLU C 1078 52.30 -0.03 -40.42
N GLY C 1079 50.98 -0.02 -40.53
CA GLY C 1079 50.34 0.16 -41.81
C GLY C 1079 50.27 -1.14 -42.61
N VAL C 1080 50.10 -1.00 -43.92
CA VAL C 1080 49.93 -2.12 -44.83
C VAL C 1080 50.85 -1.94 -46.03
N PHE C 1081 50.98 -3.00 -46.81
CA PHE C 1081 51.81 -3.03 -48.01
C PHE C 1081 50.88 -3.06 -49.23
N VAL C 1082 50.50 -1.87 -49.70
CA VAL C 1082 49.66 -1.75 -50.87
C VAL C 1082 50.53 -1.45 -52.08
N THR C 1083 49.98 -1.68 -53.27
CA THR C 1083 50.74 -1.50 -54.50
C THR C 1083 50.17 -0.35 -55.32
N ASN C 1084 51.04 0.21 -56.17
CA ASN C 1084 50.67 1.23 -57.14
C ASN C 1084 50.16 0.61 -58.44
N GLY C 1085 50.44 -0.67 -58.66
CA GLY C 1085 50.19 -1.31 -59.94
C GLY C 1085 51.52 -1.67 -60.57
N THR C 1086 52.49 -0.77 -60.44
CA THR C 1086 53.87 -1.01 -60.87
C THR C 1086 54.86 -0.99 -59.71
N HIS C 1087 54.61 -0.19 -58.68
CA HIS C 1087 55.51 -0.08 -57.53
C HIS C 1087 54.79 -0.57 -56.27
N TRP C 1088 55.55 -0.63 -55.17
CA TRP C 1088 55.03 -1.02 -53.88
C TRP C 1088 55.35 0.06 -52.86
N PHE C 1089 54.38 0.38 -52.01
CA PHE C 1089 54.50 1.45 -51.04
C PHE C 1089 54.08 0.95 -49.66
N ILE C 1090 54.15 1.85 -48.68
CA ILE C 1090 53.64 1.61 -47.34
C ILE C 1090 52.87 2.84 -46.90
N THR C 1091 51.69 2.64 -46.29
CA THR C 1091 50.81 3.74 -45.97
C THR C 1091 50.00 3.39 -44.74
N GLN C 1092 49.42 4.43 -44.13
CA GLN C 1092 48.54 4.25 -42.99
C GLN C 1092 47.21 3.64 -43.44
N ARG C 1093 46.47 3.11 -42.46
CA ARG C 1093 45.20 2.46 -42.78
C ARG C 1093 44.06 3.46 -42.90
N ASN C 1094 44.06 4.50 -42.08
CA ASN C 1094 42.97 5.46 -42.03
C ASN C 1094 43.14 6.62 -43.01
N PHE C 1095 44.26 6.70 -43.69
CA PHE C 1095 44.51 7.78 -44.65
C PHE C 1095 45.49 7.28 -45.69
N TYR C 1096 45.43 7.87 -46.88
CA TYR C 1096 46.28 7.47 -48.00
C TYR C 1096 47.47 8.43 -48.08
N SER C 1097 48.67 7.89 -47.83
CA SER C 1097 49.90 8.67 -47.94
C SER C 1097 51.02 7.70 -48.23
N PRO C 1098 51.29 7.43 -49.51
CA PRO C 1098 52.31 6.43 -49.85
C PRO C 1098 53.70 6.93 -49.56
N GLN C 1099 54.55 6.02 -49.09
CA GLN C 1099 55.94 6.28 -48.77
C GLN C 1099 56.81 5.17 -49.34
N PRO C 1100 58.06 5.48 -49.72
CA PRO C 1100 58.95 4.42 -50.19
C PRO C 1100 59.32 3.45 -49.08
N ILE C 1101 59.55 2.20 -49.47
CA ILE C 1101 59.91 1.15 -48.52
C ILE C 1101 61.41 1.21 -48.29
N THR C 1102 61.81 1.62 -47.09
CA THR C 1102 63.20 1.78 -46.71
C THR C 1102 63.52 0.82 -45.55
N THR C 1103 64.72 0.99 -44.97
CA THR C 1103 65.14 0.12 -43.88
C THR C 1103 64.29 0.32 -42.63
N ASP C 1104 63.95 1.57 -42.31
CA ASP C 1104 63.01 1.83 -41.24
C ASP C 1104 61.59 1.60 -41.74
N ASN C 1105 60.63 1.69 -40.81
CA ASN C 1105 59.24 1.25 -40.95
C ASN C 1105 59.13 -0.23 -41.33
N THR C 1106 60.18 -1.01 -41.09
CA THR C 1106 60.24 -2.40 -41.50
C THR C 1106 61.14 -3.16 -40.54
N PHE C 1107 60.79 -4.42 -40.27
CA PHE C 1107 61.62 -5.28 -39.45
C PHE C 1107 61.73 -6.65 -40.10
N VAL C 1108 62.84 -7.33 -39.86
CA VAL C 1108 63.19 -8.57 -40.55
C VAL C 1108 63.10 -9.72 -39.55
N SER C 1109 62.44 -10.80 -39.95
CA SER C 1109 62.35 -12.01 -39.12
C SER C 1109 62.12 -13.21 -40.02
N GLY C 1110 63.07 -14.14 -40.02
CA GLY C 1110 62.91 -15.40 -40.72
C GLY C 1110 63.17 -15.32 -42.20
N ASN C 1111 62.88 -16.43 -42.87
CA ASN C 1111 63.04 -16.56 -44.31
C ASN C 1111 61.68 -16.55 -45.00
N CYS C 1112 61.64 -16.05 -46.22
CA CYS C 1112 60.40 -15.99 -46.99
C CYS C 1112 60.18 -17.32 -47.73
N ASP C 1113 59.92 -18.35 -46.92
CA ASP C 1113 59.60 -19.68 -47.44
C ASP C 1113 58.41 -20.33 -46.76
N VAL C 1114 57.88 -19.76 -45.69
CA VAL C 1114 56.73 -20.33 -45.00
C VAL C 1114 55.53 -19.40 -44.95
N VAL C 1115 55.69 -18.11 -45.24
CA VAL C 1115 54.58 -17.17 -45.19
C VAL C 1115 53.85 -17.20 -46.53
N ILE C 1116 52.55 -17.51 -46.49
CA ILE C 1116 51.74 -17.49 -47.70
C ILE C 1116 51.44 -16.05 -48.09
N GLY C 1117 51.47 -15.78 -49.39
CA GLY C 1117 51.28 -14.43 -49.88
C GLY C 1117 52.54 -13.61 -50.02
N ILE C 1118 53.72 -14.24 -49.97
CA ILE C 1118 54.97 -13.52 -50.11
C ILE C 1118 55.12 -13.06 -51.56
N VAL C 1119 55.41 -11.78 -51.75
CA VAL C 1119 55.66 -11.22 -53.06
C VAL C 1119 57.14 -10.83 -53.13
N ASN C 1120 57.65 -10.77 -54.36
CA ASN C 1120 59.06 -10.48 -54.61
C ASN C 1120 59.18 -9.05 -55.11
N ASN C 1121 59.79 -8.18 -54.29
CA ASN C 1121 59.96 -6.78 -54.66
C ASN C 1121 61.19 -6.25 -53.92
N THR C 1122 61.78 -5.20 -54.50
CA THR C 1122 62.97 -4.59 -53.93
C THR C 1122 62.63 -3.67 -52.77
N VAL C 1123 63.65 -3.30 -52.00
CA VAL C 1123 63.50 -2.39 -50.88
C VAL C 1123 64.65 -1.39 -50.93
N TYR C 1124 64.33 -0.10 -50.82
CA TYR C 1124 65.34 0.94 -50.84
C TYR C 1124 66.23 0.86 -49.60
N ASP C 1125 67.51 1.13 -49.80
CA ASP C 1125 68.49 1.11 -48.71
C ASP C 1125 69.27 2.43 -48.76
N PRO C 1126 69.22 3.26 -47.72
CA PRO C 1126 70.01 4.49 -47.73
C PRO C 1126 71.49 4.21 -47.57
N LEU C 1127 72.25 4.39 -48.66
CA LEU C 1127 73.67 4.09 -48.66
C LEU C 1127 74.50 5.30 -48.25
#